data_2L5A
#
_entry.id   2L5A
#
_cell.length_a   1.000
_cell.length_b   1.000
_cell.length_c   1.000
_cell.angle_alpha   90.00
_cell.angle_beta   90.00
_cell.angle_gamma   90.00
#
_symmetry.space_group_name_H-M   'P 1'
#
_entity_poly.entity_id   1
_entity_poly.type   'polypeptide(L)'
_entity_poly.pdbx_seq_one_letter_code
;MHHHHHHKKLLISKIPFARLVKEVTDEFTTKDQDLRWQSMAIMALQEASEAYLVGLLEHTNLLALHAKRITIMKKDMQLA
RRIRGQFLVPRGSMERHKLADENMRKVWSNIISKYESIEEQGDLVDLKTGEIVEDNGHIKTLTANNSTKDKRTKYTSVLR
DIIDISDEEDGDKGGVKRISGLIYEEVRAVLKSFLESVIRDSVTYTEHAKRKTVTSLDVVYALKRQGRTLYGFGG
;
_entity_poly.pdbx_strand_id   A
#
# COMPACT_ATOMS: atom_id res chain seq x y z
N LEU A 11 -20.46 -7.86 -1.92
CA LEU A 11 -21.85 -8.38 -1.90
C LEU A 11 -22.63 -7.71 -0.77
N ILE A 12 -22.12 -7.84 0.46
CA ILE A 12 -22.77 -7.25 1.62
C ILE A 12 -22.79 -5.73 1.49
N SER A 13 -21.66 -5.15 1.08
CA SER A 13 -21.56 -3.71 0.92
C SER A 13 -20.43 -3.34 -0.02
N LYS A 14 -20.57 -2.21 -0.71
CA LYS A 14 -19.55 -1.77 -1.65
C LYS A 14 -18.38 -1.12 -0.90
N ILE A 15 -17.17 -1.35 -1.39
CA ILE A 15 -15.99 -0.80 -0.76
C ILE A 15 -14.76 -0.98 -1.67
N PRO A 16 -14.54 -0.06 -2.59
CA PRO A 16 -13.39 -0.14 -3.55
C PRO A 16 -12.06 -0.42 -2.85
N PHE A 17 -11.83 0.23 -1.72
CA PHE A 17 -10.57 0.04 -0.99
C PHE A 17 -10.31 -1.45 -0.71
N ALA A 18 -11.21 -2.06 0.05
CA ALA A 18 -11.08 -3.47 0.38
C ALA A 18 -10.85 -4.29 -0.88
N ARG A 19 -11.53 -3.91 -1.96
CA ARG A 19 -11.37 -4.63 -3.21
C ARG A 19 -9.92 -4.55 -3.68
N LEU A 20 -9.30 -3.38 -3.55
CA LEU A 20 -7.91 -3.24 -3.98
C LEU A 20 -7.06 -4.34 -3.37
N VAL A 21 -7.10 -4.45 -2.05
CA VAL A 21 -6.31 -5.51 -1.38
C VAL A 21 -6.96 -6.88 -1.53
N LYS A 22 -8.25 -6.97 -1.24
CA LYS A 22 -8.93 -8.26 -1.30
C LYS A 22 -8.91 -8.82 -2.71
N GLU A 23 -9.28 -7.99 -3.68
CA GLU A 23 -9.32 -8.45 -5.05
C GLU A 23 -7.92 -8.84 -5.54
N VAL A 24 -6.96 -7.94 -5.35
CA VAL A 24 -5.58 -8.22 -5.78
C VAL A 24 -5.10 -9.52 -5.15
N THR A 25 -5.37 -9.69 -3.86
CA THR A 25 -4.95 -10.90 -3.16
C THR A 25 -5.73 -12.10 -3.69
N ASP A 26 -6.95 -11.87 -4.16
CA ASP A 26 -7.79 -12.95 -4.68
C ASP A 26 -7.37 -13.35 -6.10
N GLU A 27 -6.65 -12.46 -6.79
CA GLU A 27 -6.20 -12.76 -8.14
C GLU A 27 -5.26 -13.96 -8.13
N PHE A 28 -4.79 -14.30 -6.93
CA PHE A 28 -3.86 -15.41 -6.77
C PHE A 28 -4.61 -16.74 -6.80
N THR A 29 -4.18 -17.69 -5.97
CA THR A 29 -4.83 -19.00 -5.92
C THR A 29 -6.35 -18.86 -6.02
N THR A 30 -6.94 -19.68 -6.87
CA THR A 30 -8.39 -19.63 -7.05
C THR A 30 -9.09 -19.96 -5.74
N LYS A 31 -8.40 -20.68 -4.87
CA LYS A 31 -8.97 -21.06 -3.58
C LYS A 31 -9.53 -19.83 -2.86
N ASP A 32 -8.95 -18.66 -3.14
CA ASP A 32 -9.38 -17.42 -2.52
C ASP A 32 -10.36 -16.66 -3.42
N GLN A 33 -11.14 -17.40 -4.21
CA GLN A 33 -12.10 -16.77 -5.11
C GLN A 33 -13.24 -16.10 -4.35
N ASP A 34 -13.46 -16.55 -3.11
CA ASP A 34 -14.53 -15.97 -2.29
C ASP A 34 -14.16 -16.04 -0.82
N LEU A 35 -13.04 -15.43 -0.46
CA LEU A 35 -12.57 -15.41 0.92
C LEU A 35 -12.60 -13.99 1.46
N ARG A 36 -13.31 -13.79 2.57
CA ARG A 36 -13.41 -12.47 3.19
C ARG A 36 -12.71 -12.47 4.55
N TRP A 37 -11.39 -12.31 4.51
CA TRP A 37 -10.61 -12.30 5.74
C TRP A 37 -11.03 -11.12 6.61
N GLN A 38 -10.50 -11.05 7.81
CA GLN A 38 -10.83 -9.97 8.73
C GLN A 38 -10.30 -8.65 8.21
N SER A 39 -10.79 -7.55 8.79
CA SER A 39 -10.37 -6.22 8.39
C SER A 39 -8.86 -6.05 8.55
N MET A 40 -8.18 -7.08 9.04
CA MET A 40 -6.73 -6.99 9.23
C MET A 40 -6.05 -6.70 7.90
N ALA A 41 -6.43 -7.44 6.87
CA ALA A 41 -5.86 -7.25 5.53
C ALA A 41 -6.24 -5.86 5.01
N ILE A 42 -7.42 -5.40 5.40
CA ILE A 42 -7.90 -4.09 4.98
C ILE A 42 -7.03 -3.01 5.64
N MET A 43 -6.68 -3.22 6.89
CA MET A 43 -5.85 -2.26 7.59
C MET A 43 -4.51 -2.18 6.89
N ALA A 44 -4.08 -3.31 6.34
CA ALA A 44 -2.82 -3.36 5.62
C ALA A 44 -2.88 -2.38 4.44
N LEU A 45 -4.03 -2.37 3.76
CA LEU A 45 -4.22 -1.47 2.64
C LEU A 45 -4.04 -0.03 3.12
N GLN A 46 -4.70 0.27 4.22
CA GLN A 46 -4.63 1.61 4.80
C GLN A 46 -3.22 1.91 5.28
N GLU A 47 -2.44 0.87 5.51
CA GLU A 47 -1.08 1.06 5.97
C GLU A 47 -0.28 1.76 4.88
N ALA A 48 -0.43 1.27 3.66
CA ALA A 48 0.27 1.87 2.53
C ALA A 48 -0.26 3.27 2.30
N SER A 49 -1.58 3.42 2.45
CA SER A 49 -2.22 4.72 2.23
C SER A 49 -1.90 5.69 3.37
N GLU A 50 -1.88 5.17 4.60
CA GLU A 50 -1.61 6.01 5.76
C GLU A 50 -0.28 6.72 5.61
N ALA A 51 0.77 5.98 5.26
CA ALA A 51 2.09 6.60 5.10
C ALA A 51 2.08 7.60 3.96
N TYR A 52 1.60 7.18 2.80
CA TYR A 52 1.56 8.07 1.65
C TYR A 52 0.68 9.28 1.96
N LEU A 53 -0.37 9.07 2.73
CA LEU A 53 -1.27 10.15 3.08
C LEU A 53 -0.54 11.23 3.85
N VAL A 54 0.29 10.82 4.82
CA VAL A 54 1.05 11.77 5.61
C VAL A 54 2.06 12.50 4.73
N GLY A 55 2.77 11.73 3.91
CA GLY A 55 3.77 12.30 3.02
C GLY A 55 3.11 13.27 2.05
N LEU A 56 2.02 12.83 1.44
CA LEU A 56 1.29 13.66 0.50
C LEU A 56 0.78 14.91 1.22
N LEU A 57 0.21 14.71 2.39
CA LEU A 57 -0.32 15.81 3.18
C LEU A 57 0.81 16.72 3.66
N GLU A 58 1.96 16.13 3.95
CA GLU A 58 3.11 16.90 4.43
C GLU A 58 3.57 17.89 3.37
N HIS A 59 3.47 17.50 2.10
CA HIS A 59 3.90 18.36 1.00
C HIS A 59 2.74 19.18 0.43
N THR A 60 1.65 18.50 0.10
CA THR A 60 0.48 19.18 -0.47
C THR A 60 -0.02 20.26 0.46
N ASN A 61 -0.38 19.85 1.67
CA ASN A 61 -0.89 20.78 2.65
C ASN A 61 -2.26 21.32 2.23
N LEU A 62 -3.09 21.61 3.21
CA LEU A 62 -4.42 22.13 2.96
C LEU A 62 -4.33 23.30 1.98
N LEU A 63 -3.17 23.93 1.94
CA LEU A 63 -2.96 25.06 1.05
C LEU A 63 -3.00 24.61 -0.41
N ALA A 64 -2.43 23.43 -0.68
CA ALA A 64 -2.44 22.90 -2.03
C ALA A 64 -3.87 22.64 -2.46
N LEU A 65 -4.68 22.18 -1.53
CA LEU A 65 -6.08 21.89 -1.84
C LEU A 65 -6.80 23.17 -2.28
N HIS A 66 -6.82 24.16 -1.39
CA HIS A 66 -7.49 25.43 -1.68
C HIS A 66 -6.52 26.42 -2.33
N ALA A 67 -5.39 25.91 -2.81
CA ALA A 67 -4.39 26.77 -3.44
C ALA A 67 -5.02 27.73 -4.45
N LYS A 68 -5.77 27.19 -5.40
CA LYS A 68 -6.39 28.02 -6.42
C LYS A 68 -7.04 29.25 -5.78
N ARG A 69 -7.76 29.02 -4.69
CA ARG A 69 -8.42 30.11 -3.98
C ARG A 69 -7.38 31.02 -3.33
N ILE A 70 -6.31 30.41 -2.81
CA ILE A 70 -5.26 31.15 -2.13
C ILE A 70 -4.05 31.40 -3.04
N THR A 71 -3.72 32.67 -3.23
CA THR A 71 -2.60 33.06 -4.10
C THR A 71 -1.35 32.24 -3.77
N ILE A 72 -1.37 31.54 -2.66
CA ILE A 72 -0.23 30.74 -2.23
C ILE A 72 0.07 29.64 -3.24
N MET A 73 -0.70 29.62 -4.32
CA MET A 73 -0.53 28.61 -5.36
C MET A 73 0.94 28.51 -5.79
N LYS A 74 1.77 29.42 -5.30
CA LYS A 74 3.20 29.43 -5.63
C LYS A 74 4.05 29.51 -4.37
N LYS A 75 4.14 28.40 -3.64
CA LYS A 75 4.92 28.36 -2.41
C LYS A 75 5.09 26.91 -1.94
N ASP A 76 4.31 26.50 -0.94
CA ASP A 76 4.39 25.13 -0.46
C ASP A 76 4.19 24.18 -1.63
N MET A 77 3.68 24.76 -2.72
CA MET A 77 3.44 24.00 -3.94
C MET A 77 4.76 23.62 -4.62
N GLN A 78 5.58 24.63 -4.86
CA GLN A 78 6.88 24.38 -5.48
C GLN A 78 7.67 23.43 -4.60
N LEU A 79 7.38 23.45 -3.31
CA LEU A 79 8.06 22.55 -2.38
C LEU A 79 7.70 21.11 -2.72
N ALA A 80 6.42 20.84 -2.97
CA ALA A 80 5.99 19.49 -3.31
C ALA A 80 6.62 19.07 -4.65
N ARG A 81 6.92 20.06 -5.48
CA ARG A 81 7.53 19.79 -6.78
C ARG A 81 8.98 19.38 -6.63
N ARG A 82 9.66 19.96 -5.64
CA ARG A 82 11.07 19.65 -5.41
C ARG A 82 11.23 18.26 -4.79
N ILE A 83 10.11 17.65 -4.41
CA ILE A 83 10.14 16.31 -3.79
C ILE A 83 9.44 15.30 -4.68
N ARG A 84 10.07 14.15 -4.86
CA ARG A 84 9.52 13.08 -5.69
C ARG A 84 9.14 13.64 -7.08
N GLY A 85 9.53 14.89 -7.34
CA GLY A 85 9.24 15.49 -8.62
C GLY A 85 9.96 14.74 -9.72
N GLN A 86 11.09 14.13 -9.36
CA GLN A 86 11.88 13.36 -10.32
C GLN A 86 11.31 11.94 -10.43
N PHE A 87 11.04 11.50 -11.67
CA PHE A 87 10.49 10.17 -11.89
C PHE A 87 11.60 9.17 -12.20
N LEU A 88 12.38 8.82 -11.18
CA LEU A 88 13.47 7.87 -11.33
C LEU A 88 13.17 6.57 -10.60
N VAL A 89 13.64 5.47 -11.15
CA VAL A 89 13.41 4.16 -10.55
C VAL A 89 14.60 3.76 -9.67
N PRO A 90 14.39 2.96 -8.65
CA PRO A 90 15.50 2.53 -7.75
C PRO A 90 16.71 1.99 -8.53
N ARG A 91 17.90 2.44 -8.14
CA ARG A 91 19.12 2.01 -8.81
C ARG A 91 20.34 2.26 -7.92
N GLY A 92 20.10 2.44 -6.62
CA GLY A 92 21.18 2.69 -5.68
C GLY A 92 21.77 4.08 -5.89
N SER A 93 20.95 4.99 -6.41
CA SER A 93 21.41 6.35 -6.66
C SER A 93 21.84 7.02 -5.35
N MET A 94 21.13 6.70 -4.27
CA MET A 94 21.45 7.26 -2.96
C MET A 94 20.82 6.41 -1.86
N GLU A 95 21.52 5.35 -1.46
CA GLU A 95 21.02 4.45 -0.43
C GLU A 95 20.78 5.20 0.87
N ARG A 96 21.61 6.20 1.13
CA ARG A 96 21.49 6.99 2.34
C ARG A 96 20.10 7.64 2.43
N HIS A 97 19.53 7.97 1.28
CA HIS A 97 18.21 8.60 1.23
C HIS A 97 17.09 7.56 1.25
N LYS A 98 17.30 6.45 0.55
CA LYS A 98 16.28 5.40 0.52
C LYS A 98 15.80 5.10 1.94
N LEU A 99 16.58 5.54 2.91
CA LEU A 99 16.26 5.36 4.31
C LEU A 99 14.95 6.07 4.64
N ALA A 100 14.95 7.38 4.43
CA ALA A 100 13.76 8.19 4.73
C ALA A 100 12.51 7.54 4.14
N ASP A 101 12.63 7.04 2.92
CA ASP A 101 11.49 6.38 2.28
C ASP A 101 11.12 5.14 3.07
N GLU A 102 12.14 4.46 3.60
CA GLU A 102 11.91 3.26 4.38
C GLU A 102 11.23 3.63 5.71
N ASN A 103 11.54 4.81 6.22
CA ASN A 103 10.95 5.25 7.48
C ASN A 103 9.45 5.37 7.30
N MET A 104 9.04 5.82 6.12
CA MET A 104 7.61 5.95 5.81
C MET A 104 6.96 4.55 5.77
N ARG A 105 7.67 3.60 5.18
CA ARG A 105 7.15 2.24 5.10
C ARG A 105 7.09 1.63 6.49
N LYS A 106 8.11 1.90 7.29
CA LYS A 106 8.15 1.40 8.65
C LYS A 106 7.06 2.06 9.47
N VAL A 107 6.77 3.32 9.15
CA VAL A 107 5.74 4.04 9.88
C VAL A 107 4.43 3.26 9.81
N TRP A 108 4.06 2.81 8.61
CA TRP A 108 2.83 2.05 8.48
C TRP A 108 3.00 0.70 9.18
N SER A 109 4.23 0.24 9.30
CA SER A 109 4.50 -1.05 9.93
C SER A 109 4.30 -0.97 11.44
N ASN A 110 4.46 0.25 11.98
CA ASN A 110 4.30 0.45 13.41
C ASN A 110 2.83 0.38 13.80
N ILE A 111 1.99 1.12 13.09
CA ILE A 111 0.57 1.10 13.38
C ILE A 111 0.02 -0.31 13.19
N ILE A 112 0.56 -1.03 12.21
CA ILE A 112 0.11 -2.40 11.98
C ILE A 112 0.53 -3.27 13.16
N SER A 113 1.57 -2.86 13.83
CA SER A 113 2.05 -3.61 14.99
C SER A 113 1.03 -3.51 16.12
N LYS A 114 0.38 -2.35 16.19
CA LYS A 114 -0.63 -2.12 17.22
C LYS A 114 -1.90 -2.90 16.91
N TYR A 115 -2.31 -2.87 15.64
CA TYR A 115 -3.52 -3.57 15.21
C TYR A 115 -3.24 -5.06 15.10
N GLU A 116 -1.99 -5.43 15.28
CA GLU A 116 -1.60 -6.84 15.21
C GLU A 116 -2.40 -7.68 16.20
N SER A 117 -3.25 -7.03 16.97
CA SER A 117 -4.08 -7.72 17.97
C SER A 117 -5.57 -7.55 17.66
N ILE A 118 -5.90 -7.19 16.42
CA ILE A 118 -7.29 -7.01 16.03
C ILE A 118 -8.13 -8.22 16.45
N GLU A 119 -9.30 -7.93 17.00
CA GLU A 119 -10.22 -8.98 17.43
C GLU A 119 -11.28 -9.21 16.35
N GLU A 120 -11.08 -10.25 15.54
CA GLU A 120 -12.01 -10.59 14.46
C GLU A 120 -13.45 -10.17 14.79
N GLN A 121 -13.77 -8.92 14.46
CA GLN A 121 -15.11 -8.38 14.73
C GLN A 121 -16.05 -8.66 13.57
N GLY A 122 -15.49 -9.12 12.45
CA GLY A 122 -16.29 -9.44 11.26
C GLY A 122 -16.19 -10.91 10.89
N ASP A 123 -16.07 -11.19 9.60
CA ASP A 123 -15.97 -12.57 9.12
C ASP A 123 -14.97 -13.33 9.98
N LEU A 124 -14.99 -14.67 9.87
CA LEU A 124 -14.08 -15.49 10.66
C LEU A 124 -13.46 -16.59 9.81
N VAL A 125 -12.17 -16.44 9.52
CA VAL A 125 -11.43 -17.42 8.74
C VAL A 125 -10.18 -17.83 9.52
N ASP A 126 -9.45 -18.82 9.01
CA ASP A 126 -8.26 -19.31 9.71
C ASP A 126 -7.17 -18.23 9.73
N LEU A 127 -7.41 -17.17 10.50
CA LEU A 127 -6.45 -16.08 10.61
C LEU A 127 -5.40 -16.41 11.66
N LYS A 128 -5.83 -16.55 12.91
CA LYS A 128 -4.92 -16.86 14.01
C LYS A 128 -5.37 -18.11 14.74
N THR A 129 -6.68 -18.36 14.74
CA THR A 129 -7.23 -19.54 15.39
C THR A 129 -6.84 -20.80 14.63
N GLY A 130 -6.92 -20.74 13.30
CA GLY A 130 -6.57 -21.87 12.46
C GLY A 130 -7.61 -22.97 12.52
N GLU A 131 -8.85 -22.61 12.87
CA GLU A 131 -9.94 -23.59 12.97
C GLU A 131 -11.14 -23.20 12.11
N ILE A 132 -10.95 -22.21 11.22
CA ILE A 132 -12.05 -21.77 10.35
C ILE A 132 -11.53 -21.55 8.92
N VAL A 133 -12.35 -21.89 7.94
CA VAL A 133 -11.97 -21.73 6.55
C VAL A 133 -13.17 -21.32 5.70
N GLU A 134 -13.09 -20.14 5.09
CA GLU A 134 -14.18 -19.64 4.23
C GLU A 134 -13.71 -19.60 2.78
N ASP A 135 -13.50 -20.77 2.19
CA ASP A 135 -13.06 -20.86 0.80
C ASP A 135 -13.78 -21.99 0.08
N ASN A 136 -13.86 -21.90 -1.25
CA ASN A 136 -14.54 -22.93 -2.03
C ASN A 136 -13.68 -24.19 -2.12
N GLY A 137 -12.41 -24.03 -2.50
CA GLY A 137 -11.49 -25.16 -2.63
C GLY A 137 -10.80 -25.16 -3.99
N HIS A 138 -9.54 -25.57 -4.02
CA HIS A 138 -8.80 -25.62 -5.27
C HIS A 138 -7.50 -26.41 -5.10
N ILE A 139 -6.39 -25.84 -5.58
CA ILE A 139 -5.09 -26.51 -5.48
C ILE A 139 -4.24 -25.86 -4.38
N LYS A 140 -3.60 -26.70 -3.58
CA LYS A 140 -2.76 -26.21 -2.48
C LYS A 140 -1.33 -25.97 -2.98
N THR A 141 -1.01 -24.71 -3.25
CA THR A 141 0.33 -24.36 -3.72
C THR A 141 0.60 -22.87 -3.53
N LEU A 142 1.87 -22.48 -3.60
CA LEU A 142 2.25 -21.09 -3.43
C LEU A 142 2.06 -20.33 -4.76
N THR A 143 0.87 -19.78 -4.96
CA THR A 143 0.58 -19.04 -6.17
C THR A 143 1.60 -17.92 -6.37
N ALA A 144 1.68 -17.01 -5.40
CA ALA A 144 2.63 -15.91 -5.48
C ALA A 144 2.55 -15.27 -6.87
N ASN A 145 1.34 -15.10 -7.35
CA ASN A 145 1.11 -14.53 -8.68
C ASN A 145 1.66 -13.09 -8.78
N ASN A 146 2.38 -12.65 -7.76
CA ASN A 146 2.94 -11.30 -7.76
C ASN A 146 1.84 -10.26 -7.88
N SER A 147 1.69 -9.45 -6.84
CA SER A 147 0.67 -8.42 -6.82
C SER A 147 0.91 -7.39 -7.91
N THR A 148 2.13 -7.37 -8.45
CA THR A 148 2.44 -6.43 -9.52
C THR A 148 1.39 -6.56 -10.62
N LYS A 149 0.60 -7.61 -10.51
CA LYS A 149 -0.49 -7.88 -11.44
C LYS A 149 -1.71 -7.03 -11.08
N ASP A 150 -1.51 -6.09 -10.16
CA ASP A 150 -2.60 -5.23 -9.71
C ASP A 150 -2.97 -4.23 -10.80
N LYS A 151 -3.80 -4.67 -11.75
CA LYS A 151 -4.21 -3.80 -12.85
C LYS A 151 -5.67 -4.04 -13.23
N ARG A 152 -6.36 -4.92 -12.51
CA ARG A 152 -7.75 -5.23 -12.81
C ARG A 152 -8.64 -4.01 -12.55
N THR A 153 -8.69 -3.56 -11.30
CA THR A 153 -9.53 -2.42 -10.93
C THR A 153 -8.78 -1.47 -10.00
N LYS A 154 -7.53 -1.17 -10.35
CA LYS A 154 -6.72 -0.27 -9.54
C LYS A 154 -7.09 1.19 -9.82
N TYR A 155 -7.79 1.41 -10.92
CA TYR A 155 -8.19 2.76 -11.30
C TYR A 155 -9.00 3.41 -10.18
N THR A 156 -9.60 2.58 -9.34
CA THR A 156 -10.40 3.08 -8.22
C THR A 156 -9.50 3.74 -7.19
N SER A 157 -8.26 3.26 -7.09
CA SER A 157 -7.32 3.81 -6.13
C SER A 157 -7.05 5.28 -6.40
N VAL A 158 -6.71 5.60 -7.65
CA VAL A 158 -6.43 6.98 -8.03
C VAL A 158 -7.70 7.82 -7.94
N LEU A 159 -8.82 7.22 -8.33
CA LEU A 159 -10.10 7.89 -8.31
C LEU A 159 -10.37 8.51 -6.94
N ARG A 160 -10.30 7.70 -5.90
CA ARG A 160 -10.59 8.17 -4.54
C ARG A 160 -9.35 8.73 -3.84
N ASP A 161 -8.16 8.23 -4.19
CA ASP A 161 -6.95 8.71 -3.54
C ASP A 161 -6.79 10.20 -3.74
N ILE A 162 -6.92 10.67 -4.99
CA ILE A 162 -6.75 12.09 -5.28
C ILE A 162 -7.94 12.91 -4.74
N ILE A 163 -9.11 12.65 -5.29
CA ILE A 163 -10.31 13.39 -4.89
C ILE A 163 -10.39 13.53 -3.36
N ASP A 164 -9.85 12.56 -2.64
CA ASP A 164 -9.88 12.60 -1.18
C ASP A 164 -8.98 13.72 -0.67
N ILE A 165 -7.81 13.89 -1.29
CA ILE A 165 -6.87 14.92 -0.88
C ILE A 165 -7.02 16.17 -1.75
N SER A 166 -7.70 16.06 -2.88
CA SER A 166 -7.87 17.21 -3.77
C SER A 166 -6.51 17.87 -4.02
N ASP A 167 -5.47 17.03 -4.08
CA ASP A 167 -4.11 17.51 -4.29
C ASP A 167 -3.97 18.20 -5.63
N GLU A 168 -3.42 19.42 -5.61
CA GLU A 168 -3.20 20.17 -6.84
C GLU A 168 -1.77 19.93 -7.32
N GLU A 169 -0.94 19.46 -6.39
CA GLU A 169 0.45 19.14 -6.67
C GLU A 169 1.29 20.42 -6.83
N ASP A 170 2.21 20.40 -7.79
CA ASP A 170 3.09 21.55 -8.01
C ASP A 170 2.28 22.83 -8.13
N GLY A 171 0.98 22.70 -8.36
CA GLY A 171 0.11 23.86 -8.50
C GLY A 171 0.46 24.66 -9.75
N ASP A 172 1.50 25.48 -9.64
CA ASP A 172 1.93 26.30 -10.78
C ASP A 172 2.49 25.40 -11.87
N LYS A 173 1.60 24.73 -12.57
CA LYS A 173 2.00 23.83 -13.65
C LYS A 173 2.87 24.55 -14.67
N GLY A 174 2.67 25.86 -14.80
CA GLY A 174 3.44 26.64 -15.76
C GLY A 174 3.01 26.36 -17.19
N GLY A 175 2.44 25.17 -17.41
CA GLY A 175 1.98 24.78 -18.74
C GLY A 175 2.28 23.31 -19.02
N VAL A 176 2.93 22.64 -18.08
CA VAL A 176 3.27 21.24 -18.27
C VAL A 176 2.01 20.39 -18.39
N LYS A 177 1.07 20.59 -17.48
CA LYS A 177 -0.20 19.84 -17.48
C LYS A 177 0.04 18.40 -17.07
N ARG A 178 1.05 17.77 -17.67
CA ARG A 178 1.39 16.39 -17.34
C ARG A 178 1.89 16.32 -15.90
N ILE A 179 1.72 17.42 -15.17
CA ILE A 179 2.16 17.48 -13.78
C ILE A 179 1.66 16.27 -13.02
N SER A 180 0.37 16.02 -13.13
CA SER A 180 -0.26 14.89 -12.46
C SER A 180 -0.06 13.61 -13.26
N GLY A 181 -0.12 12.48 -12.58
CA GLY A 181 0.05 11.19 -13.22
C GLY A 181 1.46 10.64 -12.99
N LEU A 182 2.42 11.54 -12.74
CA LEU A 182 3.79 11.11 -12.51
C LEU A 182 3.97 10.59 -11.09
N ILE A 183 3.63 11.43 -10.11
CA ILE A 183 3.76 11.04 -8.71
C ILE A 183 2.83 9.89 -8.36
N TYR A 184 1.57 10.01 -8.77
CA TYR A 184 0.59 8.96 -8.47
C TYR A 184 1.02 7.64 -9.08
N GLU A 185 1.70 7.69 -10.23
CA GLU A 185 2.17 6.48 -10.88
C GLU A 185 3.22 5.79 -10.02
N GLU A 186 4.18 6.56 -9.53
CA GLU A 186 5.25 6.00 -8.71
C GLU A 186 4.67 5.50 -7.38
N VAL A 187 3.66 6.19 -6.87
CA VAL A 187 3.03 5.80 -5.62
C VAL A 187 2.45 4.39 -5.77
N ARG A 188 1.78 4.16 -6.89
CA ARG A 188 1.19 2.86 -7.16
C ARG A 188 2.29 1.81 -7.30
N ALA A 189 3.44 2.24 -7.81
CA ALA A 189 4.57 1.33 -7.98
C ALA A 189 4.96 0.71 -6.64
N VAL A 190 5.06 1.55 -5.61
CA VAL A 190 5.41 1.07 -4.29
C VAL A 190 4.31 0.21 -3.70
N LEU A 191 3.06 0.50 -4.06
CA LEU A 191 1.94 -0.26 -3.56
C LEU A 191 2.04 -1.70 -4.09
N LYS A 192 2.46 -1.82 -5.34
CA LYS A 192 2.61 -3.13 -5.96
C LYS A 192 3.71 -3.93 -5.28
N SER A 193 4.87 -3.31 -5.13
CA SER A 193 6.00 -3.99 -4.48
C SER A 193 5.67 -4.28 -3.03
N PHE A 194 4.94 -3.38 -2.39
CA PHE A 194 4.56 -3.58 -0.99
C PHE A 194 3.75 -4.86 -0.88
N LEU A 195 2.68 -4.96 -1.66
CA LEU A 195 1.85 -6.15 -1.62
C LEU A 195 2.64 -7.37 -2.04
N GLU A 196 3.32 -7.25 -3.18
CA GLU A 196 4.10 -8.36 -3.72
C GLU A 196 4.95 -9.02 -2.64
N SER A 197 5.70 -8.21 -1.90
CA SER A 197 6.53 -8.73 -0.83
C SER A 197 5.68 -9.28 0.31
N VAL A 198 4.62 -8.54 0.65
CA VAL A 198 3.75 -8.93 1.75
C VAL A 198 2.97 -10.20 1.44
N ILE A 199 2.22 -10.19 0.33
CA ILE A 199 1.42 -11.35 -0.02
C ILE A 199 2.28 -12.59 -0.21
N ARG A 200 3.33 -12.48 -1.02
CA ARG A 200 4.20 -13.62 -1.26
C ARG A 200 4.63 -14.20 0.08
N ASP A 201 4.92 -13.30 1.01
CA ASP A 201 5.32 -13.72 2.34
C ASP A 201 4.10 -14.20 3.12
N SER A 202 2.94 -13.65 2.82
CA SER A 202 1.73 -14.05 3.52
C SER A 202 1.41 -15.52 3.24
N VAL A 203 1.35 -15.88 1.98
CA VAL A 203 1.06 -17.26 1.62
C VAL A 203 2.16 -18.17 2.15
N THR A 204 3.39 -17.68 2.12
CA THR A 204 4.53 -18.47 2.60
C THR A 204 4.49 -18.66 4.11
N TYR A 205 4.41 -17.57 4.87
CA TYR A 205 4.39 -17.65 6.32
C TYR A 205 3.03 -18.08 6.85
N THR A 206 1.95 -17.56 6.27
CA THR A 206 0.62 -17.92 6.74
C THR A 206 0.40 -19.42 6.56
N GLU A 207 0.90 -19.96 5.45
CA GLU A 207 0.77 -21.38 5.19
C GLU A 207 1.56 -22.18 6.22
N HIS A 208 2.81 -21.78 6.45
CA HIS A 208 3.64 -22.48 7.43
C HIS A 208 3.00 -22.39 8.80
N ALA A 209 1.99 -21.54 8.90
CA ALA A 209 1.25 -21.38 10.15
C ALA A 209 -0.05 -22.16 10.05
N LYS A 210 -0.01 -23.26 9.29
CA LYS A 210 -1.18 -24.10 9.08
C LYS A 210 -2.43 -23.25 8.89
N ARG A 211 -2.23 -22.09 8.25
CA ARG A 211 -3.32 -21.16 7.97
C ARG A 211 -3.22 -20.69 6.53
N LYS A 212 -4.36 -20.59 5.84
CA LYS A 212 -4.39 -20.15 4.45
C LYS A 212 -5.20 -18.87 4.32
N THR A 213 -4.78 -17.83 5.04
CA THR A 213 -5.48 -16.56 5.01
C THR A 213 -4.48 -15.41 5.09
N VAL A 214 -4.78 -14.39 5.90
CA VAL A 214 -3.88 -13.24 6.04
C VAL A 214 -3.50 -13.02 7.50
N THR A 215 -2.32 -13.51 7.88
CA THR A 215 -1.86 -13.34 9.25
C THR A 215 -1.15 -12.00 9.40
N SER A 216 -1.57 -11.20 10.37
CA SER A 216 -0.96 -9.90 10.61
C SER A 216 0.55 -10.06 10.73
N LEU A 217 0.98 -11.26 11.08
CA LEU A 217 2.40 -11.54 11.22
C LEU A 217 3.11 -11.31 9.89
N ASP A 218 2.41 -11.59 8.78
CA ASP A 218 3.01 -11.41 7.47
C ASP A 218 3.28 -9.93 7.19
N VAL A 219 2.28 -9.09 7.41
CA VAL A 219 2.45 -7.67 7.17
C VAL A 219 3.56 -7.13 8.06
N VAL A 220 3.57 -7.54 9.33
CA VAL A 220 4.61 -7.09 10.26
C VAL A 220 5.96 -7.70 9.93
N TYR A 221 6.02 -9.03 9.84
CA TYR A 221 7.27 -9.72 9.56
C TYR A 221 7.80 -9.38 8.18
N ALA A 222 6.92 -9.32 7.19
CA ALA A 222 7.35 -9.02 5.83
C ALA A 222 7.99 -7.63 5.78
N LEU A 223 7.29 -6.65 6.31
CA LEU A 223 7.82 -5.28 6.31
C LEU A 223 9.12 -5.20 7.10
N LYS A 224 9.24 -6.03 8.13
CA LYS A 224 10.44 -6.05 8.96
C LYS A 224 11.68 -6.44 8.16
N ARG A 225 11.59 -7.55 7.42
CA ARG A 225 12.74 -8.01 6.64
C ARG A 225 13.05 -7.04 5.50
N GLN A 226 12.02 -6.40 4.96
CA GLN A 226 12.22 -5.46 3.86
C GLN A 226 13.07 -4.28 4.33
N GLY A 227 12.67 -3.68 5.44
CA GLY A 227 13.39 -2.54 5.99
C GLY A 227 14.79 -2.95 6.42
N ARG A 228 14.93 -4.18 6.89
CA ARG A 228 16.23 -4.68 7.34
C ARG A 228 17.23 -4.71 6.20
N THR A 229 16.79 -5.22 5.05
CA THR A 229 17.68 -5.30 3.89
C THR A 229 18.00 -3.91 3.36
N LEU A 230 17.03 -3.01 3.43
CA LEU A 230 17.21 -1.64 2.96
C LEU A 230 18.20 -0.89 3.85
N TYR A 231 18.16 -1.16 5.15
CA TYR A 231 19.06 -0.50 6.07
C TYR A 231 20.50 -0.90 5.77
N GLY A 232 20.66 -1.92 4.93
CA GLY A 232 21.99 -2.39 4.56
C GLY A 232 22.71 -3.01 5.74
N PHE A 233 21.95 -3.41 6.76
CA PHE A 233 22.53 -4.02 7.95
C PHE A 233 21.72 -5.26 8.35
N GLY A 234 22.25 -6.03 9.30
CA GLY A 234 21.58 -7.23 9.78
C GLY A 234 21.76 -7.40 11.28
N GLY A 235 21.92 -6.27 11.98
CA GLY A 235 22.10 -6.30 13.43
C GLY A 235 20.76 -6.50 14.15
N LEU A 11 -19.99 3.30 4.82
CA LEU A 11 -19.84 3.97 3.49
C LEU A 11 -18.90 5.16 3.63
N ILE A 12 -18.70 5.62 4.86
CA ILE A 12 -17.83 6.76 5.10
C ILE A 12 -16.40 6.43 4.71
N SER A 13 -15.96 5.22 5.08
CA SER A 13 -14.60 4.79 4.75
C SER A 13 -14.43 4.57 3.25
N LYS A 14 -13.19 4.53 2.80
CA LYS A 14 -12.91 4.33 1.38
C LYS A 14 -13.15 2.88 0.98
N ILE A 15 -13.84 2.69 -0.14
CA ILE A 15 -14.13 1.35 -0.65
C ILE A 15 -13.17 0.96 -1.78
N PRO A 16 -12.77 1.90 -2.60
CA PRO A 16 -11.84 1.60 -3.73
C PRO A 16 -10.61 0.83 -3.29
N PHE A 17 -9.94 1.34 -2.25
CA PHE A 17 -8.75 0.68 -1.75
C PHE A 17 -9.07 -0.70 -1.19
N ALA A 18 -10.09 -0.78 -0.34
CA ALA A 18 -10.47 -2.06 0.26
C ALA A 18 -10.52 -3.14 -0.80
N ARG A 19 -11.01 -2.78 -1.98
CA ARG A 19 -11.10 -3.73 -3.08
C ARG A 19 -9.72 -3.98 -3.69
N LEU A 20 -8.87 -2.96 -3.73
CA LEU A 20 -7.55 -3.12 -4.34
C LEU A 20 -6.77 -4.26 -3.68
N VAL A 21 -6.50 -4.14 -2.39
CA VAL A 21 -5.74 -5.18 -1.70
C VAL A 21 -6.55 -6.47 -1.57
N LYS A 22 -7.80 -6.36 -1.21
CA LYS A 22 -8.63 -7.54 -1.04
C LYS A 22 -8.76 -8.30 -2.34
N GLU A 23 -9.05 -7.58 -3.43
CA GLU A 23 -9.19 -8.22 -4.73
C GLU A 23 -7.83 -8.66 -5.25
N VAL A 24 -6.81 -7.82 -5.06
CA VAL A 24 -5.46 -8.17 -5.52
C VAL A 24 -5.01 -9.44 -4.84
N THR A 25 -5.24 -9.52 -3.54
CA THR A 25 -4.85 -10.70 -2.78
C THR A 25 -5.64 -11.91 -3.28
N ASP A 26 -6.86 -11.66 -3.77
CA ASP A 26 -7.70 -12.74 -4.27
C ASP A 26 -7.17 -13.27 -5.61
N GLU A 27 -6.30 -12.51 -6.26
CA GLU A 27 -5.75 -12.95 -7.54
C GLU A 27 -4.88 -14.18 -7.33
N PHE A 28 -4.56 -14.46 -6.08
CA PHE A 28 -3.74 -15.60 -5.73
C PHE A 28 -4.60 -16.81 -5.36
N THR A 29 -4.17 -17.99 -5.77
CA THR A 29 -4.93 -19.21 -5.49
C THR A 29 -6.38 -19.03 -5.92
N THR A 30 -6.73 -19.67 -7.03
CA THR A 30 -8.10 -19.58 -7.54
C THR A 30 -9.09 -20.12 -6.51
N LYS A 31 -8.67 -21.15 -5.79
CA LYS A 31 -9.54 -21.74 -4.77
C LYS A 31 -10.01 -20.67 -3.78
N ASP A 32 -9.30 -19.55 -3.73
CA ASP A 32 -9.64 -18.45 -2.83
C ASP A 32 -10.38 -17.36 -3.60
N GLN A 33 -11.11 -17.76 -4.65
CA GLN A 33 -11.85 -16.81 -5.46
C GLN A 33 -12.99 -16.16 -4.67
N ASP A 34 -13.42 -16.83 -3.60
CA ASP A 34 -14.50 -16.33 -2.76
C ASP A 34 -14.08 -16.30 -1.30
N LEU A 35 -12.88 -15.77 -1.04
CA LEU A 35 -12.36 -15.70 0.32
C LEU A 35 -12.46 -14.28 0.84
N ARG A 36 -13.21 -14.11 1.93
CA ARG A 36 -13.39 -12.78 2.54
C ARG A 36 -12.74 -12.76 3.92
N TRP A 37 -11.43 -12.56 3.95
CA TRP A 37 -10.70 -12.51 5.20
C TRP A 37 -11.15 -11.31 6.02
N GLN A 38 -10.69 -11.25 7.26
CA GLN A 38 -11.05 -10.14 8.13
C GLN A 38 -10.47 -8.84 7.61
N SER A 39 -10.93 -7.73 8.17
CA SER A 39 -10.44 -6.43 7.75
C SER A 39 -8.94 -6.32 8.02
N MET A 40 -8.35 -7.37 8.58
CA MET A 40 -6.92 -7.35 8.88
C MET A 40 -6.12 -6.86 7.67
N ALA A 41 -6.32 -7.52 6.53
CA ALA A 41 -5.63 -7.12 5.32
C ALA A 41 -6.03 -5.69 4.94
N ILE A 42 -7.27 -5.34 5.23
CA ILE A 42 -7.78 -4.02 4.94
C ILE A 42 -7.04 -3.00 5.81
N MET A 43 -6.78 -3.36 7.06
CA MET A 43 -6.05 -2.44 7.93
C MET A 43 -4.68 -2.20 7.30
N ALA A 44 -4.15 -3.23 6.63
CA ALA A 44 -2.87 -3.09 5.95
C ALA A 44 -2.98 -1.97 4.93
N LEU A 45 -4.15 -1.85 4.29
CA LEU A 45 -4.33 -0.78 3.33
C LEU A 45 -4.15 0.55 4.02
N GLN A 46 -4.82 0.70 5.15
CA GLN A 46 -4.74 1.93 5.91
C GLN A 46 -3.28 2.20 6.23
N GLU A 47 -2.46 1.16 6.17
CA GLU A 47 -1.04 1.34 6.42
C GLU A 47 -0.44 2.16 5.29
N ALA A 48 -0.70 1.71 4.07
CA ALA A 48 -0.18 2.38 2.89
C ALA A 48 -0.83 3.75 2.74
N SER A 49 -2.12 3.84 3.08
CA SER A 49 -2.83 5.10 2.94
C SER A 49 -2.37 6.10 3.99
N GLU A 50 -2.28 5.67 5.24
CA GLU A 50 -1.86 6.56 6.32
C GLU A 50 -0.50 7.19 6.01
N ALA A 51 0.45 6.35 5.60
CA ALA A 51 1.79 6.86 5.29
C ALA A 51 1.72 7.87 4.16
N TYR A 52 1.16 7.46 3.03
CA TYR A 52 1.06 8.36 1.89
C TYR A 52 0.26 9.60 2.28
N LEU A 53 -0.74 9.41 3.13
CA LEU A 53 -1.56 10.52 3.56
C LEU A 53 -0.70 11.56 4.29
N VAL A 54 0.21 11.09 5.14
CA VAL A 54 1.09 12.00 5.87
C VAL A 54 1.98 12.76 4.87
N GLY A 55 2.56 12.05 3.93
CA GLY A 55 3.42 12.67 2.93
C GLY A 55 2.62 13.67 2.10
N LEU A 56 1.45 13.25 1.65
CA LEU A 56 0.59 14.12 0.86
C LEU A 56 0.10 15.30 1.71
N LEU A 57 -0.28 14.99 2.95
CA LEU A 57 -0.76 16.02 3.87
C LEU A 57 0.37 16.94 4.32
N GLU A 58 1.55 16.36 4.55
CA GLU A 58 2.70 17.14 4.99
C GLU A 58 3.13 18.12 3.91
N HIS A 59 3.23 17.62 2.68
CA HIS A 59 3.62 18.46 1.56
C HIS A 59 2.43 19.29 1.09
N THR A 60 1.36 19.25 1.88
CA THR A 60 0.12 19.97 1.58
C THR A 60 -0.10 20.15 0.07
N ASN A 61 -0.28 19.03 -0.60
CA ASN A 61 -0.48 19.05 -2.05
C ASN A 61 -1.79 19.73 -2.42
N LEU A 62 -2.83 19.45 -1.63
CA LEU A 62 -4.14 20.02 -1.87
C LEU A 62 -4.09 21.55 -1.73
N LEU A 63 -3.60 22.01 -0.59
CA LEU A 63 -3.48 23.44 -0.36
C LEU A 63 -2.48 24.04 -1.33
N ALA A 64 -1.42 23.30 -1.63
CA ALA A 64 -0.39 23.79 -2.55
C ALA A 64 -1.03 24.33 -3.83
N LEU A 65 -1.95 23.58 -4.42
CA LEU A 65 -2.60 24.04 -5.65
C LEU A 65 -3.51 25.22 -5.36
N HIS A 66 -4.37 25.08 -4.35
CA HIS A 66 -5.31 26.14 -3.98
C HIS A 66 -4.65 27.11 -3.00
N ALA A 67 -3.33 27.05 -2.91
CA ALA A 67 -2.60 27.91 -1.98
C ALA A 67 -2.44 29.32 -2.55
N LYS A 68 -2.89 29.54 -3.77
CA LYS A 68 -2.76 30.86 -4.38
C LYS A 68 -3.19 31.95 -3.41
N ARG A 69 -4.36 31.76 -2.80
CA ARG A 69 -4.85 32.75 -1.84
C ARG A 69 -3.97 32.74 -0.60
N ILE A 70 -3.25 31.63 -0.42
CA ILE A 70 -2.36 31.48 0.74
C ILE A 70 -0.90 31.67 0.33
N THR A 71 -0.14 32.37 1.16
CA THR A 71 1.27 32.63 0.88
C THR A 71 2.00 31.35 0.49
N ILE A 72 1.34 30.21 0.65
CA ILE A 72 1.95 28.91 0.31
C ILE A 72 2.12 28.78 -1.20
N MET A 73 1.80 29.84 -1.91
CA MET A 73 1.93 29.87 -3.37
C MET A 73 3.27 29.26 -3.80
N LYS A 74 4.30 29.42 -2.98
CA LYS A 74 5.62 28.89 -3.28
C LYS A 74 6.27 28.30 -2.04
N LYS A 75 5.82 27.11 -1.64
CA LYS A 75 6.37 26.44 -0.47
C LYS A 75 6.01 24.96 -0.48
N ASP A 76 4.86 24.62 0.11
CA ASP A 76 4.42 23.24 0.16
C ASP A 76 4.41 22.67 -1.25
N MET A 77 4.38 23.58 -2.22
CA MET A 77 4.38 23.17 -3.63
C MET A 77 5.69 22.48 -3.98
N GLN A 78 6.79 23.13 -3.60
CA GLN A 78 8.11 22.57 -3.86
C GLN A 78 8.30 21.29 -3.06
N LEU A 79 7.63 21.21 -1.91
CA LEU A 79 7.74 20.01 -1.07
C LEU A 79 7.21 18.80 -1.85
N ALA A 80 5.96 18.89 -2.32
CA ALA A 80 5.40 17.78 -3.09
C ALA A 80 6.33 17.45 -4.25
N ARG A 81 6.93 18.48 -4.82
CA ARG A 81 7.86 18.30 -5.93
C ARG A 81 9.15 17.62 -5.47
N ARG A 82 9.65 18.03 -4.31
CA ARG A 82 10.88 17.47 -3.75
C ARG A 82 10.96 15.96 -4.00
N ILE A 83 9.80 15.33 -4.11
CA ILE A 83 9.73 13.89 -4.36
C ILE A 83 10.53 13.55 -5.62
N ARG A 84 10.94 14.59 -6.35
CA ARG A 84 11.71 14.40 -7.56
C ARG A 84 10.96 13.48 -8.52
N GLY A 85 9.68 13.30 -8.28
CA GLY A 85 8.85 12.43 -9.13
C GLY A 85 9.56 11.10 -9.38
N GLN A 86 10.16 10.56 -8.32
CA GLN A 86 10.88 9.29 -8.43
C GLN A 86 9.98 8.20 -8.98
N PHE A 87 9.80 8.19 -10.29
CA PHE A 87 8.97 7.17 -10.94
C PHE A 87 9.85 6.13 -11.61
N LEU A 88 11.02 5.88 -11.02
CA LEU A 88 11.96 4.90 -11.57
C LEU A 88 11.77 3.54 -10.89
N VAL A 89 11.96 2.48 -11.66
CA VAL A 89 11.80 1.12 -11.14
C VAL A 89 13.04 0.72 -10.31
N PRO A 90 12.90 -0.20 -9.38
CA PRO A 90 14.06 -0.64 -8.54
C PRO A 90 15.28 -0.96 -9.39
N ARG A 91 16.39 -0.31 -9.08
CA ARG A 91 17.63 -0.53 -9.81
C ARG A 91 18.82 -0.02 -8.99
N GLY A 92 18.60 0.18 -7.69
CA GLY A 92 19.65 0.67 -6.82
C GLY A 92 20.27 1.94 -7.38
N SER A 93 19.48 2.67 -8.16
CA SER A 93 19.95 3.91 -8.77
C SER A 93 20.38 4.90 -7.69
N MET A 94 19.60 4.99 -6.62
CA MET A 94 19.91 5.89 -5.53
C MET A 94 19.15 5.48 -4.27
N GLU A 95 19.77 4.60 -3.48
CA GLU A 95 19.14 4.11 -2.25
C GLU A 95 19.29 5.13 -1.13
N ARG A 96 20.01 6.21 -1.40
CA ARG A 96 20.23 7.24 -0.40
C ARG A 96 18.92 7.90 0.01
N HIS A 97 18.04 8.15 -0.97
CA HIS A 97 16.76 8.79 -0.69
C HIS A 97 15.67 7.77 -0.39
N LYS A 98 15.65 6.66 -1.14
CA LYS A 98 14.63 5.64 -0.92
C LYS A 98 14.44 5.41 0.58
N LEU A 99 15.51 5.63 1.33
CA LEU A 99 15.48 5.51 2.77
C LEU A 99 14.32 6.32 3.34
N ALA A 100 14.31 7.61 3.03
CA ALA A 100 13.28 8.51 3.52
C ALA A 100 11.88 7.98 3.21
N ASP A 101 11.65 7.63 1.95
CA ASP A 101 10.35 7.10 1.56
C ASP A 101 10.13 5.78 2.27
N GLU A 102 11.22 5.06 2.51
CA GLU A 102 11.14 3.78 3.21
C GLU A 102 10.82 4.03 4.68
N ASN A 103 11.30 5.16 5.22
CA ASN A 103 11.01 5.49 6.61
C ASN A 103 9.50 5.65 6.77
N MET A 104 8.86 6.20 5.76
CA MET A 104 7.40 6.36 5.79
C MET A 104 6.74 4.98 5.81
N ARG A 105 7.34 4.05 5.08
CA ARG A 105 6.82 2.69 5.04
C ARG A 105 6.95 2.04 6.41
N LYS A 106 8.13 2.20 7.01
CA LYS A 106 8.37 1.64 8.32
C LYS A 106 7.38 2.23 9.31
N VAL A 107 7.00 3.48 9.08
CA VAL A 107 6.04 4.14 9.95
C VAL A 107 4.73 3.36 9.93
N TRP A 108 4.25 3.00 8.74
CA TRP A 108 3.01 2.24 8.65
C TRP A 108 3.18 0.87 9.30
N SER A 109 4.41 0.37 9.37
CA SER A 109 4.66 -0.94 9.96
C SER A 109 4.55 -0.89 11.47
N ASN A 110 4.81 0.29 12.04
CA ASN A 110 4.72 0.46 13.49
C ASN A 110 3.27 0.43 13.94
N ILE A 111 2.44 1.24 13.30
CA ILE A 111 1.03 1.27 13.66
C ILE A 111 0.42 -0.12 13.46
N ILE A 112 0.86 -0.83 12.42
CA ILE A 112 0.36 -2.17 12.17
C ILE A 112 0.79 -3.08 13.30
N SER A 113 1.88 -2.72 13.95
CA SER A 113 2.38 -3.51 15.08
C SER A 113 1.37 -3.40 16.21
N LYS A 114 0.77 -2.23 16.34
CA LYS A 114 -0.23 -1.99 17.37
C LYS A 114 -1.53 -2.75 17.05
N TYR A 115 -1.96 -2.68 15.81
CA TYR A 115 -3.19 -3.35 15.38
C TYR A 115 -2.94 -4.86 15.25
N GLU A 116 -1.69 -5.25 15.42
CA GLU A 116 -1.33 -6.66 15.31
C GLU A 116 -2.16 -7.51 16.27
N SER A 117 -2.99 -6.84 17.07
CA SER A 117 -3.86 -7.52 18.03
C SER A 117 -5.33 -7.39 17.65
N ILE A 118 -5.57 -7.06 16.38
CA ILE A 118 -6.93 -6.90 15.87
C ILE A 118 -7.85 -8.00 16.43
N GLU A 119 -9.09 -7.61 16.76
CA GLU A 119 -10.06 -8.55 17.33
C GLU A 119 -11.24 -8.81 16.39
N GLU A 120 -11.15 -9.90 15.62
CA GLU A 120 -12.21 -10.31 14.70
C GLU A 120 -13.23 -9.20 14.42
N GLN A 121 -12.74 -8.08 13.88
CA GLN A 121 -13.59 -6.93 13.57
C GLN A 121 -14.30 -7.09 12.23
N GLY A 122 -14.36 -8.33 11.72
CA GLY A 122 -15.02 -8.57 10.44
C GLY A 122 -15.33 -10.05 10.25
N ASP A 123 -15.34 -10.49 8.98
CA ASP A 123 -15.62 -11.89 8.67
C ASP A 123 -14.74 -12.80 9.52
N LEU A 124 -14.88 -14.11 9.35
CA LEU A 124 -14.08 -15.06 10.13
C LEU A 124 -13.53 -16.17 9.25
N VAL A 125 -12.22 -16.15 9.05
CA VAL A 125 -11.53 -17.17 8.27
C VAL A 125 -10.28 -17.63 9.03
N ASP A 126 -9.59 -18.64 8.53
CA ASP A 126 -8.40 -19.14 9.24
C ASP A 126 -7.28 -18.10 9.24
N LEU A 127 -7.47 -17.03 10.01
CA LEU A 127 -6.46 -15.97 10.11
C LEU A 127 -5.42 -16.34 11.14
N LYS A 128 -5.83 -16.47 12.39
CA LYS A 128 -4.90 -16.80 13.46
C LYS A 128 -5.48 -17.88 14.37
N THR A 129 -6.77 -18.16 14.20
CA THR A 129 -7.43 -19.19 14.99
C THR A 129 -7.10 -20.58 14.43
N GLY A 130 -7.12 -20.70 13.11
CA GLY A 130 -6.81 -21.96 12.44
C GLY A 130 -7.97 -22.94 12.53
N GLU A 131 -9.19 -22.43 12.70
CA GLU A 131 -10.38 -23.31 12.80
C GLU A 131 -11.52 -22.83 11.90
N ILE A 132 -11.24 -21.91 10.97
CA ILE A 132 -12.28 -21.41 10.05
C ILE A 132 -11.75 -21.31 8.63
N VAL A 133 -12.60 -21.60 7.66
CA VAL A 133 -12.21 -21.55 6.25
C VAL A 133 -13.37 -21.04 5.41
N GLU A 134 -13.09 -20.09 4.52
CA GLU A 134 -14.11 -19.53 3.63
C GLU A 134 -13.57 -19.50 2.21
N ASP A 135 -13.40 -20.68 1.62
CA ASP A 135 -12.90 -20.79 0.25
C ASP A 135 -13.44 -22.04 -0.40
N ASN A 136 -13.18 -22.19 -1.70
CA ASN A 136 -13.65 -23.35 -2.44
C ASN A 136 -13.03 -24.62 -1.86
N GLY A 137 -11.75 -24.55 -1.49
CA GLY A 137 -11.06 -25.70 -0.93
C GLY A 137 -9.72 -25.30 -0.35
N HIS A 138 -8.82 -26.27 -0.21
CA HIS A 138 -7.49 -26.04 0.35
C HIS A 138 -6.43 -26.20 -0.73
N ILE A 139 -5.30 -25.50 -0.56
CA ILE A 139 -4.21 -25.56 -1.53
C ILE A 139 -2.87 -25.56 -0.83
N LYS A 140 -1.97 -26.45 -1.25
CA LYS A 140 -0.63 -26.55 -0.65
C LYS A 140 0.44 -26.07 -1.63
N THR A 141 0.19 -24.94 -2.27
CA THR A 141 1.14 -24.38 -3.23
C THR A 141 1.29 -22.88 -3.01
N LEU A 142 2.42 -22.33 -3.45
CA LEU A 142 2.69 -20.90 -3.31
C LEU A 142 2.42 -20.17 -4.61
N THR A 143 1.18 -19.71 -4.79
CA THR A 143 0.83 -18.98 -6.01
C THR A 143 1.79 -17.82 -6.22
N ALA A 144 1.84 -16.92 -5.25
CA ALA A 144 2.73 -15.78 -5.35
C ALA A 144 2.61 -15.15 -6.73
N ASN A 145 1.37 -15.01 -7.19
CA ASN A 145 1.11 -14.45 -8.52
C ASN A 145 1.64 -13.02 -8.63
N ASN A 146 2.39 -12.58 -7.63
CA ASN A 146 2.96 -11.24 -7.64
C ASN A 146 1.87 -10.18 -7.72
N SER A 147 1.79 -9.35 -6.68
CA SER A 147 0.78 -8.30 -6.62
C SER A 147 0.97 -7.30 -7.75
N THR A 148 2.15 -7.32 -8.37
CA THR A 148 2.43 -6.42 -9.48
C THR A 148 1.36 -6.61 -10.56
N LYS A 149 0.56 -7.65 -10.38
CA LYS A 149 -0.51 -7.97 -11.30
C LYS A 149 -1.80 -7.24 -10.90
N ASP A 150 -1.65 -6.06 -10.32
CA ASP A 150 -2.80 -5.27 -9.89
C ASP A 150 -3.54 -4.72 -11.10
N LYS A 151 -3.56 -5.51 -12.19
CA LYS A 151 -4.22 -5.09 -13.42
C LYS A 151 -5.66 -5.61 -13.49
N ARG A 152 -6.02 -6.47 -12.55
CA ARG A 152 -7.38 -7.02 -12.54
C ARG A 152 -8.40 -5.92 -12.21
N THR A 153 -8.10 -5.13 -11.18
CA THR A 153 -8.99 -4.04 -10.75
C THR A 153 -8.22 -2.74 -10.66
N LYS A 154 -8.05 -2.08 -11.81
CA LYS A 154 -7.32 -0.81 -11.86
C LYS A 154 -8.24 0.37 -11.58
N TYR A 155 -7.87 1.20 -10.62
CA TYR A 155 -8.65 2.39 -10.28
C TYR A 155 -7.89 3.63 -10.73
N THR A 156 -6.87 3.43 -11.55
CA THR A 156 -6.07 4.54 -12.05
C THR A 156 -6.97 5.65 -12.58
N SER A 157 -8.10 5.26 -13.15
CA SER A 157 -9.05 6.23 -13.69
C SER A 157 -9.51 7.18 -12.58
N VAL A 158 -9.89 6.61 -11.44
CA VAL A 158 -10.35 7.40 -10.30
C VAL A 158 -9.19 8.17 -9.67
N LEU A 159 -8.08 7.48 -9.47
CA LEU A 159 -6.91 8.11 -8.85
C LEU A 159 -6.46 9.29 -9.70
N ARG A 160 -6.50 9.13 -11.01
CA ARG A 160 -6.13 10.21 -11.91
C ARG A 160 -7.22 11.27 -11.93
N ASP A 161 -8.47 10.83 -11.81
CA ASP A 161 -9.61 11.76 -11.81
C ASP A 161 -9.56 12.67 -10.60
N ILE A 162 -8.72 12.33 -9.62
CA ILE A 162 -8.61 13.16 -8.42
C ILE A 162 -8.28 14.60 -8.82
N ILE A 163 -7.41 14.76 -9.79
CA ILE A 163 -7.01 16.09 -10.25
C ILE A 163 -8.24 16.98 -10.46
N ASP A 164 -9.42 16.38 -10.43
CA ASP A 164 -10.65 17.13 -10.61
C ASP A 164 -10.78 18.19 -9.51
N ILE A 165 -10.41 17.81 -8.28
CA ILE A 165 -10.50 18.74 -7.15
C ILE A 165 -9.19 19.53 -6.99
N SER A 166 -8.05 18.82 -7.05
CA SER A 166 -6.74 19.46 -6.92
C SER A 166 -5.65 18.41 -6.74
N ASP A 167 -4.98 18.44 -5.60
CA ASP A 167 -3.90 17.50 -5.29
C ASP A 167 -3.03 17.23 -6.52
N GLU A 168 -2.60 18.31 -7.18
CA GLU A 168 -1.76 18.19 -8.37
C GLU A 168 -0.28 18.14 -7.99
N GLU A 169 -0.01 18.13 -6.68
CA GLU A 169 1.37 18.07 -6.20
C GLU A 169 2.20 19.19 -6.82
N ASP A 170 3.25 18.82 -7.54
CA ASP A 170 4.13 19.80 -8.18
C ASP A 170 3.35 20.64 -9.19
N GLY A 171 2.49 21.51 -8.66
CA GLY A 171 1.67 22.39 -9.50
C GLY A 171 2.28 23.79 -9.59
N ASP A 172 3.53 23.91 -9.16
CA ASP A 172 4.22 25.19 -9.19
C ASP A 172 4.47 25.65 -10.63
N LYS A 173 4.62 24.68 -11.53
CA LYS A 173 4.86 24.98 -12.94
C LYS A 173 3.57 25.38 -13.63
N GLY A 174 2.46 24.93 -13.07
CA GLY A 174 1.13 25.25 -13.63
C GLY A 174 0.62 24.09 -14.47
N GLY A 175 1.52 23.19 -14.85
CA GLY A 175 1.14 22.03 -15.65
C GLY A 175 1.75 22.10 -17.05
N VAL A 176 3.03 22.43 -17.11
CA VAL A 176 3.72 22.55 -18.40
C VAL A 176 3.75 21.18 -19.08
N LYS A 177 4.02 20.14 -18.29
CA LYS A 177 4.09 18.78 -18.82
C LYS A 177 3.23 17.87 -17.94
N ARG A 178 3.29 16.56 -18.17
CA ARG A 178 2.51 15.62 -17.36
C ARG A 178 3.08 15.59 -15.95
N ILE A 179 3.28 16.79 -15.38
CA ILE A 179 3.81 16.91 -14.04
C ILE A 179 2.86 16.30 -13.03
N SER A 180 1.58 16.25 -13.41
CA SER A 180 0.54 15.68 -12.55
C SER A 180 0.25 14.24 -12.95
N GLY A 181 -0.25 13.46 -12.00
CA GLY A 181 -0.57 12.06 -12.26
C GLY A 181 0.66 11.18 -12.08
N LEU A 182 1.84 11.79 -12.14
CA LEU A 182 3.09 11.06 -11.98
C LEU A 182 3.19 10.42 -10.59
N ILE A 183 2.92 11.21 -9.56
CA ILE A 183 2.99 10.72 -8.18
C ILE A 183 1.94 9.63 -7.96
N TYR A 184 0.75 9.83 -8.51
CA TYR A 184 -0.32 8.85 -8.34
C TYR A 184 0.13 7.50 -8.89
N GLU A 185 0.92 7.53 -9.97
CA GLU A 185 1.43 6.29 -10.56
C GLU A 185 2.46 5.67 -9.62
N GLU A 186 3.30 6.51 -9.01
CA GLU A 186 4.33 6.02 -8.10
C GLU A 186 3.67 5.43 -6.86
N VAL A 187 2.57 6.02 -6.42
CA VAL A 187 1.86 5.53 -5.25
C VAL A 187 1.40 4.11 -5.53
N ARG A 188 0.87 3.91 -6.74
CA ARG A 188 0.42 2.59 -7.16
C ARG A 188 1.62 1.64 -7.22
N ALA A 189 2.75 2.16 -7.69
CA ALA A 189 3.97 1.36 -7.81
C ALA A 189 4.42 0.83 -6.44
N VAL A 190 4.44 1.72 -5.45
CA VAL A 190 4.86 1.32 -4.12
C VAL A 190 3.88 0.29 -3.55
N LEU A 191 2.61 0.37 -3.96
CA LEU A 191 1.62 -0.58 -3.48
C LEU A 191 1.93 -1.97 -4.03
N LYS A 192 2.35 -2.01 -5.30
CA LYS A 192 2.67 -3.28 -5.95
C LYS A 192 3.79 -3.98 -5.20
N SER A 193 4.91 -3.28 -5.02
CA SER A 193 6.05 -3.86 -4.30
C SER A 193 5.70 -4.12 -2.84
N PHE A 194 4.95 -3.20 -2.24
CA PHE A 194 4.55 -3.37 -0.84
C PHE A 194 3.78 -4.67 -0.70
N LEU A 195 2.76 -4.83 -1.54
CA LEU A 195 1.96 -6.05 -1.49
C LEU A 195 2.78 -7.26 -1.90
N GLU A 196 3.42 -7.17 -3.07
CA GLU A 196 4.20 -8.28 -3.58
C GLU A 196 5.07 -8.89 -2.50
N SER A 197 5.80 -8.06 -1.78
CA SER A 197 6.66 -8.55 -0.70
C SER A 197 5.82 -9.09 0.45
N VAL A 198 4.74 -8.38 0.79
CA VAL A 198 3.88 -8.79 1.89
C VAL A 198 3.12 -10.08 1.60
N ILE A 199 2.28 -10.08 0.57
CA ILE A 199 1.50 -11.27 0.28
C ILE A 199 2.40 -12.48 -0.01
N ARG A 200 3.39 -12.30 -0.87
CA ARG A 200 4.28 -13.41 -1.19
C ARG A 200 4.80 -14.01 0.10
N ASP A 201 5.21 -13.13 1.01
CA ASP A 201 5.69 -13.58 2.30
C ASP A 201 4.54 -14.10 3.16
N SER A 202 3.35 -13.55 2.92
CA SER A 202 2.18 -13.97 3.69
C SER A 202 1.85 -15.42 3.38
N VAL A 203 1.75 -15.74 2.10
CA VAL A 203 1.44 -17.11 1.71
C VAL A 203 2.50 -18.03 2.25
N THR A 204 3.75 -17.56 2.25
CA THR A 204 4.86 -18.37 2.75
C THR A 204 4.70 -18.64 4.26
N TYR A 205 4.56 -17.56 5.05
CA TYR A 205 4.42 -17.71 6.50
C TYR A 205 3.02 -18.20 6.88
N THR A 206 1.99 -17.60 6.29
CA THR A 206 0.62 -18.00 6.58
C THR A 206 0.48 -19.50 6.45
N GLU A 207 1.08 -20.06 5.41
CA GLU A 207 1.04 -21.51 5.20
C GLU A 207 1.76 -22.22 6.33
N HIS A 208 2.97 -21.77 6.64
CA HIS A 208 3.74 -22.39 7.72
C HIS A 208 2.96 -22.31 9.01
N ALA A 209 1.92 -21.48 9.01
CA ALA A 209 1.06 -21.33 10.17
C ALA A 209 -0.21 -22.15 9.96
N LYS A 210 -0.07 -23.22 9.19
CA LYS A 210 -1.19 -24.11 8.89
C LYS A 210 -2.47 -23.31 8.63
N ARG A 211 -2.28 -22.09 8.13
CA ARG A 211 -3.38 -21.19 7.82
C ARG A 211 -3.22 -20.68 6.38
N LYS A 212 -4.33 -20.65 5.64
CA LYS A 212 -4.29 -20.20 4.24
C LYS A 212 -5.13 -18.95 4.07
N THR A 213 -4.78 -17.91 4.81
CA THR A 213 -5.52 -16.65 4.75
C THR A 213 -4.55 -15.47 4.93
N VAL A 214 -4.89 -14.51 5.79
CA VAL A 214 -4.02 -13.34 6.03
C VAL A 214 -3.69 -13.20 7.51
N THR A 215 -2.49 -13.59 7.90
CA THR A 215 -2.09 -13.43 9.30
C THR A 215 -1.42 -12.07 9.49
N SER A 216 -1.90 -11.29 10.46
CA SER A 216 -1.32 -9.98 10.72
C SER A 216 0.19 -10.09 10.85
N LEU A 217 0.67 -11.28 11.19
CA LEU A 217 2.10 -11.50 11.33
C LEU A 217 2.77 -11.28 9.98
N ASP A 218 2.04 -11.58 8.91
CA ASP A 218 2.56 -11.41 7.56
C ASP A 218 2.91 -9.96 7.28
N VAL A 219 1.94 -9.07 7.48
CA VAL A 219 2.15 -7.66 7.23
C VAL A 219 3.26 -7.13 8.14
N VAL A 220 3.26 -7.56 9.40
CA VAL A 220 4.28 -7.11 10.36
C VAL A 220 5.64 -7.72 10.06
N TYR A 221 5.69 -9.05 9.99
CA TYR A 221 6.94 -9.75 9.76
C TYR A 221 7.53 -9.42 8.38
N ALA A 222 6.68 -9.35 7.36
CA ALA A 222 7.16 -9.07 6.01
C ALA A 222 7.72 -7.66 5.91
N LEU A 223 6.99 -6.68 6.44
CA LEU A 223 7.46 -5.30 6.39
C LEU A 223 8.81 -5.18 7.09
N LYS A 224 8.98 -5.94 8.17
CA LYS A 224 10.22 -5.90 8.91
C LYS A 224 11.39 -6.42 8.07
N ARG A 225 11.17 -7.55 7.39
CA ARG A 225 12.23 -8.13 6.57
C ARG A 225 12.68 -7.16 5.48
N GLN A 226 11.71 -6.55 4.80
CA GLN A 226 12.06 -5.61 3.74
C GLN A 226 12.83 -4.44 4.31
N GLY A 227 12.37 -3.92 5.43
CA GLY A 227 13.03 -2.79 6.09
C GLY A 227 14.45 -3.17 6.50
N ARG A 228 14.63 -4.43 6.88
CA ARG A 228 15.95 -4.90 7.31
C ARG A 228 16.94 -4.89 6.14
N THR A 229 16.49 -5.34 4.98
CA THR A 229 17.36 -5.39 3.81
C THR A 229 17.71 -3.98 3.33
N LEU A 230 16.78 -3.06 3.51
CA LEU A 230 17.00 -1.67 3.08
C LEU A 230 18.11 -1.01 3.89
N TYR A 231 18.26 -1.43 5.14
CA TYR A 231 19.31 -0.86 5.99
C TYR A 231 20.68 -1.20 5.42
N GLY A 232 20.74 -2.27 4.62
CA GLY A 232 21.99 -2.68 4.01
C GLY A 232 22.87 -3.46 4.98
N PHE A 233 22.27 -3.88 6.10
CA PHE A 233 22.99 -4.64 7.11
C PHE A 233 22.14 -5.82 7.58
N GLY A 234 22.74 -6.71 8.37
CA GLY A 234 22.03 -7.88 8.89
C GLY A 234 22.40 -8.14 10.34
N GLY A 235 22.79 -7.07 11.05
CA GLY A 235 23.18 -7.19 12.45
C GLY A 235 24.33 -6.25 12.78
N LEU A 11 -22.93 -6.41 -1.33
CA LEU A 11 -23.65 -5.63 -2.37
C LEU A 11 -24.05 -4.28 -1.80
N ILE A 12 -24.84 -4.30 -0.73
CA ILE A 12 -25.28 -3.06 -0.11
C ILE A 12 -24.09 -2.29 0.45
N SER A 13 -23.18 -3.00 1.10
CA SER A 13 -22.00 -2.38 1.69
C SER A 13 -21.06 -1.90 0.59
N LYS A 14 -20.25 -0.89 0.92
CA LYS A 14 -19.29 -0.33 -0.04
C LYS A 14 -17.95 -0.11 0.63
N ILE A 15 -16.88 -0.59 0.00
CA ILE A 15 -15.53 -0.44 0.53
C ILE A 15 -14.52 -0.41 -0.61
N PRO A 16 -14.42 0.70 -1.30
CA PRO A 16 -13.49 0.86 -2.45
C PRO A 16 -12.05 0.42 -2.12
N PHE A 17 -11.50 0.94 -1.03
CA PHE A 17 -10.14 0.59 -0.63
C PHE A 17 -9.96 -0.91 -0.51
N ALA A 18 -10.87 -1.55 0.22
CA ALA A 18 -10.80 -3.00 0.40
C ALA A 18 -10.73 -3.69 -0.94
N ARG A 19 -11.58 -3.27 -1.87
CA ARG A 19 -11.60 -3.88 -3.19
C ARG A 19 -10.23 -3.81 -3.84
N LEU A 20 -9.49 -2.73 -3.60
CA LEU A 20 -8.17 -2.60 -4.20
C LEU A 20 -7.26 -3.74 -3.73
N VAL A 21 -7.05 -3.87 -2.43
CA VAL A 21 -6.17 -4.92 -1.90
C VAL A 21 -6.86 -6.29 -1.85
N LYS A 22 -8.08 -6.32 -1.35
CA LYS A 22 -8.77 -7.59 -1.22
C LYS A 22 -8.94 -8.27 -2.58
N GLU A 23 -9.34 -7.51 -3.58
CA GLU A 23 -9.52 -8.09 -4.90
C GLU A 23 -8.16 -8.46 -5.49
N VAL A 24 -7.18 -7.57 -5.33
CA VAL A 24 -5.83 -7.84 -5.86
C VAL A 24 -5.27 -9.10 -5.25
N THR A 25 -5.42 -9.24 -3.94
CA THR A 25 -4.94 -10.43 -3.26
C THR A 25 -5.69 -11.65 -3.76
N ASP A 26 -6.95 -11.44 -4.15
CA ASP A 26 -7.78 -12.54 -4.63
C ASP A 26 -7.44 -12.91 -6.08
N GLU A 27 -6.60 -12.11 -6.74
CA GLU A 27 -6.22 -12.41 -8.12
C GLU A 27 -5.28 -13.61 -8.17
N PHE A 28 -4.84 -14.04 -6.99
CA PHE A 28 -3.93 -15.18 -6.90
C PHE A 28 -4.71 -16.48 -6.96
N THR A 29 -4.61 -17.20 -8.08
CA THR A 29 -5.33 -18.46 -8.26
C THR A 29 -6.83 -18.26 -8.12
N THR A 30 -7.59 -18.95 -8.96
CA THR A 30 -9.05 -18.86 -8.91
C THR A 30 -9.59 -19.58 -7.69
N LYS A 31 -8.76 -20.41 -7.08
CA LYS A 31 -9.18 -21.15 -5.90
C LYS A 31 -9.62 -20.20 -4.78
N ASP A 32 -8.92 -19.07 -4.65
CA ASP A 32 -9.25 -18.09 -3.60
C ASP A 32 -10.29 -17.09 -4.10
N GLN A 33 -11.18 -17.54 -4.98
CA GLN A 33 -12.21 -16.66 -5.53
C GLN A 33 -13.23 -16.21 -4.49
N ASP A 34 -13.45 -17.05 -3.48
CA ASP A 34 -14.42 -16.76 -2.43
C ASP A 34 -13.77 -16.80 -1.05
N LEU A 35 -12.85 -15.88 -0.81
CA LEU A 35 -12.16 -15.81 0.48
C LEU A 35 -12.37 -14.44 1.11
N ARG A 36 -13.06 -14.41 2.24
CA ARG A 36 -13.31 -13.16 2.95
C ARG A 36 -12.62 -13.19 4.30
N TRP A 37 -11.39 -12.69 4.36
CA TRP A 37 -10.61 -12.67 5.59
C TRP A 37 -10.96 -11.43 6.41
N GLN A 38 -10.61 -11.45 7.69
CA GLN A 38 -10.88 -10.31 8.58
C GLN A 38 -10.37 -9.02 7.96
N SER A 39 -10.85 -7.90 8.46
CA SER A 39 -10.43 -6.60 7.98
C SER A 39 -8.93 -6.40 8.22
N MET A 40 -8.27 -7.42 8.75
CA MET A 40 -6.83 -7.30 9.02
C MET A 40 -6.08 -6.92 7.75
N ALA A 41 -6.36 -7.63 6.67
CA ALA A 41 -5.71 -7.34 5.40
C ALA A 41 -6.10 -5.95 4.91
N ILE A 42 -7.33 -5.56 5.24
CA ILE A 42 -7.84 -4.25 4.85
C ILE A 42 -7.08 -3.16 5.59
N MET A 43 -6.81 -3.40 6.87
CA MET A 43 -6.08 -2.42 7.64
C MET A 43 -4.68 -2.27 7.05
N ALA A 44 -4.16 -3.37 6.50
CA ALA A 44 -2.85 -3.33 5.88
C ALA A 44 -2.87 -2.31 4.73
N LEU A 45 -3.95 -2.32 3.98
CA LEU A 45 -4.08 -1.38 2.89
C LEU A 45 -4.00 0.04 3.45
N GLN A 46 -4.74 0.26 4.53
CA GLN A 46 -4.73 1.57 5.17
C GLN A 46 -3.33 1.92 5.64
N GLU A 47 -2.49 0.91 5.79
CA GLU A 47 -1.12 1.15 6.21
C GLU A 47 -0.42 1.95 5.13
N ALA A 48 -0.56 1.47 3.90
CA ALA A 48 0.06 2.14 2.77
C ALA A 48 -0.55 3.52 2.58
N SER A 49 -1.85 3.61 2.78
CA SER A 49 -2.54 4.88 2.62
C SER A 49 -2.16 5.86 3.72
N GLU A 50 -2.07 5.37 4.95
CA GLU A 50 -1.75 6.22 6.08
C GLU A 50 -0.39 6.90 5.89
N ALA A 51 0.61 6.13 5.45
CA ALA A 51 1.93 6.70 5.23
C ALA A 51 1.92 7.70 4.10
N TYR A 52 1.41 7.28 2.95
CA TYR A 52 1.35 8.16 1.79
C TYR A 52 0.53 9.40 2.11
N LEU A 53 -0.46 9.22 2.97
CA LEU A 53 -1.29 10.34 3.37
C LEU A 53 -0.42 11.39 4.05
N VAL A 54 0.46 10.93 4.92
CA VAL A 54 1.36 11.83 5.64
C VAL A 54 2.38 12.45 4.69
N GLY A 55 2.94 11.62 3.80
CA GLY A 55 3.93 12.10 2.84
C GLY A 55 3.34 13.16 1.92
N LEU A 56 2.18 12.85 1.34
CA LEU A 56 1.51 13.80 0.46
C LEU A 56 1.11 15.04 1.26
N LEU A 57 0.70 14.82 2.50
CA LEU A 57 0.32 15.93 3.36
C LEU A 57 1.57 16.70 3.79
N GLU A 58 2.69 15.97 3.92
CA GLU A 58 3.95 16.60 4.33
C GLU A 58 4.38 17.61 3.29
N HIS A 59 4.06 17.33 2.03
CA HIS A 59 4.41 18.25 0.94
C HIS A 59 3.57 19.51 1.04
N THR A 60 2.69 19.52 2.04
CA THR A 60 1.80 20.66 2.31
C THR A 60 0.89 20.99 1.12
N ASN A 61 0.66 20.00 0.26
CA ASN A 61 -0.21 20.22 -0.91
C ASN A 61 -1.63 20.53 -0.49
N LEU A 62 -2.12 19.78 0.49
CA LEU A 62 -3.49 19.96 0.96
C LEU A 62 -3.70 21.39 1.40
N LEU A 63 -2.72 21.93 2.11
CA LEU A 63 -2.80 23.30 2.57
C LEU A 63 -2.83 24.24 1.36
N ALA A 64 -2.07 23.88 0.33
CA ALA A 64 -2.00 24.67 -0.90
C ALA A 64 -3.41 24.92 -1.43
N LEU A 65 -4.28 23.93 -1.31
CA LEU A 65 -5.64 24.08 -1.79
C LEU A 65 -6.46 24.90 -0.79
N HIS A 66 -6.79 24.27 0.33
CA HIS A 66 -7.58 24.95 1.36
C HIS A 66 -7.00 26.32 1.69
N ALA A 67 -5.76 26.57 1.27
CA ALA A 67 -5.12 27.85 1.55
C ALA A 67 -5.93 29.00 0.97
N LYS A 68 -6.23 28.92 -0.32
CA LYS A 68 -7.00 29.95 -1.01
C LYS A 68 -6.30 31.31 -0.95
N ARG A 69 -5.42 31.49 0.03
CA ARG A 69 -4.69 32.76 0.18
C ARG A 69 -3.59 32.60 1.21
N ILE A 70 -2.82 31.52 1.13
CA ILE A 70 -1.74 31.27 2.07
C ILE A 70 -0.55 30.64 1.36
N THR A 71 -0.61 29.33 1.14
CA THR A 71 0.47 28.62 0.47
C THR A 71 0.12 28.42 -1.00
N ILE A 72 -1.13 28.71 -1.35
CA ILE A 72 -1.57 28.57 -2.73
C ILE A 72 -0.67 29.41 -3.63
N MET A 73 -0.02 30.37 -3.00
CA MET A 73 0.89 31.28 -3.68
C MET A 73 2.17 30.56 -4.12
N LYS A 74 2.71 29.74 -3.21
CA LYS A 74 3.93 29.00 -3.51
C LYS A 74 4.22 28.00 -2.38
N LYS A 75 5.49 27.86 -2.01
CA LYS A 75 5.89 26.93 -0.95
C LYS A 75 5.45 25.50 -1.26
N ASP A 76 4.28 25.11 -0.75
CA ASP A 76 3.78 23.76 -0.98
C ASP A 76 3.93 23.39 -2.44
N MET A 77 3.93 24.43 -3.27
CA MET A 77 4.08 24.22 -4.69
C MET A 77 5.51 23.84 -5.03
N GLN A 78 6.46 24.64 -4.56
CA GLN A 78 7.87 24.35 -4.81
C GLN A 78 8.24 22.99 -4.23
N LEU A 79 7.57 22.62 -3.14
CA LEU A 79 7.85 21.33 -2.51
C LEU A 79 7.44 20.19 -3.45
N ALA A 80 6.14 19.91 -3.52
CA ALA A 80 5.67 18.82 -4.39
C ALA A 80 6.23 18.97 -5.81
N ARG A 81 6.57 20.20 -6.20
CA ARG A 81 7.12 20.46 -7.54
C ARG A 81 8.58 20.03 -7.63
N ARG A 82 9.24 19.93 -6.48
CA ARG A 82 10.63 19.51 -6.50
C ARG A 82 10.68 18.04 -6.88
N ILE A 83 9.58 17.34 -6.63
CA ILE A 83 9.43 15.93 -6.97
C ILE A 83 10.42 15.06 -6.19
N ARG A 84 11.66 15.53 -6.05
CA ARG A 84 12.69 14.78 -5.33
C ARG A 84 12.11 14.06 -4.12
N GLY A 85 11.05 14.62 -3.56
CA GLY A 85 10.39 14.03 -2.40
C GLY A 85 9.46 12.89 -2.82
N GLN A 86 9.72 12.32 -4.00
CA GLN A 86 8.90 11.23 -4.51
C GLN A 86 9.49 9.87 -4.11
N PHE A 87 8.76 8.81 -4.44
CA PHE A 87 9.21 7.46 -4.13
C PHE A 87 9.78 6.81 -5.39
N LEU A 88 11.11 6.72 -5.48
CA LEU A 88 11.77 6.13 -6.64
C LEU A 88 12.01 4.64 -6.41
N VAL A 89 11.96 3.86 -7.50
CA VAL A 89 12.17 2.43 -7.41
C VAL A 89 13.67 2.12 -7.23
N PRO A 90 14.03 1.00 -6.65
CA PRO A 90 15.47 0.64 -6.46
C PRO A 90 16.28 0.81 -7.74
N ARG A 91 17.32 1.62 -7.66
CA ARG A 91 18.18 1.88 -8.81
C ARG A 91 19.51 2.48 -8.34
N GLY A 92 19.79 2.37 -7.04
CA GLY A 92 21.02 2.92 -6.50
C GLY A 92 21.19 4.38 -6.94
N SER A 93 20.07 4.98 -7.37
CA SER A 93 20.10 6.37 -7.82
C SER A 93 20.50 7.30 -6.68
N MET A 94 19.97 7.05 -5.49
CA MET A 94 20.27 7.89 -4.34
C MET A 94 19.99 7.12 -3.03
N GLU A 95 20.97 6.35 -2.58
CA GLU A 95 20.83 5.57 -1.36
C GLU A 95 21.07 6.45 -0.14
N ARG A 96 21.47 7.69 -0.38
CA ARG A 96 21.75 8.62 0.72
C ARG A 96 20.47 8.99 1.46
N HIS A 97 19.37 9.14 0.73
CA HIS A 97 18.08 9.52 1.34
C HIS A 97 17.00 8.47 1.07
N LYS A 98 17.39 7.32 0.55
CA LYS A 98 16.42 6.27 0.25
C LYS A 98 15.80 5.75 1.54
N LEU A 99 16.59 5.73 2.61
CA LEU A 99 16.09 5.28 3.90
C LEU A 99 14.92 6.14 4.35
N ALA A 100 14.87 7.38 3.86
CA ALA A 100 13.78 8.26 4.23
C ALA A 100 12.45 7.62 3.85
N ASP A 101 12.39 7.11 2.62
CA ASP A 101 11.20 6.43 2.15
C ASP A 101 11.00 5.17 2.96
N GLU A 102 12.11 4.57 3.38
CA GLU A 102 12.05 3.35 4.18
C GLU A 102 11.43 3.65 5.54
N ASN A 103 11.71 4.84 6.06
CA ASN A 103 11.17 5.24 7.35
C ASN A 103 9.66 5.38 7.26
N MET A 104 9.18 5.85 6.12
CA MET A 104 7.75 6.02 5.90
C MET A 104 7.04 4.66 5.88
N ARG A 105 7.67 3.69 5.25
CA ARG A 105 7.11 2.35 5.17
C ARG A 105 7.08 1.73 6.57
N LYS A 106 8.15 1.98 7.34
CA LYS A 106 8.22 1.48 8.69
C LYS A 106 7.17 2.17 9.55
N VAL A 107 6.86 3.42 9.22
CA VAL A 107 5.85 4.16 9.97
C VAL A 107 4.54 3.38 9.94
N TRP A 108 4.14 2.94 8.75
CA TRP A 108 2.90 2.18 8.66
C TRP A 108 3.08 0.84 9.35
N SER A 109 4.32 0.38 9.45
CA SER A 109 4.59 -0.91 10.07
C SER A 109 4.43 -0.82 11.57
N ASN A 110 4.58 0.39 12.11
CA ASN A 110 4.44 0.61 13.54
C ASN A 110 2.98 0.53 13.95
N ILE A 111 2.13 1.28 13.26
CA ILE A 111 0.72 1.25 13.58
C ILE A 111 0.18 -0.16 13.39
N ILE A 112 0.70 -0.86 12.39
CA ILE A 112 0.26 -2.23 12.14
C ILE A 112 0.68 -3.13 13.30
N SER A 113 1.74 -2.71 13.97
CA SER A 113 2.23 -3.48 15.10
C SER A 113 1.20 -3.40 16.23
N LYS A 114 0.58 -2.23 16.35
CA LYS A 114 -0.43 -2.02 17.38
C LYS A 114 -1.70 -2.79 17.02
N TYR A 115 -2.05 -2.74 15.74
CA TYR A 115 -3.25 -3.41 15.25
C TYR A 115 -2.99 -4.90 15.16
N GLU A 116 -1.76 -5.29 15.40
CA GLU A 116 -1.41 -6.70 15.32
C GLU A 116 -2.28 -7.53 16.28
N SER A 117 -3.16 -6.85 17.01
CA SER A 117 -4.05 -7.51 17.97
C SER A 117 -5.53 -7.34 17.57
N ILE A 118 -5.76 -6.99 16.32
CA ILE A 118 -7.14 -6.81 15.83
C ILE A 118 -8.02 -7.96 16.32
N GLU A 119 -9.17 -7.59 16.87
CA GLU A 119 -10.12 -8.58 17.37
C GLU A 119 -11.04 -9.03 16.24
N GLU A 120 -10.70 -10.19 15.65
CA GLU A 120 -11.49 -10.73 14.55
C GLU A 120 -12.98 -10.50 14.75
N GLN A 121 -13.48 -9.35 14.27
CA GLN A 121 -14.89 -9.01 14.41
C GLN A 121 -15.54 -8.87 13.04
N GLY A 122 -15.26 -9.82 12.15
CA GLY A 122 -15.82 -9.78 10.80
C GLY A 122 -16.01 -11.19 10.25
N ASP A 123 -15.52 -11.42 9.05
CA ASP A 123 -15.64 -12.72 8.41
C ASP A 123 -15.12 -13.82 9.33
N LEU A 124 -15.16 -15.06 8.86
CA LEU A 124 -14.71 -16.19 9.67
C LEU A 124 -13.87 -17.16 8.84
N VAL A 125 -12.55 -16.97 8.88
CA VAL A 125 -11.61 -17.84 8.17
C VAL A 125 -10.46 -18.23 9.09
N ASP A 126 -9.64 -19.17 8.65
CA ASP A 126 -8.51 -19.62 9.47
C ASP A 126 -7.45 -18.52 9.58
N LEU A 127 -7.82 -17.44 10.28
CA LEU A 127 -6.90 -16.32 10.47
C LEU A 127 -5.78 -16.70 11.40
N LYS A 128 -6.10 -16.74 12.69
CA LYS A 128 -5.11 -17.06 13.73
C LYS A 128 -5.67 -18.08 14.72
N THR A 129 -6.96 -18.36 14.62
CA THR A 129 -7.61 -19.33 15.51
C THR A 129 -7.80 -20.65 14.77
N GLY A 130 -7.55 -20.63 13.47
CA GLY A 130 -7.69 -21.83 12.65
C GLY A 130 -9.06 -22.48 12.85
N GLU A 131 -9.17 -23.72 12.39
CA GLU A 131 -10.41 -24.49 12.50
C GLU A 131 -11.53 -23.84 11.69
N ILE A 132 -11.20 -22.76 10.98
CA ILE A 132 -12.18 -22.03 10.17
C ILE A 132 -11.66 -21.88 8.74
N VAL A 133 -12.48 -22.22 7.74
CA VAL A 133 -12.07 -22.08 6.35
C VAL A 133 -13.25 -21.68 5.48
N GLU A 134 -13.02 -20.72 4.58
CA GLU A 134 -14.07 -20.26 3.67
C GLU A 134 -13.45 -19.98 2.30
N ASP A 135 -13.02 -21.05 1.64
CA ASP A 135 -12.38 -20.93 0.33
C ASP A 135 -12.58 -22.21 -0.47
N ASN A 136 -12.96 -22.07 -1.74
CA ASN A 136 -13.18 -23.24 -2.59
C ASN A 136 -11.85 -23.91 -2.91
N GLY A 137 -11.70 -25.15 -2.46
CA GLY A 137 -10.47 -25.90 -2.69
C GLY A 137 -9.40 -25.51 -1.68
N HIS A 138 -8.21 -26.12 -1.81
CA HIS A 138 -7.09 -25.84 -0.90
C HIS A 138 -5.85 -25.44 -1.70
N ILE A 139 -4.98 -24.65 -1.06
CA ILE A 139 -3.75 -24.21 -1.72
C ILE A 139 -2.66 -25.26 -1.59
N LYS A 140 -2.47 -26.06 -2.64
CA LYS A 140 -1.45 -27.10 -2.64
C LYS A 140 -0.05 -26.50 -2.70
N THR A 141 0.13 -25.51 -3.57
CA THR A 141 1.44 -24.86 -3.75
C THR A 141 1.38 -23.39 -3.39
N LEU A 142 2.53 -22.82 -3.06
CA LEU A 142 2.62 -21.41 -2.69
C LEU A 142 2.64 -20.54 -3.95
N THR A 143 1.48 -20.05 -4.35
CA THR A 143 1.41 -19.20 -5.54
C THR A 143 2.50 -18.13 -5.47
N ALA A 144 2.35 -17.22 -4.53
CA ALA A 144 3.35 -16.16 -4.35
C ALA A 144 3.67 -15.52 -5.69
N ASN A 145 2.68 -15.48 -6.57
CA ASN A 145 2.89 -14.91 -7.90
C ASN A 145 3.59 -13.56 -7.80
N ASN A 146 2.81 -12.50 -7.63
CA ASN A 146 3.37 -11.17 -7.52
C ASN A 146 2.27 -10.12 -7.68
N SER A 147 2.00 -9.41 -6.59
CA SER A 147 0.97 -8.37 -6.60
C SER A 147 1.21 -7.39 -7.74
N THR A 148 2.40 -7.41 -8.33
CA THR A 148 2.68 -6.51 -9.44
C THR A 148 1.67 -6.75 -10.55
N LYS A 149 0.88 -7.79 -10.37
CA LYS A 149 -0.15 -8.15 -11.32
C LYS A 149 -1.42 -7.31 -11.06
N ASP A 150 -1.27 -6.27 -10.26
CA ASP A 150 -2.40 -5.39 -9.93
C ASP A 150 -2.80 -4.55 -11.15
N LYS A 151 -3.94 -4.88 -11.75
CA LYS A 151 -4.44 -4.15 -12.92
C LYS A 151 -5.52 -3.15 -12.51
N ARG A 152 -5.90 -3.18 -11.24
CA ARG A 152 -6.92 -2.29 -10.74
C ARG A 152 -8.17 -2.39 -11.60
N THR A 153 -9.13 -3.21 -11.16
CA THR A 153 -10.37 -3.41 -11.91
C THR A 153 -11.22 -2.14 -11.88
N LYS A 154 -10.99 -1.30 -10.87
CA LYS A 154 -11.76 -0.05 -10.73
C LYS A 154 -10.82 1.13 -10.50
N TYR A 155 -11.15 2.27 -11.09
CA TYR A 155 -10.34 3.47 -10.93
C TYR A 155 -10.65 4.14 -9.60
N THR A 156 -11.05 3.33 -8.62
CA THR A 156 -11.37 3.85 -7.30
C THR A 156 -10.12 4.47 -6.66
N SER A 157 -8.96 3.90 -6.96
CA SER A 157 -7.71 4.42 -6.41
C SER A 157 -7.44 5.83 -6.89
N VAL A 158 -7.56 6.04 -8.20
CA VAL A 158 -7.33 7.36 -8.79
C VAL A 158 -8.41 8.33 -8.31
N LEU A 159 -9.65 7.84 -8.28
CA LEU A 159 -10.77 8.66 -7.86
C LEU A 159 -10.57 9.20 -6.45
N ARG A 160 -10.18 8.33 -5.53
CA ARG A 160 -10.02 8.73 -4.13
C ARG A 160 -8.63 9.31 -3.84
N ASP A 161 -7.59 8.65 -4.33
CA ASP A 161 -6.22 9.11 -4.07
C ASP A 161 -6.01 10.54 -4.56
N ILE A 162 -6.33 10.81 -5.82
CA ILE A 162 -6.16 12.15 -6.36
C ILE A 162 -7.08 13.16 -5.67
N ILE A 163 -8.34 12.79 -5.49
CA ILE A 163 -9.31 13.68 -4.86
C ILE A 163 -9.04 13.84 -3.37
N ASP A 164 -8.39 12.86 -2.76
CA ASP A 164 -8.10 12.94 -1.33
C ASP A 164 -7.36 14.24 -1.04
N ILE A 165 -6.49 14.64 -1.96
CA ILE A 165 -5.72 15.88 -1.78
C ILE A 165 -6.45 17.05 -2.45
N SER A 166 -7.06 16.78 -3.61
CA SER A 166 -7.80 17.80 -4.34
C SER A 166 -6.92 18.98 -4.74
N ASP A 167 -5.62 18.87 -4.44
CA ASP A 167 -4.68 19.95 -4.79
C ASP A 167 -4.02 19.69 -6.14
N GLU A 168 -3.72 20.78 -6.85
CA GLU A 168 -3.08 20.67 -8.15
C GLU A 168 -1.58 20.42 -7.97
N GLU A 169 -1.17 20.28 -6.71
CA GLU A 169 0.24 20.05 -6.38
C GLU A 169 1.11 21.17 -6.92
N ASP A 170 2.03 20.85 -7.82
CA ASP A 170 2.92 21.86 -8.38
C ASP A 170 2.13 22.91 -9.14
N GLY A 171 1.42 23.74 -8.39
CA GLY A 171 0.61 24.80 -8.97
C GLY A 171 1.49 25.91 -9.54
N ASP A 172 2.55 26.26 -8.81
CA ASP A 172 3.46 27.30 -9.25
C ASP A 172 4.29 26.80 -10.41
N LYS A 173 3.64 26.22 -11.40
CA LYS A 173 4.32 25.69 -12.57
C LYS A 173 5.13 26.77 -13.27
N GLY A 174 4.51 27.92 -13.47
CA GLY A 174 5.19 29.04 -14.12
C GLY A 174 5.90 28.57 -15.39
N GLY A 175 5.51 27.39 -15.86
CA GLY A 175 6.11 26.82 -17.07
C GLY A 175 6.10 25.29 -17.00
N VAL A 176 4.91 24.70 -17.10
CA VAL A 176 4.73 23.24 -17.04
C VAL A 176 6.01 22.51 -17.48
N LYS A 177 6.41 21.49 -16.70
CA LYS A 177 7.63 20.73 -17.01
C LYS A 177 7.32 19.25 -17.16
N ARG A 178 7.40 18.51 -16.05
CA ARG A 178 7.15 17.08 -16.06
C ARG A 178 5.71 16.77 -15.70
N ILE A 179 4.93 17.81 -15.45
CA ILE A 179 3.52 17.65 -15.07
C ILE A 179 3.40 16.81 -13.80
N SER A 180 2.43 17.16 -12.96
CA SER A 180 2.21 16.44 -11.72
C SER A 180 1.51 15.10 -11.97
N GLY A 181 0.94 14.51 -10.92
CA GLY A 181 0.24 13.24 -11.06
C GLY A 181 1.24 12.09 -11.09
N LEU A 182 2.51 12.43 -11.18
CA LEU A 182 3.57 11.43 -11.21
C LEU A 182 3.65 10.67 -9.89
N ILE A 183 3.33 11.36 -8.81
CA ILE A 183 3.39 10.74 -7.48
C ILE A 183 2.47 9.53 -7.41
N TYR A 184 1.23 9.68 -7.89
CA TYR A 184 0.27 8.58 -7.88
C TYR A 184 0.84 7.37 -8.63
N GLU A 185 1.65 7.62 -9.64
CA GLU A 185 2.24 6.52 -10.39
C GLU A 185 3.28 5.82 -9.51
N GLU A 186 4.04 6.62 -8.76
CA GLU A 186 5.06 6.10 -7.88
C GLU A 186 4.45 5.36 -6.70
N VAL A 187 3.42 5.94 -6.08
CA VAL A 187 2.78 5.29 -4.95
C VAL A 187 2.16 3.96 -5.38
N ARG A 188 1.76 3.88 -6.64
CA ARG A 188 1.17 2.66 -7.17
C ARG A 188 2.24 1.58 -7.27
N ALA A 189 3.43 1.96 -7.73
CA ALA A 189 4.54 1.02 -7.85
C ALA A 189 4.92 0.45 -6.49
N VAL A 190 4.95 1.31 -5.49
CA VAL A 190 5.29 0.89 -4.13
C VAL A 190 4.19 0.02 -3.53
N LEU A 191 2.94 0.30 -3.88
CA LEU A 191 1.83 -0.46 -3.35
C LEU A 191 1.93 -1.89 -3.84
N LYS A 192 2.24 -2.04 -5.11
CA LYS A 192 2.38 -3.35 -5.71
C LYS A 192 3.53 -4.12 -5.07
N SER A 193 4.66 -3.44 -4.92
CA SER A 193 5.83 -4.07 -4.31
C SER A 193 5.58 -4.36 -2.84
N PHE A 194 4.92 -3.41 -2.16
CA PHE A 194 4.62 -3.61 -0.75
C PHE A 194 3.78 -4.87 -0.58
N LEU A 195 2.70 -4.96 -1.35
CA LEU A 195 1.84 -6.13 -1.26
C LEU A 195 2.60 -7.38 -1.63
N GLU A 196 3.28 -7.33 -2.76
CA GLU A 196 4.03 -8.47 -3.24
C GLU A 196 4.84 -9.10 -2.12
N SER A 197 5.59 -8.29 -1.40
CA SER A 197 6.38 -8.80 -0.29
C SER A 197 5.47 -9.36 0.79
N VAL A 198 4.36 -8.68 1.04
CA VAL A 198 3.41 -9.09 2.08
C VAL A 198 2.68 -10.38 1.72
N ILE A 199 2.01 -10.40 0.59
CA ILE A 199 1.26 -11.59 0.20
C ILE A 199 2.18 -12.79 0.01
N ARG A 200 3.27 -12.60 -0.74
CA ARG A 200 4.18 -13.71 -0.96
C ARG A 200 4.58 -14.28 0.39
N ASP A 201 4.85 -13.40 1.33
CA ASP A 201 5.22 -13.83 2.67
C ASP A 201 4.00 -14.32 3.43
N SER A 202 2.83 -13.81 3.07
CA SER A 202 1.62 -14.24 3.76
C SER A 202 1.34 -15.69 3.48
N VAL A 203 1.23 -16.07 2.22
CA VAL A 203 0.95 -17.45 1.89
C VAL A 203 2.07 -18.34 2.39
N THR A 204 3.31 -17.85 2.35
CA THR A 204 4.45 -18.64 2.83
C THR A 204 4.38 -18.86 4.34
N TYR A 205 4.29 -17.77 5.11
CA TYR A 205 4.23 -17.89 6.57
C TYR A 205 2.87 -18.37 7.04
N THR A 206 1.80 -17.85 6.43
CA THR A 206 0.45 -18.26 6.81
C THR A 206 0.34 -19.78 6.73
N GLU A 207 0.92 -20.35 5.68
CA GLU A 207 0.89 -21.81 5.52
C GLU A 207 1.66 -22.46 6.66
N HIS A 208 2.88 -21.99 6.90
CA HIS A 208 3.69 -22.55 7.97
C HIS A 208 2.94 -22.40 9.29
N ALA A 209 1.90 -21.57 9.27
CA ALA A 209 1.08 -21.35 10.45
C ALA A 209 -0.17 -22.19 10.33
N LYS A 210 -0.06 -23.32 9.62
CA LYS A 210 -1.18 -24.22 9.42
C LYS A 210 -2.46 -23.44 9.16
N ARG A 211 -2.30 -22.28 8.52
CA ARG A 211 -3.42 -21.41 8.18
C ARG A 211 -3.29 -20.97 6.72
N LYS A 212 -4.42 -20.82 6.04
CA LYS A 212 -4.41 -20.42 4.63
C LYS A 212 -5.21 -19.14 4.41
N THR A 213 -4.82 -18.08 5.12
CA THR A 213 -5.51 -16.80 5.02
C THR A 213 -4.49 -15.65 5.16
N VAL A 214 -4.84 -14.63 5.95
CA VAL A 214 -3.93 -13.50 6.15
C VAL A 214 -3.65 -13.31 7.64
N THR A 215 -2.47 -13.72 8.07
CA THR A 215 -2.08 -13.54 9.47
C THR A 215 -1.36 -12.20 9.63
N SER A 216 -1.82 -11.38 10.58
CA SER A 216 -1.21 -10.08 10.82
C SER A 216 0.30 -10.20 10.98
N LEU A 217 0.75 -11.40 11.36
CA LEU A 217 2.17 -11.62 11.54
C LEU A 217 2.91 -11.38 10.22
N ASP A 218 2.21 -11.63 9.11
CA ASP A 218 2.80 -11.45 7.79
C ASP A 218 3.10 -9.98 7.51
N VAL A 219 2.10 -9.12 7.68
CA VAL A 219 2.29 -7.71 7.42
C VAL A 219 3.40 -7.17 8.31
N VAL A 220 3.42 -7.58 9.57
CA VAL A 220 4.46 -7.12 10.49
C VAL A 220 5.82 -7.71 10.15
N TYR A 221 5.88 -9.04 10.05
CA TYR A 221 7.13 -9.73 9.74
C TYR A 221 7.64 -9.40 8.33
N ALA A 222 6.72 -9.36 7.36
CA ALA A 222 7.10 -9.08 5.99
C ALA A 222 7.71 -7.68 5.85
N LEU A 223 7.06 -6.69 6.45
CA LEU A 223 7.56 -5.33 6.37
C LEU A 223 8.95 -5.24 7.02
N LYS A 224 9.12 -5.97 8.12
CA LYS A 224 10.39 -5.96 8.82
C LYS A 224 11.51 -6.45 7.89
N ARG A 225 11.24 -7.50 7.12
CA ARG A 225 12.23 -8.03 6.20
C ARG A 225 12.60 -7.03 5.11
N GLN A 226 11.59 -6.41 4.51
CA GLN A 226 11.84 -5.45 3.44
C GLN A 226 12.71 -4.30 3.95
N GLY A 227 12.41 -3.82 5.15
CA GLY A 227 13.17 -2.74 5.74
C GLY A 227 14.61 -3.15 5.97
N ARG A 228 14.81 -4.40 6.36
CA ARG A 228 16.15 -4.92 6.63
C ARG A 228 16.95 -5.05 5.34
N THR A 229 16.29 -5.50 4.27
CA THR A 229 16.96 -5.69 2.98
C THR A 229 17.44 -4.36 2.40
N LEU A 230 16.67 -3.30 2.65
CA LEU A 230 17.03 -1.98 2.13
C LEU A 230 18.38 -1.52 2.70
N TYR A 231 18.63 -1.87 3.95
CA TYR A 231 19.89 -1.50 4.59
C TYR A 231 21.06 -2.21 3.88
N GLY A 232 20.77 -3.34 3.26
CA GLY A 232 21.80 -4.09 2.55
C GLY A 232 22.75 -4.78 3.51
N PHE A 233 22.28 -4.99 4.74
CA PHE A 233 23.11 -5.63 5.78
C PHE A 233 22.29 -6.69 6.51
N GLY A 234 22.95 -7.48 7.34
CA GLY A 234 22.28 -8.52 8.12
C GLY A 234 22.88 -8.65 9.51
N GLY A 235 23.41 -7.53 10.02
CA GLY A 235 24.02 -7.52 11.35
C GLY A 235 25.07 -8.63 11.47
N LEU A 11 -23.27 -4.53 -0.51
CA LEU A 11 -24.02 -4.49 -1.79
C LEU A 11 -24.14 -3.04 -2.25
N ILE A 12 -25.05 -2.30 -1.62
CA ILE A 12 -25.26 -0.90 -1.97
C ILE A 12 -24.02 -0.07 -1.64
N SER A 13 -23.45 -0.32 -0.46
CA SER A 13 -22.26 0.41 -0.03
C SER A 13 -21.08 0.08 -0.93
N LYS A 14 -20.23 1.09 -1.17
CA LYS A 14 -19.05 0.92 -2.02
C LYS A 14 -17.79 0.88 -1.16
N ILE A 15 -16.79 0.15 -1.61
CA ILE A 15 -15.53 0.03 -0.87
C ILE A 15 -14.36 -0.20 -1.83
N PRO A 16 -14.03 0.79 -2.61
CA PRO A 16 -12.90 0.69 -3.59
C PRO A 16 -11.62 0.16 -2.96
N PHE A 17 -11.20 0.78 -1.87
CA PHE A 17 -9.97 0.39 -1.19
C PHE A 17 -10.00 -1.11 -0.85
N ALA A 18 -11.02 -1.52 -0.11
CA ALA A 18 -11.15 -2.92 0.27
C ALA A 18 -10.96 -3.80 -0.96
N ARG A 19 -11.56 -3.39 -2.08
CA ARG A 19 -11.45 -4.14 -3.32
C ARG A 19 -9.99 -4.21 -3.78
N LEU A 20 -9.26 -3.11 -3.65
CA LEU A 20 -7.88 -3.09 -4.12
C LEU A 20 -7.08 -4.26 -3.56
N VAL A 21 -7.09 -4.42 -2.24
CA VAL A 21 -6.32 -5.52 -1.64
C VAL A 21 -7.02 -6.88 -1.77
N LYS A 22 -8.29 -6.94 -1.44
CA LYS A 22 -9.01 -8.21 -1.50
C LYS A 22 -9.03 -8.74 -2.93
N GLU A 23 -9.30 -7.87 -3.88
CA GLU A 23 -9.35 -8.28 -5.25
C GLU A 23 -7.96 -8.72 -5.71
N VAL A 24 -6.98 -7.82 -5.56
CA VAL A 24 -5.60 -8.12 -5.97
C VAL A 24 -5.15 -9.43 -5.34
N THR A 25 -5.40 -9.58 -4.04
CA THR A 25 -5.01 -10.81 -3.36
C THR A 25 -5.83 -11.98 -3.90
N ASP A 26 -7.05 -11.70 -4.32
CA ASP A 26 -7.93 -12.74 -4.85
C ASP A 26 -7.64 -13.04 -6.32
N GLU A 27 -6.91 -12.15 -6.99
CA GLU A 27 -6.57 -12.39 -8.39
C GLU A 27 -5.72 -13.65 -8.50
N PHE A 28 -5.38 -14.20 -7.35
CA PHE A 28 -4.54 -15.38 -7.29
C PHE A 28 -5.37 -16.63 -7.60
N THR A 29 -4.78 -17.80 -7.39
CA THR A 29 -5.47 -19.05 -7.66
C THR A 29 -6.80 -19.16 -6.93
N THR A 30 -7.59 -20.16 -7.31
CA THR A 30 -8.89 -20.41 -6.71
C THR A 30 -8.79 -20.42 -5.19
N LYS A 31 -7.57 -20.44 -4.70
CA LYS A 31 -7.33 -20.45 -3.26
C LYS A 31 -7.89 -19.20 -2.58
N ASP A 32 -7.97 -18.10 -3.33
CA ASP A 32 -8.46 -16.83 -2.77
C ASP A 32 -9.55 -16.21 -3.65
N GLN A 33 -10.33 -17.04 -4.29
CA GLN A 33 -11.40 -16.56 -5.17
C GLN A 33 -12.51 -15.82 -4.40
N ASP A 34 -12.93 -16.36 -3.25
CA ASP A 34 -13.98 -15.70 -2.45
C ASP A 34 -13.66 -15.76 -0.97
N LEU A 35 -12.52 -15.18 -0.60
CA LEU A 35 -12.08 -15.17 0.80
C LEU A 35 -12.17 -13.75 1.36
N ARG A 36 -12.91 -13.59 2.47
CA ARG A 36 -13.07 -12.29 3.10
C ARG A 36 -12.41 -12.28 4.47
N TRP A 37 -11.10 -12.09 4.47
CA TRP A 37 -10.34 -12.07 5.71
C TRP A 37 -10.85 -10.93 6.60
N GLN A 38 -10.28 -10.82 7.79
CA GLN A 38 -10.69 -9.77 8.73
C GLN A 38 -10.07 -8.42 8.40
N SER A 39 -10.46 -7.42 9.17
CA SER A 39 -9.97 -6.07 8.97
C SER A 39 -8.45 -6.05 8.85
N MET A 40 -7.79 -6.96 9.57
CA MET A 40 -6.33 -7.02 9.55
C MET A 40 -5.78 -6.77 8.14
N ALA A 41 -6.33 -7.47 7.15
CA ALA A 41 -5.88 -7.32 5.77
C ALA A 41 -6.27 -5.94 5.24
N ILE A 42 -7.42 -5.44 5.66
CA ILE A 42 -7.90 -4.14 5.24
C ILE A 42 -6.99 -3.06 5.80
N MET A 43 -6.61 -3.21 7.06
CA MET A 43 -5.73 -2.25 7.69
C MET A 43 -4.43 -2.23 6.93
N ALA A 44 -4.03 -3.39 6.42
CA ALA A 44 -2.81 -3.47 5.65
C ALA A 44 -2.91 -2.49 4.47
N LEU A 45 -4.05 -2.51 3.80
CA LEU A 45 -4.25 -1.61 2.70
C LEU A 45 -4.14 -0.17 3.19
N GLN A 46 -4.82 0.12 4.29
CA GLN A 46 -4.78 1.44 4.88
C GLN A 46 -3.37 1.78 5.34
N GLU A 47 -2.56 0.76 5.54
CA GLU A 47 -1.19 0.99 5.96
C GLU A 47 -0.48 1.78 4.88
N ALA A 48 -0.58 1.28 3.66
CA ALA A 48 0.06 1.93 2.54
C ALA A 48 -0.57 3.29 2.28
N SER A 49 -1.89 3.34 2.45
CA SER A 49 -2.61 4.59 2.22
C SER A 49 -2.34 5.60 3.33
N GLU A 50 -2.26 5.11 4.56
CA GLU A 50 -2.01 5.98 5.71
C GLU A 50 -0.68 6.70 5.56
N ALA A 51 0.36 5.98 5.20
CA ALA A 51 1.68 6.60 5.03
C ALA A 51 1.67 7.60 3.88
N TYR A 52 1.19 7.16 2.72
CA TYR A 52 1.14 8.03 1.57
C TYR A 52 0.28 9.24 1.88
N LEU A 53 -0.76 9.03 2.66
CA LEU A 53 -1.64 10.14 3.02
C LEU A 53 -0.86 11.18 3.80
N VAL A 54 -0.02 10.74 4.73
CA VAL A 54 0.80 11.65 5.51
C VAL A 54 1.80 12.36 4.61
N GLY A 55 2.44 11.61 3.72
CA GLY A 55 3.41 12.18 2.80
C GLY A 55 2.74 13.17 1.88
N LEU A 56 1.60 12.76 1.32
CA LEU A 56 0.84 13.62 0.43
C LEU A 56 0.35 14.84 1.19
N LEU A 57 -0.15 14.61 2.40
CA LEU A 57 -0.65 15.70 3.23
C LEU A 57 0.50 16.59 3.69
N GLU A 58 1.61 15.95 4.10
CA GLU A 58 2.77 16.69 4.55
C GLU A 58 3.30 17.57 3.43
N HIS A 59 3.01 17.16 2.20
CA HIS A 59 3.44 17.89 1.02
C HIS A 59 2.49 19.05 0.75
N THR A 60 1.35 19.02 1.43
CA THR A 60 0.33 20.06 1.29
C THR A 60 -0.19 20.17 -0.15
N ASN A 61 -0.22 19.06 -0.87
CA ASN A 61 -0.73 19.07 -2.25
C ASN A 61 -2.21 19.41 -2.26
N LEU A 62 -2.94 18.87 -1.30
CA LEU A 62 -4.37 19.10 -1.20
C LEU A 62 -4.60 20.61 -1.15
N LEU A 63 -3.78 21.29 -0.38
CA LEU A 63 -3.86 22.74 -0.26
C LEU A 63 -3.48 23.39 -1.58
N ALA A 64 -2.53 22.80 -2.29
CA ALA A 64 -2.10 23.35 -3.57
C ALA A 64 -3.31 23.68 -4.43
N LEU A 65 -4.17 22.68 -4.68
CA LEU A 65 -5.37 22.93 -5.48
C LEU A 65 -6.30 23.86 -4.71
N HIS A 66 -6.53 23.50 -3.46
CA HIS A 66 -7.39 24.29 -2.57
C HIS A 66 -6.66 25.57 -2.18
N ALA A 67 -5.62 25.91 -2.95
CA ALA A 67 -4.79 27.09 -2.72
C ALA A 67 -5.65 28.31 -2.32
N LYS A 68 -6.97 28.20 -2.45
CA LYS A 68 -7.88 29.31 -2.10
C LYS A 68 -7.33 30.09 -0.91
N ARG A 69 -6.83 29.36 0.09
CA ARG A 69 -6.25 30.00 1.27
C ARG A 69 -4.81 30.40 0.97
N ILE A 70 -4.06 29.47 0.39
CA ILE A 70 -2.66 29.71 0.03
C ILE A 70 -2.60 30.13 -1.43
N THR A 71 -2.31 31.42 -1.66
CA THR A 71 -2.22 31.97 -3.01
C THR A 71 -1.26 31.15 -3.88
N ILE A 72 -1.66 29.91 -4.20
CA ILE A 72 -0.86 28.99 -5.02
C ILE A 72 0.62 29.41 -5.03
N MET A 73 1.16 29.54 -3.84
CA MET A 73 2.55 29.94 -3.68
C MET A 73 3.47 28.76 -3.85
N LYS A 74 4.74 29.05 -4.11
CA LYS A 74 5.74 28.01 -4.29
C LYS A 74 5.76 27.06 -3.10
N LYS A 75 4.89 27.33 -2.12
CA LYS A 75 4.80 26.52 -0.91
C LYS A 75 4.61 25.03 -1.23
N ASP A 76 3.36 24.59 -1.32
CA ASP A 76 3.07 23.19 -1.60
C ASP A 76 3.84 22.72 -2.82
N MET A 77 4.40 23.67 -3.56
CA MET A 77 5.16 23.32 -4.76
C MET A 77 6.53 22.76 -4.39
N GLN A 78 7.33 23.56 -3.70
CA GLN A 78 8.67 23.13 -3.30
C GLN A 78 8.58 21.94 -2.36
N LEU A 79 7.53 21.89 -1.55
CA LEU A 79 7.35 20.78 -0.62
C LEU A 79 7.17 19.47 -1.38
N ALA A 80 6.10 19.39 -2.17
CA ALA A 80 5.84 18.17 -2.93
C ALA A 80 7.00 17.85 -3.87
N ARG A 81 7.77 18.88 -4.23
CA ARG A 81 8.91 18.70 -5.13
C ARG A 81 10.16 18.27 -4.37
N ARG A 82 10.39 18.87 -3.21
CA ARG A 82 11.58 18.54 -2.43
C ARG A 82 11.57 17.07 -2.03
N ILE A 83 10.41 16.44 -2.10
CA ILE A 83 10.27 15.02 -1.75
C ILE A 83 9.57 14.25 -2.87
N ARG A 84 10.11 13.07 -3.20
CA ARG A 84 9.55 12.23 -4.26
C ARG A 84 9.40 13.02 -5.56
N GLY A 85 9.93 14.23 -5.58
CA GLY A 85 9.86 15.05 -6.78
C GLY A 85 10.74 14.44 -7.87
N GLN A 86 11.75 13.69 -7.46
CA GLN A 86 12.65 13.06 -8.40
C GLN A 86 11.89 12.05 -9.27
N PHE A 87 12.08 12.15 -10.58
CA PHE A 87 11.39 11.25 -11.51
C PHE A 87 12.26 10.02 -11.81
N LEU A 88 13.20 9.74 -10.91
CA LEU A 88 14.09 8.59 -11.08
C LEU A 88 13.38 7.30 -10.68
N VAL A 89 13.72 6.21 -11.35
CA VAL A 89 13.11 4.90 -11.07
C VAL A 89 14.12 4.00 -10.35
N PRO A 90 13.66 3.01 -9.60
CA PRO A 90 14.59 2.09 -8.88
C PRO A 90 15.70 1.56 -9.78
N ARG A 91 16.92 1.60 -9.28
CA ARG A 91 18.07 1.15 -10.04
C ARG A 91 19.30 1.07 -9.13
N GLY A 92 19.05 0.86 -7.85
CA GLY A 92 20.14 0.76 -6.89
C GLY A 92 21.07 1.97 -7.03
N SER A 93 20.52 3.08 -7.51
CA SER A 93 21.31 4.29 -7.68
C SER A 93 21.88 4.74 -6.34
N MET A 94 21.02 4.70 -5.32
CA MET A 94 21.44 5.11 -3.97
C MET A 94 20.37 4.72 -2.96
N GLU A 95 20.45 3.48 -2.47
CA GLU A 95 19.47 3.00 -1.50
C GLU A 95 19.57 3.77 -0.18
N ARG A 96 20.69 4.44 0.01
CA ARG A 96 20.90 5.22 1.23
C ARG A 96 19.90 6.36 1.33
N HIS A 97 19.63 7.01 0.19
CA HIS A 97 18.69 8.12 0.17
C HIS A 97 17.24 7.62 0.09
N LYS A 98 17.07 6.35 -0.26
CA LYS A 98 15.74 5.77 -0.38
C LYS A 98 15.21 5.35 0.99
N LEU A 99 16.07 5.40 1.99
CA LEU A 99 15.66 5.03 3.34
C LEU A 99 14.53 5.94 3.82
N ALA A 100 14.57 7.20 3.41
CA ALA A 100 13.53 8.14 3.81
C ALA A 100 12.16 7.57 3.45
N ASP A 101 12.03 7.09 2.22
CA ASP A 101 10.77 6.51 1.79
C ASP A 101 10.51 5.28 2.63
N GLU A 102 11.58 4.56 2.96
CA GLU A 102 11.45 3.35 3.76
C GLU A 102 11.02 3.71 5.18
N ASN A 103 11.44 4.86 5.66
CA ASN A 103 11.07 5.29 7.00
C ASN A 103 9.56 5.44 7.06
N MET A 104 8.97 5.91 5.96
CA MET A 104 7.52 6.07 5.90
C MET A 104 6.84 4.69 5.87
N ARG A 105 7.50 3.73 5.21
CA ARG A 105 6.94 2.39 5.13
C ARG A 105 6.93 1.77 6.53
N LYS A 106 7.99 2.05 7.29
CA LYS A 106 8.09 1.56 8.65
C LYS A 106 7.00 2.18 9.49
N VAL A 107 6.64 3.42 9.18
CA VAL A 107 5.60 4.11 9.93
C VAL A 107 4.31 3.30 9.86
N TRP A 108 3.94 2.87 8.66
CA TRP A 108 2.73 2.08 8.54
C TRP A 108 2.91 0.75 9.24
N SER A 109 4.16 0.31 9.37
CA SER A 109 4.42 -0.98 10.00
C SER A 109 4.20 -0.88 11.51
N ASN A 110 4.35 0.32 12.05
CA ASN A 110 4.17 0.53 13.47
C ASN A 110 2.69 0.44 13.84
N ILE A 111 1.86 1.18 13.12
CA ILE A 111 0.44 1.15 13.39
C ILE A 111 -0.10 -0.27 13.20
N ILE A 112 0.44 -0.98 12.21
CA ILE A 112 0.00 -2.34 11.96
C ILE A 112 0.37 -3.22 13.15
N SER A 113 1.42 -2.80 13.86
CA SER A 113 1.85 -3.55 15.02
C SER A 113 0.81 -3.42 16.11
N LYS A 114 0.16 -2.26 16.16
CA LYS A 114 -0.87 -2.00 17.15
C LYS A 114 -2.13 -2.82 16.88
N TYR A 115 -2.58 -2.83 15.63
CA TYR A 115 -3.79 -3.56 15.25
C TYR A 115 -3.49 -5.05 15.11
N GLU A 116 -2.21 -5.40 15.26
CA GLU A 116 -1.78 -6.79 15.15
C GLU A 116 -2.57 -7.68 16.11
N SER A 117 -3.40 -7.06 16.93
CA SER A 117 -4.22 -7.78 17.93
C SER A 117 -5.71 -7.63 17.64
N ILE A 118 -6.04 -7.22 16.42
CA ILE A 118 -7.44 -7.03 16.03
C ILE A 118 -8.32 -8.16 16.58
N GLU A 119 -9.43 -7.76 17.18
CA GLU A 119 -10.37 -8.70 17.78
C GLU A 119 -11.06 -9.57 16.73
N GLU A 120 -11.23 -9.01 15.53
CA GLU A 120 -11.90 -9.69 14.41
C GLU A 120 -13.41 -9.54 14.53
N GLN A 121 -13.87 -8.31 14.40
CA GLN A 121 -15.29 -8.01 14.52
C GLN A 121 -16.06 -8.38 13.25
N GLY A 122 -15.37 -8.89 12.23
CA GLY A 122 -16.02 -9.27 10.97
C GLY A 122 -16.09 -10.78 10.81
N ASP A 123 -16.01 -11.24 9.55
CA ASP A 123 -16.04 -12.67 9.24
C ASP A 123 -15.02 -13.39 10.10
N LEU A 124 -14.91 -14.71 9.93
CA LEU A 124 -13.95 -15.48 10.71
C LEU A 124 -13.32 -16.58 9.87
N VAL A 125 -12.06 -16.36 9.49
CA VAL A 125 -11.31 -17.33 8.70
C VAL A 125 -10.08 -17.78 9.50
N ASP A 126 -9.36 -18.78 9.00
CA ASP A 126 -8.19 -19.29 9.73
C ASP A 126 -7.06 -18.25 9.78
N LEU A 127 -7.29 -17.18 10.53
CA LEU A 127 -6.30 -16.12 10.69
C LEU A 127 -5.31 -16.44 11.79
N LYS A 128 -5.76 -16.31 13.05
CA LYS A 128 -4.89 -16.56 14.21
C LYS A 128 -5.42 -17.72 15.05
N THR A 129 -6.64 -18.17 14.77
CA THR A 129 -7.26 -19.24 15.54
C THR A 129 -7.37 -20.53 14.73
N GLY A 130 -7.11 -20.43 13.44
CA GLY A 130 -7.19 -21.59 12.58
C GLY A 130 -8.50 -22.35 12.80
N GLU A 131 -8.60 -23.51 12.17
CA GLU A 131 -9.79 -24.37 12.28
C GLU A 131 -10.99 -23.74 11.56
N ILE A 132 -10.80 -22.56 10.97
CA ILE A 132 -11.87 -21.88 10.24
C ILE A 132 -11.41 -21.55 8.82
N VAL A 133 -12.21 -21.88 7.82
CA VAL A 133 -11.87 -21.60 6.43
C VAL A 133 -13.09 -21.15 5.64
N GLU A 134 -12.94 -20.04 4.92
CA GLU A 134 -14.05 -19.51 4.10
C GLU A 134 -13.54 -19.26 2.69
N ASP A 135 -13.23 -20.34 1.99
CA ASP A 135 -12.72 -20.26 0.63
C ASP A 135 -13.11 -21.52 -0.15
N ASN A 136 -14.06 -21.38 -1.07
CA ASN A 136 -14.52 -22.50 -1.87
C ASN A 136 -13.51 -22.84 -2.96
N GLY A 137 -12.82 -23.96 -2.78
CA GLY A 137 -11.81 -24.39 -3.76
C GLY A 137 -10.92 -25.49 -3.18
N HIS A 138 -10.16 -26.13 -4.04
CA HIS A 138 -9.26 -27.20 -3.61
C HIS A 138 -7.98 -26.62 -3.01
N ILE A 139 -7.22 -27.46 -2.31
CA ILE A 139 -5.97 -27.02 -1.70
C ILE A 139 -4.87 -26.87 -2.73
N LYS A 140 -4.06 -25.82 -2.60
CA LYS A 140 -2.96 -25.57 -3.53
C LYS A 140 -1.72 -25.10 -2.78
N THR A 141 -0.55 -25.42 -3.32
CA THR A 141 0.71 -25.03 -2.69
C THR A 141 0.88 -23.51 -2.74
N LEU A 142 2.13 -23.06 -2.65
CA LEU A 142 2.42 -21.63 -2.69
C LEU A 142 2.09 -21.08 -4.08
N THR A 143 1.56 -19.86 -4.12
CA THR A 143 1.21 -19.23 -5.38
C THR A 143 2.25 -18.16 -5.72
N ALA A 144 2.33 -17.15 -4.86
CA ALA A 144 3.29 -16.08 -5.07
C ALA A 144 3.09 -15.47 -6.46
N ASN A 145 1.85 -15.50 -6.92
CA ASN A 145 1.54 -14.95 -8.23
C ASN A 145 1.96 -13.50 -8.35
N ASN A 146 2.51 -12.96 -7.27
CA ASN A 146 2.96 -11.57 -7.23
C ASN A 146 1.80 -10.60 -7.37
N SER A 147 1.54 -9.87 -6.29
CA SER A 147 0.47 -8.89 -6.28
C SER A 147 0.74 -7.82 -7.33
N THR A 148 2.01 -7.72 -7.73
CA THR A 148 2.39 -6.74 -8.75
C THR A 148 1.44 -6.84 -9.92
N LYS A 149 0.78 -7.99 -10.01
CA LYS A 149 -0.19 -8.24 -11.06
C LYS A 149 -1.42 -7.35 -10.87
N ASP A 150 -1.32 -6.40 -9.95
CA ASP A 150 -2.43 -5.49 -9.69
C ASP A 150 -2.70 -4.62 -10.91
N LYS A 151 -3.14 -5.25 -12.00
CA LYS A 151 -3.43 -4.54 -13.24
C LYS A 151 -4.70 -5.08 -13.89
N ARG A 152 -5.30 -6.10 -13.27
CA ARG A 152 -6.51 -6.72 -13.80
C ARG A 152 -7.76 -5.90 -13.47
N THR A 153 -7.92 -5.56 -12.19
CA THR A 153 -9.07 -4.78 -11.74
C THR A 153 -8.67 -3.83 -10.62
N LYS A 154 -8.33 -2.60 -11.02
CA LYS A 154 -7.92 -1.58 -10.04
C LYS A 154 -8.63 -0.26 -10.33
N TYR A 155 -8.92 0.49 -9.26
CA TYR A 155 -9.59 1.78 -9.38
C TYR A 155 -8.58 2.92 -9.23
N THR A 156 -7.35 2.64 -9.59
CA THR A 156 -6.29 3.65 -9.51
C THR A 156 -6.63 4.82 -10.42
N SER A 157 -7.46 4.55 -11.43
CA SER A 157 -7.85 5.60 -12.37
C SER A 157 -8.53 6.75 -11.62
N VAL A 158 -9.44 6.41 -10.73
CA VAL A 158 -10.15 7.42 -9.94
C VAL A 158 -9.18 8.08 -8.96
N LEU A 159 -8.33 7.26 -8.35
CA LEU A 159 -7.37 7.75 -7.39
C LEU A 159 -6.47 8.77 -8.08
N ARG A 160 -6.09 8.46 -9.32
CA ARG A 160 -5.27 9.38 -10.11
C ARG A 160 -6.07 10.63 -10.47
N ASP A 161 -7.37 10.45 -10.71
CA ASP A 161 -8.22 11.57 -11.09
C ASP A 161 -8.52 12.46 -9.87
N ILE A 162 -8.13 12.01 -8.69
CA ILE A 162 -8.37 12.78 -7.47
C ILE A 162 -7.80 14.19 -7.62
N ILE A 163 -7.09 14.43 -8.72
CA ILE A 163 -6.49 15.73 -8.96
C ILE A 163 -7.54 16.83 -8.90
N ASP A 164 -8.81 16.42 -8.76
CA ASP A 164 -9.90 17.38 -8.68
C ASP A 164 -9.74 18.26 -7.43
N ILE A 165 -9.23 17.67 -6.35
CA ILE A 165 -9.02 18.41 -5.10
C ILE A 165 -7.56 18.44 -4.66
N SER A 166 -6.65 18.01 -5.53
CA SER A 166 -5.23 17.99 -5.18
C SER A 166 -4.36 18.21 -6.42
N ASP A 167 -3.78 19.39 -6.51
CA ASP A 167 -2.94 19.75 -7.64
C ASP A 167 -1.46 19.66 -7.23
N GLU A 168 -0.75 18.67 -7.74
CA GLU A 168 0.66 18.49 -7.38
C GLU A 168 1.42 19.80 -7.44
N GLU A 169 1.29 20.51 -8.56
CA GLU A 169 1.96 21.80 -8.74
C GLU A 169 3.40 21.75 -8.24
N ASP A 170 4.02 20.59 -8.33
CA ASP A 170 5.41 20.44 -7.87
C ASP A 170 6.30 21.48 -8.55
N GLY A 171 5.75 22.16 -9.56
CA GLY A 171 6.50 23.19 -10.29
C GLY A 171 5.93 24.58 -10.01
N ASP A 172 6.73 25.61 -10.29
CA ASP A 172 6.30 26.99 -10.07
C ASP A 172 5.09 27.30 -10.95
N LYS A 173 5.12 26.82 -12.19
CA LYS A 173 4.02 27.06 -13.12
C LYS A 173 2.99 25.94 -13.01
N GLY A 174 3.42 24.86 -12.38
CA GLY A 174 2.54 23.71 -12.19
C GLY A 174 1.84 23.34 -13.50
N GLY A 175 2.40 23.82 -14.60
CA GLY A 175 1.83 23.54 -15.93
C GLY A 175 2.94 23.32 -16.95
N VAL A 176 4.18 23.26 -16.46
CA VAL A 176 5.32 23.06 -17.36
C VAL A 176 5.17 21.75 -18.13
N LYS A 177 4.86 20.67 -17.41
CA LYS A 177 4.69 19.36 -18.04
C LYS A 177 3.60 18.59 -17.27
N ARG A 178 3.39 17.33 -17.63
CA ARG A 178 2.39 16.52 -16.95
C ARG A 178 2.78 16.30 -15.48
N ILE A 179 3.42 17.29 -14.88
CA ILE A 179 3.86 17.19 -13.49
C ILE A 179 2.85 16.43 -12.63
N SER A 180 1.60 16.48 -13.04
CA SER A 180 0.53 15.79 -12.30
C SER A 180 0.35 14.36 -12.84
N GLY A 181 0.10 13.41 -11.94
CA GLY A 181 -0.10 12.02 -12.33
C GLY A 181 1.17 11.19 -12.16
N LEU A 182 2.32 11.83 -12.31
CA LEU A 182 3.59 11.11 -12.18
C LEU A 182 3.77 10.58 -10.76
N ILE A 183 3.47 11.43 -9.78
CA ILE A 183 3.61 11.01 -8.37
C ILE A 183 2.64 9.89 -8.05
N TYR A 184 1.40 10.03 -8.48
CA TYR A 184 0.40 9.00 -8.20
C TYR A 184 0.82 7.68 -8.84
N GLU A 185 1.50 7.76 -9.98
CA GLU A 185 1.95 6.56 -10.67
C GLU A 185 2.99 5.83 -9.82
N GLU A 186 3.94 6.58 -9.27
CA GLU A 186 4.98 5.99 -8.44
C GLU A 186 4.37 5.44 -7.15
N VAL A 187 3.32 6.11 -6.68
CA VAL A 187 2.64 5.67 -5.46
C VAL A 187 2.14 4.25 -5.67
N ARG A 188 1.54 4.02 -6.83
CA ARG A 188 1.03 2.70 -7.18
C ARG A 188 2.17 1.70 -7.24
N ALA A 189 3.32 2.14 -7.76
CA ALA A 189 4.48 1.28 -7.89
C ALA A 189 4.85 0.67 -6.53
N VAL A 190 4.92 1.50 -5.51
CA VAL A 190 5.26 1.04 -4.17
C VAL A 190 4.17 0.13 -3.61
N LEU A 191 2.91 0.41 -3.96
CA LEU A 191 1.80 -0.39 -3.49
C LEU A 191 1.96 -1.81 -4.02
N LYS A 192 2.35 -1.90 -5.28
CA LYS A 192 2.53 -3.20 -5.92
C LYS A 192 3.64 -3.99 -5.24
N SER A 193 4.81 -3.37 -5.09
CA SER A 193 5.93 -4.03 -4.44
C SER A 193 5.60 -4.33 -2.99
N PHE A 194 4.88 -3.42 -2.35
CA PHE A 194 4.52 -3.61 -0.96
C PHE A 194 3.73 -4.92 -0.81
N LEU A 195 2.62 -5.03 -1.55
CA LEU A 195 1.82 -6.25 -1.46
C LEU A 195 2.62 -7.45 -1.91
N GLU A 196 3.27 -7.32 -3.06
CA GLU A 196 4.05 -8.40 -3.62
C GLU A 196 4.92 -9.07 -2.54
N SER A 197 5.67 -8.24 -1.82
CA SER A 197 6.52 -8.74 -0.75
C SER A 197 5.69 -9.33 0.39
N VAL A 198 4.60 -8.65 0.73
CA VAL A 198 3.76 -9.07 1.84
C VAL A 198 3.02 -10.37 1.57
N ILE A 199 2.23 -10.41 0.49
CA ILE A 199 1.48 -11.62 0.20
C ILE A 199 2.40 -12.80 -0.08
N ARG A 200 3.44 -12.58 -0.87
CA ARG A 200 4.36 -13.65 -1.17
C ARG A 200 4.87 -14.24 0.14
N ASP A 201 5.22 -13.35 1.06
CA ASP A 201 5.70 -13.78 2.36
C ASP A 201 4.55 -14.29 3.20
N SER A 202 3.34 -13.78 2.96
CA SER A 202 2.19 -14.20 3.73
C SER A 202 1.85 -15.65 3.41
N VAL A 203 1.80 -15.98 2.13
CA VAL A 203 1.49 -17.34 1.75
C VAL A 203 2.57 -18.25 2.32
N THR A 204 3.82 -17.78 2.30
CA THR A 204 4.91 -18.58 2.84
C THR A 204 4.75 -18.81 4.35
N TYR A 205 4.60 -17.73 5.12
CA TYR A 205 4.45 -17.84 6.58
C TYR A 205 3.06 -18.35 6.96
N THR A 206 2.04 -17.80 6.34
CA THR A 206 0.68 -18.22 6.66
C THR A 206 0.56 -19.74 6.55
N GLU A 207 1.17 -20.30 5.50
CA GLU A 207 1.14 -21.75 5.32
C GLU A 207 1.88 -22.43 6.46
N HIS A 208 3.07 -21.93 6.78
CA HIS A 208 3.84 -22.50 7.86
C HIS A 208 3.06 -22.40 9.15
N ALA A 209 2.01 -21.59 9.13
CA ALA A 209 1.17 -21.42 10.29
C ALA A 209 -0.09 -22.26 10.12
N LYS A 210 0.05 -23.34 9.34
CA LYS A 210 -1.07 -24.24 9.08
C LYS A 210 -2.35 -23.44 8.84
N ARG A 211 -2.17 -22.24 8.32
CA ARG A 211 -3.29 -21.33 8.03
C ARG A 211 -3.19 -20.86 6.59
N LYS A 212 -4.33 -20.69 5.94
CA LYS A 212 -4.37 -20.25 4.54
C LYS A 212 -5.14 -18.95 4.40
N THR A 213 -4.69 -17.91 5.10
CA THR A 213 -5.35 -16.61 5.06
C THR A 213 -4.32 -15.48 5.17
N VAL A 214 -4.68 -14.39 5.86
CA VAL A 214 -3.77 -13.26 6.04
C VAL A 214 -3.43 -13.04 7.50
N THR A 215 -2.32 -13.60 7.95
CA THR A 215 -1.90 -13.42 9.33
C THR A 215 -1.19 -12.07 9.48
N SER A 216 -1.63 -11.27 10.44
CA SER A 216 -1.03 -9.97 10.69
C SER A 216 0.47 -10.10 10.87
N LEU A 217 0.91 -11.29 11.24
CA LEU A 217 2.34 -11.54 11.43
C LEU A 217 3.06 -11.33 10.10
N ASP A 218 2.35 -11.61 9.02
CA ASP A 218 2.92 -11.48 7.68
C ASP A 218 3.23 -10.02 7.36
N VAL A 219 2.25 -9.16 7.56
CA VAL A 219 2.44 -7.74 7.28
C VAL A 219 3.55 -7.17 8.15
N VAL A 220 3.56 -7.53 9.45
CA VAL A 220 4.58 -7.02 10.34
C VAL A 220 5.96 -7.62 10.03
N TYR A 221 6.03 -8.94 9.96
CA TYR A 221 7.29 -9.62 9.69
C TYR A 221 7.80 -9.31 8.28
N ALA A 222 6.91 -9.31 7.30
CA ALA A 222 7.32 -9.05 5.92
C ALA A 222 7.89 -7.66 5.77
N LEU A 223 7.23 -6.67 6.34
CA LEU A 223 7.71 -5.29 6.25
C LEU A 223 9.08 -5.18 6.89
N LYS A 224 9.25 -5.83 8.03
CA LYS A 224 10.53 -5.79 8.72
C LYS A 224 11.63 -6.39 7.86
N ARG A 225 11.32 -7.50 7.18
CA ARG A 225 12.30 -8.16 6.33
C ARG A 225 12.74 -7.25 5.18
N GLN A 226 11.79 -6.58 4.55
CA GLN A 226 12.13 -5.69 3.43
C GLN A 226 13.00 -4.55 3.92
N GLY A 227 12.63 -3.96 5.04
CA GLY A 227 13.39 -2.85 5.62
C GLY A 227 14.79 -3.30 6.00
N ARG A 228 14.88 -4.53 6.48
CA ARG A 228 16.16 -5.09 6.91
C ARG A 228 17.10 -5.30 5.72
N THR A 229 16.57 -5.79 4.61
CA THR A 229 17.38 -6.05 3.43
C THR A 229 17.90 -4.75 2.82
N LEU A 230 17.13 -3.68 2.90
CA LEU A 230 17.55 -2.40 2.33
C LEU A 230 18.83 -1.93 3.00
N TYR A 231 18.93 -2.12 4.30
CA TYR A 231 20.11 -1.72 5.04
C TYR A 231 21.32 -2.52 4.55
N GLY A 232 21.06 -3.74 4.07
CA GLY A 232 22.12 -4.60 3.56
C GLY A 232 22.96 -5.15 4.70
N PHE A 233 22.39 -5.20 5.89
CA PHE A 233 23.09 -5.71 7.08
C PHE A 233 22.16 -6.63 7.87
N GLY A 234 22.72 -7.33 8.85
CA GLY A 234 21.94 -8.22 9.69
C GLY A 234 22.46 -8.22 11.12
N GLY A 235 23.01 -7.08 11.54
CA GLY A 235 23.54 -6.95 12.89
C GLY A 235 24.77 -7.85 13.07
N LEU A 11 -20.91 6.00 -1.55
CA LEU A 11 -19.44 6.22 -1.48
C LEU A 11 -18.85 5.41 -0.33
N ILE A 12 -19.53 5.43 0.81
CA ILE A 12 -19.06 4.70 1.97
C ILE A 12 -19.06 3.20 1.70
N SER A 13 -20.15 2.73 1.06
CA SER A 13 -20.27 1.31 0.74
C SER A 13 -19.14 0.88 -0.20
N LYS A 14 -18.87 1.70 -1.21
CA LYS A 14 -17.81 1.39 -2.16
C LYS A 14 -16.44 1.61 -1.52
N ILE A 15 -15.50 0.74 -1.85
CA ILE A 15 -14.15 0.82 -1.30
C ILE A 15 -13.13 0.32 -2.32
N PRO A 16 -12.86 1.10 -3.34
CA PRO A 16 -11.88 0.72 -4.39
C PRO A 16 -10.57 0.21 -3.80
N PHE A 17 -10.00 0.99 -2.90
CA PHE A 17 -8.74 0.59 -2.27
C PHE A 17 -8.81 -0.84 -1.75
N ALA A 18 -9.80 -1.11 -0.90
CA ALA A 18 -9.96 -2.44 -0.34
C ALA A 18 -9.94 -3.49 -1.44
N ARG A 19 -10.64 -3.22 -2.53
CA ARG A 19 -10.70 -4.17 -3.63
C ARG A 19 -9.30 -4.42 -4.18
N LEU A 20 -8.51 -3.37 -4.31
CA LEU A 20 -7.17 -3.54 -4.85
C LEU A 20 -6.42 -4.60 -4.08
N VAL A 21 -6.38 -4.48 -2.77
CA VAL A 21 -5.67 -5.46 -1.94
C VAL A 21 -6.47 -6.75 -1.76
N LYS A 22 -7.72 -6.63 -1.34
CA LYS A 22 -8.54 -7.80 -1.12
C LYS A 22 -8.81 -8.57 -2.41
N GLU A 23 -9.18 -7.85 -3.47
CA GLU A 23 -9.47 -8.52 -4.73
C GLU A 23 -8.19 -9.14 -5.32
N VAL A 24 -7.12 -8.35 -5.41
CA VAL A 24 -5.85 -8.86 -5.96
C VAL A 24 -5.48 -10.17 -5.30
N THR A 25 -5.52 -10.20 -3.98
CA THR A 25 -5.19 -11.40 -3.27
C THR A 25 -6.14 -12.51 -3.68
N ASP A 26 -7.37 -12.13 -4.02
CA ASP A 26 -8.38 -13.10 -4.44
C ASP A 26 -8.23 -13.45 -5.93
N GLU A 27 -7.61 -12.55 -6.70
CA GLU A 27 -7.42 -12.81 -8.13
C GLU A 27 -6.45 -13.96 -8.32
N PHE A 28 -5.95 -14.48 -7.22
CA PHE A 28 -4.97 -15.56 -7.26
C PHE A 28 -5.65 -16.91 -7.47
N THR A 29 -4.87 -17.98 -7.44
CA THR A 29 -5.38 -19.33 -7.66
C THR A 29 -6.73 -19.55 -6.96
N THR A 30 -7.38 -20.66 -7.33
CA THR A 30 -8.67 -21.02 -6.76
C THR A 30 -8.60 -21.03 -5.23
N LYS A 31 -7.39 -20.97 -4.71
CA LYS A 31 -7.19 -20.98 -3.27
C LYS A 31 -7.83 -19.76 -2.61
N ASP A 32 -7.92 -18.65 -3.36
CA ASP A 32 -8.50 -17.40 -2.82
C ASP A 32 -9.59 -16.86 -3.75
N GLN A 33 -10.29 -17.74 -4.43
CA GLN A 33 -11.35 -17.30 -5.36
C GLN A 33 -12.50 -16.65 -4.60
N ASP A 34 -12.81 -17.15 -3.40
CA ASP A 34 -13.89 -16.57 -2.61
C ASP A 34 -13.54 -16.60 -1.12
N LEU A 35 -12.49 -15.85 -0.76
CA LEU A 35 -12.04 -15.79 0.63
C LEU A 35 -12.19 -14.37 1.15
N ARG A 36 -12.98 -14.22 2.22
CA ARG A 36 -13.20 -12.91 2.83
C ARG A 36 -12.59 -12.87 4.22
N TRP A 37 -11.31 -12.55 4.30
CA TRP A 37 -10.62 -12.49 5.58
C TRP A 37 -11.08 -11.24 6.34
N GLN A 38 -10.68 -11.16 7.60
CA GLN A 38 -11.07 -10.01 8.43
C GLN A 38 -10.52 -8.72 7.81
N SER A 39 -10.84 -7.61 8.45
CA SER A 39 -10.38 -6.31 7.96
C SER A 39 -8.89 -6.15 8.19
N MET A 40 -8.24 -7.22 8.65
CA MET A 40 -6.80 -7.18 8.91
C MET A 40 -6.03 -6.88 7.64
N ALA A 41 -6.32 -7.62 6.58
CA ALA A 41 -5.66 -7.41 5.31
C ALA A 41 -5.97 -6.01 4.80
N ILE A 42 -7.19 -5.57 5.09
CA ILE A 42 -7.64 -4.25 4.71
C ILE A 42 -6.87 -3.18 5.50
N MET A 43 -6.67 -3.45 6.78
CA MET A 43 -5.94 -2.50 7.61
C MET A 43 -4.53 -2.35 7.06
N ALA A 44 -4.00 -3.45 6.54
CA ALA A 44 -2.67 -3.42 5.94
C ALA A 44 -2.66 -2.43 4.78
N LEU A 45 -3.72 -2.46 3.98
CA LEU A 45 -3.80 -1.54 2.87
C LEU A 45 -3.74 -0.11 3.41
N GLN A 46 -4.51 0.14 4.43
CA GLN A 46 -4.52 1.46 5.04
C GLN A 46 -3.13 1.81 5.52
N GLU A 47 -2.30 0.81 5.71
CA GLU A 47 -0.93 1.06 6.15
C GLU A 47 -0.21 1.83 5.05
N ALA A 48 -0.36 1.33 3.83
CA ALA A 48 0.28 1.97 2.70
C ALA A 48 -0.31 3.36 2.47
N SER A 49 -1.62 3.46 2.66
CA SER A 49 -2.30 4.72 2.47
C SER A 49 -1.98 5.69 3.61
N GLU A 50 -1.91 5.17 4.82
CA GLU A 50 -1.64 5.99 5.98
C GLU A 50 -0.31 6.73 5.81
N ALA A 51 0.74 6.01 5.43
CA ALA A 51 2.04 6.66 5.24
C ALA A 51 2.01 7.65 4.10
N TYR A 52 1.53 7.21 2.95
CA TYR A 52 1.46 8.10 1.80
C TYR A 52 0.62 9.31 2.15
N LEU A 53 -0.44 9.08 2.92
CA LEU A 53 -1.32 10.17 3.32
C LEU A 53 -0.57 11.19 4.19
N VAL A 54 0.25 10.69 5.12
CA VAL A 54 1.01 11.59 5.98
C VAL A 54 1.96 12.46 5.16
N GLY A 55 2.69 11.84 4.25
CA GLY A 55 3.64 12.57 3.41
C GLY A 55 2.88 13.56 2.52
N LEU A 56 1.81 13.08 1.91
CA LEU A 56 1.00 13.93 1.05
C LEU A 56 0.41 15.07 1.86
N LEU A 57 -0.02 14.75 3.08
CA LEU A 57 -0.60 15.74 3.98
C LEU A 57 0.48 16.62 4.60
N GLU A 58 1.69 16.08 4.75
CA GLU A 58 2.78 16.83 5.35
C GLU A 58 3.17 18.00 4.46
N HIS A 59 3.23 17.76 3.15
CA HIS A 59 3.59 18.80 2.20
C HIS A 59 2.33 19.42 1.58
N THR A 60 1.22 19.28 2.31
CA THR A 60 -0.06 19.85 1.89
C THR A 60 -0.46 19.47 0.46
N ASN A 61 -0.04 18.29 0.01
CA ASN A 61 -0.40 17.84 -1.33
C ASN A 61 -1.89 17.61 -1.44
N LEU A 62 -2.46 16.95 -0.43
CA LEU A 62 -3.87 16.65 -0.41
C LEU A 62 -4.69 17.90 -0.73
N LEU A 63 -4.35 19.00 -0.07
CA LEU A 63 -5.05 20.25 -0.34
C LEU A 63 -4.82 20.67 -1.77
N ALA A 64 -3.61 20.44 -2.27
CA ALA A 64 -3.30 20.80 -3.65
C ALA A 64 -4.24 20.07 -4.60
N LEU A 65 -4.59 18.82 -4.26
CA LEU A 65 -5.48 18.04 -5.10
C LEU A 65 -6.88 18.65 -5.13
N HIS A 66 -7.34 19.09 -3.99
CA HIS A 66 -8.68 19.68 -3.86
C HIS A 66 -8.59 21.21 -3.83
N ALA A 67 -7.40 21.72 -4.09
CA ALA A 67 -7.19 23.17 -4.06
C ALA A 67 -7.94 23.89 -5.19
N LYS A 68 -7.98 23.25 -6.36
CA LYS A 68 -8.64 23.84 -7.52
C LYS A 68 -8.00 25.17 -7.90
N ARG A 69 -8.19 26.20 -7.07
CA ARG A 69 -7.61 27.52 -7.34
C ARG A 69 -7.11 28.16 -6.04
N ILE A 70 -6.24 27.45 -5.33
CA ILE A 70 -5.69 27.96 -4.07
C ILE A 70 -4.18 27.77 -4.05
N THR A 71 -3.75 26.52 -3.97
CA THR A 71 -2.33 26.20 -3.94
C THR A 71 -1.66 26.56 -5.27
N ILE A 72 -2.47 26.69 -6.31
CA ILE A 72 -1.94 27.03 -7.63
C ILE A 72 -0.90 28.14 -7.52
N MET A 73 -0.95 28.85 -6.41
CA MET A 73 -0.01 29.93 -6.14
C MET A 73 1.25 29.38 -5.48
N LYS A 74 2.37 30.03 -5.72
CA LYS A 74 3.65 29.60 -5.15
C LYS A 74 3.51 29.36 -3.65
N LYS A 75 3.05 28.16 -3.28
CA LYS A 75 2.86 27.81 -1.87
C LYS A 75 3.08 26.31 -1.66
N ASP A 76 1.98 25.59 -1.43
CA ASP A 76 2.06 24.16 -1.22
C ASP A 76 2.77 23.51 -2.40
N MET A 77 2.75 24.22 -3.53
CA MET A 77 3.40 23.74 -4.75
C MET A 77 4.89 23.58 -4.53
N GLN A 78 5.51 24.58 -3.92
CA GLN A 78 6.94 24.54 -3.64
C GLN A 78 7.25 23.51 -2.57
N LEU A 79 6.31 23.33 -1.64
CA LEU A 79 6.52 22.36 -0.56
C LEU A 79 6.70 20.95 -1.14
N ALA A 80 5.67 20.44 -1.80
CA ALA A 80 5.74 19.11 -2.38
C ALA A 80 6.89 19.01 -3.37
N ARG A 81 7.10 20.06 -4.16
CA ARG A 81 8.17 20.08 -5.14
C ARG A 81 9.54 19.94 -4.47
N ARG A 82 9.72 20.65 -3.36
CA ARG A 82 10.98 20.61 -2.63
C ARG A 82 11.37 19.18 -2.29
N ILE A 83 10.40 18.27 -2.37
CA ILE A 83 10.65 16.85 -2.06
C ILE A 83 10.18 15.94 -3.18
N ARG A 84 8.86 15.88 -3.39
CA ARG A 84 8.31 15.01 -4.44
C ARG A 84 8.73 15.48 -5.83
N GLY A 85 9.16 16.74 -5.92
CA GLY A 85 9.59 17.28 -7.21
C GLY A 85 10.92 16.67 -7.62
N GLN A 86 11.42 15.74 -6.82
CA GLN A 86 12.70 15.10 -7.11
C GLN A 86 12.63 14.32 -8.43
N PHE A 87 11.51 13.63 -8.64
CA PHE A 87 11.32 12.85 -9.86
C PHE A 87 12.62 12.14 -10.25
N LEU A 88 13.05 11.21 -9.41
CA LEU A 88 14.27 10.46 -9.67
C LEU A 88 14.03 9.39 -10.72
N VAL A 89 14.94 9.28 -11.69
CA VAL A 89 14.83 8.30 -12.76
C VAL A 89 14.55 6.90 -12.19
N PRO A 90 13.35 6.35 -12.36
CA PRO A 90 13.03 4.99 -11.84
C PRO A 90 14.05 3.96 -12.29
N ARG A 91 14.67 3.31 -11.31
CA ARG A 91 15.67 2.29 -11.59
C ARG A 91 15.73 1.28 -10.44
N GLY A 92 14.88 1.47 -9.44
CA GLY A 92 14.86 0.56 -8.30
C GLY A 92 16.24 0.54 -7.64
N SER A 93 17.08 1.49 -8.05
CA SER A 93 18.43 1.59 -7.50
C SER A 93 18.38 1.90 -6.01
N MET A 94 19.34 1.35 -5.26
CA MET A 94 19.40 1.58 -3.81
C MET A 94 20.23 2.81 -3.50
N GLU A 95 19.56 3.95 -3.33
CA GLU A 95 20.23 5.21 -3.03
C GLU A 95 19.75 5.71 -1.67
N ARG A 96 20.58 6.52 -1.01
CA ARG A 96 20.22 7.04 0.30
C ARG A 96 18.85 7.72 0.24
N HIS A 97 18.48 8.19 -0.94
CA HIS A 97 17.19 8.83 -1.12
C HIS A 97 16.04 7.83 -1.08
N LYS A 98 16.28 6.64 -1.62
CA LYS A 98 15.24 5.60 -1.65
C LYS A 98 14.84 5.20 -0.22
N LEU A 99 15.79 5.24 0.69
CA LEU A 99 15.53 4.87 2.07
C LEU A 99 14.43 5.77 2.65
N ALA A 100 14.39 7.02 2.21
CA ALA A 100 13.39 7.96 2.70
C ALA A 100 12.00 7.36 2.55
N ASP A 101 11.72 6.82 1.36
CA ASP A 101 10.45 6.19 1.11
C ASP A 101 10.33 4.95 1.98
N GLU A 102 11.47 4.30 2.21
CA GLU A 102 11.49 3.10 3.03
C GLU A 102 11.20 3.46 4.49
N ASN A 103 11.65 4.65 4.89
CA ASN A 103 11.42 5.10 6.26
C ASN A 103 9.93 5.29 6.48
N MET A 104 9.24 5.77 5.45
CA MET A 104 7.80 5.96 5.54
C MET A 104 7.09 4.61 5.63
N ARG A 105 7.68 3.60 4.98
CA ARG A 105 7.12 2.27 5.02
C ARG A 105 7.20 1.72 6.45
N LYS A 106 8.34 1.95 7.08
CA LYS A 106 8.52 1.49 8.44
C LYS A 106 7.49 2.16 9.34
N VAL A 107 7.16 3.41 9.02
CA VAL A 107 6.18 4.14 9.81
C VAL A 107 4.86 3.36 9.79
N TRP A 108 4.42 2.92 8.60
CA TRP A 108 3.18 2.17 8.53
C TRP A 108 3.34 0.83 9.24
N SER A 109 4.58 0.36 9.33
CA SER A 109 4.84 -0.93 9.96
C SER A 109 4.73 -0.82 11.47
N ASN A 110 4.94 0.39 11.99
CA ASN A 110 4.84 0.62 13.43
C ASN A 110 3.39 0.53 13.88
N ILE A 111 2.53 1.25 13.17
CA ILE A 111 1.12 1.24 13.49
C ILE A 111 0.56 -0.18 13.29
N ILE A 112 1.06 -0.89 12.30
CA ILE A 112 0.62 -2.25 12.06
C ILE A 112 0.99 -3.13 13.25
N SER A 113 2.04 -2.73 13.93
CA SER A 113 2.49 -3.47 15.11
C SER A 113 1.44 -3.32 16.20
N LYS A 114 0.93 -2.10 16.32
CA LYS A 114 -0.11 -1.81 17.31
C LYS A 114 -1.43 -2.45 16.91
N TYR A 115 -1.70 -2.46 15.61
CA TYR A 115 -2.94 -3.02 15.09
C TYR A 115 -2.85 -4.54 15.08
N GLU A 116 -1.67 -5.05 15.40
CA GLU A 116 -1.46 -6.49 15.42
C GLU A 116 -2.49 -7.18 16.32
N SER A 117 -3.33 -6.38 16.97
CA SER A 117 -4.38 -6.88 17.86
C SER A 117 -5.76 -6.52 17.33
N ILE A 118 -5.84 -6.18 16.06
CA ILE A 118 -7.12 -5.82 15.44
C ILE A 118 -8.23 -6.72 15.92
N GLU A 119 -9.34 -6.10 16.31
CA GLU A 119 -10.50 -6.84 16.77
C GLU A 119 -11.30 -7.37 15.59
N GLU A 120 -11.12 -8.65 15.29
CA GLU A 120 -11.81 -9.29 14.16
C GLU A 120 -13.24 -8.79 14.03
N GLN A 121 -13.45 -7.78 13.19
CA GLN A 121 -14.81 -7.23 12.96
C GLN A 121 -15.25 -7.48 11.52
N GLY A 122 -15.39 -8.76 11.17
CA GLY A 122 -15.83 -9.13 9.83
C GLY A 122 -16.06 -10.63 9.74
N ASP A 123 -15.99 -11.17 8.53
CA ASP A 123 -16.19 -12.60 8.32
C ASP A 123 -15.30 -13.39 9.28
N LEU A 124 -15.37 -14.72 9.21
CA LEU A 124 -14.56 -15.55 10.10
C LEU A 124 -13.86 -16.67 9.34
N VAL A 125 -12.53 -16.55 9.22
CA VAL A 125 -11.72 -17.55 8.54
C VAL A 125 -10.53 -17.93 9.44
N ASP A 126 -9.75 -18.92 9.02
CA ASP A 126 -8.61 -19.38 9.83
C ASP A 126 -7.52 -18.30 9.91
N LEU A 127 -7.86 -17.18 10.55
CA LEU A 127 -6.91 -16.08 10.71
C LEU A 127 -5.90 -16.35 11.82
N LYS A 128 -6.40 -16.66 13.01
CA LYS A 128 -5.53 -16.92 14.16
C LYS A 128 -5.98 -18.19 14.89
N THR A 129 -7.29 -18.38 14.93
CA THR A 129 -7.86 -19.56 15.60
C THR A 129 -7.47 -20.83 14.85
N GLY A 130 -7.55 -20.78 13.53
CA GLY A 130 -7.20 -21.94 12.70
C GLY A 130 -8.27 -23.02 12.77
N GLU A 131 -9.50 -22.63 13.14
CA GLU A 131 -10.60 -23.58 13.25
C GLU A 131 -11.73 -23.22 12.27
N ILE A 132 -11.45 -22.31 11.34
CA ILE A 132 -12.46 -21.89 10.35
C ILE A 132 -11.83 -21.78 8.96
N VAL A 133 -12.61 -22.09 7.94
CA VAL A 133 -12.11 -22.03 6.55
C VAL A 133 -13.20 -21.54 5.62
N GLU A 134 -12.83 -20.64 4.71
CA GLU A 134 -13.78 -20.10 3.74
C GLU A 134 -13.09 -19.96 2.38
N ASP A 135 -12.79 -21.11 1.76
CA ASP A 135 -12.14 -21.12 0.46
C ASP A 135 -12.54 -22.38 -0.31
N ASN A 136 -12.09 -22.47 -1.56
CA ASN A 136 -12.40 -23.62 -2.41
C ASN A 136 -11.14 -24.42 -2.74
N GLY A 137 -10.05 -24.10 -2.04
CA GLY A 137 -8.78 -24.80 -2.27
C GLY A 137 -8.71 -26.09 -1.45
N HIS A 138 -7.79 -26.97 -1.82
CA HIS A 138 -7.63 -28.24 -1.13
C HIS A 138 -6.22 -28.78 -1.29
N ILE A 139 -5.38 -28.03 -2.02
CA ILE A 139 -3.99 -28.43 -2.26
C ILE A 139 -3.04 -27.41 -1.65
N LYS A 140 -2.08 -27.89 -0.87
CA LYS A 140 -1.11 -27.02 -0.22
C LYS A 140 -0.01 -26.61 -1.21
N THR A 141 -0.06 -25.35 -1.65
CA THR A 141 0.94 -24.85 -2.59
C THR A 141 0.99 -23.32 -2.55
N LEU A 142 2.16 -22.76 -2.81
CA LEU A 142 2.34 -21.31 -2.82
C LEU A 142 1.76 -20.73 -4.10
N THR A 143 1.23 -19.52 -4.00
CA THR A 143 0.66 -18.83 -5.16
C THR A 143 1.57 -17.70 -5.58
N ALA A 144 1.63 -16.65 -4.76
CA ALA A 144 2.49 -15.50 -5.05
C ALA A 144 2.29 -15.09 -6.50
N ASN A 145 1.10 -15.34 -7.01
CA ASN A 145 0.78 -15.02 -8.40
C ASN A 145 1.35 -13.66 -8.80
N ASN A 146 1.66 -12.82 -7.79
CA ASN A 146 2.21 -11.48 -8.01
C ASN A 146 1.12 -10.42 -8.05
N SER A 147 0.99 -9.70 -6.95
CA SER A 147 -0.02 -8.64 -6.86
C SER A 147 0.29 -7.53 -7.85
N THR A 148 1.53 -7.51 -8.36
CA THR A 148 1.93 -6.50 -9.33
C THR A 148 0.92 -6.49 -10.47
N LYS A 149 0.11 -7.54 -10.51
CA LYS A 149 -0.91 -7.68 -11.52
C LYS A 149 -2.11 -6.81 -11.14
N ASP A 150 -1.91 -5.94 -10.16
CA ASP A 150 -2.98 -5.06 -9.69
C ASP A 150 -3.41 -4.09 -10.78
N LYS A 151 -4.10 -4.60 -11.79
CA LYS A 151 -4.57 -3.75 -12.88
C LYS A 151 -5.78 -4.40 -13.57
N ARG A 152 -6.67 -5.00 -12.79
CA ARG A 152 -7.87 -5.65 -13.34
C ARG A 152 -9.10 -5.35 -12.50
N THR A 153 -9.16 -4.16 -11.91
CA THR A 153 -10.29 -3.75 -11.09
C THR A 153 -10.78 -2.36 -11.51
N LYS A 154 -10.79 -1.43 -10.56
CA LYS A 154 -11.24 -0.06 -10.83
C LYS A 154 -10.10 0.92 -10.57
N TYR A 155 -8.89 0.38 -10.48
CA TYR A 155 -7.71 1.18 -10.22
C TYR A 155 -7.56 2.33 -11.20
N THR A 156 -7.46 2.04 -12.48
CA THR A 156 -7.30 3.10 -13.46
C THR A 156 -8.42 4.12 -13.36
N SER A 157 -9.64 3.65 -13.19
CA SER A 157 -10.79 4.52 -13.12
C SER A 157 -10.71 5.50 -11.94
N VAL A 158 -10.44 4.97 -10.75
CA VAL A 158 -10.36 5.83 -9.55
C VAL A 158 -9.07 6.62 -9.49
N LEU A 159 -7.94 5.95 -9.75
CA LEU A 159 -6.66 6.61 -9.70
C LEU A 159 -6.64 7.78 -10.68
N ARG A 160 -7.19 7.57 -11.87
CA ARG A 160 -7.25 8.64 -12.86
C ARG A 160 -8.22 9.73 -12.42
N ASP A 161 -9.30 9.34 -11.75
CA ASP A 161 -10.31 10.29 -11.30
C ASP A 161 -9.72 11.25 -10.26
N ILE A 162 -8.61 10.86 -9.63
CA ILE A 162 -8.01 11.73 -8.63
C ILE A 162 -7.52 13.04 -9.27
N ILE A 163 -6.85 12.91 -10.40
CA ILE A 163 -6.31 14.07 -11.09
C ILE A 163 -7.39 14.82 -11.88
N ASP A 164 -8.64 14.69 -11.45
CA ASP A 164 -9.74 15.36 -12.13
C ASP A 164 -9.80 16.83 -11.73
N ILE A 165 -9.57 17.10 -10.44
CA ILE A 165 -9.62 18.47 -9.92
C ILE A 165 -8.32 18.81 -9.19
N SER A 166 -7.26 18.05 -9.46
CA SER A 166 -5.99 18.29 -8.77
C SER A 166 -5.29 19.53 -9.29
N ASP A 167 -4.57 20.20 -8.40
CA ASP A 167 -3.84 21.39 -8.76
C ASP A 167 -2.62 21.03 -9.60
N GLU A 168 -1.92 22.04 -10.10
CA GLU A 168 -0.74 21.80 -10.92
C GLU A 168 0.36 21.14 -10.08
N GLU A 169 0.21 21.23 -8.75
CA GLU A 169 1.17 20.64 -7.82
C GLU A 169 2.58 21.18 -8.05
N ASP A 170 3.55 20.27 -8.22
CA ASP A 170 4.93 20.69 -8.43
C ASP A 170 5.14 21.20 -9.84
N GLY A 171 4.57 22.37 -10.11
CA GLY A 171 4.69 22.98 -11.43
C GLY A 171 4.47 24.49 -11.36
N ASP A 172 5.49 25.21 -10.91
CA ASP A 172 5.41 26.68 -10.80
C ASP A 172 5.96 27.31 -12.07
N LYS A 173 6.23 26.49 -13.08
CA LYS A 173 6.77 26.97 -14.34
C LYS A 173 5.82 27.95 -15.01
N GLY A 174 4.54 27.61 -15.02
CA GLY A 174 3.52 28.47 -15.63
C GLY A 174 3.38 28.13 -17.11
N GLY A 175 4.28 27.27 -17.59
CA GLY A 175 4.25 26.83 -18.99
C GLY A 175 3.63 25.44 -19.07
N VAL A 176 3.53 24.79 -17.91
CA VAL A 176 2.95 23.46 -17.84
C VAL A 176 3.71 22.47 -18.72
N LYS A 177 4.60 21.69 -18.12
CA LYS A 177 5.38 20.70 -18.85
C LYS A 177 5.56 19.43 -18.02
N ARG A 178 6.50 19.48 -17.08
CA ARG A 178 6.78 18.34 -16.22
C ARG A 178 5.94 18.40 -14.95
N ILE A 179 4.63 18.47 -15.13
CA ILE A 179 3.70 18.53 -14.01
C ILE A 179 3.70 17.20 -13.26
N SER A 180 3.05 17.19 -12.10
CA SER A 180 2.97 15.97 -11.30
C SER A 180 2.26 14.88 -12.08
N GLY A 181 1.30 14.22 -11.45
CA GLY A 181 0.57 13.13 -12.10
C GLY A 181 1.44 11.87 -12.11
N LEU A 182 2.74 12.07 -12.01
CA LEU A 182 3.70 10.97 -12.01
C LEU A 182 3.73 10.29 -10.64
N ILE A 183 3.37 11.05 -9.60
CA ILE A 183 3.39 10.53 -8.24
C ILE A 183 2.40 9.38 -8.07
N TYR A 184 1.20 9.53 -8.60
CA TYR A 184 0.19 8.48 -8.49
C TYR A 184 0.72 7.18 -9.10
N GLU A 185 1.52 7.30 -10.16
CA GLU A 185 2.09 6.14 -10.81
C GLU A 185 3.14 5.49 -9.92
N GLU A 186 3.99 6.32 -9.32
CA GLU A 186 5.05 5.83 -8.44
C GLU A 186 4.44 5.22 -7.18
N VAL A 187 3.37 5.84 -6.69
CA VAL A 187 2.70 5.35 -5.51
C VAL A 187 2.19 3.93 -5.77
N ARG A 188 1.63 3.74 -6.96
CA ARG A 188 1.12 2.44 -7.36
C ARG A 188 2.23 1.39 -7.34
N ALA A 189 3.39 1.77 -7.85
CA ALA A 189 4.54 0.87 -7.90
C ALA A 189 4.88 0.36 -6.50
N VAL A 190 4.93 1.27 -5.53
CA VAL A 190 5.24 0.89 -4.16
C VAL A 190 4.12 0.04 -3.57
N LEU A 191 2.88 0.35 -3.93
CA LEU A 191 1.74 -0.40 -3.43
C LEU A 191 1.83 -1.84 -3.91
N LYS A 192 2.20 -1.99 -5.18
CA LYS A 192 2.32 -3.32 -5.79
C LYS A 192 3.43 -4.14 -5.13
N SER A 193 4.61 -3.54 -5.03
CA SER A 193 5.74 -4.24 -4.42
C SER A 193 5.46 -4.56 -2.95
N PHE A 194 4.80 -3.62 -2.27
CA PHE A 194 4.48 -3.84 -0.87
C PHE A 194 3.63 -5.11 -0.74
N LEU A 195 2.56 -5.18 -1.53
CA LEU A 195 1.67 -6.33 -1.51
C LEU A 195 2.40 -7.59 -1.96
N GLU A 196 3.06 -7.50 -3.10
CA GLU A 196 3.77 -8.64 -3.64
C GLU A 196 4.60 -9.32 -2.56
N SER A 197 5.31 -8.51 -1.79
CA SER A 197 6.13 -9.03 -0.70
C SER A 197 5.25 -9.59 0.42
N VAL A 198 4.14 -8.89 0.71
CA VAL A 198 3.26 -9.32 1.79
C VAL A 198 2.53 -10.62 1.47
N ILE A 199 1.88 -10.68 0.31
CA ILE A 199 1.14 -11.89 -0.05
C ILE A 199 2.08 -13.10 -0.10
N ARG A 200 3.24 -12.91 -0.72
CA ARG A 200 4.20 -14.00 -0.81
C ARG A 200 4.59 -14.43 0.59
N ASP A 201 4.84 -13.44 1.44
CA ASP A 201 5.21 -13.70 2.82
C ASP A 201 4.01 -14.16 3.62
N SER A 202 2.82 -13.73 3.22
CA SER A 202 1.60 -14.10 3.91
C SER A 202 1.31 -15.56 3.71
N VAL A 203 1.34 -16.00 2.45
CA VAL A 203 1.07 -17.39 2.12
C VAL A 203 2.10 -18.30 2.78
N THR A 204 3.36 -17.88 2.71
CA THR A 204 4.45 -18.68 3.29
C THR A 204 4.28 -18.87 4.80
N TYR A 205 4.12 -17.76 5.51
CA TYR A 205 3.95 -17.81 6.96
C TYR A 205 2.63 -18.49 7.36
N THR A 206 1.59 -18.25 6.57
CA THR A 206 0.30 -18.87 6.88
C THR A 206 0.46 -20.37 6.93
N GLU A 207 1.16 -20.91 5.94
CA GLU A 207 1.38 -22.33 5.90
C GLU A 207 2.12 -22.79 7.14
N HIS A 208 3.10 -22.00 7.56
CA HIS A 208 3.86 -22.33 8.76
C HIS A 208 3.06 -21.97 10.00
N ALA A 209 2.01 -21.18 9.81
CA ALA A 209 1.14 -20.79 10.92
C ALA A 209 -0.10 -21.66 10.92
N LYS A 210 0.05 -22.88 10.42
CA LYS A 210 -1.06 -23.83 10.35
C LYS A 210 -2.35 -23.13 9.96
N ARG A 211 -2.23 -22.13 9.10
CA ARG A 211 -3.38 -21.34 8.64
C ARG A 211 -3.22 -21.04 7.16
N LYS A 212 -4.33 -20.70 6.49
CA LYS A 212 -4.30 -20.38 5.07
C LYS A 212 -5.11 -19.12 4.79
N THR A 213 -4.73 -18.01 5.43
CA THR A 213 -5.45 -16.75 5.26
C THR A 213 -4.47 -15.56 5.31
N VAL A 214 -4.74 -14.59 6.17
CA VAL A 214 -3.87 -13.42 6.32
C VAL A 214 -3.57 -13.15 7.79
N THR A 215 -2.43 -13.64 8.27
CA THR A 215 -2.06 -13.43 9.67
C THR A 215 -1.30 -12.10 9.80
N SER A 216 -1.77 -11.21 10.68
CA SER A 216 -1.13 -9.92 10.89
C SER A 216 0.37 -10.10 11.09
N LEU A 217 0.77 -11.29 11.51
CA LEU A 217 2.17 -11.57 11.75
C LEU A 217 2.98 -11.41 10.47
N ASP A 218 2.33 -11.64 9.32
CA ASP A 218 3.05 -11.53 8.04
C ASP A 218 3.35 -10.08 7.70
N VAL A 219 2.36 -9.21 7.83
CA VAL A 219 2.57 -7.80 7.51
C VAL A 219 3.62 -7.23 8.45
N VAL A 220 3.59 -7.64 9.72
CA VAL A 220 4.56 -7.14 10.69
C VAL A 220 5.96 -7.67 10.39
N TYR A 221 6.10 -8.99 10.31
CA TYR A 221 7.40 -9.59 10.05
C TYR A 221 7.88 -9.29 8.63
N ALA A 222 6.97 -9.36 7.66
CA ALA A 222 7.37 -9.11 6.29
C ALA A 222 7.99 -7.73 6.15
N LEU A 223 7.28 -6.70 6.61
CA LEU A 223 7.79 -5.35 6.52
C LEU A 223 9.14 -5.22 7.21
N LYS A 224 9.30 -5.89 8.34
CA LYS A 224 10.57 -5.82 9.07
C LYS A 224 11.75 -6.27 8.21
N ARG A 225 11.61 -7.40 7.51
CA ARG A 225 12.71 -7.89 6.68
C ARG A 225 12.84 -7.09 5.39
N GLN A 226 11.75 -6.49 4.93
CA GLN A 226 11.82 -5.70 3.71
C GLN A 226 12.75 -4.51 3.90
N GLY A 227 12.49 -3.71 4.93
CA GLY A 227 13.32 -2.54 5.22
C GLY A 227 14.75 -2.96 5.50
N ARG A 228 14.90 -4.14 6.07
CA ARG A 228 16.22 -4.66 6.40
C ARG A 228 17.05 -4.94 5.14
N THR A 229 16.41 -5.50 4.12
CA THR A 229 17.09 -5.84 2.87
C THR A 229 17.40 -4.59 2.05
N LEU A 230 16.64 -3.53 2.28
CA LEU A 230 16.83 -2.29 1.53
C LEU A 230 18.23 -1.72 1.79
N TYR A 231 18.69 -1.81 3.03
CA TYR A 231 20.01 -1.29 3.36
C TYR A 231 21.08 -2.08 2.62
N GLY A 232 20.74 -3.31 2.23
CA GLY A 232 21.67 -4.16 1.49
C GLY A 232 22.45 -5.09 2.42
N PHE A 233 22.34 -4.84 3.72
CA PHE A 233 23.04 -5.65 4.71
C PHE A 233 22.11 -6.00 5.87
N GLY A 234 22.51 -6.95 6.70
CA GLY A 234 21.70 -7.35 7.85
C GLY A 234 22.59 -7.74 9.02
N GLY A 235 23.75 -7.09 9.12
CA GLY A 235 24.68 -7.39 10.20
C GLY A 235 25.26 -8.80 10.05
N LEU A 11 -22.11 -7.02 8.16
CA LEU A 11 -22.96 -5.87 8.58
C LEU A 11 -22.51 -4.61 7.84
N ILE A 12 -21.20 -4.48 7.64
CA ILE A 12 -20.64 -3.32 6.94
C ILE A 12 -20.20 -3.71 5.53
N SER A 13 -20.65 -2.94 4.56
CA SER A 13 -20.30 -3.21 3.16
C SER A 13 -18.82 -2.92 2.91
N LYS A 14 -18.25 -3.58 1.92
CA LYS A 14 -16.84 -3.39 1.60
C LYS A 14 -16.60 -1.99 1.07
N ILE A 15 -15.49 -1.38 1.48
CA ILE A 15 -15.16 -0.03 1.04
C ILE A 15 -14.30 -0.08 -0.24
N PRO A 16 -14.36 0.93 -1.08
CA PRO A 16 -13.55 0.95 -2.34
C PRO A 16 -12.10 0.52 -2.10
N PHE A 17 -11.47 1.10 -1.09
CA PHE A 17 -10.08 0.78 -0.77
C PHE A 17 -9.89 -0.72 -0.51
N ALA A 18 -10.73 -1.25 0.35
CA ALA A 18 -10.67 -2.67 0.70
C ALA A 18 -10.67 -3.51 -0.57
N ARG A 19 -11.53 -3.15 -1.51
CA ARG A 19 -11.63 -3.87 -2.77
C ARG A 19 -10.31 -3.85 -3.52
N LEU A 20 -9.61 -2.72 -3.50
CA LEU A 20 -8.36 -2.61 -4.21
C LEU A 20 -7.40 -3.72 -3.78
N VAL A 21 -7.09 -3.77 -2.49
CA VAL A 21 -6.17 -4.79 -1.98
C VAL A 21 -6.85 -6.15 -1.87
N LYS A 22 -8.07 -6.17 -1.35
CA LYS A 22 -8.77 -7.43 -1.17
C LYS A 22 -8.97 -8.14 -2.49
N GLU A 23 -9.45 -7.40 -3.49
CA GLU A 23 -9.67 -7.99 -4.80
C GLU A 23 -8.35 -8.43 -5.41
N VAL A 24 -7.32 -7.61 -5.24
CA VAL A 24 -6.00 -7.92 -5.76
C VAL A 24 -5.49 -9.22 -5.15
N THR A 25 -5.65 -9.35 -3.84
CA THR A 25 -5.22 -10.54 -3.14
C THR A 25 -6.06 -11.73 -3.60
N ASP A 26 -7.31 -11.46 -3.97
CA ASP A 26 -8.21 -12.52 -4.41
C ASP A 26 -7.89 -12.99 -5.83
N GLU A 27 -7.01 -12.27 -6.52
CA GLU A 27 -6.63 -12.65 -7.88
C GLU A 27 -5.73 -13.87 -7.86
N PHE A 28 -5.30 -14.26 -6.67
CA PHE A 28 -4.42 -15.41 -6.51
C PHE A 28 -5.23 -16.71 -6.58
N THR A 29 -5.12 -17.42 -7.71
CA THR A 29 -5.86 -18.65 -7.91
C THR A 29 -7.34 -18.44 -7.69
N THR A 30 -8.16 -19.40 -8.13
CA THR A 30 -9.60 -19.29 -7.97
C THR A 30 -10.01 -19.60 -6.53
N LYS A 31 -9.22 -20.42 -5.84
CA LYS A 31 -9.53 -20.79 -4.47
C LYS A 31 -10.02 -19.59 -3.65
N ASP A 32 -9.43 -18.42 -3.90
CA ASP A 32 -9.82 -17.22 -3.18
C ASP A 32 -10.93 -16.46 -3.92
N GLN A 33 -11.77 -17.19 -4.65
CA GLN A 33 -12.85 -16.56 -5.39
C GLN A 33 -13.90 -15.96 -4.45
N ASP A 34 -13.90 -16.42 -3.20
CA ASP A 34 -14.87 -15.94 -2.22
C ASP A 34 -14.32 -16.11 -0.81
N LEU A 35 -13.19 -15.47 -0.53
CA LEU A 35 -12.56 -15.54 0.79
C LEU A 35 -12.72 -14.20 1.50
N ARG A 36 -13.38 -14.23 2.66
CA ARG A 36 -13.61 -13.02 3.44
C ARG A 36 -12.83 -13.07 4.75
N TRP A 37 -11.58 -12.62 4.71
CA TRP A 37 -10.75 -12.61 5.91
C TRP A 37 -11.09 -11.38 6.75
N GLN A 38 -10.68 -11.40 8.01
CA GLN A 38 -10.96 -10.28 8.91
C GLN A 38 -10.40 -8.98 8.30
N SER A 39 -10.86 -7.86 8.84
CA SER A 39 -10.41 -6.56 8.36
C SER A 39 -8.91 -6.36 8.57
N MET A 40 -8.21 -7.43 8.94
CA MET A 40 -6.77 -7.35 9.18
C MET A 40 -6.05 -6.91 7.89
N ALA A 41 -6.32 -7.63 6.80
CA ALA A 41 -5.70 -7.30 5.52
C ALA A 41 -6.12 -5.90 5.07
N ILE A 42 -7.33 -5.51 5.44
CA ILE A 42 -7.86 -4.21 5.08
C ILE A 42 -7.04 -3.12 5.77
N MET A 43 -6.71 -3.35 7.03
CA MET A 43 -5.92 -2.39 7.78
C MET A 43 -4.55 -2.26 7.12
N ALA A 44 -4.06 -3.37 6.59
CA ALA A 44 -2.78 -3.36 5.92
C ALA A 44 -2.82 -2.34 4.78
N LEU A 45 -3.91 -2.34 4.05
CA LEU A 45 -4.06 -1.39 2.97
C LEU A 45 -3.98 0.03 3.52
N GLN A 46 -4.71 0.26 4.62
CA GLN A 46 -4.70 1.56 5.25
C GLN A 46 -3.30 1.92 5.72
N GLU A 47 -2.46 0.91 5.87
CA GLU A 47 -1.09 1.14 6.28
C GLU A 47 -0.37 1.92 5.20
N ALA A 48 -0.52 1.43 3.97
CA ALA A 48 0.12 2.07 2.83
C ALA A 48 -0.49 3.45 2.60
N SER A 49 -1.79 3.56 2.86
CA SER A 49 -2.49 4.82 2.66
C SER A 49 -2.11 5.82 3.75
N GLU A 50 -2.02 5.33 4.98
CA GLU A 50 -1.67 6.19 6.10
C GLU A 50 -0.34 6.88 5.87
N ALA A 51 0.67 6.10 5.47
CA ALA A 51 1.98 6.68 5.22
C ALA A 51 1.95 7.67 4.07
N TYR A 52 1.40 7.24 2.93
CA TYR A 52 1.33 8.10 1.77
C TYR A 52 0.51 9.35 2.10
N LEU A 53 -0.48 9.19 2.96
CA LEU A 53 -1.30 10.31 3.35
C LEU A 53 -0.44 11.37 4.04
N VAL A 54 0.47 10.91 4.89
CA VAL A 54 1.37 11.83 5.59
C VAL A 54 2.30 12.51 4.59
N GLY A 55 2.83 11.73 3.66
CA GLY A 55 3.74 12.28 2.65
C GLY A 55 3.00 13.29 1.79
N LEU A 56 1.81 12.93 1.33
CA LEU A 56 1.01 13.82 0.51
C LEU A 56 0.65 15.06 1.31
N LEU A 57 0.34 14.86 2.58
CA LEU A 57 -0.01 15.95 3.47
C LEU A 57 1.21 16.79 3.81
N GLU A 58 2.35 16.13 3.94
CA GLU A 58 3.61 16.82 4.27
C GLU A 58 3.94 17.83 3.18
N HIS A 59 3.63 17.47 1.94
CA HIS A 59 3.91 18.33 0.81
C HIS A 59 2.94 19.52 0.78
N THR A 60 2.09 19.60 1.81
CA THR A 60 1.13 20.69 1.95
C THR A 60 0.15 20.78 0.78
N ASN A 61 -0.15 19.66 0.13
CA ASN A 61 -1.10 19.66 -0.97
C ASN A 61 -2.49 20.02 -0.47
N LEU A 62 -2.81 19.49 0.70
CA LEU A 62 -4.11 19.75 1.29
C LEU A 62 -4.31 21.25 1.45
N LEU A 63 -3.25 21.94 1.85
CA LEU A 63 -3.30 23.38 2.01
C LEU A 63 -3.57 24.03 0.64
N ALA A 64 -2.97 23.45 -0.40
CA ALA A 64 -3.17 23.96 -1.74
C ALA A 64 -4.66 24.11 -2.03
N LEU A 65 -5.42 23.07 -1.70
CA LEU A 65 -6.86 23.11 -1.89
C LEU A 65 -7.47 24.19 -1.00
N HIS A 66 -7.24 24.04 0.30
CA HIS A 66 -7.76 24.99 1.28
C HIS A 66 -6.97 26.29 1.23
N ALA A 67 -6.23 26.47 0.13
CA ALA A 67 -5.41 27.67 -0.07
C ALA A 67 -6.17 28.94 0.33
N LYS A 68 -7.47 28.82 0.59
CA LYS A 68 -8.29 29.97 0.98
C LYS A 68 -7.48 30.92 1.87
N ARG A 69 -6.76 30.36 2.83
CA ARG A 69 -5.94 31.16 3.73
C ARG A 69 -4.69 31.65 3.01
N ILE A 70 -4.04 30.74 2.30
CA ILE A 70 -2.82 31.07 1.55
C ILE A 70 -3.19 31.38 0.10
N THR A 71 -3.06 32.66 -0.28
CA THR A 71 -3.39 33.09 -1.63
C THR A 71 -2.62 32.29 -2.67
N ILE A 72 -2.95 31.00 -2.79
CA ILE A 72 -2.29 30.10 -3.74
C ILE A 72 -1.11 30.79 -4.42
N MET A 73 0.06 30.66 -3.82
CA MET A 73 1.25 31.31 -4.36
C MET A 73 2.46 30.41 -4.21
N LYS A 74 3.55 30.77 -4.87
CA LYS A 74 4.79 29.99 -4.82
C LYS A 74 5.10 29.56 -3.39
N LYS A 75 4.42 28.51 -2.94
CA LYS A 75 4.58 28.00 -1.58
C LYS A 75 4.33 26.49 -1.56
N ASP A 76 3.19 26.09 -0.99
CA ASP A 76 2.83 24.68 -0.94
C ASP A 76 2.93 24.07 -2.33
N MET A 77 2.80 24.93 -3.33
CA MET A 77 2.89 24.50 -4.72
C MET A 77 4.28 23.95 -5.03
N GLN A 78 5.30 24.70 -4.64
CA GLN A 78 6.67 24.27 -4.87
C GLN A 78 6.99 23.03 -4.05
N LEU A 79 6.33 22.87 -2.91
CA LEU A 79 6.57 21.71 -2.06
C LEU A 79 6.19 20.44 -2.81
N ALA A 80 4.97 20.39 -3.35
CA ALA A 80 4.54 19.22 -4.09
C ALA A 80 5.40 19.06 -5.33
N ARG A 81 6.04 20.16 -5.75
CA ARG A 81 6.91 20.14 -6.92
C ARG A 81 8.32 19.73 -6.54
N ARG A 82 8.67 19.94 -5.27
CA ARG A 82 10.00 19.59 -4.79
C ARG A 82 10.33 18.15 -5.16
N ILE A 83 9.27 17.35 -5.30
CA ILE A 83 9.43 15.94 -5.68
C ILE A 83 9.85 15.82 -7.14
N ARG A 84 9.67 16.90 -7.89
CA ARG A 84 10.03 16.90 -9.31
C ARG A 84 9.31 15.76 -10.03
N GLY A 85 8.21 15.30 -9.46
CA GLY A 85 7.43 14.22 -10.06
C GLY A 85 7.92 12.85 -9.60
N GLN A 86 9.22 12.76 -9.28
CA GLN A 86 9.82 11.50 -8.83
C GLN A 86 10.51 11.68 -7.48
N PHE A 87 10.27 10.76 -6.56
CA PHE A 87 10.88 10.84 -5.23
C PHE A 87 12.38 10.58 -5.31
N LEU A 88 12.90 10.55 -6.54
CA LEU A 88 14.34 10.32 -6.75
C LEU A 88 15.08 11.65 -6.80
N VAL A 89 16.32 11.65 -6.31
CA VAL A 89 17.16 12.86 -6.28
C VAL A 89 18.25 12.76 -7.35
N PRO A 90 18.75 13.88 -7.83
CA PRO A 90 19.83 13.89 -8.86
C PRO A 90 21.15 13.40 -8.28
N ARG A 91 21.67 12.31 -8.84
CA ARG A 91 22.93 11.74 -8.37
C ARG A 91 23.30 10.52 -9.20
N GLY A 92 22.30 9.88 -9.78
CA GLY A 92 22.50 8.67 -10.57
C GLY A 92 22.09 7.45 -9.74
N SER A 93 22.04 7.65 -8.43
CA SER A 93 21.64 6.61 -7.52
C SER A 93 21.16 7.22 -6.19
N MET A 94 20.28 6.51 -5.50
CA MET A 94 19.75 6.98 -4.22
C MET A 94 19.63 5.84 -3.23
N GLU A 95 20.45 5.89 -2.18
CA GLU A 95 20.44 4.85 -1.15
C GLU A 95 20.48 5.48 0.24
N ARG A 96 21.20 6.58 0.36
CA ARG A 96 21.30 7.27 1.65
C ARG A 96 19.99 7.98 1.98
N HIS A 97 19.40 8.63 0.96
CA HIS A 97 18.15 9.36 1.15
C HIS A 97 16.95 8.43 0.95
N LYS A 98 17.21 7.26 0.37
CA LYS A 98 16.14 6.30 0.13
C LYS A 98 15.52 5.86 1.45
N LEU A 99 16.33 5.84 2.50
CA LEU A 99 15.85 5.43 3.81
C LEU A 99 14.68 6.31 4.24
N ALA A 100 14.63 7.53 3.73
CA ALA A 100 13.53 8.42 4.07
C ALA A 100 12.21 7.75 3.72
N ASP A 101 12.16 7.19 2.52
CA ASP A 101 10.98 6.49 2.08
C ASP A 101 10.80 5.25 2.95
N GLU A 102 11.91 4.67 3.38
CA GLU A 102 11.87 3.49 4.23
C GLU A 102 11.28 3.85 5.59
N ASN A 103 11.55 5.08 6.05
CA ASN A 103 11.03 5.52 7.33
C ASN A 103 9.50 5.60 7.27
N MET A 104 8.99 6.01 6.11
CA MET A 104 7.54 6.09 5.93
C MET A 104 6.93 4.69 5.94
N ARG A 105 7.62 3.74 5.33
CA ARG A 105 7.14 2.37 5.28
C ARG A 105 7.15 1.79 6.69
N LYS A 106 8.18 2.12 7.45
CA LYS A 106 8.27 1.64 8.82
C LYS A 106 7.17 2.28 9.65
N VAL A 107 6.84 3.53 9.34
CA VAL A 107 5.80 4.23 10.09
C VAL A 107 4.52 3.41 10.05
N TRP A 108 4.13 2.98 8.86
CA TRP A 108 2.93 2.17 8.77
C TRP A 108 3.17 0.83 9.46
N SER A 109 4.43 0.41 9.53
CA SER A 109 4.75 -0.88 10.15
C SER A 109 4.64 -0.80 11.67
N ASN A 110 4.81 0.39 12.21
CA ASN A 110 4.72 0.57 13.65
C ASN A 110 3.28 0.37 14.10
N ILE A 111 2.37 1.05 13.42
CA ILE A 111 0.96 0.94 13.73
C ILE A 111 0.50 -0.51 13.54
N ILE A 112 1.04 -1.17 12.52
CA ILE A 112 0.69 -2.55 12.23
C ILE A 112 1.17 -3.44 13.37
N SER A 113 2.21 -2.99 14.04
CA SER A 113 2.73 -3.75 15.17
C SER A 113 1.79 -3.64 16.36
N LYS A 114 1.14 -2.49 16.50
CA LYS A 114 0.23 -2.25 17.61
C LYS A 114 -1.11 -2.95 17.40
N TYR A 115 -1.69 -2.80 16.22
CA TYR A 115 -2.99 -3.41 15.93
C TYR A 115 -2.84 -4.92 15.74
N GLU A 116 -1.59 -5.39 15.66
CA GLU A 116 -1.32 -6.81 15.46
C GLU A 116 -2.21 -7.69 16.37
N SER A 117 -2.97 -7.04 17.23
CA SER A 117 -3.88 -7.73 18.14
C SER A 117 -5.34 -7.59 17.67
N ILE A 118 -5.54 -7.24 16.41
CA ILE A 118 -6.89 -7.07 15.85
C ILE A 118 -7.86 -8.08 16.45
N GLU A 119 -9.03 -7.59 16.85
CA GLU A 119 -10.06 -8.43 17.43
C GLU A 119 -11.08 -8.83 16.36
N GLU A 120 -10.94 -10.05 15.84
CA GLU A 120 -11.84 -10.57 14.80
C GLU A 120 -13.25 -10.00 14.96
N GLN A 121 -13.52 -8.88 14.28
CA GLN A 121 -14.84 -8.24 14.35
C GLN A 121 -15.56 -8.33 13.00
N GLY A 122 -15.38 -9.45 12.31
CA GLY A 122 -16.03 -9.65 11.01
C GLY A 122 -16.03 -11.13 10.65
N ASP A 123 -16.01 -11.41 9.34
CA ASP A 123 -16.00 -12.79 8.87
C ASP A 123 -14.97 -13.60 9.67
N LEU A 124 -15.14 -14.92 9.69
CA LEU A 124 -14.23 -15.77 10.45
C LEU A 124 -13.58 -16.82 9.55
N VAL A 125 -12.26 -16.72 9.40
CA VAL A 125 -11.51 -17.65 8.57
C VAL A 125 -10.25 -18.10 9.32
N ASP A 126 -9.51 -19.05 8.76
CA ASP A 126 -8.31 -19.55 9.42
C ASP A 126 -7.23 -18.46 9.47
N LEU A 127 -7.43 -17.46 10.32
CA LEU A 127 -6.48 -16.38 10.47
C LEU A 127 -5.36 -16.79 11.40
N LYS A 128 -5.69 -16.90 12.69
CA LYS A 128 -4.70 -17.27 13.70
C LYS A 128 -5.21 -18.44 14.54
N THR A 129 -6.49 -18.77 14.36
CA THR A 129 -7.09 -19.87 15.09
C THR A 129 -6.79 -21.20 14.39
N GLY A 130 -6.87 -21.19 13.06
CA GLY A 130 -6.59 -22.39 12.28
C GLY A 130 -7.70 -23.42 12.42
N GLU A 131 -8.91 -22.96 12.76
CA GLU A 131 -10.06 -23.86 12.93
C GLU A 131 -11.25 -23.45 12.07
N ILE A 132 -11.03 -22.50 11.14
CA ILE A 132 -12.12 -22.02 10.27
C ILE A 132 -11.64 -21.88 8.83
N VAL A 133 -12.50 -22.20 7.88
CA VAL A 133 -12.14 -22.09 6.46
C VAL A 133 -13.32 -21.56 5.66
N GLU A 134 -13.06 -20.57 4.82
CA GLU A 134 -14.10 -19.98 3.97
C GLU A 134 -13.57 -19.81 2.55
N ASP A 135 -13.35 -20.93 1.87
CA ASP A 135 -12.84 -20.92 0.51
C ASP A 135 -13.34 -22.14 -0.23
N ASN A 136 -13.05 -22.21 -1.54
CA ASN A 136 -13.48 -23.34 -2.37
C ASN A 136 -12.26 -24.06 -2.96
N GLY A 137 -12.28 -25.38 -2.91
CA GLY A 137 -11.18 -26.18 -3.44
C GLY A 137 -10.02 -26.23 -2.45
N HIS A 138 -8.85 -26.60 -2.94
CA HIS A 138 -7.66 -26.69 -2.09
C HIS A 138 -6.39 -26.66 -2.93
N ILE A 139 -5.41 -25.87 -2.49
CA ILE A 139 -4.14 -25.75 -3.20
C ILE A 139 -2.98 -26.13 -2.27
N LYS A 140 -2.07 -26.95 -2.78
CA LYS A 140 -0.92 -27.41 -1.98
C LYS A 140 0.39 -26.81 -2.51
N THR A 141 0.31 -25.59 -3.02
CA THR A 141 1.50 -24.90 -3.54
C THR A 141 1.40 -23.40 -3.27
N LEU A 142 2.55 -22.75 -3.21
CA LEU A 142 2.61 -21.32 -2.94
C LEU A 142 2.35 -20.53 -4.22
N THR A 143 1.13 -20.03 -4.37
CA THR A 143 0.78 -19.24 -5.54
C THR A 143 1.84 -18.18 -5.78
N ALA A 144 1.91 -17.21 -4.87
CA ALA A 144 2.89 -16.14 -4.98
C ALA A 144 2.80 -15.49 -6.35
N ASN A 145 1.58 -15.35 -6.84
CA ASN A 145 1.36 -14.76 -8.15
C ASN A 145 1.89 -13.33 -8.20
N ASN A 146 2.49 -12.88 -7.10
CA ASN A 146 3.04 -11.53 -7.04
C ASN A 146 1.95 -10.48 -7.23
N SER A 147 1.67 -9.74 -6.17
CA SER A 147 0.66 -8.68 -6.24
C SER A 147 1.08 -7.62 -7.23
N THR A 148 2.38 -7.59 -7.53
CA THR A 148 2.90 -6.63 -8.50
C THR A 148 2.03 -6.65 -9.76
N LYS A 149 1.31 -7.76 -9.90
CA LYS A 149 0.41 -7.94 -11.03
C LYS A 149 -0.84 -7.10 -10.84
N ASP A 150 -0.75 -6.12 -9.93
CA ASP A 150 -1.88 -5.25 -9.63
C ASP A 150 -2.11 -4.25 -10.76
N LYS A 151 -2.93 -4.63 -11.74
CA LYS A 151 -3.23 -3.75 -12.87
C LYS A 151 -4.49 -2.95 -12.59
N ARG A 152 -4.81 -2.79 -11.31
CA ARG A 152 -6.00 -2.04 -10.92
C ARG A 152 -7.23 -2.57 -11.64
N THR A 153 -7.98 -3.42 -10.96
CA THR A 153 -9.19 -3.98 -11.55
C THR A 153 -10.19 -2.88 -11.88
N LYS A 154 -10.18 -1.82 -11.08
CA LYS A 154 -11.08 -0.69 -11.29
C LYS A 154 -10.35 0.63 -11.05
N TYR A 155 -10.78 1.67 -11.74
CA TYR A 155 -10.16 2.99 -11.60
C TYR A 155 -10.56 3.63 -10.27
N THR A 156 -10.96 2.80 -9.32
CA THR A 156 -11.38 3.29 -8.01
C THR A 156 -10.18 3.85 -7.25
N SER A 157 -9.01 3.25 -7.46
CA SER A 157 -7.80 3.71 -6.79
C SER A 157 -7.45 5.13 -7.18
N VAL A 158 -7.41 5.39 -8.48
CA VAL A 158 -7.10 6.72 -8.98
C VAL A 158 -8.19 7.71 -8.61
N LEU A 159 -9.44 7.24 -8.67
CA LEU A 159 -10.59 8.07 -8.36
C LEU A 159 -10.46 8.69 -6.98
N ARG A 160 -10.18 7.87 -5.98
CA ARG A 160 -10.08 8.34 -4.61
C ARG A 160 -8.68 8.83 -4.26
N ASP A 161 -7.66 8.26 -4.91
CA ASP A 161 -6.28 8.66 -4.61
C ASP A 161 -6.08 10.14 -4.88
N ILE A 162 -6.51 10.61 -6.05
CA ILE A 162 -6.36 12.02 -6.40
C ILE A 162 -7.31 12.87 -5.58
N ILE A 163 -8.60 12.63 -5.75
CA ILE A 163 -9.62 13.39 -5.04
C ILE A 163 -9.44 13.24 -3.53
N ASP A 164 -8.44 12.47 -3.11
CA ASP A 164 -8.19 12.27 -1.68
C ASP A 164 -8.07 13.61 -0.98
N ILE A 165 -7.41 14.57 -1.62
CA ILE A 165 -7.23 15.90 -1.03
C ILE A 165 -7.18 16.98 -2.12
N SER A 166 -7.87 16.74 -3.23
CA SER A 166 -7.89 17.70 -4.34
C SER A 166 -6.54 18.39 -4.50
N ASP A 167 -5.48 17.60 -4.68
CA ASP A 167 -4.15 18.16 -4.83
C ASP A 167 -4.06 19.02 -6.08
N GLU A 168 -3.61 20.26 -5.90
CA GLU A 168 -3.48 21.19 -7.02
C GLU A 168 -2.23 20.87 -7.83
N GLU A 169 -1.55 19.80 -7.44
CA GLU A 169 -0.33 19.36 -8.11
C GLU A 169 0.81 20.33 -7.85
N ASP A 170 1.89 20.19 -8.63
CA ASP A 170 3.06 21.04 -8.48
C ASP A 170 2.66 22.52 -8.44
N GLY A 171 1.65 22.89 -9.21
CA GLY A 171 1.21 24.27 -9.23
C GLY A 171 2.31 25.15 -9.81
N ASP A 172 2.08 26.46 -9.88
CA ASP A 172 3.06 27.41 -10.43
C ASP A 172 3.98 26.71 -11.42
N LYS A 173 3.36 26.11 -12.44
CA LYS A 173 4.10 25.35 -13.44
C LYS A 173 5.32 26.13 -13.92
N GLY A 174 5.12 27.37 -14.31
CA GLY A 174 6.22 28.18 -14.79
C GLY A 174 6.81 27.61 -16.08
N GLY A 175 6.56 26.33 -16.34
CA GLY A 175 7.07 25.67 -17.54
C GLY A 175 7.44 24.21 -17.27
N VAL A 176 6.42 23.36 -17.12
CA VAL A 176 6.64 21.93 -16.87
C VAL A 176 5.61 21.09 -17.61
N LYS A 177 6.02 19.92 -18.08
CA LYS A 177 5.13 19.02 -18.83
C LYS A 177 4.92 17.72 -18.06
N ARG A 178 3.93 16.95 -18.46
CA ARG A 178 3.62 15.68 -17.81
C ARG A 178 3.81 15.83 -16.29
N ILE A 179 3.35 16.95 -15.76
CA ILE A 179 3.48 17.22 -14.34
C ILE A 179 2.82 16.13 -13.52
N SER A 180 1.56 15.88 -13.82
CA SER A 180 0.79 14.87 -13.11
C SER A 180 1.01 13.49 -13.72
N GLY A 181 0.70 12.46 -12.93
CA GLY A 181 0.86 11.08 -13.38
C GLY A 181 2.18 10.50 -12.90
N LEU A 182 3.13 11.39 -12.59
CA LEU A 182 4.44 10.94 -12.11
C LEU A 182 4.37 10.54 -10.64
N ILE A 183 3.75 11.39 -9.83
CA ILE A 183 3.63 11.10 -8.40
C ILE A 183 2.81 9.84 -8.16
N TYR A 184 1.66 9.76 -8.82
CA TYR A 184 0.78 8.61 -8.66
C TYR A 184 1.44 7.34 -9.18
N GLU A 185 2.29 7.48 -10.20
CA GLU A 185 2.98 6.33 -10.77
C GLU A 185 3.93 5.72 -9.74
N GLU A 186 4.73 6.56 -9.09
CA GLU A 186 5.67 6.07 -8.09
C GLU A 186 4.91 5.45 -6.92
N VAL A 187 3.73 5.99 -6.63
CA VAL A 187 2.91 5.47 -5.55
C VAL A 187 2.52 4.02 -5.84
N ARG A 188 2.16 3.76 -7.09
CA ARG A 188 1.78 2.41 -7.50
C ARG A 188 2.96 1.45 -7.34
N ALA A 189 4.16 1.93 -7.66
CA ALA A 189 5.36 1.11 -7.56
C ALA A 189 5.55 0.61 -6.14
N VAL A 190 5.48 1.52 -5.18
CA VAL A 190 5.66 1.16 -3.78
C VAL A 190 4.51 0.27 -3.29
N LEU A 191 3.30 0.58 -3.75
CA LEU A 191 2.14 -0.20 -3.35
C LEU A 191 2.28 -1.63 -3.87
N LYS A 192 2.78 -1.76 -5.09
CA LYS A 192 2.95 -3.06 -5.71
C LYS A 192 3.97 -3.91 -4.94
N SER A 193 5.16 -3.35 -4.74
CA SER A 193 6.20 -4.06 -4.03
C SER A 193 5.78 -4.35 -2.59
N PHE A 194 5.09 -3.39 -1.98
CA PHE A 194 4.65 -3.57 -0.61
C PHE A 194 3.78 -4.82 -0.53
N LEU A 195 2.72 -4.85 -1.32
CA LEU A 195 1.82 -6.00 -1.32
C LEU A 195 2.55 -7.26 -1.72
N GLU A 196 3.28 -7.17 -2.82
CA GLU A 196 4.00 -8.33 -3.34
C GLU A 196 4.75 -9.05 -2.23
N SER A 197 5.48 -8.28 -1.43
CA SER A 197 6.22 -8.86 -0.31
C SER A 197 5.28 -9.36 0.79
N VAL A 198 4.22 -8.62 1.03
CA VAL A 198 3.26 -8.98 2.07
C VAL A 198 2.48 -10.25 1.74
N ILE A 199 1.75 -10.24 0.63
CA ILE A 199 0.96 -11.40 0.26
C ILE A 199 1.84 -12.60 -0.02
N ARG A 200 2.90 -12.41 -0.79
CA ARG A 200 3.79 -13.52 -1.09
C ARG A 200 4.22 -14.17 0.20
N ASP A 201 4.56 -13.33 1.17
CA ASP A 201 4.97 -13.82 2.47
C ASP A 201 3.77 -14.35 3.25
N SER A 202 2.59 -13.82 2.96
CA SER A 202 1.40 -14.26 3.66
C SER A 202 1.15 -15.73 3.37
N VAL A 203 1.07 -16.08 2.11
CA VAL A 203 0.83 -17.47 1.74
C VAL A 203 2.00 -18.33 2.23
N THR A 204 3.20 -17.78 2.20
CA THR A 204 4.37 -18.54 2.66
C THR A 204 4.35 -18.77 4.17
N TYR A 205 4.24 -17.69 4.95
CA TYR A 205 4.25 -17.81 6.41
C TYR A 205 2.88 -18.26 6.94
N THR A 206 1.81 -17.75 6.36
CA THR A 206 0.48 -18.13 6.82
C THR A 206 0.30 -19.63 6.63
N GLU A 207 0.79 -20.14 5.50
CA GLU A 207 0.70 -21.57 5.23
C GLU A 207 1.51 -22.35 6.26
N HIS A 208 2.73 -21.88 6.53
CA HIS A 208 3.59 -22.55 7.50
C HIS A 208 2.91 -22.55 8.86
N ALA A 209 1.90 -21.70 9.00
CA ALA A 209 1.13 -21.61 10.23
C ALA A 209 -0.14 -22.42 10.06
N LYS A 210 -0.05 -23.47 9.24
CA LYS A 210 -1.21 -24.34 8.97
C LYS A 210 -2.46 -23.50 8.77
N ARG A 211 -2.28 -22.34 8.16
CA ARG A 211 -3.38 -21.41 7.88
C ARG A 211 -3.23 -20.87 6.45
N LYS A 212 -4.35 -20.78 5.73
CA LYS A 212 -4.32 -20.29 4.35
C LYS A 212 -5.17 -19.04 4.21
N THR A 213 -4.81 -18.01 4.97
CA THR A 213 -5.56 -16.75 4.96
C THR A 213 -4.59 -15.57 5.12
N VAL A 214 -4.90 -14.64 6.04
CA VAL A 214 -4.02 -13.48 6.26
C VAL A 214 -3.69 -13.33 7.74
N THR A 215 -2.48 -13.72 8.12
CA THR A 215 -2.05 -13.59 9.50
C THR A 215 -1.36 -12.23 9.69
N SER A 216 -1.79 -11.47 10.69
CA SER A 216 -1.19 -10.17 10.96
C SER A 216 0.33 -10.29 11.05
N LEU A 217 0.80 -11.50 11.37
CA LEU A 217 2.23 -11.74 11.47
C LEU A 217 2.91 -11.48 10.14
N ASP A 218 2.18 -11.72 9.06
CA ASP A 218 2.73 -11.52 7.72
C ASP A 218 3.05 -10.05 7.46
N VAL A 219 2.05 -9.20 7.66
CA VAL A 219 2.25 -7.77 7.42
C VAL A 219 3.37 -7.25 8.31
N VAL A 220 3.41 -7.70 9.56
CA VAL A 220 4.47 -7.27 10.47
C VAL A 220 5.83 -7.85 10.08
N TYR A 221 5.87 -9.17 9.96
CA TYR A 221 7.12 -9.86 9.61
C TYR A 221 7.58 -9.51 8.19
N ALA A 222 6.64 -9.43 7.25
CA ALA A 222 6.99 -9.13 5.88
C ALA A 222 7.62 -7.75 5.76
N LEU A 223 6.99 -6.76 6.40
CA LEU A 223 7.52 -5.41 6.36
C LEU A 223 8.92 -5.36 6.95
N LYS A 224 9.13 -6.12 8.02
CA LYS A 224 10.44 -6.16 8.65
C LYS A 224 11.49 -6.64 7.65
N ARG A 225 11.18 -7.72 6.95
CA ARG A 225 12.11 -8.28 5.97
C ARG A 225 12.49 -7.26 4.91
N GLN A 226 11.50 -6.66 4.26
CA GLN A 226 11.80 -5.69 3.22
C GLN A 226 12.56 -4.50 3.79
N GLY A 227 12.18 -4.09 4.99
CA GLY A 227 12.85 -2.97 5.64
C GLY A 227 14.32 -3.30 5.88
N ARG A 228 14.58 -4.55 6.21
CA ARG A 228 15.94 -5.01 6.48
C ARG A 228 16.77 -5.06 5.19
N THR A 229 16.15 -5.47 4.10
CA THR A 229 16.85 -5.58 2.82
C THR A 229 17.26 -4.21 2.28
N LEU A 230 16.47 -3.18 2.56
CA LEU A 230 16.78 -1.85 2.08
C LEU A 230 18.12 -1.37 2.64
N TYR A 231 18.40 -1.72 3.89
CA TYR A 231 19.66 -1.33 4.51
C TYR A 231 20.83 -2.00 3.79
N GLY A 232 20.56 -3.14 3.18
CA GLY A 232 21.60 -3.88 2.44
C GLY A 232 22.54 -4.60 3.39
N PHE A 233 22.10 -4.80 4.63
CA PHE A 233 22.91 -5.48 5.64
C PHE A 233 22.06 -6.50 6.39
N GLY A 234 22.71 -7.34 7.19
CA GLY A 234 22.01 -8.34 7.98
C GLY A 234 22.69 -8.55 9.32
N GLY A 235 23.30 -7.49 9.84
CA GLY A 235 24.00 -7.56 11.13
C GLY A 235 25.09 -8.62 11.09
N LEU A 11 -23.50 2.30 -10.00
CA LEU A 11 -22.67 1.06 -9.90
C LEU A 11 -21.34 1.39 -9.25
N ILE A 12 -21.38 1.76 -7.97
CA ILE A 12 -20.17 2.11 -7.22
C ILE A 12 -19.98 1.14 -6.05
N SER A 13 -18.77 0.61 -5.91
CA SER A 13 -18.47 -0.32 -4.84
C SER A 13 -18.64 0.35 -3.48
N LYS A 14 -19.11 -0.41 -2.50
CA LYS A 14 -19.33 0.12 -1.16
C LYS A 14 -18.01 0.61 -0.55
N ILE A 15 -16.96 -0.21 -0.71
CA ILE A 15 -15.64 0.13 -0.18
C ILE A 15 -14.57 -0.11 -1.25
N PRO A 16 -14.37 0.83 -2.13
CA PRO A 16 -13.37 0.69 -3.23
C PRO A 16 -12.00 0.21 -2.73
N PHE A 17 -11.56 0.75 -1.60
CA PHE A 17 -10.27 0.38 -1.03
C PHE A 17 -10.20 -1.11 -0.68
N ALA A 18 -11.16 -1.57 0.12
CA ALA A 18 -11.19 -2.97 0.53
C ALA A 18 -11.10 -3.86 -0.70
N ARG A 19 -11.75 -3.45 -1.76
CA ARG A 19 -11.72 -4.21 -3.00
C ARG A 19 -10.31 -4.29 -3.55
N LEU A 20 -9.57 -3.18 -3.49
CA LEU A 20 -8.21 -3.18 -4.04
C LEU A 20 -7.39 -4.33 -3.45
N VAL A 21 -7.35 -4.44 -2.12
CA VAL A 21 -6.56 -5.51 -1.49
C VAL A 21 -7.30 -6.85 -1.55
N LYS A 22 -8.58 -6.87 -1.18
CA LYS A 22 -9.32 -8.13 -1.20
C LYS A 22 -9.35 -8.70 -2.60
N GLU A 23 -9.63 -7.86 -3.58
CA GLU A 23 -9.71 -8.35 -4.95
C GLU A 23 -8.34 -8.80 -5.43
N VAL A 24 -7.33 -7.99 -5.19
CA VAL A 24 -5.97 -8.32 -5.61
C VAL A 24 -5.52 -9.61 -4.96
N THR A 25 -5.78 -9.74 -3.67
CA THR A 25 -5.41 -10.96 -2.96
C THR A 25 -6.21 -12.13 -3.51
N ASP A 26 -7.43 -11.84 -3.97
CA ASP A 26 -8.29 -12.89 -4.50
C ASP A 26 -7.84 -13.33 -5.90
N GLU A 27 -7.01 -12.52 -6.56
CA GLU A 27 -6.53 -12.89 -7.90
C GLU A 27 -5.64 -14.12 -7.79
N PHE A 28 -5.44 -14.58 -6.56
CA PHE A 28 -4.59 -15.73 -6.29
C PHE A 28 -5.45 -16.98 -6.13
N THR A 29 -5.31 -17.92 -7.06
CA THR A 29 -6.09 -19.14 -7.02
C THR A 29 -7.59 -18.81 -7.03
N THR A 30 -8.22 -19.07 -8.15
CA THR A 30 -9.65 -18.80 -8.27
C THR A 30 -10.42 -19.64 -7.27
N LYS A 31 -9.77 -20.66 -6.74
CA LYS A 31 -10.41 -21.54 -5.76
C LYS A 31 -10.71 -20.76 -4.47
N ASP A 32 -9.87 -19.80 -4.12
CA ASP A 32 -10.07 -19.00 -2.91
C ASP A 32 -10.89 -17.74 -3.21
N GLN A 33 -11.77 -17.83 -4.19
CA GLN A 33 -12.59 -16.68 -4.59
C GLN A 33 -13.58 -16.28 -3.51
N ASP A 34 -13.96 -17.24 -2.67
CA ASP A 34 -14.93 -16.98 -1.60
C ASP A 34 -14.24 -16.85 -0.25
N LEU A 35 -13.07 -16.21 -0.25
CA LEU A 35 -12.31 -16.02 0.99
C LEU A 35 -12.40 -14.57 1.45
N ARG A 36 -13.02 -14.36 2.61
CA ARG A 36 -13.18 -13.03 3.18
C ARG A 36 -12.43 -12.95 4.50
N TRP A 37 -11.11 -12.77 4.41
CA TRP A 37 -10.30 -12.67 5.61
C TRP A 37 -10.72 -11.44 6.41
N GLN A 38 -10.37 -11.43 7.69
CA GLN A 38 -10.73 -10.31 8.54
C GLN A 38 -10.24 -9.00 7.96
N SER A 39 -10.53 -7.92 8.66
CA SER A 39 -10.14 -6.60 8.20
C SER A 39 -8.63 -6.42 8.29
N MET A 40 -7.95 -7.42 8.84
CA MET A 40 -6.50 -7.36 8.99
C MET A 40 -5.84 -7.02 7.66
N ALA A 41 -6.24 -7.71 6.60
CA ALA A 41 -5.69 -7.44 5.28
C ALA A 41 -6.12 -6.06 4.81
N ILE A 42 -7.33 -5.68 5.17
CA ILE A 42 -7.87 -4.37 4.78
C ILE A 42 -7.10 -3.26 5.49
N MET A 43 -6.81 -3.46 6.76
CA MET A 43 -6.07 -2.46 7.49
C MET A 43 -4.69 -2.31 6.85
N ALA A 44 -4.20 -3.42 6.28
CA ALA A 44 -2.90 -3.37 5.60
C ALA A 44 -3.00 -2.38 4.44
N LEU A 45 -4.12 -2.41 3.73
CA LEU A 45 -4.31 -1.50 2.62
C LEU A 45 -4.18 -0.06 3.12
N GLN A 46 -4.87 0.23 4.22
CA GLN A 46 -4.85 1.56 4.79
C GLN A 46 -3.44 1.91 5.27
N GLU A 47 -2.63 0.88 5.46
CA GLU A 47 -1.25 1.11 5.89
C GLU A 47 -0.52 1.88 4.81
N ALA A 48 -0.64 1.37 3.59
CA ALA A 48 0.01 2.01 2.46
C ALA A 48 -0.59 3.39 2.23
N SER A 49 -1.91 3.48 2.40
CA SER A 49 -2.60 4.74 2.19
C SER A 49 -2.25 5.75 3.26
N GLU A 50 -2.18 5.29 4.51
CA GLU A 50 -1.87 6.17 5.62
C GLU A 50 -0.52 6.85 5.45
N ALA A 51 0.51 6.09 5.08
CA ALA A 51 1.84 6.68 4.91
C ALA A 51 1.86 7.66 3.75
N TYR A 52 1.39 7.21 2.59
CA TYR A 52 1.38 8.07 1.43
C TYR A 52 0.54 9.30 1.71
N LEU A 53 -0.51 9.12 2.49
CA LEU A 53 -1.37 10.25 2.83
C LEU A 53 -0.56 11.31 3.58
N VAL A 54 0.28 10.89 4.51
CA VAL A 54 1.08 11.85 5.27
C VAL A 54 2.07 12.57 4.35
N GLY A 55 2.75 11.81 3.49
CA GLY A 55 3.73 12.40 2.58
C GLY A 55 3.08 13.45 1.69
N LEU A 56 1.92 13.10 1.16
CA LEU A 56 1.19 14.03 0.31
C LEU A 56 0.82 15.26 1.12
N LEU A 57 0.40 15.05 2.36
CA LEU A 57 0.03 16.16 3.25
C LEU A 57 1.27 16.99 3.62
N GLU A 58 2.40 16.32 3.84
CA GLU A 58 3.63 17.02 4.19
C GLU A 58 4.04 17.99 3.09
N HIS A 59 3.69 17.65 1.85
CA HIS A 59 4.03 18.50 0.71
C HIS A 59 3.12 19.73 0.64
N THR A 60 2.17 19.81 1.58
CA THR A 60 1.22 20.92 1.64
C THR A 60 0.35 21.01 0.38
N ASN A 61 0.15 19.87 -0.29
CA ASN A 61 -0.67 19.85 -1.51
C ASN A 61 -2.11 20.21 -1.18
N LEU A 62 -2.59 19.71 -0.05
CA LEU A 62 -3.97 19.95 0.36
C LEU A 62 -4.21 21.44 0.50
N LEU A 63 -3.26 22.14 1.09
CA LEU A 63 -3.39 23.57 1.23
C LEU A 63 -3.46 24.18 -0.17
N ALA A 64 -2.67 23.61 -1.09
CA ALA A 64 -2.66 24.06 -2.48
C ALA A 64 -4.08 24.09 -3.04
N LEU A 65 -4.92 23.15 -2.61
CA LEU A 65 -6.30 23.12 -3.07
C LEU A 65 -7.09 24.26 -2.45
N HIS A 66 -7.28 24.18 -1.14
CA HIS A 66 -8.03 25.21 -0.42
C HIS A 66 -7.26 26.53 -0.37
N ALA A 67 -6.19 26.61 -1.16
CA ALA A 67 -5.36 27.81 -1.21
C ALA A 67 -5.90 28.83 -2.22
N LYS A 68 -6.20 28.34 -3.42
CA LYS A 68 -6.70 29.19 -4.49
C LYS A 68 -5.67 30.28 -4.86
N ARG A 69 -5.45 31.22 -3.94
CA ARG A 69 -4.49 32.30 -4.18
C ARG A 69 -3.09 31.93 -3.69
N ILE A 70 -3.01 30.96 -2.79
CA ILE A 70 -1.73 30.54 -2.23
C ILE A 70 -1.23 29.30 -2.97
N THR A 71 -2.02 28.85 -3.94
CA THR A 71 -1.70 27.66 -4.72
C THR A 71 -0.59 27.92 -5.75
N ILE A 72 -0.80 28.92 -6.59
CA ILE A 72 0.17 29.24 -7.63
C ILE A 72 1.37 29.98 -7.06
N MET A 73 1.52 29.89 -5.75
CA MET A 73 2.63 30.54 -5.07
C MET A 73 3.72 29.53 -4.75
N LYS A 74 4.97 29.97 -4.88
CA LYS A 74 6.13 29.13 -4.61
C LYS A 74 6.02 28.49 -3.23
N LYS A 75 5.15 27.49 -3.12
CA LYS A 75 4.91 26.80 -1.85
C LYS A 75 4.65 25.32 -2.09
N ASP A 76 3.38 24.93 -2.07
CA ASP A 76 3.01 23.55 -2.31
C ASP A 76 3.60 23.10 -3.64
N MET A 77 3.84 24.06 -4.52
CA MET A 77 4.41 23.77 -5.83
C MET A 77 5.85 23.30 -5.68
N GLN A 78 6.69 24.16 -5.10
CA GLN A 78 8.10 23.83 -4.91
C GLN A 78 8.26 22.67 -3.92
N LEU A 79 7.41 22.63 -2.90
CA LEU A 79 7.49 21.56 -1.90
C LEU A 79 7.33 20.21 -2.59
N ALA A 80 6.12 19.92 -3.09
CA ALA A 80 5.87 18.66 -3.77
C ALA A 80 7.03 18.34 -4.72
N ARG A 81 7.52 19.37 -5.41
CA ARG A 81 8.62 19.20 -6.35
C ARG A 81 9.93 18.91 -5.61
N ARG A 82 10.15 19.61 -4.50
CA ARG A 82 11.38 19.44 -3.74
C ARG A 82 11.46 18.05 -3.11
N ILE A 83 10.31 17.37 -3.05
CA ILE A 83 10.25 16.03 -2.47
C ILE A 83 9.69 15.02 -3.48
N ARG A 84 10.36 13.87 -3.59
CA ARG A 84 9.94 12.82 -4.50
C ARG A 84 9.77 13.36 -5.92
N GLY A 85 10.12 14.62 -6.13
CA GLY A 85 10.02 15.22 -7.45
C GLY A 85 11.06 14.61 -8.38
N GLN A 86 12.12 14.08 -7.79
CA GLN A 86 13.18 13.45 -8.57
C GLN A 86 12.68 12.15 -9.20
N PHE A 87 12.90 12.01 -10.51
CA PHE A 87 12.45 10.82 -11.23
C PHE A 87 13.61 9.85 -11.44
N LEU A 88 13.98 9.13 -10.38
CA LEU A 88 15.08 8.16 -10.45
C LEU A 88 14.53 6.74 -10.31
N VAL A 89 15.17 5.81 -11.00
CA VAL A 89 14.76 4.41 -10.95
C VAL A 89 15.58 3.64 -9.91
N PRO A 90 15.02 2.64 -9.28
CA PRO A 90 15.74 1.84 -8.25
C PRO A 90 16.78 0.91 -8.87
N ARG A 91 17.91 0.75 -8.18
CA ARG A 91 18.98 -0.12 -8.66
C ARG A 91 19.83 -0.64 -7.50
N GLY A 92 19.31 -0.50 -6.28
CA GLY A 92 20.02 -0.95 -5.10
C GLY A 92 21.02 0.11 -4.62
N SER A 93 21.12 1.20 -5.36
CA SER A 93 22.04 2.28 -5.00
C SER A 93 21.48 3.07 -3.84
N MET A 94 22.34 3.87 -3.20
CA MET A 94 21.92 4.69 -2.07
C MET A 94 21.74 6.14 -2.50
N GLU A 95 20.50 6.50 -2.82
CA GLU A 95 20.19 7.86 -3.25
C GLU A 95 20.05 8.79 -2.05
N ARG A 96 20.44 8.29 -0.89
CA ARG A 96 20.35 9.07 0.33
C ARG A 96 18.91 9.51 0.59
N HIS A 97 17.99 9.04 -0.25
CA HIS A 97 16.57 9.39 -0.11
C HIS A 97 15.74 8.13 0.10
N LYS A 98 16.10 7.04 -0.58
CA LYS A 98 15.36 5.79 -0.43
C LYS A 98 15.14 5.52 1.06
N LEU A 99 16.05 6.07 1.86
CA LEU A 99 15.98 5.94 3.31
C LEU A 99 14.67 6.57 3.82
N ALA A 100 14.53 7.86 3.59
CA ALA A 100 13.34 8.57 4.04
C ALA A 100 12.08 7.80 3.63
N ASP A 101 12.11 7.22 2.43
CA ASP A 101 10.98 6.44 1.96
C ASP A 101 10.83 5.20 2.83
N GLU A 102 11.96 4.67 3.29
CA GLU A 102 11.92 3.49 4.14
C GLU A 102 11.22 3.82 5.46
N ASN A 103 11.42 5.05 5.94
CA ASN A 103 10.80 5.48 7.18
C ASN A 103 9.28 5.55 7.02
N MET A 104 8.83 5.97 5.85
CA MET A 104 7.39 6.06 5.58
C MET A 104 6.75 4.67 5.59
N ARG A 105 7.44 3.70 5.01
CA ARG A 105 6.93 2.34 4.96
C ARG A 105 6.92 1.75 6.37
N LYS A 106 7.96 2.04 7.14
CA LYS A 106 8.03 1.55 8.51
C LYS A 106 6.96 2.25 9.34
N VAL A 107 6.65 3.49 9.00
CA VAL A 107 5.63 4.23 9.74
C VAL A 107 4.32 3.45 9.69
N TRP A 108 3.94 2.99 8.49
CA TRP A 108 2.71 2.21 8.39
C TRP A 108 2.89 0.87 9.10
N SER A 109 4.12 0.42 9.23
CA SER A 109 4.39 -0.85 9.88
C SER A 109 4.20 -0.73 11.39
N ASN A 110 4.36 0.49 11.91
CA ASN A 110 4.19 0.70 13.34
C ASN A 110 2.72 0.62 13.73
N ILE A 111 1.89 1.37 13.02
CA ILE A 111 0.47 1.35 13.31
C ILE A 111 -0.07 -0.06 13.14
N ILE A 112 0.45 -0.80 12.15
CA ILE A 112 0.02 -2.17 11.94
C ILE A 112 0.41 -3.03 13.12
N SER A 113 1.46 -2.61 13.81
CA SER A 113 1.92 -3.35 14.98
C SER A 113 0.88 -3.23 16.07
N LYS A 114 0.24 -2.06 16.14
CA LYS A 114 -0.78 -1.80 17.14
C LYS A 114 -2.04 -2.61 16.84
N TYR A 115 -2.44 -2.64 15.56
CA TYR A 115 -3.63 -3.37 15.15
C TYR A 115 -3.33 -4.85 15.08
N GLU A 116 -2.07 -5.21 15.28
CA GLU A 116 -1.66 -6.61 15.23
C GLU A 116 -2.48 -7.45 16.21
N SER A 117 -3.37 -6.79 16.95
CA SER A 117 -4.22 -7.47 17.94
C SER A 117 -5.69 -7.40 17.54
N ILE A 118 -5.95 -7.11 16.27
CA ILE A 118 -7.32 -7.02 15.76
C ILE A 118 -8.18 -8.16 16.31
N GLU A 119 -9.41 -7.81 16.68
CA GLU A 119 -10.36 -8.78 17.24
C GLU A 119 -11.41 -9.16 16.19
N GLU A 120 -11.14 -10.25 15.47
CA GLU A 120 -12.05 -10.77 14.44
C GLU A 120 -13.17 -9.78 14.08
N GLN A 121 -12.79 -8.62 13.56
CA GLN A 121 -13.76 -7.59 13.20
C GLN A 121 -14.42 -7.87 11.85
N GLY A 122 -14.74 -9.13 11.58
CA GLY A 122 -15.38 -9.50 10.32
C GLY A 122 -15.62 -11.00 10.23
N ASP A 123 -15.71 -11.52 9.01
CA ASP A 123 -15.94 -12.95 8.81
C ASP A 123 -14.94 -13.75 9.63
N LEU A 124 -15.01 -15.08 9.56
CA LEU A 124 -14.11 -15.91 10.34
C LEU A 124 -13.44 -16.98 9.48
N VAL A 125 -12.12 -16.85 9.31
CA VAL A 125 -11.33 -17.80 8.52
C VAL A 125 -10.11 -18.24 9.33
N ASP A 126 -9.33 -19.20 8.80
CA ASP A 126 -8.17 -19.71 9.54
C ASP A 126 -7.10 -18.63 9.71
N LEU A 127 -7.42 -17.61 10.51
CA LEU A 127 -6.47 -16.50 10.74
C LEU A 127 -5.50 -16.82 11.87
N LYS A 128 -6.02 -16.95 13.10
CA LYS A 128 -5.17 -17.21 14.27
C LYS A 128 -5.69 -18.39 15.09
N THR A 129 -6.98 -18.67 14.96
CA THR A 129 -7.60 -19.75 15.73
C THR A 129 -7.75 -21.00 14.88
N GLY A 130 -7.45 -20.87 13.60
CA GLY A 130 -7.57 -22.02 12.70
C GLY A 130 -8.95 -22.67 12.85
N GLU A 131 -9.10 -23.82 12.22
CA GLU A 131 -10.35 -24.59 12.28
C GLU A 131 -11.47 -23.95 11.46
N ILE A 132 -11.22 -22.76 10.93
CA ILE A 132 -12.23 -22.07 10.10
C ILE A 132 -11.66 -21.78 8.72
N VAL A 133 -12.38 -22.16 7.67
CA VAL A 133 -11.92 -21.93 6.31
C VAL A 133 -13.08 -21.50 5.43
N GLU A 134 -12.89 -20.38 4.71
CA GLU A 134 -13.92 -19.87 3.82
C GLU A 134 -13.39 -19.86 2.39
N ASP A 135 -13.16 -21.05 1.85
CA ASP A 135 -12.64 -21.18 0.49
C ASP A 135 -13.22 -22.42 -0.17
N ASN A 136 -12.91 -22.63 -1.44
CA ASN A 136 -13.41 -23.79 -2.17
C ASN A 136 -12.33 -24.86 -2.28
N GLY A 137 -11.13 -24.55 -1.80
CA GLY A 137 -10.02 -25.50 -1.87
C GLY A 137 -8.74 -24.90 -1.29
N HIS A 138 -7.60 -25.55 -1.58
CA HIS A 138 -6.31 -25.09 -1.09
C HIS A 138 -5.20 -25.41 -2.09
N ILE A 139 -3.97 -25.06 -1.74
CA ILE A 139 -2.82 -25.31 -2.61
C ILE A 139 -1.53 -25.41 -1.79
N LYS A 140 -0.76 -26.46 -2.04
CA LYS A 140 0.50 -26.65 -1.32
C LYS A 140 1.56 -25.66 -1.80
N THR A 141 1.61 -25.45 -3.11
CA THR A 141 2.60 -24.54 -3.68
C THR A 141 2.23 -23.09 -3.40
N LEU A 142 3.20 -22.19 -3.60
CA LEU A 142 2.98 -20.77 -3.36
C LEU A 142 2.48 -20.10 -4.64
N THR A 143 1.19 -19.77 -4.68
CA THR A 143 0.61 -19.13 -5.86
C THR A 143 1.51 -17.98 -6.31
N ALA A 144 1.68 -16.99 -5.45
CA ALA A 144 2.52 -15.85 -5.77
C ALA A 144 2.17 -15.31 -7.16
N ASN A 145 0.88 -15.30 -7.45
CA ASN A 145 0.41 -14.84 -8.75
C ASN A 145 0.84 -13.40 -9.02
N ASN A 146 1.57 -12.80 -8.09
CA ASN A 146 2.04 -11.42 -8.25
C ASN A 146 0.89 -10.43 -8.17
N SER A 147 0.86 -9.67 -7.08
CA SER A 147 -0.17 -8.67 -6.88
C SER A 147 0.02 -7.52 -7.86
N THR A 148 1.20 -7.46 -8.47
CA THR A 148 1.48 -6.42 -9.46
C THR A 148 0.38 -6.44 -10.51
N LYS A 149 -0.39 -7.50 -10.48
CA LYS A 149 -1.51 -7.67 -11.39
C LYS A 149 -2.67 -6.75 -10.99
N ASP A 150 -2.37 -5.80 -10.10
CA ASP A 150 -3.38 -4.87 -9.62
C ASP A 150 -3.87 -3.96 -10.76
N LYS A 151 -3.49 -4.33 -11.98
CA LYS A 151 -3.89 -3.56 -13.16
C LYS A 151 -5.28 -3.99 -13.62
N ARG A 152 -5.71 -5.18 -13.19
CA ARG A 152 -7.02 -5.70 -13.57
C ARG A 152 -8.15 -4.99 -12.84
N THR A 153 -8.02 -4.85 -11.52
CA THR A 153 -9.05 -4.20 -10.73
C THR A 153 -9.29 -2.78 -11.22
N LYS A 154 -8.99 -1.80 -10.37
CA LYS A 154 -9.17 -0.39 -10.73
C LYS A 154 -8.18 0.48 -9.94
N TYR A 155 -7.99 1.70 -10.43
CA TYR A 155 -7.09 2.65 -9.79
C TYR A 155 -7.87 3.53 -8.82
N THR A 156 -8.95 2.98 -8.26
CA THR A 156 -9.79 3.73 -7.35
C THR A 156 -8.94 4.43 -6.28
N SER A 157 -7.75 3.90 -6.02
CA SER A 157 -6.86 4.51 -5.03
C SER A 157 -6.42 5.89 -5.50
N VAL A 158 -5.95 5.97 -6.74
CA VAL A 158 -5.48 7.24 -7.28
C VAL A 158 -6.67 8.17 -7.55
N LEU A 159 -7.84 7.59 -7.78
CA LEU A 159 -9.05 8.37 -8.04
C LEU A 159 -9.37 9.25 -6.84
N ARG A 160 -9.59 8.60 -5.70
CA ARG A 160 -9.94 9.28 -4.48
C ARG A 160 -8.76 10.04 -3.89
N ASP A 161 -7.57 9.47 -4.01
CA ASP A 161 -6.37 10.11 -3.46
C ASP A 161 -6.16 11.50 -4.06
N ILE A 162 -6.16 11.59 -5.39
CA ILE A 162 -5.95 12.88 -6.04
C ILE A 162 -7.06 13.87 -5.73
N ILE A 163 -8.30 13.43 -5.89
CA ILE A 163 -9.45 14.30 -5.66
C ILE A 163 -9.38 14.90 -4.26
N ASP A 164 -9.02 14.07 -3.30
CA ASP A 164 -8.90 14.53 -1.92
C ASP A 164 -7.69 15.44 -1.76
N ILE A 165 -6.71 15.27 -2.66
CA ILE A 165 -5.47 16.07 -2.62
C ILE A 165 -5.30 16.86 -3.92
N SER A 166 -6.37 17.46 -4.41
CA SER A 166 -6.29 18.23 -5.65
C SER A 166 -5.14 19.22 -5.55
N ASP A 167 -4.35 19.32 -6.61
CA ASP A 167 -3.21 20.24 -6.60
C ASP A 167 -2.68 20.49 -8.01
N GLU A 168 -1.84 21.52 -8.14
CA GLU A 168 -1.26 21.87 -9.44
C GLU A 168 0.05 21.12 -9.66
N GLU A 169 0.39 20.25 -8.70
CA GLU A 169 1.61 19.46 -8.79
C GLU A 169 2.82 20.36 -9.01
N ASP A 170 3.97 19.75 -9.30
CA ASP A 170 5.19 20.52 -9.51
C ASP A 170 5.12 21.31 -10.81
N GLY A 171 4.26 22.33 -10.80
CA GLY A 171 4.09 23.18 -11.97
C GLY A 171 3.80 24.61 -11.57
N ASP A 172 4.76 25.51 -11.83
CA ASP A 172 4.59 26.92 -11.49
C ASP A 172 3.59 27.55 -12.44
N LYS A 173 3.30 26.86 -13.54
CA LYS A 173 2.36 27.34 -14.54
C LYS A 173 0.93 27.05 -14.13
N GLY A 174 0.79 26.34 -13.03
CA GLY A 174 -0.52 25.96 -12.52
C GLY A 174 -0.81 24.51 -12.88
N GLY A 175 0.13 23.91 -13.60
CA GLY A 175 -0.01 22.51 -14.02
C GLY A 175 -0.58 22.41 -15.43
N VAL A 176 -0.07 23.23 -16.33
CA VAL A 176 -0.53 23.24 -17.71
C VAL A 176 0.13 22.14 -18.52
N LYS A 177 1.38 21.80 -18.16
CA LYS A 177 2.12 20.77 -18.88
C LYS A 177 3.04 20.00 -17.94
N ARG A 178 3.89 20.72 -17.20
CA ARG A 178 4.81 20.06 -16.29
C ARG A 178 4.08 19.55 -15.05
N ILE A 179 2.96 18.87 -15.28
CA ILE A 179 2.18 18.32 -14.19
C ILE A 179 2.95 17.19 -13.51
N SER A 180 3.86 16.61 -14.25
CA SER A 180 4.68 15.52 -13.74
C SER A 180 3.83 14.57 -12.88
N GLY A 181 2.69 14.14 -13.41
CA GLY A 181 1.81 13.23 -12.69
C GLY A 181 2.50 11.89 -12.43
N LEU A 182 3.83 11.92 -12.45
CA LEU A 182 4.63 10.73 -12.23
C LEU A 182 4.49 10.23 -10.80
N ILE A 183 4.39 11.16 -9.85
CA ILE A 183 4.25 10.79 -8.45
C ILE A 183 3.14 9.77 -8.25
N TYR A 184 2.04 9.95 -8.96
CA TYR A 184 0.92 9.02 -8.84
C TYR A 184 1.34 7.63 -9.31
N GLU A 185 2.19 7.59 -10.33
CA GLU A 185 2.68 6.32 -10.87
C GLU A 185 3.63 5.66 -9.87
N GLU A 186 4.41 6.49 -9.17
CA GLU A 186 5.37 5.97 -8.20
C GLU A 186 4.67 5.30 -7.02
N VAL A 187 3.70 6.00 -6.45
CA VAL A 187 2.96 5.45 -5.31
C VAL A 187 2.25 4.18 -5.73
N ARG A 188 1.83 4.11 -6.99
CA ARG A 188 1.15 2.92 -7.49
C ARG A 188 2.10 1.73 -7.47
N ALA A 189 3.33 1.96 -7.91
CA ALA A 189 4.35 0.90 -7.95
C ALA A 189 4.65 0.37 -6.56
N VAL A 190 4.81 1.27 -5.59
CA VAL A 190 5.12 0.87 -4.24
C VAL A 190 3.97 0.07 -3.64
N LEU A 191 2.74 0.41 -4.03
CA LEU A 191 1.58 -0.32 -3.53
C LEU A 191 1.64 -1.76 -4.01
N LYS A 192 2.00 -1.91 -5.28
CA LYS A 192 2.09 -3.23 -5.90
C LYS A 192 3.21 -4.05 -5.26
N SER A 193 4.41 -3.47 -5.19
CA SER A 193 5.54 -4.17 -4.61
C SER A 193 5.29 -4.44 -3.14
N PHE A 194 4.60 -3.52 -2.48
CA PHE A 194 4.30 -3.70 -1.07
C PHE A 194 3.51 -4.99 -0.89
N LEU A 195 2.42 -5.14 -1.64
CA LEU A 195 1.61 -6.34 -1.55
C LEU A 195 2.41 -7.56 -2.03
N GLU A 196 2.98 -7.46 -3.21
CA GLU A 196 3.73 -8.57 -3.77
C GLU A 196 4.67 -9.17 -2.72
N SER A 197 5.40 -8.30 -2.04
CA SER A 197 6.33 -8.75 -1.01
C SER A 197 5.57 -9.35 0.18
N VAL A 198 4.45 -8.74 0.53
CA VAL A 198 3.66 -9.20 1.68
C VAL A 198 2.98 -10.54 1.39
N ILE A 199 2.19 -10.61 0.32
CA ILE A 199 1.48 -11.84 0.01
C ILE A 199 2.44 -13.02 -0.09
N ARG A 200 3.54 -12.82 -0.83
CA ARG A 200 4.51 -13.89 -0.98
C ARG A 200 5.02 -14.32 0.38
N ASP A 201 5.35 -13.32 1.20
CA ASP A 201 5.84 -13.60 2.54
C ASP A 201 4.70 -14.12 3.41
N SER A 202 3.47 -13.74 3.08
CA SER A 202 2.33 -14.17 3.85
C SER A 202 2.05 -15.64 3.63
N VAL A 203 1.94 -16.05 2.37
CA VAL A 203 1.66 -17.44 2.07
C VAL A 203 2.78 -18.31 2.63
N THR A 204 3.99 -17.74 2.68
CA THR A 204 5.13 -18.47 3.21
C THR A 204 5.00 -18.68 4.72
N TYR A 205 4.83 -17.58 5.47
CA TYR A 205 4.70 -17.67 6.93
C TYR A 205 3.31 -18.15 7.34
N THR A 206 2.28 -17.68 6.64
CA THR A 206 0.92 -18.09 6.96
C THR A 206 0.81 -19.59 6.85
N GLU A 207 1.40 -20.14 5.80
CA GLU A 207 1.37 -21.58 5.60
C GLU A 207 2.12 -22.28 6.71
N HIS A 208 3.30 -21.78 7.06
CA HIS A 208 4.09 -22.39 8.13
C HIS A 208 3.36 -22.25 9.46
N ALA A 209 2.31 -21.44 9.45
CA ALA A 209 1.49 -21.24 10.64
C ALA A 209 0.25 -22.10 10.54
N LYS A 210 0.37 -23.22 9.84
CA LYS A 210 -0.75 -24.14 9.64
C LYS A 210 -2.03 -23.35 9.35
N ARG A 211 -1.86 -22.21 8.68
CA ARG A 211 -2.97 -21.34 8.32
C ARG A 211 -2.83 -20.90 6.86
N LYS A 212 -3.95 -20.85 6.14
CA LYS A 212 -3.94 -20.47 4.73
C LYS A 212 -4.79 -19.22 4.51
N THR A 213 -4.44 -18.15 5.20
CA THR A 213 -5.18 -16.89 5.11
C THR A 213 -4.22 -15.71 5.23
N VAL A 214 -4.61 -14.66 5.98
CA VAL A 214 -3.75 -13.48 6.14
C VAL A 214 -3.42 -13.26 7.61
N THR A 215 -2.23 -13.65 8.02
CA THR A 215 -1.82 -13.44 9.41
C THR A 215 -1.15 -12.07 9.56
N SER A 216 -1.64 -11.28 10.51
CA SER A 216 -1.09 -9.95 10.76
C SER A 216 0.42 -10.01 10.92
N LEU A 217 0.90 -11.19 11.31
CA LEU A 217 2.33 -11.38 11.50
C LEU A 217 3.04 -11.19 10.16
N ASP A 218 2.33 -11.51 9.09
CA ASP A 218 2.86 -11.38 7.73
C ASP A 218 3.15 -9.93 7.42
N VAL A 219 2.16 -9.07 7.58
CA VAL A 219 2.34 -7.66 7.29
C VAL A 219 3.42 -7.08 8.19
N VAL A 220 3.42 -7.43 9.46
CA VAL A 220 4.42 -6.93 10.38
C VAL A 220 5.80 -7.50 10.09
N TYR A 221 5.91 -8.82 10.05
CA TYR A 221 7.20 -9.47 9.79
C TYR A 221 7.73 -9.16 8.39
N ALA A 222 6.86 -9.18 7.40
CA ALA A 222 7.28 -8.92 6.03
C ALA A 222 7.84 -7.51 5.89
N LEU A 223 7.14 -6.53 6.45
CA LEU A 223 7.61 -5.15 6.37
C LEU A 223 8.96 -4.98 7.05
N LYS A 224 9.15 -5.66 8.17
CA LYS A 224 10.42 -5.56 8.89
C LYS A 224 11.57 -6.00 8.01
N ARG A 225 11.38 -7.11 7.29
CA ARG A 225 12.42 -7.60 6.39
C ARG A 225 12.69 -6.62 5.26
N GLN A 226 11.63 -6.09 4.67
CA GLN A 226 11.79 -5.14 3.58
C GLN A 226 12.56 -3.92 4.07
N GLY A 227 12.26 -3.49 5.29
CA GLY A 227 12.94 -2.34 5.87
C GLY A 227 14.45 -2.57 5.96
N ARG A 228 14.83 -3.79 6.32
CA ARG A 228 16.25 -4.13 6.46
C ARG A 228 16.99 -4.01 5.13
N THR A 229 16.44 -4.64 4.11
CA THR A 229 17.05 -4.63 2.79
C THR A 229 17.22 -3.19 2.31
N LEU A 230 16.23 -2.36 2.57
CA LEU A 230 16.28 -0.97 2.14
C LEU A 230 17.49 -0.28 2.77
N TYR A 231 17.76 -0.56 4.03
CA TYR A 231 18.91 0.04 4.70
C TYR A 231 20.19 -0.45 4.03
N GLY A 232 20.08 -1.53 3.26
CA GLY A 232 21.23 -2.09 2.56
C GLY A 232 22.00 -3.07 3.45
N PHE A 233 21.41 -3.41 4.59
CA PHE A 233 22.04 -4.33 5.54
C PHE A 233 21.00 -5.35 6.04
N GLY A 234 21.46 -6.36 6.76
CA GLY A 234 20.56 -7.38 7.30
C GLY A 234 21.04 -7.84 8.67
N GLY A 235 21.68 -6.93 9.40
CA GLY A 235 22.19 -7.25 10.73
C GLY A 235 23.10 -8.46 10.69
N LEU A 11 -15.94 -8.49 -1.51
CA LEU A 11 -16.46 -7.74 -2.68
C LEU A 11 -17.81 -7.10 -2.33
N ILE A 12 -18.53 -7.75 -1.42
CA ILE A 12 -19.84 -7.25 -1.00
C ILE A 12 -19.68 -5.93 -0.23
N SER A 13 -18.51 -5.76 0.39
CA SER A 13 -18.23 -4.55 1.16
C SER A 13 -18.06 -3.36 0.23
N LYS A 14 -18.76 -2.28 0.54
CA LYS A 14 -18.66 -1.07 -0.29
C LYS A 14 -17.27 -0.48 -0.22
N ILE A 15 -16.69 -0.44 0.99
CA ILE A 15 -15.35 0.11 1.21
C ILE A 15 -14.48 -0.02 -0.04
N PRO A 16 -14.45 1.00 -0.88
CA PRO A 16 -13.65 0.96 -2.14
C PRO A 16 -12.20 0.54 -1.89
N PHE A 17 -11.60 1.10 -0.85
CA PHE A 17 -10.21 0.77 -0.52
C PHE A 17 -10.04 -0.75 -0.34
N ALA A 18 -10.92 -1.34 0.46
CA ALA A 18 -10.87 -2.77 0.70
C ALA A 18 -10.85 -3.52 -0.62
N ARG A 19 -11.71 -3.10 -1.54
CA ARG A 19 -11.80 -3.75 -2.85
C ARG A 19 -10.44 -3.74 -3.53
N LEU A 20 -9.70 -2.64 -3.40
CA LEU A 20 -8.40 -2.54 -4.06
C LEU A 20 -7.46 -3.64 -3.60
N VAL A 21 -7.22 -3.74 -2.30
CA VAL A 21 -6.29 -4.76 -1.79
C VAL A 21 -6.96 -6.14 -1.70
N LYS A 22 -8.18 -6.20 -1.20
CA LYS A 22 -8.84 -7.48 -1.06
C LYS A 22 -8.96 -8.18 -2.39
N GLU A 23 -9.34 -7.44 -3.42
CA GLU A 23 -9.49 -8.01 -4.75
C GLU A 23 -8.11 -8.34 -5.33
N VAL A 24 -7.16 -7.43 -5.13
CA VAL A 24 -5.79 -7.63 -5.64
C VAL A 24 -5.22 -8.92 -5.08
N THR A 25 -5.45 -9.17 -3.80
CA THR A 25 -4.95 -10.40 -3.20
C THR A 25 -5.71 -11.57 -3.81
N ASP A 26 -7.00 -11.35 -4.07
CA ASP A 26 -7.84 -12.39 -4.65
C ASP A 26 -7.72 -12.43 -6.18
N GLU A 27 -6.98 -11.49 -6.74
CA GLU A 27 -6.81 -11.45 -8.20
C GLU A 27 -6.14 -12.73 -8.66
N PHE A 28 -5.28 -13.28 -7.81
CA PHE A 28 -4.58 -14.50 -8.14
C PHE A 28 -4.50 -15.42 -6.94
N THR A 29 -4.94 -16.67 -7.15
CA THR A 29 -4.96 -17.72 -6.13
C THR A 29 -6.26 -18.50 -6.26
N THR A 30 -6.17 -19.70 -6.82
CA THR A 30 -7.34 -20.53 -7.02
C THR A 30 -7.98 -20.91 -5.69
N LYS A 31 -7.17 -21.19 -4.68
CA LYS A 31 -7.70 -21.57 -3.38
C LYS A 31 -8.33 -20.36 -2.68
N ASP A 32 -7.68 -19.21 -2.78
CA ASP A 32 -8.19 -17.98 -2.15
C ASP A 32 -8.95 -17.16 -3.18
N GLN A 33 -9.60 -17.86 -4.11
CA GLN A 33 -10.35 -17.22 -5.17
C GLN A 33 -11.59 -16.49 -4.64
N ASP A 34 -12.03 -16.86 -3.44
CA ASP A 34 -13.20 -16.22 -2.83
C ASP A 34 -13.11 -16.34 -1.31
N LEU A 35 -12.05 -15.77 -0.75
CA LEU A 35 -11.83 -15.81 0.69
C LEU A 35 -12.05 -14.43 1.30
N ARG A 36 -12.89 -14.36 2.34
CA ARG A 36 -13.19 -13.10 3.02
C ARG A 36 -12.56 -13.09 4.40
N TRP A 37 -11.27 -12.74 4.45
CA TRP A 37 -10.54 -12.69 5.70
C TRP A 37 -10.96 -11.47 6.51
N GLN A 38 -10.56 -11.46 7.79
CA GLN A 38 -10.87 -10.35 8.67
C GLN A 38 -10.39 -9.03 8.07
N SER A 39 -10.66 -7.95 8.78
CA SER A 39 -10.25 -6.62 8.33
C SER A 39 -8.74 -6.46 8.46
N MET A 40 -8.08 -7.47 9.00
CA MET A 40 -6.63 -7.42 9.18
C MET A 40 -5.95 -7.03 7.88
N ALA A 41 -6.32 -7.70 6.80
CA ALA A 41 -5.75 -7.40 5.48
C ALA A 41 -6.16 -6.00 5.05
N ILE A 42 -7.38 -5.62 5.40
CA ILE A 42 -7.88 -4.30 5.05
C ILE A 42 -7.11 -3.22 5.79
N MET A 43 -6.85 -3.44 7.06
CA MET A 43 -6.11 -2.46 7.84
C MET A 43 -4.73 -2.30 7.24
N ALA A 44 -4.23 -3.38 6.66
CA ALA A 44 -2.92 -3.34 6.02
C ALA A 44 -2.96 -2.32 4.89
N LEU A 45 -4.06 -2.31 4.14
CA LEU A 45 -4.19 -1.36 3.06
C LEU A 45 -4.12 0.05 3.65
N GLN A 46 -4.86 0.27 4.72
CA GLN A 46 -4.87 1.55 5.37
C GLN A 46 -3.47 1.93 5.81
N GLU A 47 -2.60 0.93 5.93
CA GLU A 47 -1.24 1.18 6.32
C GLU A 47 -0.55 1.96 5.20
N ALA A 48 -0.71 1.44 3.99
CA ALA A 48 -0.11 2.07 2.82
C ALA A 48 -0.78 3.40 2.53
N SER A 49 -2.08 3.46 2.75
CA SER A 49 -2.83 4.68 2.48
C SER A 49 -2.53 5.74 3.53
N GLU A 50 -2.58 5.34 4.80
CA GLU A 50 -2.32 6.27 5.89
C GLU A 50 -0.96 6.93 5.74
N ALA A 51 0.04 6.15 5.35
CA ALA A 51 1.39 6.67 5.17
C ALA A 51 1.42 7.66 4.01
N TYR A 52 1.04 7.19 2.82
CA TYR A 52 1.04 8.06 1.66
C TYR A 52 0.16 9.27 1.90
N LEU A 53 -0.89 9.08 2.67
CA LEU A 53 -1.79 10.17 2.99
C LEU A 53 -1.01 11.29 3.68
N VAL A 54 -0.17 10.91 4.63
CA VAL A 54 0.64 11.90 5.35
C VAL A 54 1.64 12.54 4.39
N GLY A 55 2.25 11.73 3.55
CA GLY A 55 3.22 12.22 2.58
C GLY A 55 2.57 13.20 1.62
N LEU A 56 1.41 12.80 1.09
CA LEU A 56 0.68 13.65 0.16
C LEU A 56 0.28 14.94 0.87
N LEU A 57 -0.13 14.81 2.12
CA LEU A 57 -0.53 15.97 2.92
C LEU A 57 0.70 16.80 3.28
N GLU A 58 1.83 16.12 3.45
CA GLU A 58 3.07 16.80 3.81
C GLU A 58 3.50 17.75 2.70
N HIS A 59 3.31 17.34 1.45
CA HIS A 59 3.69 18.18 0.32
C HIS A 59 2.62 19.23 0.07
N THR A 60 1.64 19.29 0.98
CA THR A 60 0.56 20.26 0.88
C THR A 60 -0.16 20.21 -0.47
N ASN A 61 -0.24 19.02 -1.05
CA ASN A 61 -0.92 18.86 -2.34
C ASN A 61 -2.41 19.14 -2.18
N LEU A 62 -2.98 18.69 -1.07
CA LEU A 62 -4.40 18.88 -0.81
C LEU A 62 -4.76 20.35 -0.82
N LEU A 63 -3.95 21.16 -0.15
CA LEU A 63 -4.18 22.60 -0.11
C LEU A 63 -4.06 23.16 -1.52
N ALA A 64 -3.19 22.55 -2.32
CA ALA A 64 -3.00 22.98 -3.69
C ALA A 64 -4.34 22.99 -4.43
N LEU A 65 -5.11 21.92 -4.26
CA LEU A 65 -6.42 21.84 -4.88
C LEU A 65 -7.31 22.94 -4.33
N HIS A 66 -7.44 22.97 -3.01
CA HIS A 66 -8.25 23.96 -2.34
C HIS A 66 -7.52 25.30 -2.28
N ALA A 67 -6.46 25.42 -3.06
CA ALA A 67 -5.67 26.65 -3.09
C ALA A 67 -6.58 27.87 -3.13
N LYS A 68 -7.37 27.98 -4.19
CA LYS A 68 -8.28 29.12 -4.32
C LYS A 68 -7.56 30.44 -4.05
N ARG A 69 -6.35 30.56 -4.60
CA ARG A 69 -5.54 31.77 -4.44
C ARG A 69 -4.81 31.79 -3.09
N ILE A 70 -4.10 30.70 -2.80
CA ILE A 70 -3.35 30.59 -1.54
C ILE A 70 -1.97 29.99 -1.82
N THR A 71 -1.97 28.69 -2.08
CA THR A 71 -0.72 27.97 -2.34
C THR A 71 -0.24 28.21 -3.77
N ILE A 72 -1.12 28.75 -4.62
CA ILE A 72 -0.74 29.02 -6.00
C ILE A 72 0.55 29.83 -6.03
N MET A 73 0.94 30.31 -4.85
CA MET A 73 2.17 31.08 -4.69
C MET A 73 3.24 30.18 -4.10
N LYS A 74 3.90 29.43 -4.98
CA LYS A 74 4.95 28.50 -4.56
C LYS A 74 4.39 27.47 -3.57
N LYS A 75 5.20 27.08 -2.59
CA LYS A 75 4.78 26.11 -1.59
C LYS A 75 4.44 24.76 -2.23
N ASP A 76 3.19 24.32 -2.06
CA ASP A 76 2.75 23.03 -2.61
C ASP A 76 3.36 22.79 -3.99
N MET A 77 3.60 23.88 -4.71
CA MET A 77 4.18 23.76 -6.04
C MET A 77 5.66 23.35 -5.96
N GLN A 78 6.44 24.10 -5.19
CA GLN A 78 7.85 23.78 -5.03
C GLN A 78 8.04 22.49 -4.23
N LEU A 79 7.14 22.26 -3.27
CA LEU A 79 7.21 21.06 -2.45
C LEU A 79 7.02 19.82 -3.31
N ALA A 80 5.78 19.59 -3.76
CA ALA A 80 5.51 18.42 -4.60
C ALA A 80 6.59 18.27 -5.66
N ARG A 81 7.06 19.39 -6.19
CA ARG A 81 8.10 19.36 -7.22
C ARG A 81 9.42 18.84 -6.64
N ARG A 82 9.76 19.30 -5.45
CA ARG A 82 11.02 18.91 -4.80
C ARG A 82 10.85 17.64 -3.99
N ILE A 83 9.68 17.00 -4.09
CA ILE A 83 9.41 15.77 -3.35
C ILE A 83 8.95 14.66 -4.30
N ARG A 84 9.72 13.58 -4.39
CA ARG A 84 9.38 12.46 -5.25
C ARG A 84 9.19 12.91 -6.70
N GLY A 85 9.30 14.21 -6.95
CA GLY A 85 9.14 14.74 -8.30
C GLY A 85 10.49 14.85 -8.99
N GLN A 86 11.56 14.60 -8.24
CA GLN A 86 12.91 14.66 -8.77
C GLN A 86 13.14 13.56 -9.80
N PHE A 87 12.63 12.37 -9.50
CA PHE A 87 12.79 11.23 -10.41
C PHE A 87 14.21 11.17 -10.97
N LEU A 88 15.19 11.02 -10.09
CA LEU A 88 16.58 10.95 -10.50
C LEU A 88 16.88 9.61 -11.16
N VAL A 89 17.76 9.65 -12.17
CA VAL A 89 18.13 8.43 -12.90
C VAL A 89 18.53 7.32 -11.91
N PRO A 90 17.71 6.30 -11.74
CA PRO A 90 18.03 5.18 -10.80
C PRO A 90 19.36 4.53 -11.13
N ARG A 91 20.12 4.19 -10.08
CA ARG A 91 21.41 3.55 -10.25
C ARG A 91 21.72 2.62 -9.08
N GLY A 92 20.67 2.18 -8.40
CA GLY A 92 20.82 1.28 -7.26
C GLY A 92 21.13 2.07 -5.99
N SER A 93 21.06 3.39 -6.09
CA SER A 93 21.32 4.24 -4.94
C SER A 93 20.26 4.03 -3.87
N MET A 94 20.63 4.26 -2.61
CA MET A 94 19.70 4.09 -1.49
C MET A 94 19.83 5.23 -0.49
N GLU A 95 20.22 6.40 -0.98
CA GLU A 95 20.38 7.57 -0.12
C GLU A 95 19.79 8.82 -0.79
N ARG A 96 19.41 8.69 -2.05
CA ARG A 96 18.84 9.82 -2.78
C ARG A 96 17.54 10.28 -2.14
N HIS A 97 16.61 9.34 -1.96
CA HIS A 97 15.31 9.69 -1.37
C HIS A 97 14.49 8.43 -1.08
N LYS A 98 15.05 7.27 -1.40
CA LYS A 98 14.34 6.02 -1.16
C LYS A 98 14.07 5.82 0.33
N LEU A 99 15.01 6.26 1.17
CA LEU A 99 14.84 6.11 2.60
C LEU A 99 13.62 6.88 3.08
N ALA A 100 13.34 8.01 2.44
CA ALA A 100 12.17 8.80 2.81
C ALA A 100 10.93 7.91 2.81
N ASP A 101 10.85 7.05 1.80
CA ASP A 101 9.74 6.11 1.69
C ASP A 101 9.88 5.06 2.77
N GLU A 102 11.12 4.75 3.13
CA GLU A 102 11.37 3.75 4.17
C GLU A 102 10.87 4.25 5.52
N ASN A 103 11.01 5.57 5.74
CA ASN A 103 10.54 6.17 6.98
C ASN A 103 9.02 6.15 7.05
N MET A 104 8.37 6.41 5.92
CA MET A 104 6.91 6.40 5.87
C MET A 104 6.40 4.97 5.99
N ARG A 105 7.16 4.02 5.46
CA ARG A 105 6.78 2.62 5.52
C ARG A 105 6.84 2.12 6.95
N LYS A 106 7.92 2.44 7.64
CA LYS A 106 8.07 2.02 9.01
C LYS A 106 6.94 2.61 9.85
N VAL A 107 6.53 3.81 9.48
CA VAL A 107 5.45 4.47 10.20
C VAL A 107 4.19 3.61 10.14
N TRP A 108 3.86 3.12 8.94
CA TRP A 108 2.68 2.27 8.80
C TRP A 108 2.91 0.94 9.51
N SER A 109 4.17 0.56 9.66
CA SER A 109 4.49 -0.72 10.31
C SER A 109 4.28 -0.60 11.82
N ASN A 110 4.35 0.62 12.33
CA ASN A 110 4.17 0.84 13.76
C ASN A 110 2.69 0.69 14.13
N ILE A 111 1.83 1.39 13.41
CA ILE A 111 0.41 1.31 13.70
C ILE A 111 -0.06 -0.13 13.49
N ILE A 112 0.51 -0.82 12.51
CA ILE A 112 0.15 -2.21 12.26
C ILE A 112 0.59 -3.07 13.42
N SER A 113 1.61 -2.61 14.12
CA SER A 113 2.11 -3.35 15.27
C SER A 113 1.07 -3.31 16.38
N LYS A 114 0.37 -2.18 16.47
CA LYS A 114 -0.65 -2.01 17.49
C LYS A 114 -1.89 -2.86 17.15
N TYR A 115 -2.28 -2.81 15.87
CA TYR A 115 -3.45 -3.55 15.41
C TYR A 115 -3.10 -5.03 15.28
N GLU A 116 -1.85 -5.35 15.50
CA GLU A 116 -1.40 -6.73 15.41
C GLU A 116 -2.21 -7.63 16.35
N SER A 117 -3.13 -7.02 17.09
CA SER A 117 -3.97 -7.75 18.04
C SER A 117 -5.45 -7.64 17.68
N ILE A 118 -5.73 -7.28 16.43
CA ILE A 118 -7.12 -7.15 15.96
C ILE A 118 -7.98 -8.30 16.49
N GLU A 119 -9.18 -7.96 16.94
CA GLU A 119 -10.11 -8.95 17.49
C GLU A 119 -11.20 -9.31 16.47
N GLU A 120 -10.92 -10.33 15.67
CA GLU A 120 -11.86 -10.82 14.65
C GLU A 120 -12.94 -9.78 14.32
N GLN A 121 -12.52 -8.60 13.89
CA GLN A 121 -13.46 -7.53 13.57
C GLN A 121 -14.07 -7.73 12.18
N GLY A 122 -14.54 -8.94 11.90
CA GLY A 122 -15.15 -9.23 10.60
C GLY A 122 -15.44 -10.72 10.45
N ASP A 123 -15.48 -11.19 9.21
CA ASP A 123 -15.75 -12.61 8.94
C ASP A 123 -14.82 -13.49 9.78
N LEU A 124 -14.95 -14.81 9.66
CA LEU A 124 -14.12 -15.72 10.44
C LEU A 124 -13.49 -16.80 9.56
N VAL A 125 -12.18 -16.70 9.38
CA VAL A 125 -11.43 -17.67 8.59
C VAL A 125 -10.22 -18.15 9.39
N ASP A 126 -9.50 -19.13 8.87
CA ASP A 126 -8.34 -19.67 9.59
C ASP A 126 -7.21 -18.64 9.67
N LEU A 127 -7.43 -17.59 10.45
CA LEU A 127 -6.42 -16.53 10.63
C LEU A 127 -5.42 -16.92 11.70
N LYS A 128 -5.85 -16.85 12.95
CA LYS A 128 -4.98 -17.17 14.09
C LYS A 128 -5.42 -18.48 14.73
N THR A 129 -6.74 -18.70 14.77
CA THR A 129 -7.28 -19.91 15.38
C THR A 129 -6.92 -21.14 14.55
N GLY A 130 -7.01 -21.00 13.23
CA GLY A 130 -6.67 -22.11 12.33
C GLY A 130 -7.71 -23.22 12.38
N GLU A 131 -8.96 -22.87 12.70
CA GLU A 131 -10.03 -23.86 12.78
C GLU A 131 -11.24 -23.46 11.93
N ILE A 132 -11.05 -22.49 11.04
CA ILE A 132 -12.14 -22.02 10.17
C ILE A 132 -11.64 -21.84 8.74
N VAL A 133 -12.51 -22.10 7.76
CA VAL A 133 -12.13 -21.94 6.36
C VAL A 133 -13.33 -21.44 5.56
N GLU A 134 -13.11 -20.39 4.77
CA GLU A 134 -14.17 -19.82 3.93
C GLU A 134 -13.64 -19.62 2.51
N ASP A 135 -13.39 -20.72 1.82
CA ASP A 135 -12.87 -20.66 0.46
C ASP A 135 -13.32 -21.88 -0.35
N ASN A 136 -13.05 -21.85 -1.65
CA ASN A 136 -13.43 -22.97 -2.52
C ASN A 136 -12.58 -22.97 -3.79
N GLY A 137 -11.75 -24.01 -3.93
CA GLY A 137 -10.89 -24.14 -5.10
C GLY A 137 -10.50 -25.59 -5.34
N HIS A 138 -10.31 -25.95 -6.60
CA HIS A 138 -9.94 -27.31 -6.96
C HIS A 138 -8.46 -27.56 -6.64
N ILE A 139 -7.58 -26.99 -7.45
CA ILE A 139 -6.14 -27.15 -7.25
C ILE A 139 -5.60 -26.10 -6.28
N LYS A 140 -4.49 -26.41 -5.64
CA LYS A 140 -3.88 -25.49 -4.68
C LYS A 140 -2.91 -24.55 -5.38
N THR A 141 -3.02 -23.26 -5.08
CA THR A 141 -2.15 -22.24 -5.67
C THR A 141 -1.51 -21.40 -4.58
N LEU A 142 -0.18 -21.25 -4.63
CA LEU A 142 0.55 -20.47 -3.63
C LEU A 142 1.35 -19.35 -4.28
N THR A 143 0.89 -18.86 -5.43
CA THR A 143 1.62 -17.78 -6.10
C THR A 143 1.98 -16.73 -5.07
N ALA A 144 0.96 -16.20 -4.40
CA ALA A 144 1.16 -15.25 -3.32
C ALA A 144 1.75 -13.94 -3.78
N ASN A 145 2.09 -13.83 -5.04
CA ASN A 145 2.67 -12.59 -5.50
C ASN A 145 2.51 -12.38 -6.98
N ASN A 146 1.39 -11.79 -7.34
CA ASN A 146 1.12 -11.47 -8.72
C ASN A 146 0.44 -10.09 -8.76
N SER A 147 0.59 -9.36 -7.66
CA SER A 147 0.00 -8.03 -7.53
C SER A 147 0.69 -7.03 -8.44
N THR A 148 1.86 -7.39 -8.95
CA THR A 148 2.59 -6.51 -9.85
C THR A 148 1.71 -6.22 -11.06
N LYS A 149 0.60 -6.93 -11.14
CA LYS A 149 -0.35 -6.77 -12.23
C LYS A 149 -1.42 -5.75 -11.85
N ASP A 150 -1.29 -5.19 -10.66
CA ASP A 150 -2.25 -4.22 -10.16
C ASP A 150 -2.17 -2.90 -10.94
N LYS A 151 -2.45 -2.95 -12.22
CA LYS A 151 -2.41 -1.75 -13.06
C LYS A 151 -3.59 -0.86 -12.72
N ARG A 152 -4.78 -1.45 -12.65
CA ARG A 152 -5.99 -0.70 -12.32
C ARG A 152 -7.17 -1.66 -12.20
N THR A 153 -7.36 -2.21 -11.01
CA THR A 153 -8.45 -3.14 -10.77
C THR A 153 -9.80 -2.45 -11.01
N LYS A 154 -9.94 -1.24 -10.48
CA LYS A 154 -11.17 -0.49 -10.64
C LYS A 154 -10.90 1.01 -10.51
N TYR A 155 -11.72 1.82 -11.15
CA TYR A 155 -11.55 3.27 -11.10
C TYR A 155 -11.68 3.80 -9.69
N THR A 156 -11.91 2.91 -8.72
CA THR A 156 -12.04 3.33 -7.34
C THR A 156 -10.71 3.88 -6.83
N SER A 157 -9.61 3.29 -7.28
CA SER A 157 -8.30 3.73 -6.86
C SER A 157 -7.99 5.11 -7.43
N VAL A 158 -8.18 5.27 -8.74
CA VAL A 158 -7.92 6.55 -9.39
C VAL A 158 -8.86 7.61 -8.84
N LEU A 159 -10.09 7.20 -8.56
CA LEU A 159 -11.11 8.10 -8.04
C LEU A 159 -10.70 8.69 -6.68
N ARG A 160 -10.33 7.82 -5.75
CA ARG A 160 -9.97 8.27 -4.40
C ARG A 160 -8.48 8.59 -4.26
N ASP A 161 -7.64 7.95 -5.06
CA ASP A 161 -6.20 8.18 -4.96
C ASP A 161 -5.77 9.49 -5.64
N ILE A 162 -6.22 9.70 -6.87
CA ILE A 162 -5.83 10.89 -7.64
C ILE A 162 -6.91 11.98 -7.63
N ILE A 163 -8.00 11.72 -8.33
CA ILE A 163 -9.07 12.71 -8.47
C ILE A 163 -9.41 13.38 -7.14
N ASP A 164 -9.47 12.60 -6.05
CA ASP A 164 -9.79 13.18 -4.76
C ASP A 164 -8.71 14.16 -4.32
N ILE A 165 -7.45 13.80 -4.54
CA ILE A 165 -6.34 14.67 -4.16
C ILE A 165 -6.22 15.84 -5.14
N SER A 166 -6.32 15.54 -6.43
CA SER A 166 -6.21 16.56 -7.47
C SER A 166 -4.93 17.36 -7.30
N ASP A 167 -3.83 16.68 -7.05
CA ASP A 167 -2.55 17.35 -6.87
C ASP A 167 -2.14 18.08 -8.15
N GLU A 168 -2.02 19.40 -8.05
CA GLU A 168 -1.63 20.21 -9.21
C GLU A 168 -0.14 20.03 -9.49
N GLU A 169 0.55 19.33 -8.58
CA GLU A 169 1.97 19.09 -8.73
C GLU A 169 2.73 20.40 -8.89
N ASP A 170 3.82 20.37 -9.65
CA ASP A 170 4.63 21.56 -9.87
C ASP A 170 3.86 22.57 -10.71
N GLY A 171 2.82 23.14 -10.12
CA GLY A 171 1.99 24.12 -10.81
C GLY A 171 2.75 25.42 -11.04
N ASP A 172 4.00 25.48 -10.59
CA ASP A 172 4.80 26.68 -10.76
C ASP A 172 5.10 26.94 -12.23
N LYS A 173 4.98 25.89 -13.04
CA LYS A 173 5.23 26.02 -14.48
C LYS A 173 3.97 26.49 -15.20
N GLY A 174 2.82 26.18 -14.63
CA GLY A 174 1.54 26.57 -15.22
C GLY A 174 1.36 25.88 -16.58
N GLY A 175 2.38 25.14 -17.00
CA GLY A 175 2.33 24.44 -18.28
C GLY A 175 3.00 23.07 -18.16
N VAL A 176 3.01 22.53 -16.93
CA VAL A 176 3.62 21.25 -16.66
C VAL A 176 3.37 20.27 -17.81
N LYS A 177 4.28 19.30 -17.96
CA LYS A 177 4.17 18.31 -19.02
C LYS A 177 4.25 16.90 -18.44
N ARG A 178 5.42 16.27 -18.54
CA ARG A 178 5.61 14.92 -18.02
C ARG A 178 6.01 14.99 -16.55
N ILE A 179 6.11 16.20 -16.02
CA ILE A 179 6.49 16.38 -14.63
C ILE A 179 5.38 15.87 -13.71
N SER A 180 4.17 15.82 -14.25
CA SER A 180 3.01 15.35 -13.49
C SER A 180 2.72 13.88 -13.80
N GLY A 181 2.10 13.20 -12.84
CA GLY A 181 1.76 11.79 -13.02
C GLY A 181 2.88 10.88 -12.52
N LEU A 182 4.09 11.43 -12.48
CA LEU A 182 5.26 10.66 -12.03
C LEU A 182 5.10 10.28 -10.56
N ILE A 183 4.59 11.20 -9.76
CA ILE A 183 4.41 10.95 -8.33
C ILE A 183 3.45 9.78 -8.11
N TYR A 184 2.30 9.84 -8.75
CA TYR A 184 1.30 8.78 -8.60
C TYR A 184 1.85 7.45 -9.13
N GLU A 185 2.69 7.54 -10.16
CA GLU A 185 3.28 6.34 -10.74
C GLU A 185 4.20 5.65 -9.74
N GLU A 186 5.06 6.43 -9.09
CA GLU A 186 5.98 5.89 -8.10
C GLU A 186 5.21 5.37 -6.89
N VAL A 187 4.12 6.06 -6.56
CA VAL A 187 3.30 5.66 -5.43
C VAL A 187 2.79 4.24 -5.63
N ARG A 188 2.32 3.96 -6.85
CA ARG A 188 1.81 2.65 -7.18
C ARG A 188 2.93 1.61 -7.12
N ALA A 189 4.12 2.00 -7.56
CA ALA A 189 5.27 1.10 -7.54
C ALA A 189 5.49 0.54 -6.14
N VAL A 190 5.49 1.44 -5.15
CA VAL A 190 5.69 1.03 -3.77
C VAL A 190 4.52 0.18 -3.29
N LEU A 191 3.31 0.54 -3.73
CA LEU A 191 2.13 -0.20 -3.32
C LEU A 191 2.22 -1.64 -3.82
N LYS A 192 2.65 -1.80 -5.07
CA LYS A 192 2.78 -3.13 -5.66
C LYS A 192 3.84 -3.93 -4.91
N SER A 193 5.00 -3.34 -4.73
CA SER A 193 6.08 -4.02 -4.02
C SER A 193 5.67 -4.32 -2.59
N PHE A 194 5.00 -3.36 -1.95
CA PHE A 194 4.55 -3.57 -0.58
C PHE A 194 3.66 -4.82 -0.52
N LEU A 195 2.58 -4.81 -1.30
CA LEU A 195 1.67 -5.94 -1.31
C LEU A 195 2.39 -7.20 -1.76
N GLU A 196 3.12 -7.08 -2.86
CA GLU A 196 3.84 -8.20 -3.41
C GLU A 196 4.61 -8.93 -2.31
N SER A 197 5.41 -8.18 -1.56
CA SER A 197 6.19 -8.74 -0.48
C SER A 197 5.31 -9.25 0.67
N VAL A 198 4.29 -8.46 1.03
CA VAL A 198 3.42 -8.81 2.15
C VAL A 198 2.71 -10.14 1.93
N ILE A 199 1.91 -10.24 0.89
CA ILE A 199 1.19 -11.48 0.65
C ILE A 199 2.16 -12.62 0.34
N ARG A 200 3.28 -12.30 -0.29
CA ARG A 200 4.25 -13.35 -0.61
C ARG A 200 4.59 -14.11 0.65
N ASP A 201 4.94 -13.36 1.69
CA ASP A 201 5.29 -13.97 2.95
C ASP A 201 4.05 -14.48 3.67
N SER A 202 2.90 -13.89 3.38
CA SER A 202 1.70 -14.34 4.04
C SER A 202 1.41 -15.79 3.70
N VAL A 203 1.36 -16.11 2.42
CA VAL A 203 1.12 -17.48 2.02
C VAL A 203 2.22 -18.37 2.56
N THR A 204 3.47 -17.92 2.45
CA THR A 204 4.58 -18.72 2.91
C THR A 204 4.55 -18.93 4.44
N TYR A 205 4.47 -17.84 5.20
CA TYR A 205 4.47 -17.93 6.67
C TYR A 205 3.12 -18.42 7.20
N THR A 206 2.03 -17.88 6.66
CA THR A 206 0.71 -18.28 7.12
C THR A 206 0.53 -19.78 6.91
N GLU A 207 1.09 -20.28 5.81
CA GLU A 207 1.01 -21.70 5.51
C GLU A 207 1.77 -22.49 6.58
N HIS A 208 2.98 -22.04 6.90
CA HIS A 208 3.77 -22.72 7.92
C HIS A 208 3.03 -22.70 9.25
N ALA A 209 2.03 -21.83 9.33
CA ALA A 209 1.21 -21.73 10.53
C ALA A 209 -0.05 -22.54 10.33
N LYS A 210 0.07 -23.60 9.53
CA LYS A 210 -1.07 -24.46 9.23
C LYS A 210 -2.32 -23.63 8.98
N ARG A 211 -2.11 -22.45 8.40
CA ARG A 211 -3.20 -21.52 8.08
C ARG A 211 -3.00 -21.01 6.66
N LYS A 212 -4.09 -20.85 5.92
CA LYS A 212 -4.02 -20.37 4.54
C LYS A 212 -4.88 -19.11 4.38
N THR A 213 -4.51 -18.06 5.12
CA THR A 213 -5.24 -16.80 5.06
C THR A 213 -4.27 -15.63 5.24
N VAL A 214 -4.66 -14.60 6.01
CA VAL A 214 -3.81 -13.44 6.23
C VAL A 214 -3.53 -13.25 7.71
N THR A 215 -2.37 -13.73 8.17
CA THR A 215 -1.98 -13.56 9.56
C THR A 215 -1.29 -12.21 9.74
N SER A 216 -1.75 -11.42 10.70
CA SER A 216 -1.17 -10.10 10.96
C SER A 216 0.35 -10.19 11.08
N LEU A 217 0.85 -11.37 11.41
CA LEU A 217 2.29 -11.57 11.54
C LEU A 217 2.96 -11.32 10.20
N ASP A 218 2.23 -11.59 9.13
CA ASP A 218 2.76 -11.42 7.79
C ASP A 218 3.09 -9.96 7.50
N VAL A 219 2.10 -9.09 7.71
CA VAL A 219 2.30 -7.67 7.46
C VAL A 219 3.41 -7.13 8.36
N VAL A 220 3.43 -7.56 9.62
CA VAL A 220 4.46 -7.10 10.55
C VAL A 220 5.83 -7.67 10.19
N TYR A 221 5.91 -8.99 10.08
CA TYR A 221 7.17 -9.66 9.76
C TYR A 221 7.65 -9.29 8.35
N ALA A 222 6.74 -9.24 7.39
CA ALA A 222 7.11 -8.93 6.02
C ALA A 222 7.70 -7.53 5.93
N LEU A 223 7.05 -6.56 6.56
CA LEU A 223 7.54 -5.18 6.52
C LEU A 223 8.93 -5.09 7.15
N LYS A 224 9.12 -5.81 8.25
CA LYS A 224 10.42 -5.80 8.92
C LYS A 224 11.51 -6.24 7.95
N ARG A 225 11.22 -7.29 7.20
CA ARG A 225 12.19 -7.81 6.24
C ARG A 225 12.52 -6.78 5.17
N GLN A 226 11.50 -6.19 4.56
CA GLN A 226 11.73 -5.21 3.50
C GLN A 226 12.45 -4.00 4.06
N GLY A 227 12.09 -3.59 5.27
CA GLY A 227 12.72 -2.43 5.91
C GLY A 227 14.24 -2.62 5.99
N ARG A 228 14.64 -3.85 6.31
CA ARG A 228 16.06 -4.17 6.45
C ARG A 228 16.76 -4.17 5.09
N THR A 229 16.08 -4.69 4.07
CA THR A 229 16.67 -4.77 2.73
C THR A 229 16.88 -3.39 2.12
N LEU A 230 16.00 -2.45 2.44
CA LEU A 230 16.12 -1.10 1.88
C LEU A 230 17.46 -0.48 2.28
N TYR A 231 17.91 -0.76 3.50
CA TYR A 231 19.18 -0.23 3.97
C TYR A 231 20.33 -0.80 3.14
N GLY A 232 20.13 -2.00 2.61
CA GLY A 232 21.14 -2.65 1.78
C GLY A 232 22.30 -3.16 2.62
N PHE A 233 22.06 -3.35 3.91
CA PHE A 233 23.10 -3.83 4.83
C PHE A 233 22.53 -4.94 5.73
N GLY A 234 23.40 -5.61 6.48
CA GLY A 234 22.98 -6.67 7.39
C GLY A 234 23.74 -6.61 8.69
N GLY A 235 24.18 -5.40 9.07
CA GLY A 235 24.93 -5.21 10.31
C GLY A 235 24.00 -5.20 11.52
N LEU A 11 -24.77 5.76 6.92
CA LEU A 11 -23.35 5.41 7.17
C LEU A 11 -22.59 5.42 5.85
N ILE A 12 -21.42 6.08 5.85
CA ILE A 12 -20.59 6.17 4.64
C ILE A 12 -19.32 5.34 4.81
N SER A 13 -18.97 4.58 3.78
CA SER A 13 -17.78 3.73 3.83
C SER A 13 -17.17 3.60 2.44
N LYS A 14 -15.85 3.43 2.39
CA LYS A 14 -15.15 3.29 1.10
C LYS A 14 -15.01 1.82 0.74
N ILE A 15 -15.18 1.51 -0.55
CA ILE A 15 -15.07 0.14 -1.05
C ILE A 15 -13.85 -0.02 -1.98
N PRO A 16 -13.50 1.00 -2.74
CA PRO A 16 -12.33 0.90 -3.68
C PRO A 16 -11.08 0.42 -2.96
N PHE A 17 -10.79 0.99 -1.79
CA PHE A 17 -9.61 0.61 -1.04
C PHE A 17 -9.53 -0.91 -0.82
N ALA A 18 -10.53 -1.44 -0.12
CA ALA A 18 -10.57 -2.87 0.14
C ALA A 18 -10.37 -3.65 -1.14
N ARG A 19 -11.01 -3.19 -2.22
CA ARG A 19 -10.87 -3.85 -3.50
C ARG A 19 -9.40 -3.89 -3.91
N LEU A 20 -8.69 -2.79 -3.73
CA LEU A 20 -7.28 -2.77 -4.14
C LEU A 20 -6.52 -3.94 -3.55
N VAL A 21 -6.51 -4.05 -2.22
CA VAL A 21 -5.78 -5.14 -1.57
C VAL A 21 -6.53 -6.46 -1.63
N LYS A 22 -7.83 -6.44 -1.36
CA LYS A 22 -8.60 -7.67 -1.36
C LYS A 22 -8.71 -8.26 -2.75
N GLU A 23 -9.03 -7.42 -3.73
CA GLU A 23 -9.18 -7.90 -5.10
C GLU A 23 -7.83 -8.38 -5.64
N VAL A 24 -6.77 -7.65 -5.33
CA VAL A 24 -5.43 -8.02 -5.78
C VAL A 24 -5.06 -9.40 -5.23
N THR A 25 -5.34 -9.61 -3.97
CA THR A 25 -5.04 -10.89 -3.37
C THR A 25 -6.00 -11.96 -3.90
N ASP A 26 -7.23 -11.54 -4.21
CA ASP A 26 -8.24 -12.47 -4.70
C ASP A 26 -8.13 -12.72 -6.20
N GLU A 27 -7.54 -11.79 -6.95
CA GLU A 27 -7.41 -11.97 -8.40
C GLU A 27 -6.38 -13.05 -8.70
N PHE A 28 -5.82 -13.62 -7.64
CA PHE A 28 -4.81 -14.65 -7.79
C PHE A 28 -5.48 -15.96 -8.18
N THR A 29 -4.77 -17.08 -7.99
CA THR A 29 -5.32 -18.38 -8.35
C THR A 29 -6.76 -18.53 -7.87
N THR A 30 -7.40 -19.60 -8.33
CA THR A 30 -8.78 -19.88 -7.97
C THR A 30 -8.91 -20.12 -6.49
N LYS A 31 -7.80 -20.32 -5.80
CA LYS A 31 -7.83 -20.58 -4.36
C LYS A 31 -8.45 -19.40 -3.60
N ASP A 32 -8.06 -18.18 -3.97
CA ASP A 32 -8.58 -16.97 -3.31
C ASP A 32 -9.72 -16.36 -4.12
N GLN A 33 -10.47 -17.20 -4.81
CA GLN A 33 -11.58 -16.74 -5.63
C GLN A 33 -12.71 -16.15 -4.79
N ASP A 34 -12.92 -16.70 -3.60
CA ASP A 34 -13.99 -16.22 -2.72
C ASP A 34 -13.57 -16.36 -1.27
N LEU A 35 -12.58 -15.58 -0.86
CA LEU A 35 -12.07 -15.63 0.51
C LEU A 35 -12.29 -14.27 1.17
N ARG A 36 -13.08 -14.25 2.25
CA ARG A 36 -13.37 -13.01 2.97
C ARG A 36 -12.71 -13.02 4.34
N TRP A 37 -11.43 -12.65 4.37
CA TRP A 37 -10.69 -12.61 5.62
C TRP A 37 -11.09 -11.37 6.42
N GLN A 38 -10.70 -11.35 7.69
CA GLN A 38 -11.01 -10.21 8.56
C GLN A 38 -10.47 -8.92 7.93
N SER A 39 -10.94 -7.79 8.43
CA SER A 39 -10.49 -6.50 7.94
C SER A 39 -8.99 -6.32 8.21
N MET A 40 -8.33 -7.37 8.67
CA MET A 40 -6.90 -7.29 8.96
C MET A 40 -6.12 -6.94 7.69
N ALA A 41 -6.40 -7.64 6.61
CA ALA A 41 -5.74 -7.36 5.34
C ALA A 41 -6.11 -5.95 4.87
N ILE A 42 -7.33 -5.55 5.18
CA ILE A 42 -7.81 -4.23 4.81
C ILE A 42 -7.05 -3.17 5.62
N MET A 43 -6.81 -3.46 6.88
CA MET A 43 -6.09 -2.54 7.73
C MET A 43 -4.70 -2.35 7.16
N ALA A 44 -4.15 -3.43 6.60
CA ALA A 44 -2.84 -3.37 5.99
C ALA A 44 -2.86 -2.33 4.87
N LEU A 45 -3.93 -2.31 4.10
CA LEU A 45 -4.03 -1.34 3.03
C LEU A 45 -3.95 0.06 3.64
N GLN A 46 -4.73 0.28 4.69
CA GLN A 46 -4.72 1.57 5.36
C GLN A 46 -3.33 1.91 5.81
N GLU A 47 -2.48 0.91 5.94
CA GLU A 47 -1.10 1.16 6.34
C GLU A 47 -0.42 1.94 5.23
N ALA A 48 -0.60 1.45 4.01
CA ALA A 48 0.00 2.10 2.86
C ALA A 48 -0.62 3.46 2.65
N SER A 49 -1.93 3.55 2.90
CA SER A 49 -2.64 4.81 2.72
C SER A 49 -2.29 5.79 3.83
N GLU A 50 -2.22 5.28 5.06
CA GLU A 50 -1.90 6.13 6.20
C GLU A 50 -0.56 6.82 5.99
N ALA A 51 0.44 6.07 5.54
CA ALA A 51 1.75 6.67 5.31
C ALA A 51 1.70 7.68 4.17
N TYR A 52 1.24 7.24 3.01
CA TYR A 52 1.15 8.15 1.87
C TYR A 52 0.34 9.37 2.26
N LEU A 53 -0.68 9.16 3.08
CA LEU A 53 -1.51 10.26 3.52
C LEU A 53 -0.67 11.28 4.29
N VAL A 54 0.19 10.79 5.18
CA VAL A 54 1.05 11.67 5.97
C VAL A 54 2.02 12.40 5.05
N GLY A 55 2.61 11.66 4.11
CA GLY A 55 3.55 12.26 3.17
C GLY A 55 2.85 13.30 2.31
N LEU A 56 1.68 12.95 1.80
CA LEU A 56 0.91 13.86 0.98
C LEU A 56 0.53 15.09 1.81
N LEU A 57 0.18 14.86 3.07
CA LEU A 57 -0.19 15.94 3.97
C LEU A 57 1.04 16.72 4.40
N GLU A 58 2.18 16.03 4.49
CA GLU A 58 3.42 16.67 4.91
C GLU A 58 3.82 17.74 3.91
N HIS A 59 3.67 17.43 2.63
CA HIS A 59 4.02 18.38 1.58
C HIS A 59 2.86 19.37 1.37
N THR A 60 1.81 19.19 2.16
CA THR A 60 0.65 20.07 2.12
C THR A 60 0.13 20.34 0.71
N ASN A 61 -0.18 19.27 -0.01
CA ASN A 61 -0.68 19.38 -1.37
C ASN A 61 -2.14 19.83 -1.35
N LEU A 62 -2.91 19.21 -0.48
CA LEU A 62 -4.32 19.53 -0.36
C LEU A 62 -4.48 21.02 -0.14
N LEU A 63 -3.69 21.58 0.76
CA LEU A 63 -3.75 23.00 1.03
C LEU A 63 -3.36 23.75 -0.23
N ALA A 64 -2.38 23.23 -0.96
CA ALA A 64 -1.94 23.87 -2.22
C ALA A 64 -3.15 24.22 -3.07
N LEU A 65 -4.14 23.35 -3.05
CA LEU A 65 -5.37 23.59 -3.81
C LEU A 65 -6.24 24.61 -3.08
N HIS A 66 -6.89 24.16 -2.02
CA HIS A 66 -7.78 25.02 -1.25
C HIS A 66 -7.07 26.31 -0.82
N ALA A 67 -5.76 26.37 -1.05
CA ALA A 67 -5.00 27.56 -0.67
C ALA A 67 -5.47 28.78 -1.44
N LYS A 68 -5.71 28.59 -2.73
CA LYS A 68 -6.13 29.68 -3.61
C LYS A 68 -5.03 30.73 -3.72
N ARG A 69 -4.58 31.26 -2.59
CA ARG A 69 -3.53 32.27 -2.56
C ARG A 69 -2.70 32.16 -1.29
N ILE A 70 -2.24 30.95 -0.98
CA ILE A 70 -1.44 30.72 0.23
C ILE A 70 -0.22 29.86 -0.08
N THR A 71 -0.44 28.56 -0.25
CA THR A 71 0.64 27.62 -0.54
C THR A 71 0.85 27.48 -2.04
N ILE A 72 -0.09 28.01 -2.83
CA ILE A 72 0.03 27.94 -4.27
C ILE A 72 1.29 28.66 -4.73
N MET A 73 2.01 29.23 -3.77
CA MET A 73 3.24 29.95 -4.06
C MET A 73 4.45 29.07 -3.77
N LYS A 74 5.51 29.27 -4.54
CA LYS A 74 6.74 28.50 -4.39
C LYS A 74 7.05 28.21 -2.92
N LYS A 75 6.67 27.01 -2.48
CA LYS A 75 6.90 26.59 -1.10
C LYS A 75 6.51 25.12 -0.93
N ASP A 76 5.31 24.89 -0.41
CA ASP A 76 4.83 23.53 -0.22
C ASP A 76 4.80 22.86 -1.58
N MET A 77 4.91 23.70 -2.60
CA MET A 77 4.92 23.25 -3.98
C MET A 77 6.21 22.48 -4.26
N GLN A 78 7.33 23.15 -4.04
CA GLN A 78 8.63 22.53 -4.27
C GLN A 78 8.74 21.27 -3.43
N LEU A 79 8.03 21.24 -2.30
CA LEU A 79 8.07 20.08 -1.43
C LEU A 79 7.46 18.87 -2.15
N ALA A 80 6.14 18.86 -2.33
CA ALA A 80 5.49 17.74 -2.99
C ALA A 80 6.09 17.51 -4.38
N ARG A 81 6.95 18.42 -4.83
CA ARG A 81 7.57 18.30 -6.15
C ARG A 81 8.85 17.47 -6.12
N ARG A 82 9.95 18.09 -5.70
CA ARG A 82 11.24 17.39 -5.68
C ARG A 82 11.17 16.09 -4.90
N ILE A 83 10.38 16.07 -3.84
CA ILE A 83 10.27 14.86 -3.03
C ILE A 83 9.62 13.72 -3.79
N ARG A 84 8.51 14.00 -4.48
CA ARG A 84 7.79 12.96 -5.24
C ARG A 84 7.85 13.25 -6.74
N GLY A 85 7.61 14.49 -7.11
CA GLY A 85 7.63 14.89 -8.52
C GLY A 85 8.93 14.47 -9.19
N GLN A 86 9.88 13.96 -8.40
CA GLN A 86 11.16 13.53 -8.95
C GLN A 86 10.96 12.38 -9.94
N PHE A 87 10.03 11.48 -9.63
CA PHE A 87 9.76 10.35 -10.51
C PHE A 87 11.05 9.61 -10.84
N LEU A 88 11.52 8.79 -9.90
CA LEU A 88 12.75 8.02 -10.10
C LEU A 88 12.43 6.53 -10.20
N VAL A 89 13.07 5.85 -11.15
CA VAL A 89 12.84 4.43 -11.36
C VAL A 89 14.07 3.62 -10.90
N PRO A 90 13.89 2.40 -10.45
CA PRO A 90 15.04 1.55 -10.02
C PRO A 90 16.17 1.55 -11.03
N ARG A 91 17.35 1.96 -10.60
CA ARG A 91 18.51 2.01 -11.48
C ARG A 91 19.78 2.17 -10.65
N GLY A 92 19.70 1.82 -9.37
CA GLY A 92 20.86 1.93 -8.49
C GLY A 92 21.48 3.31 -8.62
N SER A 93 20.72 4.25 -9.19
CA SER A 93 21.21 5.61 -9.37
C SER A 93 21.53 6.25 -8.02
N MET A 94 20.66 6.01 -7.04
CA MET A 94 20.84 6.57 -5.71
C MET A 94 19.97 5.85 -4.69
N GLU A 95 20.60 5.31 -3.65
CA GLU A 95 19.87 4.56 -2.62
C GLU A 95 19.91 5.31 -1.28
N ARG A 96 20.65 6.41 -1.25
CA ARG A 96 20.76 7.20 -0.03
C ARG A 96 19.41 7.81 0.35
N HIS A 97 18.65 8.25 -0.65
CA HIS A 97 17.35 8.85 -0.42
C HIS A 97 16.30 7.79 -0.08
N LYS A 98 16.41 6.62 -0.70
CA LYS A 98 15.44 5.55 -0.44
C LYS A 98 15.21 5.42 1.07
N LEU A 99 16.18 5.91 1.83
CA LEU A 99 16.09 5.87 3.29
C LEU A 99 14.80 6.55 3.74
N ALA A 100 14.69 7.83 3.43
CA ALA A 100 13.51 8.59 3.83
C ALA A 100 12.23 7.81 3.50
N ASP A 101 12.21 7.23 2.31
CA ASP A 101 11.06 6.44 1.88
C ASP A 101 10.95 5.20 2.76
N GLU A 102 12.11 4.68 3.18
CA GLU A 102 12.13 3.50 4.02
C GLU A 102 11.50 3.82 5.38
N ASN A 103 11.71 5.06 5.83
CA ASN A 103 11.16 5.48 7.12
C ASN A 103 9.63 5.55 7.04
N MET A 104 9.12 5.96 5.89
CA MET A 104 7.67 6.07 5.71
C MET A 104 7.02 4.67 5.73
N ARG A 105 7.68 3.71 5.10
CA ARG A 105 7.15 2.35 5.07
C ARG A 105 7.18 1.77 6.48
N LYS A 106 8.24 2.10 7.21
CA LYS A 106 8.37 1.64 8.59
C LYS A 106 7.32 2.31 9.45
N VAL A 107 6.97 3.54 9.10
CA VAL A 107 5.96 4.27 9.87
C VAL A 107 4.67 3.47 9.87
N TRP A 108 4.24 3.01 8.70
CA TRP A 108 3.02 2.23 8.65
C TRP A 108 3.25 0.89 9.34
N SER A 109 4.50 0.46 9.40
CA SER A 109 4.82 -0.82 10.04
C SER A 109 4.70 -0.71 11.56
N ASN A 110 4.88 0.50 12.07
CA ASN A 110 4.78 0.73 13.51
C ASN A 110 3.33 0.58 13.96
N ILE A 111 2.45 1.32 13.31
CA ILE A 111 1.03 1.24 13.64
C ILE A 111 0.55 -0.20 13.45
N ILE A 112 1.10 -0.87 12.46
CA ILE A 112 0.73 -2.26 12.20
C ILE A 112 1.12 -3.12 13.40
N SER A 113 2.13 -2.68 14.11
CA SER A 113 2.58 -3.41 15.30
C SER A 113 1.53 -3.29 16.38
N LYS A 114 0.94 -2.11 16.47
CA LYS A 114 -0.10 -1.85 17.45
C LYS A 114 -1.40 -2.54 17.04
N TYR A 115 -1.65 -2.53 15.73
CA TYR A 115 -2.86 -3.15 15.19
C TYR A 115 -2.69 -4.66 15.15
N GLU A 116 -1.49 -5.11 15.48
CA GLU A 116 -1.20 -6.54 15.48
C GLU A 116 -2.20 -7.29 16.37
N SER A 117 -3.07 -6.54 17.03
CA SER A 117 -4.08 -7.12 17.92
C SER A 117 -5.49 -6.79 17.44
N ILE A 118 -5.61 -6.41 16.17
CA ILE A 118 -6.91 -6.05 15.59
C ILE A 118 -8.00 -6.99 16.10
N GLU A 119 -9.07 -6.40 16.61
CA GLU A 119 -10.19 -7.17 17.11
C GLU A 119 -11.06 -7.64 15.95
N GLU A 120 -10.90 -8.90 15.57
CA GLU A 120 -11.67 -9.47 14.47
C GLU A 120 -13.12 -9.01 14.49
N GLN A 121 -13.41 -7.94 13.73
CA GLN A 121 -14.77 -7.40 13.64
C GLN A 121 -15.33 -7.56 12.22
N GLY A 122 -15.27 -8.78 11.70
CA GLY A 122 -15.79 -9.04 10.36
C GLY A 122 -16.00 -10.54 10.14
N ASP A 123 -15.88 -10.99 8.90
CA ASP A 123 -16.05 -12.41 8.59
C ASP A 123 -15.18 -13.24 9.51
N LEU A 124 -15.22 -14.57 9.36
CA LEU A 124 -14.42 -15.45 10.19
C LEU A 124 -13.76 -16.54 9.37
N VAL A 125 -12.44 -16.45 9.26
CA VAL A 125 -11.65 -17.43 8.51
C VAL A 125 -10.44 -17.84 9.37
N ASP A 126 -9.69 -18.83 8.90
CA ASP A 126 -8.52 -19.29 9.64
C ASP A 126 -7.42 -18.22 9.64
N LEU A 127 -7.69 -17.10 10.32
CA LEU A 127 -6.72 -16.00 10.41
C LEU A 127 -5.60 -16.36 11.34
N LYS A 128 -5.93 -16.50 12.62
CA LYS A 128 -4.92 -16.83 13.62
C LYS A 128 -5.40 -17.95 14.53
N THR A 129 -6.69 -18.30 14.42
CA THR A 129 -7.27 -19.38 15.21
C THR A 129 -6.95 -20.72 14.57
N GLY A 130 -7.06 -20.77 13.24
CA GLY A 130 -6.78 -22.00 12.49
C GLY A 130 -7.89 -23.03 12.65
N GLU A 131 -9.08 -22.57 13.02
CA GLU A 131 -10.22 -23.48 13.21
C GLU A 131 -11.39 -23.12 12.28
N ILE A 132 -11.15 -22.23 11.32
CA ILE A 132 -12.20 -21.81 10.37
C ILE A 132 -11.66 -21.74 8.95
N VAL A 133 -12.51 -21.99 7.97
CA VAL A 133 -12.07 -21.94 6.57
C VAL A 133 -13.19 -21.40 5.69
N GLU A 134 -12.84 -20.50 4.79
CA GLU A 134 -13.82 -19.90 3.88
C GLU A 134 -13.20 -19.78 2.49
N ASP A 135 -12.98 -20.93 1.85
CA ASP A 135 -12.39 -20.94 0.51
C ASP A 135 -12.83 -22.19 -0.26
N ASN A 136 -13.52 -21.98 -1.38
CA ASN A 136 -13.98 -23.09 -2.18
C ASN A 136 -12.80 -23.89 -2.74
N GLY A 137 -11.80 -23.17 -3.24
CA GLY A 137 -10.62 -23.81 -3.81
C GLY A 137 -9.63 -24.18 -2.71
N HIS A 138 -8.60 -24.94 -3.08
CA HIS A 138 -7.58 -25.36 -2.10
C HIS A 138 -6.31 -25.80 -2.82
N ILE A 139 -5.41 -24.85 -3.06
CA ILE A 139 -4.14 -25.15 -3.74
C ILE A 139 -2.98 -25.04 -2.75
N LYS A 140 -2.26 -26.13 -2.58
CA LYS A 140 -1.13 -26.17 -1.66
C LYS A 140 0.04 -25.36 -2.20
N THR A 141 0.20 -25.37 -3.52
CA THR A 141 1.30 -24.64 -4.16
C THR A 141 1.23 -23.15 -3.84
N LEU A 142 2.40 -22.56 -3.62
CA LEU A 142 2.48 -21.14 -3.30
C LEU A 142 2.28 -20.30 -4.56
N THR A 143 1.05 -19.87 -4.77
CA THR A 143 0.73 -19.05 -5.93
C THR A 143 1.72 -17.90 -6.05
N ALA A 144 1.65 -16.97 -5.10
CA ALA A 144 2.56 -15.83 -5.10
C ALA A 144 2.67 -15.25 -6.50
N ASN A 145 1.54 -15.19 -7.18
CA ASN A 145 1.51 -14.68 -8.55
C ASN A 145 2.11 -13.27 -8.61
N ASN A 146 2.51 -12.75 -7.46
CA ASN A 146 3.12 -11.42 -7.39
C ASN A 146 2.10 -10.33 -7.74
N SER A 147 1.72 -9.56 -6.74
CA SER A 147 0.77 -8.47 -6.95
C SER A 147 1.35 -7.44 -7.91
N THR A 148 2.67 -7.47 -8.09
CA THR A 148 3.32 -6.53 -9.01
C THR A 148 2.63 -6.61 -10.36
N LYS A 149 1.85 -7.67 -10.55
CA LYS A 149 1.11 -7.88 -11.78
C LYS A 149 -0.01 -6.84 -11.89
N ASP A 150 -0.11 -5.98 -10.90
CA ASP A 150 -1.13 -4.93 -10.89
C ASP A 150 -0.79 -3.85 -11.90
N LYS A 151 -0.95 -4.17 -13.19
CA LYS A 151 -0.66 -3.21 -14.25
C LYS A 151 -1.82 -2.25 -14.43
N ARG A 152 -3.03 -2.78 -14.51
CA ARG A 152 -4.22 -1.95 -14.69
C ARG A 152 -5.48 -2.80 -14.71
N THR A 153 -6.07 -3.03 -13.54
CA THR A 153 -7.29 -3.83 -13.44
C THR A 153 -8.51 -2.92 -13.37
N LYS A 154 -8.45 -1.92 -12.51
CA LYS A 154 -9.55 -0.96 -12.34
C LYS A 154 -9.12 0.18 -11.42
N TYR A 155 -8.07 -0.07 -10.64
CA TYR A 155 -7.58 0.93 -9.71
C TYR A 155 -7.10 2.18 -10.44
N THR A 156 -6.31 1.99 -11.48
CA THR A 156 -5.77 3.12 -12.23
C THR A 156 -6.89 4.11 -12.56
N SER A 157 -8.05 3.59 -12.95
CA SER A 157 -9.18 4.44 -13.30
C SER A 157 -9.63 5.27 -12.10
N VAL A 158 -9.80 4.61 -10.95
CA VAL A 158 -10.24 5.31 -9.75
C VAL A 158 -9.16 6.27 -9.26
N LEU A 159 -7.92 5.80 -9.23
CA LEU A 159 -6.80 6.62 -8.78
C LEU A 159 -6.64 7.84 -9.69
N ARG A 160 -6.75 7.63 -10.99
CA ARG A 160 -6.64 8.73 -11.94
C ARG A 160 -7.85 9.65 -11.80
N ASP A 161 -9.01 9.05 -11.57
CA ASP A 161 -10.24 9.82 -11.41
C ASP A 161 -10.32 10.49 -10.04
N ILE A 162 -9.37 10.17 -9.17
CA ILE A 162 -9.34 10.72 -7.84
C ILE A 162 -9.38 12.25 -7.88
N ILE A 163 -9.34 12.81 -9.08
CA ILE A 163 -9.35 14.27 -9.24
C ILE A 163 -10.39 14.92 -8.33
N ASP A 164 -11.28 14.11 -7.75
CA ASP A 164 -12.32 14.63 -6.87
C ASP A 164 -11.68 15.47 -5.76
N ILE A 165 -10.55 15.03 -5.24
CA ILE A 165 -9.85 15.77 -4.18
C ILE A 165 -9.00 16.88 -4.79
N SER A 166 -8.74 16.77 -6.10
CA SER A 166 -7.95 17.77 -6.80
C SER A 166 -6.60 17.96 -6.11
N ASP A 167 -5.62 17.15 -6.47
CA ASP A 167 -4.29 17.25 -5.89
C ASP A 167 -3.34 17.94 -6.85
N GLU A 168 -3.14 19.24 -6.67
CA GLU A 168 -2.25 20.01 -7.53
C GLU A 168 -0.83 19.46 -7.44
N GLU A 169 -0.58 18.66 -6.40
CA GLU A 169 0.74 18.07 -6.20
C GLU A 169 1.83 19.15 -6.24
N ASP A 170 2.72 19.05 -7.22
CA ASP A 170 3.80 20.02 -7.33
C ASP A 170 3.26 21.44 -7.36
N GLY A 171 2.09 21.62 -7.96
CA GLY A 171 1.47 22.95 -8.04
C GLY A 171 2.25 23.87 -8.97
N ASP A 172 3.57 23.68 -9.02
CA ASP A 172 4.40 24.52 -9.88
C ASP A 172 4.13 24.18 -11.35
N LYS A 173 2.93 24.51 -11.80
CA LYS A 173 2.53 24.25 -13.18
C LYS A 173 3.47 24.95 -14.15
N GLY A 174 3.73 26.23 -13.87
CA GLY A 174 4.62 27.01 -14.73
C GLY A 174 5.97 26.33 -14.89
N GLY A 175 6.20 25.28 -14.10
CA GLY A 175 7.47 24.53 -14.16
C GLY A 175 7.24 23.09 -14.57
N VAL A 176 5.99 22.63 -14.49
CA VAL A 176 5.64 21.25 -14.86
C VAL A 176 4.29 21.23 -15.57
N LYS A 177 4.15 20.31 -16.53
CA LYS A 177 2.91 20.21 -17.30
C LYS A 177 2.06 19.05 -16.77
N ARG A 178 2.20 17.88 -17.39
CA ARG A 178 1.45 16.71 -16.97
C ARG A 178 1.87 16.25 -15.58
N ILE A 179 1.58 17.09 -14.58
CA ILE A 179 1.93 16.77 -13.21
C ILE A 179 1.19 15.51 -12.74
N SER A 180 -0.09 15.46 -13.05
CA SER A 180 -0.92 14.33 -12.66
C SER A 180 -0.56 13.09 -13.46
N GLY A 181 -0.80 11.93 -12.87
CA GLY A 181 -0.50 10.65 -13.53
C GLY A 181 0.85 10.11 -13.08
N LEU A 182 1.81 11.01 -12.90
CA LEU A 182 3.15 10.60 -12.48
C LEU A 182 3.15 10.18 -11.01
N ILE A 183 2.57 11.01 -10.15
CA ILE A 183 2.52 10.71 -8.72
C ILE A 183 1.67 9.48 -8.45
N TYR A 184 0.49 9.43 -9.06
CA TYR A 184 -0.40 8.30 -8.86
C TYR A 184 0.28 7.00 -9.31
N GLU A 185 1.11 7.10 -10.35
CA GLU A 185 1.82 5.94 -10.85
C GLU A 185 2.83 5.45 -9.82
N GLU A 186 3.55 6.38 -9.21
CA GLU A 186 4.56 6.04 -8.21
C GLU A 186 3.89 5.44 -6.98
N VAL A 187 2.75 6.00 -6.60
CA VAL A 187 2.02 5.51 -5.44
C VAL A 187 1.65 4.05 -5.66
N ARG A 188 1.17 3.74 -6.86
CA ARG A 188 0.79 2.38 -7.20
C ARG A 188 2.02 1.47 -7.21
N ALA A 189 3.16 2.03 -7.62
CA ALA A 189 4.39 1.26 -7.70
C ALA A 189 4.79 0.71 -6.33
N VAL A 190 4.70 1.55 -5.30
CA VAL A 190 5.06 1.11 -3.96
C VAL A 190 3.95 0.23 -3.38
N LEU A 191 2.72 0.52 -3.76
CA LEU A 191 1.59 -0.25 -3.25
C LEU A 191 1.66 -1.69 -3.77
N LYS A 192 1.93 -1.84 -5.07
CA LYS A 192 2.00 -3.16 -5.67
C LYS A 192 3.19 -3.94 -5.11
N SER A 193 4.33 -3.26 -4.97
CA SER A 193 5.53 -3.90 -4.44
C SER A 193 5.32 -4.28 -2.98
N PHE A 194 4.66 -3.39 -2.24
CA PHE A 194 4.40 -3.65 -0.83
C PHE A 194 3.61 -4.95 -0.70
N LEU A 195 2.54 -5.07 -1.48
CA LEU A 195 1.71 -6.26 -1.45
C LEU A 195 2.51 -7.48 -1.88
N GLU A 196 3.23 -7.33 -2.97
CA GLU A 196 4.01 -8.44 -3.52
C GLU A 196 4.78 -9.14 -2.40
N SER A 197 5.46 -8.35 -1.58
CA SER A 197 6.22 -8.90 -0.46
C SER A 197 5.29 -9.48 0.61
N VAL A 198 4.17 -8.81 0.82
CA VAL A 198 3.22 -9.25 1.84
C VAL A 198 2.53 -10.56 1.45
N ILE A 199 1.89 -10.57 0.28
CA ILE A 199 1.17 -11.77 -0.14
C ILE A 199 2.11 -12.97 -0.20
N ARG A 200 3.29 -12.77 -0.78
CA ARG A 200 4.26 -13.86 -0.89
C ARG A 200 4.57 -14.38 0.50
N ASP A 201 4.78 -13.46 1.43
CA ASP A 201 5.08 -13.83 2.80
C ASP A 201 3.81 -14.32 3.49
N SER A 202 2.67 -13.78 3.05
CA SER A 202 1.40 -14.17 3.66
C SER A 202 1.14 -15.63 3.45
N VAL A 203 1.21 -16.08 2.20
CA VAL A 203 0.96 -17.49 1.88
C VAL A 203 2.05 -18.37 2.51
N THR A 204 3.29 -17.91 2.46
CA THR A 204 4.40 -18.67 3.01
C THR A 204 4.26 -18.86 4.54
N TYR A 205 4.11 -17.75 5.26
CA TYR A 205 3.99 -17.84 6.72
C TYR A 205 2.69 -18.52 7.12
N THR A 206 1.60 -18.21 6.43
CA THR A 206 0.33 -18.83 6.75
C THR A 206 0.48 -20.34 6.75
N GLU A 207 1.14 -20.85 5.72
CA GLU A 207 1.36 -22.27 5.62
C GLU A 207 2.12 -22.78 6.83
N HIS A 208 3.13 -22.02 7.25
CA HIS A 208 3.91 -22.40 8.41
C HIS A 208 3.15 -22.09 9.69
N ALA A 209 2.09 -21.29 9.56
CA ALA A 209 1.26 -20.93 10.70
C ALA A 209 0.03 -21.82 10.73
N LYS A 210 0.12 -22.96 10.08
CA LYS A 210 -0.99 -23.90 10.03
C LYS A 210 -2.29 -23.19 9.66
N ARG A 211 -2.16 -22.14 8.86
CA ARG A 211 -3.30 -21.35 8.42
C ARG A 211 -3.15 -21.00 6.94
N LYS A 212 -4.26 -20.69 6.27
CA LYS A 212 -4.23 -20.37 4.84
C LYS A 212 -5.08 -19.12 4.57
N THR A 213 -4.73 -18.01 5.23
CA THR A 213 -5.47 -16.76 5.06
C THR A 213 -4.52 -15.57 5.17
N VAL A 214 -4.82 -14.64 6.08
CA VAL A 214 -3.97 -13.47 6.29
C VAL A 214 -3.66 -13.28 7.77
N THR A 215 -2.43 -13.61 8.17
CA THR A 215 -2.06 -13.41 9.56
C THR A 215 -1.34 -12.06 9.71
N SER A 216 -1.82 -11.23 10.63
CA SER A 216 -1.21 -9.92 10.85
C SER A 216 0.29 -10.06 11.01
N LEU A 217 0.74 -11.25 11.41
CA LEU A 217 2.16 -11.51 11.59
C LEU A 217 2.90 -11.36 10.26
N ASP A 218 2.20 -11.64 9.17
CA ASP A 218 2.79 -11.55 7.84
C ASP A 218 3.13 -10.11 7.51
N VAL A 219 2.15 -9.23 7.63
CA VAL A 219 2.36 -7.82 7.33
C VAL A 219 3.44 -7.26 8.26
N VAL A 220 3.45 -7.73 9.50
CA VAL A 220 4.44 -7.25 10.47
C VAL A 220 5.84 -7.73 10.08
N TYR A 221 5.99 -9.04 9.92
CA TYR A 221 7.28 -9.62 9.58
C TYR A 221 7.67 -9.30 8.15
N ALA A 222 6.70 -9.33 7.26
CA ALA A 222 6.99 -9.03 5.86
C ALA A 222 7.62 -7.66 5.76
N LEU A 223 7.02 -6.67 6.41
CA LEU A 223 7.57 -5.32 6.39
C LEU A 223 8.94 -5.27 7.06
N LYS A 224 9.12 -6.09 8.09
CA LYS A 224 10.40 -6.12 8.80
C LYS A 224 11.56 -6.42 7.85
N ARG A 225 11.42 -7.48 7.06
CA ARG A 225 12.49 -7.84 6.13
C ARG A 225 12.63 -6.80 5.02
N GLN A 226 11.51 -6.16 4.65
CA GLN A 226 11.56 -5.16 3.60
C GLN A 226 12.45 -4.00 4.00
N GLY A 227 12.27 -3.54 5.24
CA GLY A 227 13.08 -2.44 5.75
C GLY A 227 14.55 -2.84 5.81
N ARG A 228 14.79 -4.12 6.01
CA ARG A 228 16.15 -4.63 6.10
C ARG A 228 16.87 -4.54 4.75
N THR A 229 16.15 -4.87 3.68
CA THR A 229 16.72 -4.83 2.34
C THR A 229 16.88 -3.40 1.85
N LEU A 230 16.05 -2.50 2.37
CA LEU A 230 16.11 -1.09 1.96
C LEU A 230 17.32 -0.38 2.57
N TYR A 231 17.96 -1.01 3.55
CA TYR A 231 19.14 -0.40 4.17
C TYR A 231 20.31 -0.41 3.18
N GLY A 232 20.13 -1.06 2.04
CA GLY A 232 21.18 -1.13 1.02
C GLY A 232 22.01 -2.38 1.16
N PHE A 233 21.96 -3.02 2.34
CA PHE A 233 22.71 -4.25 2.59
C PHE A 233 21.81 -5.27 3.28
N GLY A 234 22.25 -6.52 3.29
CA GLY A 234 21.49 -7.59 3.94
C GLY A 234 22.42 -8.61 4.58
N GLY A 235 23.55 -8.14 5.07
CA GLY A 235 24.53 -9.01 5.70
C GLY A 235 25.24 -9.89 4.67
N LEU A 11 -22.25 7.15 6.04
CA LEU A 11 -21.53 8.33 5.48
C LEU A 11 -20.76 7.90 4.23
N ILE A 12 -19.80 7.00 4.41
CA ILE A 12 -18.98 6.51 3.30
C ILE A 12 -18.85 5.00 3.36
N SER A 13 -19.05 4.35 2.22
CA SER A 13 -18.96 2.89 2.16
C SER A 13 -17.55 2.41 2.49
N LYS A 14 -16.55 3.08 1.92
CA LYS A 14 -15.16 2.73 2.16
C LYS A 14 -14.88 1.29 1.73
N ILE A 15 -15.51 0.87 0.64
CA ILE A 15 -15.32 -0.48 0.11
C ILE A 15 -14.36 -0.49 -1.08
N PRO A 16 -14.31 0.55 -1.88
CA PRO A 16 -13.40 0.60 -3.06
C PRO A 16 -11.95 0.26 -2.69
N PHE A 17 -11.45 0.87 -1.62
CA PHE A 17 -10.08 0.62 -1.19
C PHE A 17 -9.85 -0.86 -0.88
N ALA A 18 -10.71 -1.43 -0.03
CA ALA A 18 -10.59 -2.82 0.34
C ALA A 18 -10.52 -3.70 -0.89
N ARG A 19 -11.34 -3.37 -1.89
CA ARG A 19 -11.35 -4.13 -3.12
C ARG A 19 -9.98 -4.10 -3.78
N LEU A 20 -9.34 -2.95 -3.81
CA LEU A 20 -8.04 -2.85 -4.46
C LEU A 20 -7.09 -3.90 -3.91
N VAL A 21 -6.84 -3.87 -2.61
CA VAL A 21 -5.93 -4.83 -2.00
C VAL A 21 -6.57 -6.20 -1.86
N LYS A 22 -7.81 -6.25 -1.44
CA LYS A 22 -8.49 -7.52 -1.24
C LYS A 22 -8.65 -8.27 -2.56
N GLU A 23 -9.09 -7.55 -3.60
CA GLU A 23 -9.27 -8.17 -4.89
C GLU A 23 -7.92 -8.65 -5.43
N VAL A 24 -6.87 -7.87 -5.15
CA VAL A 24 -5.54 -8.23 -5.61
C VAL A 24 -5.17 -9.60 -5.04
N THR A 25 -5.42 -9.79 -3.76
CA THR A 25 -5.14 -11.07 -3.13
C THR A 25 -6.10 -12.13 -3.65
N ASP A 26 -7.30 -11.71 -4.04
CA ASP A 26 -8.29 -12.64 -4.56
C ASP A 26 -7.94 -13.11 -5.97
N GLU A 27 -7.19 -12.30 -6.70
CA GLU A 27 -6.79 -12.65 -8.06
C GLU A 27 -5.74 -13.76 -8.04
N PHE A 28 -5.50 -14.32 -6.87
CA PHE A 28 -4.49 -15.38 -6.74
C PHE A 28 -5.16 -16.75 -6.69
N THR A 29 -4.96 -17.53 -7.76
CA THR A 29 -5.51 -18.89 -7.86
C THR A 29 -6.97 -18.96 -7.38
N THR A 30 -7.56 -20.14 -7.56
CA THR A 30 -8.93 -20.39 -7.16
C THR A 30 -9.01 -20.63 -5.65
N LYS A 31 -7.87 -20.76 -5.03
CA LYS A 31 -7.81 -21.02 -3.59
C LYS A 31 -8.45 -19.87 -2.79
N ASP A 32 -8.43 -18.66 -3.36
CA ASP A 32 -8.98 -17.47 -2.67
C ASP A 32 -9.95 -16.70 -3.55
N GLN A 33 -10.67 -17.40 -4.43
CA GLN A 33 -11.62 -16.73 -5.33
C GLN A 33 -12.79 -16.12 -4.55
N ASP A 34 -13.11 -16.67 -3.38
CA ASP A 34 -14.20 -16.12 -2.56
C ASP A 34 -13.86 -16.20 -1.08
N LEU A 35 -12.70 -15.68 -0.70
CA LEU A 35 -12.26 -15.69 0.69
C LEU A 35 -12.40 -14.30 1.29
N ARG A 36 -13.20 -14.18 2.35
CA ARG A 36 -13.42 -12.90 3.00
C ARG A 36 -12.77 -12.90 4.39
N TRP A 37 -11.47 -12.68 4.42
CA TRP A 37 -10.75 -12.66 5.68
C TRP A 37 -11.19 -11.47 6.52
N GLN A 38 -10.65 -11.40 7.72
CA GLN A 38 -10.97 -10.31 8.64
C GLN A 38 -10.43 -9.00 8.10
N SER A 39 -10.85 -7.90 8.72
CA SER A 39 -10.39 -6.58 8.30
C SER A 39 -8.88 -6.44 8.44
N MET A 40 -8.23 -7.48 8.95
CA MET A 40 -6.78 -7.44 9.13
C MET A 40 -6.08 -7.02 7.84
N ALA A 41 -6.40 -7.72 6.76
CA ALA A 41 -5.82 -7.40 5.45
C ALA A 41 -6.24 -6.00 5.01
N ILE A 42 -7.45 -5.61 5.39
CA ILE A 42 -7.97 -4.30 5.02
C ILE A 42 -7.18 -3.22 5.76
N MET A 43 -6.86 -3.47 7.03
CA MET A 43 -6.10 -2.51 7.79
C MET A 43 -4.73 -2.35 7.14
N ALA A 44 -4.24 -3.44 6.56
CA ALA A 44 -2.94 -3.39 5.89
C ALA A 44 -3.00 -2.36 4.76
N LEU A 45 -4.10 -2.38 4.03
CA LEU A 45 -4.26 -1.42 2.96
C LEU A 45 -4.19 -0.01 3.52
N GLN A 46 -4.92 0.21 4.61
CA GLN A 46 -4.92 1.52 5.25
C GLN A 46 -3.51 1.88 5.70
N GLU A 47 -2.66 0.87 5.83
CA GLU A 47 -1.28 1.13 6.22
C GLU A 47 -0.61 1.91 5.12
N ALA A 48 -0.76 1.43 3.90
CA ALA A 48 -0.15 2.09 2.75
C ALA A 48 -0.83 3.43 2.49
N SER A 49 -2.14 3.48 2.70
CA SER A 49 -2.89 4.71 2.46
C SER A 49 -2.63 5.76 3.56
N GLU A 50 -2.70 5.32 4.81
CA GLU A 50 -2.50 6.23 5.94
C GLU A 50 -1.12 6.88 5.88
N ALA A 51 -0.10 6.09 5.60
CA ALA A 51 1.26 6.61 5.54
C ALA A 51 1.43 7.57 4.36
N TYR A 52 1.09 7.09 3.16
CA TYR A 52 1.22 7.94 1.99
C TYR A 52 0.41 9.21 2.19
N LEU A 53 -0.73 9.08 2.87
CA LEU A 53 -1.57 10.24 3.12
C LEU A 53 -0.79 11.30 3.90
N VAL A 54 -0.05 10.85 4.91
CA VAL A 54 0.75 11.78 5.70
C VAL A 54 1.83 12.42 4.82
N GLY A 55 2.36 11.62 3.90
CA GLY A 55 3.41 12.09 2.99
C GLY A 55 2.88 13.22 2.12
N LEU A 56 1.69 13.04 1.58
CA LEU A 56 1.09 14.06 0.73
C LEU A 56 0.91 15.34 1.55
N LEU A 57 0.41 15.19 2.77
CA LEU A 57 0.20 16.33 3.66
C LEU A 57 1.54 16.94 4.06
N GLU A 58 2.52 16.08 4.32
CA GLU A 58 3.84 16.54 4.73
C GLU A 58 4.53 17.30 3.60
N HIS A 59 4.16 16.97 2.37
CA HIS A 59 4.75 17.63 1.20
C HIS A 59 4.28 19.07 1.10
N THR A 60 3.03 19.31 1.53
CA THR A 60 2.39 20.64 1.53
C THR A 60 1.34 20.74 0.43
N ASN A 61 0.90 19.61 -0.11
CA ASN A 61 -0.12 19.62 -1.17
C ASN A 61 -1.43 20.17 -0.63
N LEU A 62 -1.76 19.76 0.58
CA LEU A 62 -3.00 20.18 1.21
C LEU A 62 -3.08 21.70 1.22
N LEU A 63 -1.98 22.33 1.59
CA LEU A 63 -1.93 23.79 1.62
C LEU A 63 -2.10 24.32 0.21
N ALA A 64 -1.56 23.61 -0.77
CA ALA A 64 -1.65 24.02 -2.16
C ALA A 64 -3.10 24.27 -2.57
N LEU A 65 -4.01 23.40 -2.16
CA LEU A 65 -5.42 23.58 -2.49
C LEU A 65 -5.99 24.74 -1.67
N HIS A 66 -5.96 24.57 -0.35
CA HIS A 66 -6.49 25.59 0.55
C HIS A 66 -5.70 26.89 0.44
N ALA A 67 -4.58 26.84 -0.27
CA ALA A 67 -3.75 28.04 -0.42
C ALA A 67 -4.49 29.11 -1.21
N LYS A 68 -5.17 28.69 -2.28
CA LYS A 68 -5.91 29.60 -3.13
C LYS A 68 -4.96 30.58 -3.85
N ARG A 69 -4.16 31.31 -3.07
CA ARG A 69 -3.21 32.27 -3.63
C ARG A 69 -2.00 32.41 -2.73
N ILE A 70 -1.50 31.29 -2.20
CA ILE A 70 -0.35 31.30 -1.30
C ILE A 70 0.79 30.45 -1.86
N THR A 71 0.65 29.12 -1.72
CA THR A 71 1.67 28.20 -2.19
C THR A 71 1.37 27.71 -3.60
N ILE A 72 0.16 27.98 -4.06
CA ILE A 72 -0.23 27.57 -5.40
C ILE A 72 0.65 28.26 -6.43
N MET A 73 1.60 29.05 -5.94
CA MET A 73 2.52 29.79 -6.80
C MET A 73 3.92 29.19 -6.77
N LYS A 74 4.11 28.10 -7.53
CA LYS A 74 5.40 27.45 -7.61
C LYS A 74 6.01 27.23 -6.22
N LYS A 75 5.54 26.19 -5.53
CA LYS A 75 6.03 25.86 -4.19
C LYS A 75 5.65 24.43 -3.82
N ASP A 76 4.52 24.27 -3.15
CA ASP A 76 4.05 22.93 -2.77
C ASP A 76 3.97 22.07 -4.03
N MET A 77 4.07 22.75 -5.16
CA MET A 77 4.01 22.08 -6.46
C MET A 77 5.30 21.32 -6.74
N GLN A 78 6.40 22.06 -6.87
CA GLN A 78 7.69 21.44 -7.14
C GLN A 78 8.12 20.58 -5.96
N LEU A 79 7.75 21.00 -4.76
CA LEU A 79 8.11 20.25 -3.56
C LEU A 79 7.52 18.83 -3.63
N ALA A 80 6.20 18.72 -3.73
CA ALA A 80 5.56 17.42 -3.79
C ALA A 80 6.08 16.64 -4.99
N ARG A 81 6.60 17.34 -6.00
CA ARG A 81 7.11 16.68 -7.20
C ARG A 81 8.59 16.29 -7.03
N ARG A 82 9.28 16.94 -6.09
CA ARG A 82 10.70 16.66 -5.86
C ARG A 82 10.89 15.59 -4.77
N ILE A 83 9.82 14.91 -4.39
CA ILE A 83 9.92 13.88 -3.37
C ILE A 83 10.24 12.52 -4.00
N ARG A 84 9.67 11.46 -3.46
CA ARG A 84 9.93 10.13 -3.99
C ARG A 84 9.41 10.00 -5.41
N GLY A 85 8.19 10.48 -5.66
CA GLY A 85 7.60 10.41 -6.99
C GLY A 85 8.62 10.81 -8.05
N GLN A 86 9.64 11.54 -7.60
CA GLN A 86 10.71 11.98 -8.47
C GLN A 86 11.35 10.78 -9.17
N PHE A 87 10.77 10.37 -10.29
CA PHE A 87 11.28 9.23 -11.04
C PHE A 87 12.40 9.67 -11.99
N LEU A 88 13.62 9.19 -11.74
CA LEU A 88 14.76 9.54 -12.58
C LEU A 88 15.47 8.26 -13.05
N VAL A 89 16.11 8.33 -14.21
CA VAL A 89 16.80 7.17 -14.74
C VAL A 89 17.92 6.72 -13.79
N PRO A 90 18.25 5.45 -13.74
CA PRO A 90 19.33 4.94 -12.85
C PRO A 90 20.61 5.75 -13.00
N ARG A 91 21.07 6.31 -11.88
CA ARG A 91 22.29 7.11 -11.89
C ARG A 91 22.94 7.09 -10.50
N GLY A 92 22.35 6.35 -9.57
CA GLY A 92 22.91 6.27 -8.23
C GLY A 92 23.29 7.64 -7.70
N SER A 93 22.57 8.66 -8.16
CA SER A 93 22.84 10.03 -7.75
C SER A 93 22.74 10.18 -6.23
N MET A 94 21.73 9.53 -5.64
CA MET A 94 21.55 9.60 -4.20
C MET A 94 20.69 8.44 -3.69
N GLU A 95 21.08 7.86 -2.56
CA GLU A 95 20.35 6.75 -1.96
C GLU A 95 20.28 6.92 -0.44
N ARG A 96 20.99 7.93 0.07
CA ARG A 96 20.99 8.19 1.50
C ARG A 96 19.61 8.64 1.96
N HIS A 97 18.94 9.44 1.13
CA HIS A 97 17.61 9.94 1.46
C HIS A 97 16.55 8.89 1.17
N LYS A 98 16.95 7.81 0.50
CA LYS A 98 16.00 6.75 0.17
C LYS A 98 15.39 6.18 1.45
N LEU A 99 16.20 6.14 2.51
CA LEU A 99 15.73 5.63 3.78
C LEU A 99 14.55 6.47 4.29
N ALA A 100 14.52 7.73 3.91
CA ALA A 100 13.42 8.60 4.33
C ALA A 100 12.10 7.97 3.91
N ASP A 101 12.04 7.51 2.67
CA ASP A 101 10.85 6.86 2.17
C ASP A 101 10.65 5.55 2.93
N GLU A 102 11.77 4.94 3.33
CA GLU A 102 11.71 3.70 4.08
C GLU A 102 11.10 3.95 5.46
N ASN A 103 11.37 5.13 6.00
CA ASN A 103 10.86 5.50 7.32
C ASN A 103 9.33 5.61 7.25
N MET A 104 8.83 6.10 6.11
CA MET A 104 7.39 6.23 5.93
C MET A 104 6.73 4.85 5.88
N ARG A 105 7.40 3.90 5.25
CA ARG A 105 6.88 2.54 5.16
C ARG A 105 6.87 1.92 6.56
N LYS A 106 7.93 2.22 7.32
CA LYS A 106 8.01 1.73 8.68
C LYS A 106 6.92 2.36 9.53
N VAL A 107 6.58 3.61 9.21
CA VAL A 107 5.54 4.30 9.96
C VAL A 107 4.26 3.46 9.90
N TRP A 108 3.89 3.02 8.70
CA TRP A 108 2.69 2.21 8.58
C TRP A 108 2.89 0.86 9.27
N SER A 109 4.15 0.45 9.40
CA SER A 109 4.45 -0.83 10.04
C SER A 109 4.29 -0.74 11.55
N ASN A 110 4.44 0.47 12.09
CA ASN A 110 4.29 0.67 13.52
C ASN A 110 2.83 0.54 13.93
N ILE A 111 1.97 1.27 13.22
CA ILE A 111 0.55 1.21 13.54
C ILE A 111 0.04 -0.22 13.35
N ILE A 112 0.58 -0.91 12.34
CA ILE A 112 0.17 -2.29 12.09
C ILE A 112 0.60 -3.17 13.24
N SER A 113 1.66 -2.73 13.93
CA SER A 113 2.15 -3.49 15.06
C SER A 113 1.14 -3.41 16.19
N LYS A 114 0.48 -2.25 16.29
CA LYS A 114 -0.52 -2.04 17.31
C LYS A 114 -1.79 -2.84 17.02
N TYR A 115 -2.21 -2.84 15.76
CA TYR A 115 -3.42 -3.57 15.35
C TYR A 115 -3.12 -5.06 15.23
N GLU A 116 -1.86 -5.42 15.39
CA GLU A 116 -1.46 -6.81 15.30
C GLU A 116 -2.22 -7.66 16.32
N SER A 117 -3.05 -6.99 17.12
CA SER A 117 -3.85 -7.66 18.15
C SER A 117 -5.34 -7.56 17.84
N ILE A 118 -5.66 -7.24 16.58
CA ILE A 118 -7.05 -7.13 16.15
C ILE A 118 -7.90 -8.23 16.80
N GLU A 119 -9.19 -7.93 17.00
CA GLU A 119 -10.12 -8.88 17.62
C GLU A 119 -11.33 -9.14 16.73
N GLU A 120 -11.26 -10.22 15.93
CA GLU A 120 -12.36 -10.64 15.05
C GLU A 120 -13.35 -9.50 14.77
N GLN A 121 -12.84 -8.39 14.27
CA GLN A 121 -13.68 -7.22 13.96
C GLN A 121 -14.46 -7.43 12.66
N GLY A 122 -14.52 -8.66 12.18
CA GLY A 122 -15.25 -8.95 10.94
C GLY A 122 -15.49 -10.45 10.77
N ASP A 123 -15.50 -10.89 9.52
CA ASP A 123 -15.72 -12.30 9.21
C ASP A 123 -14.83 -13.18 10.07
N LEU A 124 -14.94 -14.51 9.90
CA LEU A 124 -14.13 -15.43 10.68
C LEU A 124 -13.59 -16.57 9.81
N VAL A 125 -12.29 -16.49 9.52
CA VAL A 125 -11.61 -17.52 8.72
C VAL A 125 -10.38 -18.00 9.50
N ASP A 126 -9.70 -19.02 9.01
CA ASP A 126 -8.53 -19.56 9.73
C ASP A 126 -7.40 -18.53 9.78
N LEU A 127 -7.61 -17.46 10.52
CA LEU A 127 -6.61 -16.40 10.65
C LEU A 127 -5.58 -16.74 11.72
N LYS A 128 -6.06 -17.07 12.92
CA LYS A 128 -5.16 -17.39 14.03
C LYS A 128 -5.63 -18.66 14.72
N THR A 129 -6.95 -18.85 14.78
CA THR A 129 -7.51 -20.04 15.41
C THR A 129 -7.19 -21.29 14.60
N GLY A 130 -7.30 -21.18 13.27
CA GLY A 130 -7.00 -22.30 12.40
C GLY A 130 -8.11 -23.34 12.41
N GLU A 131 -9.33 -22.93 12.81
CA GLU A 131 -10.46 -23.86 12.89
C GLU A 131 -11.62 -23.37 12.01
N ILE A 132 -11.36 -22.38 11.15
CA ILE A 132 -12.41 -21.84 10.27
C ILE A 132 -11.85 -21.63 8.87
N VAL A 133 -12.68 -21.86 7.86
CA VAL A 133 -12.27 -21.69 6.48
C VAL A 133 -13.43 -21.17 5.63
N GLU A 134 -13.13 -20.21 4.76
CA GLU A 134 -14.14 -19.64 3.88
C GLU A 134 -13.60 -19.54 2.47
N ASP A 135 -13.39 -20.68 1.83
CA ASP A 135 -12.86 -20.71 0.47
C ASP A 135 -13.41 -21.92 -0.27
N ASN A 136 -13.03 -22.05 -1.54
CA ASN A 136 -13.48 -23.18 -2.37
C ASN A 136 -12.29 -24.00 -2.86
N GLY A 137 -12.30 -25.29 -2.53
CA GLY A 137 -11.22 -26.18 -2.93
C GLY A 137 -10.08 -26.15 -1.91
N HIS A 138 -9.21 -27.15 -1.98
CA HIS A 138 -8.07 -27.24 -1.06
C HIS A 138 -6.82 -27.64 -1.82
N ILE A 139 -5.86 -26.72 -1.90
CA ILE A 139 -4.60 -26.98 -2.60
C ILE A 139 -3.44 -26.26 -1.91
N LYS A 140 -2.33 -26.98 -1.75
CA LYS A 140 -1.16 -26.41 -1.09
C LYS A 140 -0.11 -26.01 -2.13
N THR A 141 -0.12 -24.73 -2.50
CA THR A 141 0.83 -24.21 -3.48
C THR A 141 1.02 -22.71 -3.29
N LEU A 142 2.24 -22.23 -3.54
CA LEU A 142 2.54 -20.81 -3.39
C LEU A 142 2.19 -20.05 -4.66
N THR A 143 0.94 -19.64 -4.77
CA THR A 143 0.48 -18.90 -5.93
C THR A 143 1.42 -17.73 -6.20
N ALA A 144 1.47 -16.79 -5.27
CA ALA A 144 2.36 -15.64 -5.42
C ALA A 144 2.21 -15.06 -6.82
N ASN A 145 0.98 -14.99 -7.29
CA ASN A 145 0.71 -14.49 -8.64
C ASN A 145 1.22 -13.06 -8.83
N ASN A 146 1.94 -12.54 -7.85
CA ASN A 146 2.51 -11.19 -7.95
C ASN A 146 1.42 -10.13 -8.01
N SER A 147 1.35 -9.33 -6.95
CA SER A 147 0.35 -8.27 -6.86
C SER A 147 0.64 -7.20 -7.91
N THR A 148 1.83 -7.24 -8.51
CA THR A 148 2.18 -6.27 -9.55
C THR A 148 1.05 -6.26 -10.58
N LYS A 149 0.20 -7.28 -10.47
CA LYS A 149 -0.94 -7.44 -11.34
C LYS A 149 -2.06 -6.50 -10.89
N ASP A 150 -1.69 -5.51 -10.09
CA ASP A 150 -2.65 -4.52 -9.57
C ASP A 150 -3.33 -3.77 -10.72
N LYS A 151 -3.13 -4.25 -11.94
CA LYS A 151 -3.71 -3.62 -13.13
C LYS A 151 -5.06 -4.25 -13.48
N ARG A 152 -5.30 -5.45 -12.95
CA ARG A 152 -6.54 -6.16 -13.22
C ARG A 152 -7.73 -5.58 -12.44
N THR A 153 -7.45 -4.98 -11.30
CA THR A 153 -8.51 -4.40 -10.48
C THR A 153 -9.23 -3.30 -11.25
N LYS A 154 -9.05 -2.07 -10.80
CA LYS A 154 -9.69 -0.91 -11.44
C LYS A 154 -8.82 0.33 -11.28
N TYR A 155 -9.23 1.42 -11.93
CA TYR A 155 -8.49 2.67 -11.85
C TYR A 155 -9.03 3.54 -10.72
N THR A 156 -9.75 2.91 -9.80
CA THR A 156 -10.32 3.62 -8.67
C THR A 156 -9.22 4.06 -7.71
N SER A 157 -8.04 3.46 -7.85
CA SER A 157 -6.93 3.79 -6.96
C SER A 157 -6.61 5.29 -7.04
N VAL A 158 -6.53 5.81 -8.26
CA VAL A 158 -6.25 7.23 -8.45
C VAL A 158 -7.51 8.05 -8.18
N LEU A 159 -8.67 7.44 -8.39
CA LEU A 159 -9.93 8.12 -8.17
C LEU A 159 -10.08 8.53 -6.71
N ARG A 160 -9.79 7.61 -5.81
CA ARG A 160 -9.93 7.87 -4.38
C ARG A 160 -8.66 8.50 -3.80
N ASP A 161 -7.50 8.01 -4.24
CA ASP A 161 -6.23 8.52 -3.73
C ASP A 161 -6.09 10.02 -4.00
N ILE A 162 -6.29 10.42 -5.26
CA ILE A 162 -6.17 11.83 -5.61
C ILE A 162 -7.25 12.67 -4.92
N ILE A 163 -8.48 12.16 -4.93
CA ILE A 163 -9.59 12.88 -4.31
C ILE A 163 -9.44 12.94 -2.80
N ASP A 164 -8.76 11.94 -2.23
CA ASP A 164 -8.56 11.89 -0.79
C ASP A 164 -7.66 13.05 -0.33
N ILE A 165 -6.63 13.33 -1.11
CA ILE A 165 -5.69 14.40 -0.78
C ILE A 165 -6.28 15.77 -1.14
N SER A 166 -7.15 15.79 -2.14
CA SER A 166 -7.76 17.04 -2.57
C SER A 166 -6.72 17.95 -3.21
N ASP A 167 -5.91 17.39 -4.10
CA ASP A 167 -4.88 18.17 -4.77
C ASP A 167 -4.20 17.36 -5.87
N GLU A 168 -3.84 18.04 -6.96
CA GLU A 168 -3.17 17.38 -8.08
C GLU A 168 -1.75 16.99 -7.69
N GLU A 169 -1.42 17.20 -6.42
CA GLU A 169 -0.09 16.89 -5.89
C GLU A 169 0.97 17.83 -6.49
N ASP A 170 1.53 17.46 -7.63
CA ASP A 170 2.55 18.29 -8.25
C ASP A 170 1.98 19.67 -8.58
N GLY A 171 0.66 19.77 -8.55
CA GLY A 171 0.01 21.04 -8.84
C GLY A 171 0.35 21.52 -10.24
N ASP A 172 0.99 22.69 -10.32
CA ASP A 172 1.36 23.26 -11.61
C ASP A 172 0.16 23.26 -12.54
N LYS A 173 -1.03 23.34 -11.94
CA LYS A 173 -2.27 23.34 -12.70
C LYS A 173 -2.30 24.51 -13.68
N GLY A 174 -1.89 25.67 -13.20
CA GLY A 174 -1.86 26.87 -14.04
C GLY A 174 -1.29 26.57 -15.42
N GLY A 175 -0.59 25.44 -15.53
CA GLY A 175 0.00 25.03 -16.80
C GLY A 175 0.05 23.50 -16.91
N VAL A 176 -1.11 22.88 -16.89
CA VAL A 176 -1.20 21.42 -16.98
C VAL A 176 -0.99 20.96 -18.42
N LYS A 177 -0.02 20.07 -18.63
CA LYS A 177 0.25 19.56 -19.97
C LYS A 177 1.28 18.42 -19.90
N ARG A 178 2.23 18.54 -19.00
CA ARG A 178 3.26 17.52 -18.84
C ARG A 178 2.83 16.47 -17.83
N ILE A 179 1.85 16.83 -16.99
CA ILE A 179 1.35 15.91 -15.96
C ILE A 179 1.24 14.49 -16.50
N SER A 180 2.31 13.70 -16.33
CA SER A 180 2.34 12.33 -16.81
C SER A 180 2.00 11.35 -15.70
N GLY A 181 1.27 11.83 -14.69
CA GLY A 181 0.88 10.97 -13.57
C GLY A 181 2.10 10.29 -12.97
N LEU A 182 3.21 11.03 -12.92
CA LEU A 182 4.45 10.48 -12.39
C LEU A 182 4.26 10.04 -10.94
N ILE A 183 3.60 10.87 -10.15
CA ILE A 183 3.37 10.55 -8.74
C ILE A 183 2.48 9.31 -8.61
N TYR A 184 1.37 9.30 -9.33
CA TYR A 184 0.45 8.16 -9.28
C TYR A 184 1.14 6.89 -9.73
N GLU A 185 2.03 7.02 -10.71
CA GLU A 185 2.75 5.86 -11.23
C GLU A 185 3.68 5.27 -10.17
N GLU A 186 4.49 6.12 -9.56
CA GLU A 186 5.43 5.66 -8.54
C GLU A 186 4.68 5.16 -7.31
N VAL A 187 3.56 5.80 -7.00
CA VAL A 187 2.76 5.39 -5.84
C VAL A 187 2.30 3.95 -6.02
N ARG A 188 1.82 3.63 -7.21
CA ARG A 188 1.37 2.26 -7.49
C ARG A 188 2.54 1.30 -7.34
N ALA A 189 3.72 1.72 -7.80
CA ALA A 189 4.90 0.87 -7.70
C ALA A 189 5.12 0.44 -6.26
N VAL A 190 5.02 1.39 -5.33
CA VAL A 190 5.20 1.08 -3.92
C VAL A 190 4.10 0.15 -3.42
N LEU A 191 2.87 0.38 -3.87
CA LEU A 191 1.75 -0.45 -3.48
C LEU A 191 1.96 -1.87 -3.98
N LYS A 192 2.45 -1.99 -5.21
CA LYS A 192 2.70 -3.28 -5.82
C LYS A 192 3.76 -4.06 -5.05
N SER A 193 4.92 -3.43 -4.86
CA SER A 193 6.02 -4.09 -4.15
C SER A 193 5.61 -4.40 -2.71
N PHE A 194 4.89 -3.47 -2.09
CA PHE A 194 4.47 -3.69 -0.72
C PHE A 194 3.63 -4.95 -0.64
N LEU A 195 2.58 -5.02 -1.46
CA LEU A 195 1.72 -6.19 -1.48
C LEU A 195 2.48 -7.42 -1.95
N GLU A 196 3.18 -7.29 -3.07
CA GLU A 196 3.93 -8.40 -3.62
C GLU A 196 4.76 -9.07 -2.53
N SER A 197 5.44 -8.24 -1.73
CA SER A 197 6.26 -8.74 -0.64
C SER A 197 5.41 -9.35 0.47
N VAL A 198 4.27 -8.71 0.74
CA VAL A 198 3.39 -9.19 1.80
C VAL A 198 2.71 -10.50 1.43
N ILE A 199 1.99 -10.51 0.31
CA ILE A 199 1.28 -11.72 -0.11
C ILE A 199 2.23 -12.89 -0.27
N ARG A 200 3.36 -12.65 -0.93
CA ARG A 200 4.33 -13.71 -1.14
C ARG A 200 4.82 -14.24 0.21
N ASP A 201 5.18 -13.31 1.09
CA ASP A 201 5.65 -13.69 2.40
C ASP A 201 4.50 -14.18 3.28
N SER A 202 3.29 -13.71 2.97
CA SER A 202 2.13 -14.12 3.75
C SER A 202 1.76 -15.56 3.44
N VAL A 203 1.61 -15.88 2.18
CA VAL A 203 1.26 -17.24 1.81
C VAL A 203 2.34 -18.17 2.31
N THR A 204 3.59 -17.72 2.28
CA THR A 204 4.70 -18.53 2.76
C THR A 204 4.61 -18.76 4.27
N TYR A 205 4.52 -17.67 5.04
CA TYR A 205 4.44 -17.78 6.50
C TYR A 205 3.07 -18.29 6.94
N THR A 206 2.02 -17.74 6.34
CA THR A 206 0.66 -18.14 6.69
C THR A 206 0.54 -19.66 6.62
N GLU A 207 1.09 -20.26 5.57
CA GLU A 207 1.04 -21.70 5.41
C GLU A 207 1.83 -22.37 6.53
N HIS A 208 3.07 -21.92 6.73
CA HIS A 208 3.90 -22.49 7.78
C HIS A 208 3.21 -22.30 9.12
N ALA A 209 2.16 -21.47 9.12
CA ALA A 209 1.40 -21.22 10.33
C ALA A 209 0.13 -22.06 10.29
N LYS A 210 0.19 -23.18 9.57
CA LYS A 210 -0.95 -24.08 9.44
C LYS A 210 -2.24 -23.30 9.23
N ARG A 211 -2.09 -22.12 8.61
CA ARG A 211 -3.22 -21.25 8.32
C ARG A 211 -3.17 -20.84 6.85
N LYS A 212 -4.32 -20.78 6.20
CA LYS A 212 -4.38 -20.42 4.79
C LYS A 212 -5.20 -19.16 4.59
N THR A 213 -4.79 -18.08 5.25
CA THR A 213 -5.50 -16.81 5.16
C THR A 213 -4.51 -15.65 5.24
N VAL A 214 -4.82 -14.62 6.05
CA VAL A 214 -3.94 -13.46 6.20
C VAL A 214 -3.58 -13.25 7.66
N THR A 215 -2.36 -13.64 8.03
CA THR A 215 -1.91 -13.46 9.40
C THR A 215 -1.20 -12.11 9.56
N SER A 216 -1.62 -11.32 10.54
CA SER A 216 -1.00 -10.02 10.79
C SER A 216 0.50 -10.20 10.94
N LEU A 217 0.90 -11.41 11.29
CA LEU A 217 2.32 -11.71 11.45
C LEU A 217 3.03 -11.48 10.12
N ASP A 218 2.28 -11.64 9.04
CA ASP A 218 2.82 -11.47 7.69
C ASP A 218 3.12 -10.00 7.38
N VAL A 219 2.14 -9.14 7.57
CA VAL A 219 2.32 -7.73 7.27
C VAL A 219 3.44 -7.12 8.12
N VAL A 220 3.49 -7.46 9.41
CA VAL A 220 4.52 -6.90 10.27
C VAL A 220 5.90 -7.49 9.93
N TYR A 221 5.97 -8.82 9.84
CA TYR A 221 7.23 -9.49 9.54
C TYR A 221 7.68 -9.22 8.11
N ALA A 222 6.75 -9.23 7.17
CA ALA A 222 7.09 -8.98 5.77
C ALA A 222 7.66 -7.58 5.61
N LEU A 223 7.04 -6.60 6.23
CA LEU A 223 7.52 -5.22 6.13
C LEU A 223 8.92 -5.13 6.70
N LYS A 224 9.17 -5.83 7.80
CA LYS A 224 10.49 -5.82 8.41
C LYS A 224 11.54 -6.33 7.43
N ARG A 225 11.24 -7.45 6.77
CA ARG A 225 12.15 -8.04 5.81
C ARG A 225 12.54 -7.04 4.72
N GLN A 226 11.55 -6.44 4.09
CA GLN A 226 11.82 -5.50 3.01
C GLN A 226 12.60 -4.30 3.55
N GLY A 227 12.25 -3.86 4.75
CA GLY A 227 12.94 -2.74 5.37
C GLY A 227 14.41 -3.08 5.59
N ARG A 228 14.66 -4.34 5.95
CA ARG A 228 16.03 -4.80 6.18
C ARG A 228 16.83 -4.84 4.89
N THR A 229 16.19 -5.22 3.80
CA THR A 229 16.89 -5.32 2.51
C THR A 229 17.33 -3.94 2.01
N LEU A 230 16.54 -2.92 2.30
CA LEU A 230 16.88 -1.56 1.86
C LEU A 230 18.21 -1.12 2.46
N TYR A 231 18.47 -1.57 3.68
CA TYR A 231 19.73 -1.21 4.35
C TYR A 231 20.91 -1.84 3.60
N GLY A 232 20.66 -2.96 2.93
CA GLY A 232 21.71 -3.64 2.18
C GLY A 232 22.69 -4.34 3.11
N PHE A 233 22.24 -4.62 4.33
CA PHE A 233 23.08 -5.28 5.33
C PHE A 233 22.30 -6.40 6.02
N GLY A 234 23.00 -7.21 6.81
CA GLY A 234 22.36 -8.31 7.54
C GLY A 234 22.96 -8.46 8.93
N GLY A 235 23.44 -7.35 9.49
CA GLY A 235 24.05 -7.37 10.81
C GLY A 235 22.99 -7.46 11.90
N LEU A 11 -27.91 -5.82 2.36
CA LEU A 11 -27.94 -4.35 2.10
C LEU A 11 -26.63 -3.73 2.54
N ILE A 12 -25.52 -4.25 2.01
CA ILE A 12 -24.19 -3.75 2.35
C ILE A 12 -23.54 -3.12 1.12
N SER A 13 -23.08 -1.88 1.26
CA SER A 13 -22.45 -1.18 0.15
C SER A 13 -21.03 -1.72 -0.08
N LYS A 14 -20.59 -1.69 -1.33
CA LYS A 14 -19.26 -2.17 -1.67
C LYS A 14 -18.19 -1.20 -1.18
N ILE A 15 -17.03 -1.74 -0.82
CA ILE A 15 -15.92 -0.92 -0.32
C ILE A 15 -14.76 -0.92 -1.33
N PRO A 16 -14.62 0.12 -2.13
CA PRO A 16 -13.52 0.21 -3.14
C PRO A 16 -12.15 -0.14 -2.55
N PHE A 17 -11.85 0.41 -1.39
CA PHE A 17 -10.55 0.15 -0.75
C PHE A 17 -10.33 -1.34 -0.53
N ALA A 18 -11.30 -1.98 0.12
CA ALA A 18 -11.20 -3.40 0.38
C ALA A 18 -10.92 -4.14 -0.92
N ARG A 19 -11.60 -3.74 -1.98
CA ARG A 19 -11.39 -4.37 -3.28
C ARG A 19 -9.92 -4.33 -3.66
N LEU A 20 -9.28 -3.18 -3.48
CA LEU A 20 -7.87 -3.06 -3.84
C LEU A 20 -7.04 -4.17 -3.23
N VAL A 21 -7.14 -4.35 -1.92
CA VAL A 21 -6.35 -5.41 -1.26
C VAL A 21 -6.93 -6.80 -1.52
N LYS A 22 -8.24 -6.95 -1.31
CA LYS A 22 -8.88 -8.26 -1.50
C LYS A 22 -8.78 -8.71 -2.95
N GLU A 23 -9.12 -7.83 -3.87
CA GLU A 23 -9.08 -8.18 -5.28
C GLU A 23 -7.67 -8.53 -5.69
N VAL A 24 -6.69 -7.75 -5.23
CA VAL A 24 -5.30 -8.02 -5.56
C VAL A 24 -4.91 -9.40 -5.03
N THR A 25 -5.27 -9.67 -3.79
CA THR A 25 -4.96 -10.95 -3.19
C THR A 25 -5.79 -12.06 -3.82
N ASP A 26 -7.01 -11.73 -4.25
CA ASP A 26 -7.89 -12.72 -4.88
C ASP A 26 -7.56 -12.90 -6.35
N GLU A 27 -6.88 -11.92 -6.94
CA GLU A 27 -6.49 -12.00 -8.36
C GLU A 27 -5.53 -13.16 -8.57
N PHE A 28 -5.19 -13.82 -7.47
CA PHE A 28 -4.24 -14.93 -7.52
C PHE A 28 -4.96 -16.25 -7.77
N THR A 29 -4.47 -17.33 -7.18
CA THR A 29 -5.07 -18.64 -7.35
C THR A 29 -6.59 -18.57 -7.20
N THR A 30 -7.28 -19.52 -7.80
CA THR A 30 -8.73 -19.57 -7.72
C THR A 30 -9.19 -19.78 -6.28
N LYS A 31 -8.50 -20.65 -5.55
CA LYS A 31 -8.85 -20.93 -4.16
C LYS A 31 -9.23 -19.66 -3.40
N ASP A 32 -8.67 -18.53 -3.82
CA ASP A 32 -8.96 -17.25 -3.18
C ASP A 32 -9.97 -16.45 -3.99
N GLN A 33 -10.86 -17.15 -4.69
CA GLN A 33 -11.87 -16.50 -5.52
C GLN A 33 -12.89 -15.76 -4.67
N ASP A 34 -13.15 -16.27 -3.46
CA ASP A 34 -14.13 -15.65 -2.57
C ASP A 34 -13.72 -15.83 -1.12
N LEU A 35 -12.59 -15.23 -0.74
CA LEU A 35 -12.08 -15.31 0.62
C LEU A 35 -12.19 -13.95 1.30
N ARG A 36 -12.95 -13.88 2.38
CA ARG A 36 -13.15 -12.62 3.11
C ARG A 36 -12.47 -12.68 4.47
N TRP A 37 -11.17 -12.41 4.49
CA TRP A 37 -10.41 -12.43 5.74
C TRP A 37 -10.92 -11.31 6.65
N GLN A 38 -10.50 -11.35 7.91
CA GLN A 38 -10.92 -10.33 8.87
C GLN A 38 -10.52 -8.94 8.41
N SER A 39 -10.89 -7.94 9.21
CA SER A 39 -10.58 -6.56 8.89
C SER A 39 -9.09 -6.28 9.03
N MET A 40 -8.34 -7.24 9.55
CA MET A 40 -6.90 -7.06 9.73
C MET A 40 -6.21 -6.80 8.39
N ALA A 41 -6.58 -7.59 7.38
CA ALA A 41 -6.01 -7.42 6.05
C ALA A 41 -6.41 -6.05 5.49
N ILE A 42 -7.61 -5.61 5.83
CA ILE A 42 -8.12 -4.33 5.38
C ILE A 42 -7.29 -3.21 6.00
N MET A 43 -6.98 -3.36 7.28
CA MET A 43 -6.18 -2.37 7.96
C MET A 43 -4.83 -2.27 7.28
N ALA A 44 -4.37 -3.41 6.75
CA ALA A 44 -3.09 -3.42 6.05
C ALA A 44 -3.16 -2.44 4.88
N LEU A 45 -4.27 -2.49 4.15
CA LEU A 45 -4.46 -1.57 3.04
C LEU A 45 -4.35 -0.13 3.57
N GLN A 46 -5.05 0.12 4.66
CA GLN A 46 -5.03 1.44 5.26
C GLN A 46 -3.63 1.79 5.73
N GLU A 47 -2.80 0.78 5.92
CA GLU A 47 -1.43 1.04 6.34
C GLU A 47 -0.74 1.85 5.26
N ALA A 48 -0.89 1.36 4.03
CA ALA A 48 -0.28 2.03 2.89
C ALA A 48 -0.88 3.43 2.75
N SER A 49 -2.16 3.53 3.06
CA SER A 49 -2.86 4.82 2.98
C SER A 49 -2.43 5.75 4.12
N GLU A 50 -2.22 5.17 5.30
CA GLU A 50 -1.83 5.97 6.46
C GLU A 50 -0.54 6.74 6.20
N ALA A 51 0.47 6.05 5.70
CA ALA A 51 1.75 6.71 5.42
C ALA A 51 1.61 7.66 4.24
N TYR A 52 0.92 7.21 3.21
CA TYR A 52 0.71 8.01 2.02
C TYR A 52 0.07 9.33 2.42
N LEU A 53 -0.85 9.25 3.36
CA LEU A 53 -1.55 10.43 3.85
C LEU A 53 -0.58 11.38 4.56
N VAL A 54 0.27 10.81 5.41
CA VAL A 54 1.24 11.61 6.16
C VAL A 54 2.28 12.22 5.22
N GLY A 55 2.76 11.43 4.27
CA GLY A 55 3.77 11.91 3.34
C GLY A 55 3.28 13.12 2.57
N LEU A 56 2.08 13.01 1.97
CA LEU A 56 1.52 14.12 1.22
C LEU A 56 1.13 15.26 2.17
N LEU A 57 0.57 14.90 3.32
CA LEU A 57 0.17 15.90 4.28
C LEU A 57 1.39 16.68 4.76
N GLU A 58 2.51 15.97 4.89
CA GLU A 58 3.75 16.57 5.31
C GLU A 58 4.26 17.55 4.25
N HIS A 59 4.07 17.20 2.98
CA HIS A 59 4.52 18.05 1.89
C HIS A 59 3.63 19.29 1.76
N THR A 60 2.48 19.25 2.43
CA THR A 60 1.51 20.35 2.42
C THR A 60 0.60 20.32 1.19
N ASN A 61 0.37 19.14 0.63
CA ASN A 61 -0.51 19.02 -0.54
C ASN A 61 -1.96 19.27 -0.14
N LEU A 62 -2.39 18.59 0.92
CA LEU A 62 -3.75 18.73 1.40
C LEU A 62 -4.06 20.20 1.62
N LEU A 63 -3.10 20.91 2.21
CA LEU A 63 -3.26 22.32 2.45
C LEU A 63 -3.42 23.03 1.12
N ALA A 64 -2.68 22.58 0.11
CA ALA A 64 -2.77 23.18 -1.22
C ALA A 64 -4.22 23.27 -1.65
N LEU A 65 -5.00 22.22 -1.34
CA LEU A 65 -6.41 22.23 -1.69
C LEU A 65 -7.13 23.27 -0.85
N HIS A 66 -7.29 22.98 0.43
CA HIS A 66 -7.99 23.89 1.34
C HIS A 66 -7.28 25.24 1.44
N ALA A 67 -6.11 25.36 0.82
CA ALA A 67 -5.37 26.61 0.87
C ALA A 67 -6.07 27.70 0.08
N LYS A 68 -6.38 27.40 -1.19
CA LYS A 68 -7.04 28.36 -2.08
C LYS A 68 -6.13 29.54 -2.36
N ARG A 69 -5.40 29.98 -1.33
CA ARG A 69 -4.48 31.10 -1.48
C ARG A 69 -3.55 31.16 -0.27
N ILE A 70 -3.02 30.01 0.13
CA ILE A 70 -2.12 29.93 1.28
C ILE A 70 -0.82 29.24 0.90
N THR A 71 -0.88 27.92 0.74
CA THR A 71 0.30 27.15 0.38
C THR A 71 0.41 26.99 -1.13
N ILE A 72 -0.68 27.28 -1.83
CA ILE A 72 -0.69 27.17 -3.28
C ILE A 72 0.14 28.31 -3.88
N MET A 73 1.26 28.60 -3.23
CA MET A 73 2.14 29.67 -3.69
C MET A 73 3.61 29.30 -3.54
N LYS A 74 4.13 28.59 -4.54
CA LYS A 74 5.53 28.18 -4.55
C LYS A 74 5.90 27.37 -3.30
N LYS A 75 4.97 27.27 -2.35
CA LYS A 75 5.23 26.53 -1.11
C LYS A 75 4.99 25.04 -1.32
N ASP A 76 3.74 24.61 -1.14
CA ASP A 76 3.40 23.20 -1.32
C ASP A 76 3.85 22.74 -2.69
N MET A 77 4.27 23.70 -3.50
CA MET A 77 4.74 23.42 -4.85
C MET A 77 6.11 22.75 -4.81
N GLN A 78 7.10 23.45 -4.28
CA GLN A 78 8.45 22.92 -4.20
C GLN A 78 8.51 21.73 -3.24
N LEU A 79 7.67 21.76 -2.21
CA LEU A 79 7.65 20.66 -1.24
C LEU A 79 7.22 19.36 -1.92
N ALA A 80 6.01 19.36 -2.49
CA ALA A 80 5.51 18.17 -3.16
C ALA A 80 6.44 17.77 -4.29
N ARG A 81 7.01 18.75 -4.98
CA ARG A 81 7.90 18.48 -6.09
C ARG A 81 9.28 18.01 -5.62
N ARG A 82 9.88 18.77 -4.71
CA ARG A 82 11.22 18.42 -4.22
C ARG A 82 11.21 17.04 -3.56
N ILE A 83 10.02 16.57 -3.19
CA ILE A 83 9.90 15.25 -2.54
C ILE A 83 9.02 14.32 -3.37
N ARG A 84 9.48 13.08 -3.55
CA ARG A 84 8.73 12.08 -4.30
C ARG A 84 8.42 12.58 -5.72
N GLY A 85 8.93 13.76 -6.05
CA GLY A 85 8.70 14.31 -7.39
C GLY A 85 9.38 13.45 -8.44
N GLN A 86 10.49 12.83 -8.06
CA GLN A 86 11.23 11.98 -8.98
C GLN A 86 10.45 10.71 -9.29
N PHE A 87 10.54 10.25 -10.53
CA PHE A 87 9.84 9.04 -10.96
C PHE A 87 10.81 7.88 -11.09
N LEU A 88 11.05 7.20 -9.95
CA LEU A 88 11.97 6.06 -9.93
C LEU A 88 11.22 4.79 -9.54
N VAL A 89 11.47 3.70 -10.29
CA VAL A 89 10.81 2.43 -10.03
C VAL A 89 11.74 1.50 -9.24
N PRO A 90 11.21 0.65 -8.38
CA PRO A 90 12.06 -0.29 -7.58
C PRO A 90 13.04 -1.06 -8.46
N ARG A 91 14.28 -1.19 -7.98
CA ARG A 91 15.31 -1.92 -8.73
C ARG A 91 16.36 -2.49 -7.77
N GLY A 92 16.04 -2.49 -6.48
CA GLY A 92 16.97 -3.01 -5.48
C GLY A 92 18.08 -2.01 -5.17
N SER A 93 17.83 -0.74 -5.50
CA SER A 93 18.82 0.31 -5.25
C SER A 93 18.83 0.69 -3.77
N MET A 94 19.85 1.45 -3.37
CA MET A 94 19.98 1.90 -1.99
C MET A 94 20.59 3.28 -1.93
N GLU A 95 19.79 4.27 -1.53
CA GLU A 95 20.26 5.65 -1.43
C GLU A 95 19.72 6.30 -0.16
N ARG A 96 20.42 7.34 0.30
CA ARG A 96 20.02 8.04 1.51
C ARG A 96 18.59 8.57 1.39
N HIS A 97 18.27 9.13 0.24
CA HIS A 97 16.94 9.67 0.00
C HIS A 97 15.89 8.55 0.02
N LYS A 98 16.27 7.38 -0.47
CA LYS A 98 15.37 6.24 -0.53
C LYS A 98 14.91 5.85 0.89
N LEU A 99 15.79 6.02 1.87
CA LEU A 99 15.46 5.67 3.24
C LEU A 99 14.25 6.49 3.73
N ALA A 100 14.13 7.71 3.23
CA ALA A 100 13.00 8.56 3.63
C ALA A 100 11.70 7.80 3.39
N ASP A 101 11.59 7.19 2.22
CA ASP A 101 10.41 6.42 1.89
C ASP A 101 10.35 5.21 2.80
N GLU A 102 11.51 4.66 3.14
CA GLU A 102 11.56 3.50 4.02
C GLU A 102 10.97 3.86 5.39
N ASN A 103 11.23 5.08 5.83
CA ASN A 103 10.70 5.54 7.11
C ASN A 103 9.18 5.59 7.05
N MET A 104 8.65 5.99 5.91
CA MET A 104 7.20 6.06 5.73
C MET A 104 6.58 4.66 5.78
N ARG A 105 7.25 3.70 5.14
CA ARG A 105 6.74 2.34 5.11
C ARG A 105 6.80 1.74 6.52
N LYS A 106 7.86 2.06 7.25
CA LYS A 106 8.00 1.59 8.62
C LYS A 106 6.95 2.26 9.49
N VAL A 107 6.61 3.51 9.15
CA VAL A 107 5.61 4.23 9.94
C VAL A 107 4.32 3.42 9.97
N TRP A 108 3.86 2.97 8.79
CA TRP A 108 2.64 2.20 8.76
C TRP A 108 2.89 0.85 9.44
N SER A 109 4.14 0.43 9.49
CA SER A 109 4.46 -0.87 10.10
C SER A 109 4.38 -0.77 11.61
N ASN A 110 4.55 0.44 12.14
CA ASN A 110 4.48 0.64 13.58
C ASN A 110 3.04 0.50 14.06
N ILE A 111 2.14 1.22 13.41
CA ILE A 111 0.74 1.15 13.77
C ILE A 111 0.23 -0.28 13.58
N ILE A 112 0.74 -0.95 12.54
CA ILE A 112 0.34 -2.33 12.29
C ILE A 112 0.81 -3.22 13.43
N SER A 113 1.86 -2.78 14.10
CA SER A 113 2.39 -3.54 15.23
C SER A 113 1.40 -3.47 16.38
N LYS A 114 0.78 -2.30 16.53
CA LYS A 114 -0.21 -2.11 17.58
C LYS A 114 -1.51 -2.81 17.22
N TYR A 115 -1.83 -2.83 15.93
CA TYR A 115 -3.05 -3.46 15.44
C TYR A 115 -2.84 -4.98 15.39
N GLU A 116 -1.61 -5.40 15.62
CA GLU A 116 -1.28 -6.82 15.59
C GLU A 116 -2.13 -7.60 16.60
N SER A 117 -2.90 -6.86 17.38
CA SER A 117 -3.76 -7.43 18.42
C SER A 117 -5.24 -7.18 18.10
N ILE A 118 -5.51 -6.67 16.91
CA ILE A 118 -6.89 -6.39 16.51
C ILE A 118 -7.84 -7.46 17.03
N GLU A 119 -8.97 -7.02 17.57
CA GLU A 119 -9.96 -7.94 18.12
C GLU A 119 -10.56 -8.82 17.03
N GLU A 120 -10.61 -8.30 15.81
CA GLU A 120 -11.18 -9.04 14.67
C GLU A 120 -12.70 -9.04 14.73
N GLN A 121 -13.30 -7.90 14.37
CA GLN A 121 -14.75 -7.76 14.39
C GLN A 121 -15.33 -7.85 12.97
N GLY A 122 -15.07 -8.97 12.29
CA GLY A 122 -15.57 -9.16 10.92
C GLY A 122 -15.70 -10.65 10.61
N ASP A 123 -15.65 -11.00 9.33
CA ASP A 123 -15.76 -12.39 8.92
C ASP A 123 -14.80 -13.24 9.73
N LEU A 124 -14.86 -14.56 9.57
CA LEU A 124 -13.97 -15.44 10.32
C LEU A 124 -13.37 -16.52 9.43
N VAL A 125 -12.05 -16.47 9.26
CA VAL A 125 -11.33 -17.45 8.46
C VAL A 125 -10.08 -17.91 9.22
N ASP A 126 -9.37 -18.90 8.68
CA ASP A 126 -8.18 -19.43 9.37
C ASP A 126 -7.06 -18.38 9.39
N LEU A 127 -7.24 -17.35 10.21
CA LEU A 127 -6.24 -16.30 10.34
C LEU A 127 -5.17 -16.69 11.33
N LYS A 128 -5.56 -16.83 12.59
CA LYS A 128 -4.62 -17.17 13.65
C LYS A 128 -5.18 -18.27 14.54
N THR A 129 -6.47 -18.55 14.38
CA THR A 129 -7.13 -19.60 15.16
C THR A 129 -6.79 -20.97 14.58
N GLY A 130 -6.82 -21.07 13.25
CA GLY A 130 -6.50 -22.33 12.57
C GLY A 130 -7.65 -23.33 12.66
N GLU A 131 -8.88 -22.84 12.81
CA GLU A 131 -10.04 -23.73 12.92
C GLU A 131 -11.21 -23.27 12.04
N ILE A 132 -10.94 -22.38 11.08
CA ILE A 132 -12.00 -21.88 10.18
C ILE A 132 -11.51 -21.83 8.74
N VAL A 133 -12.41 -22.04 7.79
CA VAL A 133 -12.05 -22.01 6.37
C VAL A 133 -13.19 -21.42 5.55
N GLU A 134 -12.87 -20.41 4.74
CA GLU A 134 -13.87 -19.77 3.89
C GLU A 134 -13.33 -19.65 2.48
N ASP A 135 -13.16 -20.79 1.82
CA ASP A 135 -12.65 -20.82 0.46
C ASP A 135 -13.18 -22.05 -0.27
N ASN A 136 -12.95 -22.11 -1.59
CA ASN A 136 -13.42 -23.23 -2.38
C ASN A 136 -12.73 -24.53 -1.93
N GLY A 137 -11.41 -24.46 -1.73
CA GLY A 137 -10.66 -25.63 -1.30
C GLY A 137 -10.66 -26.72 -2.36
N HIS A 138 -10.77 -26.32 -3.63
CA HIS A 138 -10.77 -27.29 -4.72
C HIS A 138 -9.39 -27.90 -4.91
N ILE A 139 -8.38 -27.04 -5.09
CA ILE A 139 -7.01 -27.49 -5.30
C ILE A 139 -6.04 -26.69 -4.45
N LYS A 140 -5.12 -27.39 -3.79
CA LYS A 140 -4.13 -26.72 -2.95
C LYS A 140 -3.13 -25.95 -3.81
N THR A 141 -3.07 -24.64 -3.61
CA THR A 141 -2.15 -23.79 -4.38
C THR A 141 -1.63 -22.65 -3.52
N LEU A 142 -0.49 -22.09 -3.93
CA LEU A 142 0.13 -20.97 -3.22
C LEU A 142 0.05 -19.71 -4.06
N THR A 143 -0.23 -18.58 -3.41
CA THR A 143 -0.34 -17.31 -4.12
C THR A 143 0.98 -17.01 -4.83
N ALA A 144 1.74 -16.06 -4.29
CA ALA A 144 3.02 -15.68 -4.88
C ALA A 144 2.85 -15.34 -6.35
N ASN A 145 1.61 -15.16 -6.78
CA ASN A 145 1.37 -14.84 -8.18
C ASN A 145 2.05 -13.53 -8.58
N ASN A 146 2.42 -12.73 -7.59
CA ASN A 146 3.08 -11.44 -7.81
C ASN A 146 2.06 -10.31 -7.92
N SER A 147 1.89 -9.56 -6.83
CA SER A 147 0.94 -8.47 -6.83
C SER A 147 1.34 -7.45 -7.88
N THR A 148 2.52 -7.64 -8.47
CA THR A 148 2.98 -6.73 -9.53
C THR A 148 1.92 -6.73 -10.63
N LYS A 149 0.98 -7.65 -10.48
CA LYS A 149 -0.13 -7.81 -11.41
C LYS A 149 -1.32 -6.95 -10.95
N ASP A 150 -1.05 -6.05 -10.02
CA ASP A 150 -2.09 -5.15 -9.49
C ASP A 150 -2.66 -4.27 -10.60
N LYS A 151 -2.10 -4.41 -11.78
CA LYS A 151 -2.53 -3.62 -12.93
C LYS A 151 -3.85 -4.14 -13.50
N ARG A 152 -4.55 -4.96 -12.73
CA ARG A 152 -5.82 -5.52 -13.17
C ARG A 152 -6.99 -4.60 -12.82
N THR A 153 -6.97 -4.02 -11.61
CA THR A 153 -8.04 -3.14 -11.18
C THR A 153 -7.51 -1.95 -10.39
N LYS A 154 -7.19 -0.86 -11.09
CA LYS A 154 -6.68 0.36 -10.47
C LYS A 154 -7.58 1.54 -10.80
N TYR A 155 -8.76 1.26 -11.34
CA TYR A 155 -9.71 2.31 -11.69
C TYR A 155 -10.17 3.08 -10.45
N THR A 156 -10.53 2.34 -9.41
CA THR A 156 -10.99 2.96 -8.17
C THR A 156 -9.83 3.68 -7.48
N SER A 157 -8.61 3.18 -7.69
CA SER A 157 -7.45 3.79 -7.07
C SER A 157 -7.25 5.22 -7.56
N VAL A 158 -7.27 5.40 -8.88
CA VAL A 158 -7.07 6.72 -9.46
C VAL A 158 -8.20 7.65 -9.01
N LEU A 159 -9.42 7.12 -9.05
CA LEU A 159 -10.61 7.88 -8.67
C LEU A 159 -10.45 8.50 -7.28
N ARG A 160 -10.11 7.67 -6.30
CA ARG A 160 -9.99 8.13 -4.92
C ARG A 160 -8.60 8.69 -4.59
N ASP A 161 -7.55 8.07 -5.10
CA ASP A 161 -6.20 8.52 -4.78
C ASP A 161 -5.99 9.97 -5.18
N ILE A 162 -6.27 10.31 -6.42
CA ILE A 162 -6.08 11.69 -6.89
C ILE A 162 -7.11 12.64 -6.27
N ILE A 163 -8.38 12.25 -6.29
CA ILE A 163 -9.44 13.09 -5.77
C ILE A 163 -9.28 13.34 -4.27
N ASP A 164 -8.93 12.30 -3.52
CA ASP A 164 -8.77 12.43 -2.08
C ASP A 164 -7.85 13.61 -1.76
N ILE A 165 -6.83 13.80 -2.59
CA ILE A 165 -5.88 14.91 -2.40
C ILE A 165 -6.35 16.14 -3.16
N SER A 166 -6.63 15.97 -4.45
CA SER A 166 -7.09 17.08 -5.27
C SER A 166 -5.99 18.11 -5.50
N ASP A 167 -4.84 17.90 -4.88
CA ASP A 167 -3.73 18.83 -5.02
C ASP A 167 -3.12 18.74 -6.42
N GLU A 168 -2.85 19.89 -7.01
CA GLU A 168 -2.27 19.94 -8.35
C GLU A 168 -0.82 19.47 -8.30
N GLU A 169 -0.39 19.02 -7.12
CA GLU A 169 0.98 18.56 -6.91
C GLU A 169 1.95 19.73 -6.97
N ASP A 170 2.98 19.63 -7.80
CA ASP A 170 3.96 20.71 -7.91
C ASP A 170 3.24 22.04 -8.10
N GLY A 171 2.10 22.00 -8.78
CA GLY A 171 1.29 23.20 -9.01
C GLY A 171 2.16 24.43 -9.32
N ASP A 172 3.29 24.21 -9.98
CA ASP A 172 4.19 25.31 -10.32
C ASP A 172 3.52 26.22 -11.36
N LYS A 173 2.36 25.79 -11.85
CA LYS A 173 1.62 26.56 -12.85
C LYS A 173 0.78 27.63 -12.17
N GLY A 174 0.27 27.31 -10.98
CA GLY A 174 -0.56 28.25 -10.23
C GLY A 174 -2.02 28.06 -10.62
N GLY A 175 -2.24 27.43 -11.76
CA GLY A 175 -3.59 27.16 -12.27
C GLY A 175 -3.82 25.66 -12.36
N VAL A 176 -3.28 25.06 -13.42
CA VAL A 176 -3.40 23.62 -13.64
C VAL A 176 -3.02 23.28 -15.08
N LYS A 177 -1.73 23.00 -15.30
CA LYS A 177 -1.25 22.66 -16.64
C LYS A 177 -0.08 21.68 -16.54
N ARG A 178 0.13 20.92 -17.60
CA ARG A 178 1.22 19.94 -17.66
C ARG A 178 1.59 19.41 -16.27
N ILE A 179 0.58 19.12 -15.46
CA ILE A 179 0.83 18.61 -14.12
C ILE A 179 1.73 17.39 -14.19
N SER A 180 2.65 17.27 -13.25
CA SER A 180 3.57 16.15 -13.24
C SER A 180 2.80 14.84 -13.18
N GLY A 181 1.90 14.72 -12.21
CA GLY A 181 1.09 13.52 -12.07
C GLY A 181 1.98 12.32 -11.77
N LEU A 182 3.28 12.56 -11.70
CA LEU A 182 4.23 11.48 -11.43
C LEU A 182 4.08 10.98 -9.99
N ILE A 183 3.53 11.83 -9.14
CA ILE A 183 3.35 11.45 -7.74
C ILE A 183 2.44 10.24 -7.63
N TYR A 184 1.27 10.30 -8.26
CA TYR A 184 0.34 9.17 -8.21
C TYR A 184 1.00 7.91 -8.78
N GLU A 185 1.88 8.09 -9.75
CA GLU A 185 2.55 6.94 -10.35
C GLU A 185 3.38 6.22 -9.30
N GLU A 186 4.12 7.00 -8.52
CA GLU A 186 4.96 6.42 -7.46
C GLU A 186 4.07 5.77 -6.40
N VAL A 187 2.84 6.26 -6.27
CA VAL A 187 1.92 5.69 -5.29
C VAL A 187 1.63 4.25 -5.66
N ARG A 188 1.37 4.01 -6.94
CA ARG A 188 1.11 2.66 -7.40
C ARG A 188 2.32 1.79 -7.10
N ALA A 189 3.51 2.34 -7.36
CA ALA A 189 4.75 1.62 -7.12
C ALA A 189 4.85 1.20 -5.65
N VAL A 190 4.43 2.10 -4.76
CA VAL A 190 4.49 1.80 -3.33
C VAL A 190 3.55 0.66 -2.96
N LEU A 191 2.33 0.69 -3.48
CA LEU A 191 1.36 -0.36 -3.18
C LEU A 191 1.74 -1.64 -3.93
N LYS A 192 2.31 -1.45 -5.11
CA LYS A 192 2.69 -2.57 -5.96
C LYS A 192 3.73 -3.47 -5.28
N SER A 193 4.84 -2.89 -4.84
CA SER A 193 5.88 -3.66 -4.18
C SER A 193 5.50 -4.00 -2.75
N PHE A 194 4.74 -3.11 -2.11
CA PHE A 194 4.31 -3.36 -0.74
C PHE A 194 3.55 -4.66 -0.66
N LEU A 195 2.48 -4.77 -1.44
CA LEU A 195 1.67 -5.98 -1.42
C LEU A 195 2.48 -7.18 -1.87
N GLU A 196 3.19 -7.04 -2.98
CA GLU A 196 3.98 -8.14 -3.51
C GLU A 196 4.77 -8.84 -2.41
N SER A 197 5.52 -8.06 -1.65
CA SER A 197 6.32 -8.63 -0.57
C SER A 197 5.42 -9.21 0.54
N VAL A 198 4.32 -8.51 0.82
CA VAL A 198 3.42 -8.95 1.88
C VAL A 198 2.67 -10.23 1.53
N ILE A 199 1.88 -10.21 0.46
CA ILE A 199 1.12 -11.39 0.10
C ILE A 199 2.03 -12.60 -0.10
N ARG A 200 3.06 -12.45 -0.94
CA ARG A 200 3.96 -13.56 -1.19
C ARG A 200 4.43 -14.13 0.15
N ASP A 201 4.82 -13.24 1.04
CA ASP A 201 5.26 -13.66 2.36
C ASP A 201 4.09 -14.13 3.21
N SER A 202 2.90 -13.64 2.90
CA SER A 202 1.74 -14.03 3.68
C SER A 202 1.45 -15.51 3.53
N VAL A 203 1.29 -15.98 2.32
CA VAL A 203 1.03 -17.39 2.12
C VAL A 203 2.21 -18.22 2.60
N THR A 204 3.42 -17.68 2.43
CA THR A 204 4.61 -18.40 2.85
C THR A 204 4.63 -18.60 4.37
N TYR A 205 4.49 -17.50 5.13
CA TYR A 205 4.50 -17.59 6.59
C TYR A 205 3.15 -18.07 7.12
N THR A 206 2.06 -17.61 6.52
CA THR A 206 0.74 -18.03 6.96
C THR A 206 0.60 -19.54 6.81
N GLU A 207 1.17 -20.06 5.74
CA GLU A 207 1.13 -21.50 5.50
C GLU A 207 1.93 -22.22 6.58
N HIS A 208 3.13 -21.72 6.87
CA HIS A 208 3.96 -22.33 7.90
C HIS A 208 3.23 -22.31 9.23
N ALA A 209 2.17 -21.50 9.29
CA ALA A 209 1.36 -21.40 10.49
C ALA A 209 0.11 -22.26 10.32
N LYS A 210 0.26 -23.33 9.54
CA LYS A 210 -0.85 -24.24 9.27
C LYS A 210 -2.14 -23.45 9.00
N ARG A 211 -1.98 -22.30 8.36
CA ARG A 211 -3.10 -21.43 8.02
C ARG A 211 -2.95 -20.93 6.58
N LYS A 212 -4.05 -20.83 5.85
CA LYS A 212 -4.02 -20.37 4.47
C LYS A 212 -4.88 -19.13 4.29
N THR A 213 -4.55 -18.08 5.03
CA THR A 213 -5.30 -16.83 4.98
C THR A 213 -4.36 -15.64 5.15
N VAL A 214 -4.68 -14.74 6.07
CA VAL A 214 -3.83 -13.56 6.31
C VAL A 214 -3.51 -13.40 7.79
N THR A 215 -2.29 -13.75 8.16
CA THR A 215 -1.86 -13.59 9.56
C THR A 215 -1.20 -12.22 9.75
N SER A 216 -1.65 -11.45 10.73
CA SER A 216 -1.08 -10.14 10.99
C SER A 216 0.44 -10.24 11.05
N LEU A 217 0.93 -11.42 11.39
CA LEU A 217 2.37 -11.65 11.48
C LEU A 217 3.01 -11.40 10.13
N ASP A 218 2.24 -11.63 9.07
CA ASP A 218 2.74 -11.44 7.71
C ASP A 218 3.05 -9.98 7.44
N VAL A 219 2.07 -9.12 7.65
CA VAL A 219 2.25 -7.70 7.42
C VAL A 219 3.35 -7.17 8.34
N VAL A 220 3.38 -7.64 9.58
CA VAL A 220 4.39 -7.21 10.53
C VAL A 220 5.78 -7.73 10.16
N TYR A 221 5.88 -9.05 10.00
CA TYR A 221 7.16 -9.68 9.66
C TYR A 221 7.61 -9.29 8.26
N ALA A 222 6.68 -9.23 7.32
CA ALA A 222 7.03 -8.89 5.95
C ALA A 222 7.62 -7.48 5.89
N LEU A 223 6.95 -6.53 6.51
CA LEU A 223 7.44 -5.16 6.49
C LEU A 223 8.80 -5.08 7.18
N LYS A 224 8.99 -5.92 8.19
CA LYS A 224 10.24 -5.93 8.93
C LYS A 224 11.42 -6.26 8.03
N ARG A 225 11.31 -7.35 7.26
CA ARG A 225 12.41 -7.75 6.38
C ARG A 225 12.57 -6.78 5.22
N GLN A 226 11.46 -6.25 4.71
CA GLN A 226 11.50 -5.32 3.60
C GLN A 226 12.37 -4.12 3.96
N GLY A 227 12.13 -3.55 5.14
CA GLY A 227 12.90 -2.41 5.59
C GLY A 227 14.39 -2.74 5.69
N ARG A 228 14.69 -3.92 6.21
CA ARG A 228 16.08 -4.36 6.36
C ARG A 228 16.79 -4.42 5.03
N THR A 229 16.15 -5.05 4.06
CA THR A 229 16.71 -5.18 2.74
C THR A 229 17.04 -3.81 2.16
N LEU A 230 16.16 -2.84 2.40
CA LEU A 230 16.39 -1.50 1.88
C LEU A 230 17.68 -0.94 2.45
N TYR A 231 18.00 -1.30 3.69
CA TYR A 231 19.23 -0.85 4.33
C TYR A 231 20.41 -1.67 3.82
N GLY A 232 20.11 -2.78 3.15
CA GLY A 232 21.15 -3.65 2.61
C GLY A 232 21.91 -4.34 3.73
N PHE A 233 21.28 -4.43 4.90
CA PHE A 233 21.91 -5.07 6.07
C PHE A 233 20.89 -5.98 6.76
N GLY A 234 21.38 -6.77 7.72
CA GLY A 234 20.51 -7.69 8.46
C GLY A 234 20.93 -7.74 9.93
N GLY A 235 21.51 -6.64 10.42
CA GLY A 235 21.95 -6.58 11.82
C GLY A 235 22.82 -7.77 12.16
N LEU A 11 -21.45 1.36 -2.93
CA LEU A 11 -20.80 2.57 -2.36
C LEU A 11 -20.09 2.19 -1.07
N ILE A 12 -20.70 2.55 0.07
CA ILE A 12 -20.10 2.25 1.36
C ILE A 12 -20.01 0.73 1.58
N SER A 13 -21.09 0.03 1.23
CA SER A 13 -21.15 -1.41 1.40
C SER A 13 -20.06 -2.07 0.56
N LYS A 14 -19.81 -1.52 -0.62
CA LYS A 14 -18.79 -2.06 -1.52
C LYS A 14 -17.40 -1.94 -0.90
N ILE A 15 -17.15 -0.83 -0.22
CA ILE A 15 -15.86 -0.60 0.41
C ILE A 15 -14.76 -0.66 -0.65
N PRO A 16 -14.64 0.38 -1.45
CA PRO A 16 -13.63 0.45 -2.54
C PRO A 16 -12.21 0.08 -2.06
N PHE A 17 -11.84 0.54 -0.88
CA PHE A 17 -10.50 0.24 -0.35
C PHE A 17 -10.28 -1.26 -0.15
N ALA A 18 -11.12 -1.85 0.70
CA ALA A 18 -11.02 -3.29 0.97
C ALA A 18 -10.94 -4.05 -0.34
N ARG A 19 -11.68 -3.57 -1.33
CA ARG A 19 -11.68 -4.21 -2.64
C ARG A 19 -10.27 -4.19 -3.22
N LEU A 20 -9.56 -3.09 -3.04
CA LEU A 20 -8.21 -2.99 -3.60
C LEU A 20 -7.35 -4.15 -3.09
N VAL A 21 -7.33 -4.36 -1.78
CA VAL A 21 -6.52 -5.46 -1.23
C VAL A 21 -7.21 -6.82 -1.39
N LYS A 22 -8.48 -6.92 -1.03
CA LYS A 22 -9.18 -8.20 -1.15
C LYS A 22 -9.18 -8.68 -2.59
N GLU A 23 -9.46 -7.78 -3.51
CA GLU A 23 -9.52 -8.17 -4.90
C GLU A 23 -8.14 -8.52 -5.43
N VAL A 24 -7.21 -7.56 -5.33
CA VAL A 24 -5.84 -7.76 -5.82
C VAL A 24 -5.29 -9.09 -5.32
N THR A 25 -5.44 -9.34 -4.03
CA THR A 25 -4.95 -10.58 -3.46
C THR A 25 -5.72 -11.76 -4.02
N ASP A 26 -6.99 -11.54 -4.33
CA ASP A 26 -7.84 -12.60 -4.88
C ASP A 26 -7.64 -12.76 -6.40
N GLU A 27 -6.95 -11.82 -7.03
CA GLU A 27 -6.70 -11.92 -8.48
C GLU A 27 -5.85 -13.13 -8.78
N PHE A 28 -5.28 -13.71 -7.73
CA PHE A 28 -4.39 -14.87 -7.88
C PHE A 28 -5.20 -16.12 -8.19
N THR A 29 -4.51 -17.26 -8.18
CA THR A 29 -5.16 -18.55 -8.48
C THR A 29 -6.57 -18.60 -7.90
N THR A 30 -7.37 -19.52 -8.43
CA THR A 30 -8.74 -19.67 -7.97
C THR A 30 -8.76 -19.96 -6.47
N LYS A 31 -7.63 -20.36 -5.92
CA LYS A 31 -7.55 -20.68 -4.50
C LYS A 31 -8.04 -19.50 -3.63
N ASP A 32 -8.00 -18.28 -4.19
CA ASP A 32 -8.41 -17.08 -3.46
C ASP A 32 -9.51 -16.33 -4.20
N GLN A 33 -10.34 -17.06 -4.94
CA GLN A 33 -11.40 -16.46 -5.72
C GLN A 33 -12.49 -15.82 -4.84
N ASP A 34 -12.71 -16.38 -3.65
CA ASP A 34 -13.75 -15.87 -2.75
C ASP A 34 -13.32 -16.04 -1.30
N LEU A 35 -12.28 -15.31 -0.91
CA LEU A 35 -11.77 -15.39 0.46
C LEU A 35 -11.98 -14.05 1.14
N ARG A 36 -12.73 -14.04 2.24
CA ARG A 36 -13.00 -12.82 2.99
C ARG A 36 -12.37 -12.89 4.37
N TRP A 37 -11.10 -12.51 4.46
CA TRP A 37 -10.38 -12.52 5.71
C TRP A 37 -10.88 -11.39 6.60
N GLN A 38 -10.52 -11.44 7.89
CA GLN A 38 -10.95 -10.40 8.82
C GLN A 38 -10.47 -9.05 8.35
N SER A 39 -10.82 -8.02 9.12
CA SER A 39 -10.42 -6.67 8.79
C SER A 39 -8.90 -6.53 8.85
N MET A 40 -8.22 -7.57 9.31
CA MET A 40 -6.77 -7.53 9.44
C MET A 40 -6.11 -7.12 8.13
N ALA A 41 -6.49 -7.78 7.05
CA ALA A 41 -5.95 -7.47 5.74
C ALA A 41 -6.37 -6.08 5.31
N ILE A 42 -7.58 -5.69 5.70
CA ILE A 42 -8.12 -4.38 5.36
C ILE A 42 -7.31 -3.28 6.06
N MET A 43 -6.98 -3.50 7.31
CA MET A 43 -6.21 -2.51 8.04
C MET A 43 -4.84 -2.40 7.40
N ALA A 44 -4.37 -3.49 6.82
CA ALA A 44 -3.09 -3.47 6.14
C ALA A 44 -3.16 -2.50 4.97
N LEU A 45 -4.28 -2.53 4.25
CA LEU A 45 -4.46 -1.62 3.14
C LEU A 45 -4.34 -0.18 3.64
N GLN A 46 -5.02 0.09 4.74
CA GLN A 46 -4.99 1.42 5.33
C GLN A 46 -3.58 1.78 5.77
N GLU A 47 -2.75 0.76 5.95
CA GLU A 47 -1.38 1.00 6.36
C GLU A 47 -0.64 1.72 5.24
N ALA A 48 -0.81 1.20 4.04
CA ALA A 48 -0.18 1.80 2.89
C ALA A 48 -0.77 3.18 2.63
N SER A 49 -2.07 3.30 2.85
CA SER A 49 -2.75 4.56 2.64
C SER A 49 -2.42 5.56 3.73
N GLU A 50 -2.30 5.07 4.96
CA GLU A 50 -1.99 5.92 6.09
C GLU A 50 -0.68 6.66 5.86
N ALA A 51 0.36 5.93 5.46
CA ALA A 51 1.65 6.57 5.21
C ALA A 51 1.57 7.54 4.04
N TYR A 52 1.00 7.07 2.94
CA TYR A 52 0.88 7.92 1.77
C TYR A 52 0.04 9.15 2.10
N LEU A 53 -0.94 8.96 2.96
CA LEU A 53 -1.78 10.08 3.35
C LEU A 53 -0.94 11.14 4.04
N VAL A 54 -0.08 10.72 4.94
CA VAL A 54 0.80 11.65 5.65
C VAL A 54 1.81 12.23 4.67
N GLY A 55 2.35 11.38 3.81
CA GLY A 55 3.33 11.80 2.82
C GLY A 55 2.74 12.82 1.86
N LEU A 56 1.51 12.57 1.42
CA LEU A 56 0.84 13.49 0.51
C LEU A 56 0.67 14.84 1.21
N LEU A 57 0.23 14.77 2.47
CA LEU A 57 0.06 15.99 3.26
C LEU A 57 1.42 16.65 3.54
N GLU A 58 2.41 15.83 3.85
CA GLU A 58 3.74 16.32 4.15
C GLU A 58 4.31 17.05 2.94
N HIS A 59 3.88 16.62 1.76
CA HIS A 59 4.33 17.21 0.51
C HIS A 59 3.64 18.55 0.27
N THR A 60 2.71 18.89 1.16
CA THR A 60 1.95 20.15 1.13
C THR A 60 1.03 20.26 -0.09
N ASN A 61 0.58 19.14 -0.62
CA ASN A 61 -0.30 19.16 -1.79
C ASN A 61 -1.61 19.85 -1.43
N LEU A 62 -2.05 19.61 -0.20
CA LEU A 62 -3.29 20.18 0.28
C LEU A 62 -3.21 21.69 0.22
N LEU A 63 -2.06 22.22 0.64
CA LEU A 63 -1.86 23.66 0.61
C LEU A 63 -1.85 24.14 -0.83
N ALA A 64 -1.26 23.34 -1.73
CA ALA A 64 -1.19 23.69 -3.15
C ALA A 64 -2.57 24.10 -3.66
N LEU A 65 -3.57 23.26 -3.44
CA LEU A 65 -4.91 23.56 -3.90
C LEU A 65 -5.47 24.78 -3.16
N HIS A 66 -5.48 24.69 -1.83
CA HIS A 66 -5.97 25.80 -1.01
C HIS A 66 -4.97 26.95 -1.00
N ALA A 67 -4.00 26.89 -1.91
CA ALA A 67 -2.98 27.94 -2.00
C ALA A 67 -3.60 29.26 -2.46
N LYS A 68 -4.92 29.35 -2.43
CA LYS A 68 -5.59 30.57 -2.86
C LYS A 68 -5.09 31.76 -2.05
N ARG A 69 -4.85 31.53 -0.76
CA ARG A 69 -4.35 32.59 0.11
C ARG A 69 -2.84 32.76 -0.04
N ILE A 70 -2.16 31.69 -0.44
CA ILE A 70 -0.71 31.73 -0.62
C ILE A 70 -0.37 32.22 -2.02
N THR A 71 -1.37 32.74 -2.72
CA THR A 71 -1.18 33.26 -4.06
C THR A 71 -0.51 32.22 -4.95
N ILE A 72 -0.76 30.94 -4.66
CA ILE A 72 -0.17 29.85 -5.43
C ILE A 72 1.17 30.26 -6.04
N MET A 73 2.24 30.09 -5.28
CA MET A 73 3.55 30.48 -5.74
C MET A 73 4.53 29.32 -5.61
N LYS A 74 5.67 29.43 -6.27
CA LYS A 74 6.70 28.40 -6.25
C LYS A 74 6.98 27.98 -4.81
N LYS A 75 6.17 27.05 -4.29
CA LYS A 75 6.33 26.57 -2.91
C LYS A 75 5.87 25.13 -2.79
N ASP A 76 4.75 24.93 -2.08
CA ASP A 76 4.20 23.61 -1.89
C ASP A 76 4.14 22.86 -3.21
N MET A 77 4.06 23.62 -4.29
CA MET A 77 3.99 23.02 -5.61
C MET A 77 5.28 22.27 -5.95
N GLN A 78 6.41 22.92 -5.72
CA GLN A 78 7.70 22.30 -5.97
C GLN A 78 7.89 21.13 -5.03
N LEU A 79 7.27 21.20 -3.86
CA LEU A 79 7.39 20.09 -2.90
C LEU A 79 6.80 18.83 -3.51
N ALA A 80 5.60 18.93 -4.08
CA ALA A 80 4.99 17.78 -4.71
C ALA A 80 5.90 17.30 -5.84
N ARG A 81 6.71 18.22 -6.37
CA ARG A 81 7.63 17.88 -7.46
C ARG A 81 8.96 17.36 -6.92
N ARG A 82 9.30 17.75 -5.69
CA ARG A 82 10.58 17.31 -5.10
C ARG A 82 10.42 15.99 -4.36
N ILE A 83 9.45 15.18 -4.78
CA ILE A 83 9.23 13.88 -4.14
C ILE A 83 9.94 12.77 -4.91
N ARG A 84 10.86 12.10 -4.23
CA ARG A 84 11.63 11.03 -4.84
C ARG A 84 12.30 11.52 -6.12
N GLY A 85 12.50 12.82 -6.20
CA GLY A 85 13.13 13.43 -7.36
C GLY A 85 12.47 12.95 -8.65
N GLN A 86 11.23 12.44 -8.51
CA GLN A 86 10.42 11.93 -9.64
C GLN A 86 11.16 12.04 -10.98
N PHE A 87 10.96 13.16 -11.66
CA PHE A 87 11.61 13.42 -12.95
C PHE A 87 12.43 14.69 -12.87
N LEU A 88 13.32 14.73 -11.88
CA LEU A 88 14.19 15.90 -11.67
C LEU A 88 15.65 15.53 -11.93
N VAL A 89 16.41 16.51 -12.42
CA VAL A 89 17.81 16.29 -12.72
C VAL A 89 18.60 15.91 -11.46
N PRO A 90 19.71 15.20 -11.58
CA PRO A 90 20.53 14.82 -10.40
C PRO A 90 20.88 16.02 -9.52
N ARG A 91 20.96 15.79 -8.22
CA ARG A 91 21.26 16.86 -7.27
C ARG A 91 21.83 16.29 -5.97
N GLY A 92 23.05 15.78 -6.03
CA GLY A 92 23.69 15.22 -4.84
C GLY A 92 22.84 14.09 -4.25
N SER A 93 22.25 13.29 -5.13
CA SER A 93 21.40 12.19 -4.69
C SER A 93 22.22 11.20 -3.85
N MET A 94 21.54 10.53 -2.91
CA MET A 94 22.22 9.56 -2.05
C MET A 94 21.27 8.43 -1.66
N GLU A 95 21.83 7.27 -1.31
CA GLU A 95 21.03 6.12 -0.92
C GLU A 95 20.28 6.38 0.38
N ARG A 96 20.93 7.11 1.28
CA ARG A 96 20.33 7.45 2.57
C ARG A 96 18.99 8.15 2.35
N HIS A 97 18.87 8.83 1.21
CA HIS A 97 17.64 9.54 0.89
C HIS A 97 16.48 8.56 0.71
N LYS A 98 16.76 7.43 0.09
CA LYS A 98 15.73 6.42 -0.15
C LYS A 98 15.16 5.93 1.18
N LEU A 99 15.99 5.87 2.20
CA LEU A 99 15.54 5.41 3.50
C LEU A 99 14.38 6.27 4.00
N ALA A 100 14.34 7.52 3.56
CA ALA A 100 13.24 8.39 3.97
C ALA A 100 11.91 7.73 3.63
N ASP A 101 11.82 7.21 2.41
CA ASP A 101 10.63 6.53 1.98
C ASP A 101 10.47 5.26 2.81
N GLU A 102 11.60 4.65 3.16
CA GLU A 102 11.58 3.43 3.96
C GLU A 102 11.03 3.74 5.35
N ASN A 103 11.34 4.93 5.85
CA ASN A 103 10.88 5.34 7.18
C ASN A 103 9.36 5.44 7.17
N MET A 104 8.80 5.90 6.06
CA MET A 104 7.35 6.03 5.94
C MET A 104 6.69 4.65 5.91
N ARG A 105 7.33 3.70 5.26
CA ARG A 105 6.79 2.35 5.20
C ARG A 105 6.80 1.73 6.60
N LYS A 106 7.87 2.01 7.33
CA LYS A 106 7.99 1.53 8.69
C LYS A 106 6.93 2.19 9.56
N VAL A 107 6.59 3.43 9.23
CA VAL A 107 5.58 4.15 10.01
C VAL A 107 4.29 3.34 10.00
N TRP A 108 3.88 2.89 8.82
CA TRP A 108 2.66 2.10 8.74
C TRP A 108 2.87 0.77 9.44
N SER A 109 4.13 0.33 9.53
CA SER A 109 4.42 -0.94 10.16
C SER A 109 4.29 -0.85 11.68
N ASN A 110 4.48 0.36 12.20
CA ASN A 110 4.37 0.56 13.64
C ASN A 110 2.92 0.47 14.09
N ILE A 111 2.06 1.18 13.39
CA ILE A 111 0.65 1.15 13.74
C ILE A 111 0.12 -0.27 13.59
N ILE A 112 0.60 -0.98 12.57
CA ILE A 112 0.17 -2.36 12.37
C ILE A 112 0.64 -3.24 13.51
N SER A 113 1.72 -2.81 14.14
CA SER A 113 2.27 -3.56 15.26
C SER A 113 1.27 -3.48 16.41
N LYS A 114 0.64 -2.31 16.55
CA LYS A 114 -0.35 -2.11 17.58
C LYS A 114 -1.64 -2.87 17.26
N TYR A 115 -1.99 -2.85 15.98
CA TYR A 115 -3.21 -3.52 15.52
C TYR A 115 -2.95 -5.02 15.40
N GLU A 116 -1.73 -5.42 15.64
CA GLU A 116 -1.38 -6.83 15.55
C GLU A 116 -2.27 -7.69 16.47
N SER A 117 -3.15 -7.01 17.21
CA SER A 117 -4.07 -7.69 18.14
C SER A 117 -5.52 -7.48 17.74
N ILE A 118 -5.75 -7.09 16.50
CA ILE A 118 -7.11 -6.85 16.01
C ILE A 118 -8.06 -7.92 16.51
N GLU A 119 -9.24 -7.48 16.93
CA GLU A 119 -10.27 -8.37 17.41
C GLU A 119 -11.17 -8.79 16.26
N GLU A 120 -10.90 -9.98 15.70
CA GLU A 120 -11.65 -10.53 14.57
C GLU A 120 -13.11 -10.04 14.59
N GLN A 121 -13.37 -8.93 13.90
CA GLN A 121 -14.72 -8.35 13.85
C GLN A 121 -15.30 -8.45 12.44
N GLY A 122 -15.31 -9.66 11.89
CA GLY A 122 -15.85 -9.88 10.55
C GLY A 122 -15.89 -11.37 10.24
N ASP A 123 -15.87 -11.72 8.95
CA ASP A 123 -15.90 -13.12 8.55
C ASP A 123 -14.88 -13.90 9.36
N LEU A 124 -15.04 -15.23 9.43
CA LEU A 124 -14.12 -16.06 10.21
C LEU A 124 -13.41 -17.08 9.33
N VAL A 125 -12.10 -16.87 9.12
CA VAL A 125 -11.28 -17.76 8.32
C VAL A 125 -10.07 -18.21 9.15
N ASP A 126 -9.28 -19.15 8.61
CA ASP A 126 -8.12 -19.65 9.36
C ASP A 126 -7.05 -18.56 9.54
N LEU A 127 -7.35 -17.58 10.38
CA LEU A 127 -6.40 -16.49 10.65
C LEU A 127 -5.42 -16.86 11.75
N LYS A 128 -5.90 -16.87 12.99
CA LYS A 128 -5.03 -17.18 14.14
C LYS A 128 -5.55 -18.38 14.93
N THR A 129 -6.83 -18.71 14.74
CA THR A 129 -7.44 -19.82 15.49
C THR A 129 -7.60 -21.05 14.61
N GLY A 130 -7.40 -20.89 13.32
CA GLY A 130 -7.53 -22.01 12.42
C GLY A 130 -8.89 -22.67 12.61
N GLU A 131 -9.07 -23.81 11.95
CA GLU A 131 -10.29 -24.61 12.04
C GLU A 131 -11.44 -23.99 11.24
N ILE A 132 -11.20 -22.82 10.64
CA ILE A 132 -12.23 -22.14 9.84
C ILE A 132 -11.68 -21.84 8.45
N VAL A 133 -12.40 -22.24 7.42
CA VAL A 133 -11.97 -21.98 6.04
C VAL A 133 -13.15 -21.63 5.14
N GLU A 134 -13.11 -20.42 4.59
CA GLU A 134 -14.18 -19.96 3.70
C GLU A 134 -13.56 -19.57 2.36
N ASP A 135 -13.06 -20.56 1.64
CA ASP A 135 -12.42 -20.33 0.35
C ASP A 135 -12.56 -21.56 -0.54
N ASN A 136 -12.61 -21.34 -1.86
CA ASN A 136 -12.75 -22.45 -2.80
C ASN A 136 -11.37 -22.85 -3.34
N GLY A 137 -10.87 -23.99 -2.87
CA GLY A 137 -9.57 -24.48 -3.31
C GLY A 137 -9.33 -25.89 -2.79
N HIS A 138 -8.23 -26.50 -3.24
CA HIS A 138 -7.90 -27.85 -2.81
C HIS A 138 -6.45 -28.18 -3.13
N ILE A 139 -5.71 -27.19 -3.62
CA ILE A 139 -4.29 -27.39 -3.97
C ILE A 139 -3.39 -26.66 -2.98
N LYS A 140 -2.44 -27.40 -2.41
CA LYS A 140 -1.50 -26.81 -1.44
C LYS A 140 -0.21 -26.40 -2.13
N THR A 141 -0.06 -25.10 -2.36
CA THR A 141 1.14 -24.59 -3.01
C THR A 141 1.24 -23.07 -2.85
N LEU A 142 2.46 -22.54 -2.97
CA LEU A 142 2.67 -21.11 -2.84
C LEU A 142 2.17 -20.39 -4.09
N THR A 143 1.75 -19.15 -3.93
CA THR A 143 1.26 -18.36 -5.04
C THR A 143 2.22 -17.22 -5.34
N ALA A 144 2.08 -16.13 -4.58
CA ALA A 144 2.95 -14.98 -4.77
C ALA A 144 2.92 -14.54 -6.22
N ASN A 145 1.91 -15.04 -6.94
CA ASN A 145 1.73 -14.73 -8.36
C ASN A 145 2.38 -13.40 -8.76
N ASN A 146 1.76 -12.29 -8.35
CA ASN A 146 2.28 -10.96 -8.67
C ASN A 146 1.22 -9.91 -8.43
N SER A 147 1.27 -9.28 -7.26
CA SER A 147 0.31 -8.23 -6.93
C SER A 147 0.52 -7.04 -7.85
N THR A 148 1.59 -7.10 -8.64
CA THR A 148 1.91 -6.04 -9.58
C THR A 148 0.81 -5.97 -10.64
N LYS A 149 -0.11 -6.92 -10.56
CA LYS A 149 -1.22 -7.01 -11.50
C LYS A 149 -2.42 -6.22 -10.97
N ASP A 150 -2.14 -5.16 -10.23
CA ASP A 150 -3.20 -4.32 -9.66
C ASP A 150 -3.89 -3.52 -10.76
N LYS A 151 -3.56 -3.84 -12.01
CA LYS A 151 -4.12 -3.14 -13.15
C LYS A 151 -5.63 -3.35 -13.22
N ARG A 152 -6.07 -4.56 -12.90
CA ARG A 152 -7.50 -4.87 -12.94
C ARG A 152 -8.29 -4.01 -11.96
N THR A 153 -7.73 -3.79 -10.76
CA THR A 153 -8.41 -2.99 -9.73
C THR A 153 -7.56 -1.80 -9.29
N LYS A 154 -7.63 -0.71 -10.05
CA LYS A 154 -6.88 0.50 -9.73
C LYS A 154 -7.70 1.74 -10.12
N TYR A 155 -8.83 1.53 -10.75
CA TYR A 155 -9.69 2.64 -11.16
C TYR A 155 -10.22 3.40 -9.95
N THR A 156 -10.69 2.66 -8.95
CA THR A 156 -11.24 3.28 -7.75
C THR A 156 -10.12 3.95 -6.93
N SER A 157 -8.95 3.34 -6.95
CA SER A 157 -7.82 3.89 -6.20
C SER A 157 -7.44 5.27 -6.72
N VAL A 158 -7.33 5.40 -8.03
CA VAL A 158 -6.99 6.69 -8.65
C VAL A 158 -8.08 7.71 -8.37
N LEU A 159 -9.32 7.25 -8.45
CA LEU A 159 -10.48 8.11 -8.20
C LEU A 159 -10.38 8.72 -6.81
N ARG A 160 -10.11 7.87 -5.82
CA ARG A 160 -10.03 8.31 -4.43
C ARG A 160 -8.67 8.91 -4.10
N ASP A 161 -7.60 8.34 -4.64
CA ASP A 161 -6.26 8.83 -4.33
C ASP A 161 -6.11 10.29 -4.70
N ILE A 162 -6.64 10.68 -5.84
CA ILE A 162 -6.56 12.08 -6.28
C ILE A 162 -7.54 12.95 -5.51
N ILE A 163 -8.83 12.64 -5.66
CA ILE A 163 -9.88 13.42 -5.01
C ILE A 163 -9.72 13.43 -3.48
N ASP A 164 -8.75 12.68 -2.97
CA ASP A 164 -8.53 12.65 -1.52
C ASP A 164 -8.19 14.05 -1.01
N ILE A 165 -7.40 14.80 -1.77
CA ILE A 165 -7.01 16.15 -1.34
C ILE A 165 -6.87 17.10 -2.52
N SER A 166 -7.62 16.84 -3.60
CA SER A 166 -7.57 17.71 -4.79
C SER A 166 -6.17 18.28 -5.02
N ASP A 167 -5.22 17.40 -5.29
CA ASP A 167 -3.84 17.82 -5.54
C ASP A 167 -3.73 18.64 -6.82
N GLU A 168 -2.93 19.70 -6.78
CA GLU A 168 -2.75 20.56 -7.95
C GLU A 168 -1.56 20.08 -8.77
N GLU A 169 -0.94 19.00 -8.31
CA GLU A 169 0.21 18.39 -8.98
C GLU A 169 1.44 19.30 -8.93
N ASP A 170 2.50 18.81 -9.56
CA ASP A 170 3.78 19.50 -9.61
C ASP A 170 3.71 20.78 -10.45
N GLY A 171 2.92 20.75 -11.51
CA GLY A 171 2.82 21.91 -12.39
C GLY A 171 2.16 23.08 -11.68
N ASP A 172 2.69 24.27 -11.92
CA ASP A 172 2.15 25.47 -11.31
C ASP A 172 0.71 25.67 -11.80
N LYS A 173 0.46 25.21 -13.02
CA LYS A 173 -0.86 25.33 -13.63
C LYS A 173 -1.63 24.02 -13.50
N GLY A 174 -0.93 23.01 -13.01
CA GLY A 174 -1.54 21.70 -12.82
C GLY A 174 -1.61 20.95 -14.15
N GLY A 175 -1.03 21.56 -15.17
CA GLY A 175 -1.03 20.95 -16.50
C GLY A 175 -0.10 21.71 -17.44
N VAL A 176 0.93 22.34 -16.88
CA VAL A 176 1.88 23.10 -17.69
C VAL A 176 2.28 22.29 -18.92
N LYS A 177 3.02 21.20 -18.70
CA LYS A 177 3.44 20.34 -19.81
C LYS A 177 3.66 18.91 -19.32
N ARG A 178 3.28 17.96 -20.18
CA ARG A 178 3.42 16.52 -19.89
C ARG A 178 3.47 16.23 -18.38
N ILE A 179 2.63 16.91 -17.62
CA ILE A 179 2.60 16.71 -16.18
C ILE A 179 1.92 15.38 -15.88
N SER A 180 2.46 14.32 -16.45
CA SER A 180 1.91 12.99 -16.26
C SER A 180 1.84 12.68 -14.77
N GLY A 181 0.92 11.81 -14.38
CA GLY A 181 0.77 11.45 -12.98
C GLY A 181 2.00 10.68 -12.50
N LEU A 182 3.16 11.34 -12.51
CA LEU A 182 4.39 10.70 -12.08
C LEU A 182 4.30 10.30 -10.62
N ILE A 183 3.77 11.19 -9.80
CA ILE A 183 3.64 10.91 -8.37
C ILE A 183 2.67 9.76 -8.14
N TYR A 184 1.50 9.81 -8.78
CA TYR A 184 0.51 8.75 -8.63
C TYR A 184 1.06 7.43 -9.16
N GLU A 185 1.87 7.52 -10.21
CA GLU A 185 2.46 6.32 -10.81
C GLU A 185 3.41 5.64 -9.82
N GLU A 186 4.29 6.42 -9.20
CA GLU A 186 5.23 5.88 -8.24
C GLU A 186 4.50 5.38 -7.00
N VAL A 187 3.42 6.06 -6.65
CA VAL A 187 2.63 5.68 -5.48
C VAL A 187 2.11 4.25 -5.66
N ARG A 188 1.59 3.97 -6.85
CA ARG A 188 1.07 2.64 -7.15
C ARG A 188 2.19 1.62 -7.12
N ALA A 189 3.37 2.01 -7.61
CA ALA A 189 4.52 1.11 -7.64
C ALA A 189 4.81 0.57 -6.24
N VAL A 190 4.80 1.45 -5.26
CA VAL A 190 5.07 1.06 -3.88
C VAL A 190 3.98 0.13 -3.37
N LEU A 191 2.73 0.41 -3.76
CA LEU A 191 1.62 -0.43 -3.32
C LEU A 191 1.80 -1.84 -3.87
N LYS A 192 2.22 -1.92 -5.13
CA LYS A 192 2.42 -3.20 -5.79
C LYS A 192 3.46 -4.05 -5.06
N SER A 193 4.63 -3.45 -4.81
CA SER A 193 5.69 -4.18 -4.12
C SER A 193 5.29 -4.44 -2.68
N PHE A 194 4.56 -3.51 -2.08
CA PHE A 194 4.13 -3.69 -0.71
C PHE A 194 3.29 -4.97 -0.63
N LEU A 195 2.24 -5.05 -1.45
CA LEU A 195 1.40 -6.24 -1.42
C LEU A 195 2.19 -7.46 -1.86
N GLU A 196 2.78 -7.35 -3.05
CA GLU A 196 3.54 -8.46 -3.59
C GLU A 196 4.48 -9.03 -2.55
N SER A 197 5.23 -8.17 -1.88
CA SER A 197 6.15 -8.60 -0.84
C SER A 197 5.40 -9.19 0.35
N VAL A 198 4.33 -8.51 0.76
CA VAL A 198 3.55 -8.96 1.91
C VAL A 198 2.89 -10.31 1.65
N ILE A 199 2.10 -10.42 0.59
CA ILE A 199 1.42 -11.67 0.31
C ILE A 199 2.42 -12.80 0.11
N ARG A 200 3.45 -12.56 -0.67
CA ARG A 200 4.44 -13.60 -0.91
C ARG A 200 4.91 -14.16 0.41
N ASP A 201 5.28 -13.26 1.32
CA ASP A 201 5.74 -13.68 2.62
C ASP A 201 4.58 -14.17 3.48
N SER A 202 3.38 -13.68 3.19
CA SER A 202 2.21 -14.08 3.95
C SER A 202 1.88 -15.54 3.67
N VAL A 203 1.75 -15.87 2.40
CA VAL A 203 1.43 -17.24 2.03
C VAL A 203 2.53 -18.15 2.54
N THR A 204 3.77 -17.67 2.53
CA THR A 204 4.89 -18.46 3.01
C THR A 204 4.82 -18.70 4.53
N TYR A 205 4.73 -17.62 5.31
CA TYR A 205 4.67 -17.73 6.77
C TYR A 205 3.29 -18.19 7.24
N THR A 206 2.24 -17.66 6.63
CA THR A 206 0.89 -18.03 7.02
C THR A 206 0.71 -19.52 6.81
N GLU A 207 1.23 -20.03 5.72
CA GLU A 207 1.13 -21.45 5.43
C GLU A 207 1.86 -22.26 6.49
N HIS A 208 3.08 -21.84 6.84
CA HIS A 208 3.85 -22.54 7.86
C HIS A 208 3.10 -22.53 9.16
N ALA A 209 2.09 -21.68 9.24
CA ALA A 209 1.25 -21.57 10.43
C ALA A 209 -0.01 -22.38 10.21
N LYS A 210 0.10 -23.45 9.42
CA LYS A 210 -1.03 -24.31 9.11
C LYS A 210 -2.28 -23.47 8.86
N ARG A 211 -2.05 -22.29 8.28
CA ARG A 211 -3.13 -21.36 7.96
C ARG A 211 -2.94 -20.82 6.54
N LYS A 212 -4.03 -20.78 5.77
CA LYS A 212 -3.96 -20.30 4.38
C LYS A 212 -4.81 -19.05 4.22
N THR A 213 -4.47 -18.02 5.00
CA THR A 213 -5.20 -16.76 4.95
C THR A 213 -4.23 -15.59 5.15
N VAL A 214 -4.61 -14.60 5.95
CA VAL A 214 -3.75 -13.44 6.20
C VAL A 214 -3.46 -13.27 7.68
N THR A 215 -2.30 -13.72 8.12
CA THR A 215 -1.92 -13.58 9.52
C THR A 215 -1.23 -12.23 9.74
N SER A 216 -1.71 -11.45 10.72
CA SER A 216 -1.14 -10.15 11.01
C SER A 216 0.38 -10.22 11.10
N LEU A 217 0.90 -11.40 11.43
CA LEU A 217 2.34 -11.58 11.54
C LEU A 217 2.99 -11.34 10.18
N ASP A 218 2.25 -11.62 9.13
CA ASP A 218 2.74 -11.44 7.77
C ASP A 218 3.06 -9.99 7.48
N VAL A 219 2.08 -9.12 7.71
CA VAL A 219 2.27 -7.71 7.47
C VAL A 219 3.40 -7.16 8.35
N VAL A 220 3.41 -7.56 9.63
CA VAL A 220 4.47 -7.09 10.54
C VAL A 220 5.83 -7.67 10.16
N TYR A 221 5.91 -8.99 10.07
CA TYR A 221 7.17 -9.66 9.75
C TYR A 221 7.66 -9.32 8.33
N ALA A 222 6.75 -9.30 7.37
CA ALA A 222 7.13 -9.00 6.00
C ALA A 222 7.72 -7.60 5.88
N LEU A 223 7.06 -6.62 6.47
CA LEU A 223 7.55 -5.25 6.40
C LEU A 223 8.92 -5.13 7.04
N LYS A 224 9.11 -5.81 8.17
CA LYS A 224 10.39 -5.77 8.84
C LYS A 224 11.49 -6.31 7.93
N ARG A 225 11.19 -7.38 7.22
CA ARG A 225 12.16 -7.98 6.31
C ARG A 225 12.55 -7.02 5.20
N GLN A 226 11.57 -6.30 4.66
CA GLN A 226 11.85 -5.35 3.58
C GLN A 226 12.74 -4.23 4.08
N GLY A 227 12.46 -3.74 5.28
CA GLY A 227 13.25 -2.66 5.85
C GLY A 227 14.71 -3.09 6.02
N ARG A 228 14.90 -4.36 6.34
CA ARG A 228 16.24 -4.90 6.54
C ARG A 228 17.06 -4.92 5.25
N THR A 229 16.47 -5.47 4.21
CA THR A 229 17.14 -5.56 2.93
C THR A 229 17.54 -4.17 2.45
N LEU A 230 16.65 -3.20 2.65
CA LEU A 230 16.94 -1.84 2.24
C LEU A 230 18.17 -1.33 2.97
N TYR A 231 18.32 -1.72 4.23
CA TYR A 231 19.46 -1.30 5.02
C TYR A 231 20.70 -2.09 4.56
N GLY A 232 20.49 -3.13 3.77
CA GLY A 232 21.59 -3.94 3.26
C GLY A 232 22.25 -4.74 4.37
N PHE A 233 21.52 -4.95 5.47
CA PHE A 233 22.04 -5.71 6.61
C PHE A 233 20.96 -6.68 7.11
N GLY A 234 21.35 -7.58 8.01
CA GLY A 234 20.42 -8.56 8.56
C GLY A 234 20.67 -8.74 10.06
N GLY A 235 21.20 -7.70 10.71
CA GLY A 235 21.50 -7.77 12.14
C GLY A 235 22.77 -7.01 12.46
N LEU A 11 -25.64 -7.19 2.82
CA LEU A 11 -25.54 -6.87 4.27
C LEU A 11 -24.14 -6.35 4.58
N ILE A 12 -23.57 -5.61 3.63
CA ILE A 12 -22.22 -5.06 3.80
C ILE A 12 -22.13 -3.68 3.15
N SER A 13 -21.52 -2.73 3.85
CA SER A 13 -21.38 -1.37 3.32
C SER A 13 -20.32 -1.33 2.24
N LYS A 14 -20.36 -0.29 1.42
CA LYS A 14 -19.39 -0.15 0.33
C LYS A 14 -17.99 0.07 0.90
N ILE A 15 -17.00 -0.56 0.28
CA ILE A 15 -15.62 -0.45 0.73
C ILE A 15 -14.66 -0.52 -0.46
N PRO A 16 -14.62 0.52 -1.26
CA PRO A 16 -13.73 0.59 -2.45
C PRO A 16 -12.29 0.24 -2.09
N PHE A 17 -11.83 0.71 -0.93
CA PHE A 17 -10.46 0.43 -0.50
C PHE A 17 -10.24 -1.08 -0.34
N ALA A 18 -11.12 -1.71 0.43
CA ALA A 18 -11.01 -3.15 0.65
C ALA A 18 -10.89 -3.86 -0.68
N ARG A 19 -11.67 -3.42 -1.65
CA ARG A 19 -11.62 -4.03 -2.97
C ARG A 19 -10.21 -3.95 -3.54
N LEU A 20 -9.55 -2.81 -3.37
CA LEU A 20 -8.21 -2.65 -3.92
C LEU A 20 -7.32 -3.81 -3.48
N VAL A 21 -7.16 -3.97 -2.18
CA VAL A 21 -6.31 -5.05 -1.68
C VAL A 21 -6.99 -6.41 -1.71
N LYS A 22 -8.23 -6.48 -1.26
CA LYS A 22 -8.93 -7.75 -1.23
C LYS A 22 -9.02 -8.34 -2.62
N GLU A 23 -9.36 -7.52 -3.61
CA GLU A 23 -9.48 -8.00 -4.97
C GLU A 23 -8.12 -8.42 -5.49
N VAL A 24 -7.11 -7.59 -5.24
CA VAL A 24 -5.75 -7.90 -5.69
C VAL A 24 -5.31 -9.25 -5.16
N THR A 25 -5.57 -9.50 -3.89
CA THR A 25 -5.21 -10.77 -3.29
C THR A 25 -6.03 -11.89 -3.91
N ASP A 26 -7.25 -11.55 -4.33
CA ASP A 26 -8.14 -12.55 -4.92
C ASP A 26 -7.82 -12.79 -6.39
N GLU A 27 -7.04 -11.90 -7.01
CA GLU A 27 -6.67 -12.05 -8.41
C GLU A 27 -5.85 -13.33 -8.61
N PHE A 28 -5.46 -13.92 -7.49
CA PHE A 28 -4.66 -15.14 -7.50
C PHE A 28 -5.53 -16.35 -7.79
N THR A 29 -4.90 -17.53 -7.78
CA THR A 29 -5.60 -18.79 -8.06
C THR A 29 -7.10 -18.69 -7.78
N THR A 30 -7.89 -18.86 -8.83
CA THR A 30 -9.34 -18.77 -8.69
C THR A 30 -9.82 -19.64 -7.54
N LYS A 31 -8.97 -20.56 -7.11
CA LYS A 31 -9.32 -21.45 -6.00
C LYS A 31 -9.70 -20.64 -4.77
N ASP A 32 -9.26 -19.38 -4.73
CA ASP A 32 -9.56 -18.50 -3.60
C ASP A 32 -10.67 -17.52 -3.97
N GLN A 33 -11.57 -17.97 -4.85
CA GLN A 33 -12.68 -17.12 -5.30
C GLN A 33 -13.67 -16.83 -4.17
N ASP A 34 -13.70 -17.70 -3.16
CA ASP A 34 -14.63 -17.54 -2.04
C ASP A 34 -13.89 -17.44 -0.72
N LEU A 35 -13.02 -16.43 -0.59
CA LEU A 35 -12.27 -16.23 0.65
C LEU A 35 -12.46 -14.82 1.17
N ARG A 36 -13.08 -14.73 2.35
CA ARG A 36 -13.31 -13.43 2.98
C ARG A 36 -12.57 -13.36 4.30
N TRP A 37 -11.29 -13.00 4.22
CA TRP A 37 -10.47 -12.91 5.43
C TRP A 37 -10.87 -11.67 6.24
N GLN A 38 -10.47 -11.66 7.50
CA GLN A 38 -10.79 -10.56 8.39
C GLN A 38 -10.26 -9.25 7.82
N SER A 39 -10.58 -8.15 8.50
CA SER A 39 -10.15 -6.83 8.07
C SER A 39 -8.63 -6.67 8.18
N MET A 40 -7.95 -7.70 8.69
CA MET A 40 -6.50 -7.62 8.85
C MET A 40 -5.84 -7.15 7.55
N ALA A 41 -6.17 -7.83 6.45
CA ALA A 41 -5.61 -7.47 5.15
C ALA A 41 -6.08 -6.07 4.76
N ILE A 42 -7.31 -5.74 5.15
CA ILE A 42 -7.88 -4.44 4.85
C ILE A 42 -7.10 -3.34 5.60
N MET A 43 -6.78 -3.62 6.85
CA MET A 43 -6.04 -2.66 7.64
C MET A 43 -4.68 -2.44 7.01
N ALA A 44 -4.16 -3.50 6.41
CA ALA A 44 -2.87 -3.43 5.75
C ALA A 44 -2.97 -2.39 4.62
N LEU A 45 -4.09 -2.36 3.95
CA LEU A 45 -4.28 -1.42 2.88
C LEU A 45 -4.18 0.01 3.42
N GLN A 46 -4.90 0.25 4.50
CA GLN A 46 -4.88 1.56 5.13
C GLN A 46 -3.47 1.90 5.57
N GLU A 47 -2.64 0.88 5.71
CA GLU A 47 -1.26 1.09 6.10
C GLU A 47 -0.57 1.88 5.00
N ALA A 48 -0.70 1.38 3.78
CA ALA A 48 -0.08 2.01 2.64
C ALA A 48 -0.70 3.38 2.38
N SER A 49 -2.02 3.47 2.60
CA SER A 49 -2.73 4.71 2.38
C SER A 49 -2.37 5.75 3.43
N GLU A 50 -2.38 5.35 4.68
CA GLU A 50 -2.05 6.25 5.78
C GLU A 50 -0.68 6.89 5.58
N ALA A 51 0.32 6.07 5.28
CA ALA A 51 1.66 6.60 5.10
C ALA A 51 1.74 7.56 3.92
N TYR A 52 1.30 7.11 2.76
CA TYR A 52 1.33 7.97 1.57
C TYR A 52 0.50 9.22 1.81
N LEU A 53 -0.57 9.07 2.57
CA LEU A 53 -1.43 10.21 2.83
C LEU A 53 -0.64 11.30 3.56
N VAL A 54 0.12 10.91 4.56
CA VAL A 54 0.94 11.86 5.32
C VAL A 54 2.01 12.45 4.40
N GLY A 55 2.57 11.61 3.54
CA GLY A 55 3.61 12.04 2.62
C GLY A 55 3.09 13.08 1.65
N LEU A 56 1.92 12.81 1.06
CA LEU A 56 1.33 13.74 0.11
C LEU A 56 1.07 15.07 0.81
N LEU A 57 0.59 15.00 2.05
CA LEU A 57 0.33 16.21 2.82
C LEU A 57 1.65 16.87 3.26
N GLU A 58 2.62 16.05 3.65
CA GLU A 58 3.91 16.56 4.11
C GLU A 58 4.67 17.25 2.98
N HIS A 59 4.37 16.83 1.74
CA HIS A 59 5.03 17.42 0.58
C HIS A 59 4.71 18.90 0.47
N THR A 60 3.41 19.23 0.61
CA THR A 60 2.89 20.62 0.55
C THR A 60 1.65 20.67 -0.33
N ASN A 61 1.16 19.49 -0.69
CA ASN A 61 -0.02 19.40 -1.54
C ASN A 61 -1.21 20.04 -0.82
N LEU A 62 -1.21 19.91 0.50
CA LEU A 62 -2.28 20.44 1.31
C LEU A 62 -2.41 21.95 1.08
N LEU A 63 -1.26 22.63 1.11
CA LEU A 63 -1.26 24.07 0.88
C LEU A 63 -1.72 24.35 -0.53
N ALA A 64 -1.31 23.50 -1.47
CA ALA A 64 -1.70 23.67 -2.87
C ALA A 64 -3.20 23.91 -2.97
N LEU A 65 -3.97 23.15 -2.20
CA LEU A 65 -5.42 23.31 -2.21
C LEU A 65 -5.80 24.64 -1.59
N HIS A 66 -5.49 24.77 -0.30
CA HIS A 66 -5.80 26.00 0.44
C HIS A 66 -4.95 27.16 -0.04
N ALA A 67 -4.20 26.95 -1.11
CA ALA A 67 -3.33 28.00 -1.66
C ALA A 67 -4.08 28.84 -2.69
N LYS A 68 -4.64 28.16 -3.69
CA LYS A 68 -5.39 28.82 -4.75
C LYS A 68 -4.50 29.78 -5.55
N ARG A 69 -4.07 30.87 -4.91
CA ARG A 69 -3.23 31.86 -5.59
C ARG A 69 -1.74 31.63 -5.31
N ILE A 70 -1.43 30.84 -4.29
CA ILE A 70 -0.03 30.56 -3.96
C ILE A 70 0.48 29.34 -4.73
N THR A 71 -0.44 28.50 -5.18
CA THR A 71 -0.08 27.29 -5.91
C THR A 71 0.43 27.63 -7.31
N ILE A 72 -0.30 28.48 -8.02
CA ILE A 72 0.07 28.85 -9.39
C ILE A 72 1.58 29.03 -9.51
N MET A 73 2.21 29.28 -8.38
CA MET A 73 3.64 29.46 -8.32
C MET A 73 4.37 28.12 -8.27
N LYS A 74 5.59 28.10 -8.80
CA LYS A 74 6.39 26.87 -8.82
C LYS A 74 6.51 26.25 -7.43
N LYS A 75 5.93 26.91 -6.44
CA LYS A 75 5.99 26.43 -5.06
C LYS A 75 5.39 25.02 -4.93
N ASP A 76 4.27 24.94 -4.21
CA ASP A 76 3.59 23.66 -3.99
C ASP A 76 3.46 22.86 -5.28
N MET A 77 3.71 23.52 -6.41
CA MET A 77 3.59 22.84 -7.70
C MET A 77 4.69 21.78 -7.86
N GLN A 78 5.90 22.24 -8.12
CA GLN A 78 7.03 21.32 -8.30
C GLN A 78 7.28 20.54 -7.01
N LEU A 79 6.99 21.17 -5.87
CA LEU A 79 7.20 20.52 -4.59
C LEU A 79 6.38 19.23 -4.47
N ALA A 80 5.10 19.31 -4.84
CA ALA A 80 4.26 18.13 -4.78
C ALA A 80 4.50 17.24 -5.99
N ARG A 81 5.22 17.78 -6.97
CA ARG A 81 5.51 17.02 -8.18
C ARG A 81 6.41 15.83 -7.85
N ARG A 82 7.62 16.11 -7.35
CA ARG A 82 8.54 15.02 -7.02
C ARG A 82 9.78 15.53 -6.29
N ILE A 83 9.68 16.69 -5.67
CA ILE A 83 10.85 17.23 -4.95
C ILE A 83 11.22 16.30 -3.79
N ARG A 84 10.42 16.32 -2.74
CA ARG A 84 10.69 15.47 -1.58
C ARG A 84 10.60 14.00 -1.98
N GLY A 85 9.61 13.68 -2.81
CA GLY A 85 9.41 12.29 -3.26
C GLY A 85 10.14 12.04 -4.58
N GLN A 86 11.37 12.55 -4.67
CA GLN A 86 12.16 12.37 -5.88
C GLN A 86 12.59 10.92 -6.04
N PHE A 87 12.43 10.37 -7.25
CA PHE A 87 12.82 8.99 -7.53
C PHE A 87 14.07 8.97 -8.39
N LEU A 88 15.15 9.49 -7.83
CA LEU A 88 16.43 9.55 -8.53
C LEU A 88 16.91 8.14 -8.87
N VAL A 89 17.75 8.05 -9.90
CA VAL A 89 18.25 6.75 -10.32
C VAL A 89 19.29 6.21 -9.33
N PRO A 90 19.40 4.92 -9.16
CA PRO A 90 20.39 4.32 -8.21
C PRO A 90 21.82 4.83 -8.47
N ARG A 91 22.57 5.02 -7.38
CA ARG A 91 23.94 5.51 -7.50
C ARG A 91 24.76 5.07 -6.29
N GLY A 92 24.29 4.05 -5.60
CA GLY A 92 25.00 3.53 -4.42
C GLY A 92 24.95 4.52 -3.27
N SER A 93 23.89 5.32 -3.21
CA SER A 93 23.73 6.32 -2.14
C SER A 93 22.90 5.75 -1.00
N MET A 94 23.45 5.77 0.22
CA MET A 94 22.74 5.27 1.38
C MET A 94 21.66 6.25 1.83
N GLU A 95 21.98 7.52 1.72
CA GLU A 95 21.05 8.58 2.11
C GLU A 95 19.97 8.76 1.06
N ARG A 96 20.04 8.01 -0.02
CA ARG A 96 19.07 8.09 -1.10
C ARG A 96 17.67 8.25 -0.51
N HIS A 97 16.82 8.93 -1.26
CA HIS A 97 15.45 9.18 -0.81
C HIS A 97 14.79 7.89 -0.34
N LYS A 98 15.46 6.75 -0.51
CA LYS A 98 14.91 5.47 -0.08
C LYS A 98 14.62 5.49 1.42
N LEU A 99 15.52 6.10 2.20
CA LEU A 99 15.31 6.14 3.64
C LEU A 99 14.04 6.92 3.97
N ALA A 100 13.79 8.01 3.25
CA ALA A 100 12.59 8.79 3.49
C ALA A 100 11.37 7.88 3.39
N ASP A 101 11.40 7.01 2.38
CA ASP A 101 10.31 6.07 2.19
C ASP A 101 10.38 5.01 3.28
N GLU A 102 11.60 4.63 3.67
CA GLU A 102 11.77 3.65 4.72
C GLU A 102 11.10 4.12 6.00
N ASN A 103 11.17 5.42 6.24
CA ASN A 103 10.56 6.01 7.41
C ASN A 103 9.04 5.97 7.29
N MET A 104 8.54 6.19 6.08
CA MET A 104 7.10 6.18 5.83
C MET A 104 6.56 4.75 5.86
N ARG A 105 7.31 3.82 5.28
CA ARG A 105 6.88 2.42 5.24
C ARG A 105 6.86 1.85 6.65
N LYS A 106 7.88 2.18 7.44
CA LYS A 106 7.95 1.71 8.81
C LYS A 106 6.83 2.34 9.62
N VAL A 107 6.47 3.57 9.28
CA VAL A 107 5.41 4.26 9.99
C VAL A 107 4.14 3.42 9.92
N TRP A 108 3.80 2.95 8.72
CA TRP A 108 2.61 2.13 8.59
C TRP A 108 2.81 0.82 9.32
N SER A 109 4.08 0.41 9.47
CA SER A 109 4.37 -0.88 10.12
C SER A 109 4.15 -0.76 11.63
N ASN A 110 4.25 0.46 12.14
CA ASN A 110 4.06 0.69 13.56
C ASN A 110 2.58 0.57 13.93
N ILE A 111 1.73 1.29 13.21
CA ILE A 111 0.31 1.23 13.49
C ILE A 111 -0.18 -0.21 13.29
N ILE A 112 0.39 -0.91 12.31
CA ILE A 112 0.00 -2.30 12.07
C ILE A 112 0.40 -3.16 13.24
N SER A 113 1.42 -2.71 13.95
CA SER A 113 1.90 -3.44 15.12
C SER A 113 0.86 -3.36 16.21
N LYS A 114 0.17 -2.21 16.25
CA LYS A 114 -0.87 -2.00 17.26
C LYS A 114 -2.10 -2.84 16.95
N TYR A 115 -2.52 -2.82 15.68
CA TYR A 115 -3.69 -3.58 15.26
C TYR A 115 -3.34 -5.05 15.17
N GLU A 116 -2.08 -5.37 15.37
CA GLU A 116 -1.64 -6.76 15.32
C GLU A 116 -2.43 -7.59 16.35
N SER A 117 -3.29 -6.92 17.09
CA SER A 117 -4.10 -7.57 18.13
C SER A 117 -5.53 -7.84 17.63
N ILE A 118 -5.80 -7.47 16.38
CA ILE A 118 -7.13 -7.68 15.80
C ILE A 118 -7.67 -9.05 16.23
N GLU A 119 -8.94 -9.06 16.65
CA GLU A 119 -9.57 -10.31 17.12
C GLU A 119 -10.91 -10.58 16.43
N GLU A 120 -10.87 -11.30 15.33
CA GLU A 120 -12.08 -11.67 14.60
C GLU A 120 -13.07 -10.50 14.50
N GLN A 121 -12.54 -9.29 14.43
CA GLN A 121 -13.38 -8.10 14.32
C GLN A 121 -14.01 -8.02 12.92
N GLY A 122 -14.08 -9.15 12.23
CA GLY A 122 -14.67 -9.18 10.89
C GLY A 122 -15.05 -10.60 10.48
N ASP A 123 -14.74 -10.95 9.23
CA ASP A 123 -15.05 -12.29 8.71
C ASP A 123 -14.51 -13.36 9.65
N LEU A 124 -14.73 -14.63 9.29
CA LEU A 124 -14.27 -15.73 10.13
C LEU A 124 -13.57 -16.81 9.30
N VAL A 125 -12.25 -16.70 9.20
CA VAL A 125 -11.45 -17.67 8.45
C VAL A 125 -10.25 -18.08 9.32
N ASP A 126 -9.48 -19.06 8.86
CA ASP A 126 -8.33 -19.51 9.62
C ASP A 126 -7.24 -18.44 9.68
N LEU A 127 -7.50 -17.39 10.47
CA LEU A 127 -6.54 -16.30 10.61
C LEU A 127 -5.44 -16.68 11.59
N LYS A 128 -5.82 -16.87 12.84
CA LYS A 128 -4.86 -17.25 13.89
C LYS A 128 -5.35 -18.48 14.65
N THR A 129 -6.66 -18.62 14.75
CA THR A 129 -7.24 -19.76 15.46
C THR A 129 -6.96 -21.05 14.69
N GLY A 130 -7.09 -20.98 13.37
CA GLY A 130 -6.84 -22.14 12.52
C GLY A 130 -7.96 -23.17 12.63
N GLU A 131 -9.15 -22.73 13.05
CA GLU A 131 -10.29 -23.63 13.19
C GLU A 131 -11.42 -23.21 12.25
N ILE A 132 -11.13 -22.32 11.31
CA ILE A 132 -12.14 -21.86 10.36
C ILE A 132 -11.54 -21.80 8.94
N VAL A 133 -12.36 -22.08 7.94
CA VAL A 133 -11.89 -22.07 6.56
C VAL A 133 -12.99 -21.58 5.63
N GLU A 134 -12.61 -20.81 4.62
CA GLU A 134 -13.55 -20.29 3.63
C GLU A 134 -12.88 -20.20 2.28
N ASP A 135 -12.60 -21.34 1.67
CA ASP A 135 -11.96 -21.37 0.36
C ASP A 135 -12.32 -22.65 -0.39
N ASN A 136 -11.98 -22.70 -1.67
CA ASN A 136 -12.28 -23.87 -2.49
C ASN A 136 -11.03 -24.74 -2.69
N GLY A 137 -9.86 -24.10 -2.56
CA GLY A 137 -8.60 -24.82 -2.72
C GLY A 137 -8.30 -25.70 -1.52
N HIS A 138 -7.38 -26.65 -1.71
CA HIS A 138 -7.00 -27.57 -0.63
C HIS A 138 -5.61 -27.22 -0.10
N ILE A 139 -4.58 -27.87 -0.65
CA ILE A 139 -3.21 -27.62 -0.23
C ILE A 139 -2.35 -27.25 -1.43
N LYS A 140 -1.71 -26.08 -1.36
CA LYS A 140 -0.84 -25.61 -2.45
C LYS A 140 0.43 -25.01 -1.88
N THR A 141 1.54 -25.21 -2.58
CA THR A 141 2.82 -24.68 -2.13
C THR A 141 2.70 -23.17 -1.91
N LEU A 142 2.58 -22.43 -3.01
CA LEU A 142 2.45 -20.97 -2.94
C LEU A 142 1.31 -20.53 -3.85
N THR A 143 1.19 -19.22 -4.05
CA THR A 143 0.13 -18.68 -4.91
C THR A 143 0.73 -17.99 -6.13
N ALA A 144 -0.11 -17.22 -6.82
CA ALA A 144 0.33 -16.51 -8.02
C ALA A 144 1.29 -15.39 -7.69
N ASN A 145 1.42 -15.08 -6.38
CA ASN A 145 2.32 -14.03 -5.91
C ASN A 145 2.71 -13.05 -7.01
N ASN A 146 1.70 -12.36 -7.55
CA ASN A 146 1.91 -11.41 -8.63
C ASN A 146 1.02 -10.19 -8.44
N SER A 147 1.06 -9.61 -7.23
CA SER A 147 0.25 -8.44 -6.94
C SER A 147 0.54 -7.35 -7.96
N THR A 148 1.65 -7.50 -8.68
CA THR A 148 2.03 -6.51 -9.69
C THR A 148 0.88 -6.38 -10.71
N LYS A 149 -0.05 -7.32 -10.62
CA LYS A 149 -1.20 -7.33 -11.51
C LYS A 149 -2.26 -6.33 -11.02
N ASP A 150 -1.82 -5.40 -10.19
CA ASP A 150 -2.72 -4.39 -9.64
C ASP A 150 -3.38 -3.58 -10.76
N LYS A 151 -3.17 -4.02 -11.99
CA LYS A 151 -3.75 -3.33 -13.15
C LYS A 151 -5.25 -3.56 -13.23
N ARG A 152 -5.67 -4.81 -13.01
CA ARG A 152 -7.09 -5.16 -13.06
C ARG A 152 -7.78 -4.81 -11.75
N THR A 153 -7.22 -3.85 -11.03
CA THR A 153 -7.77 -3.41 -9.75
C THR A 153 -8.53 -2.10 -9.93
N LYS A 154 -8.75 -1.72 -11.17
CA LYS A 154 -9.47 -0.48 -11.47
C LYS A 154 -8.68 0.72 -10.95
N TYR A 155 -9.13 1.91 -11.32
CA TYR A 155 -8.47 3.15 -10.90
C TYR A 155 -9.17 3.74 -9.68
N THR A 156 -9.80 2.88 -8.88
CA THR A 156 -10.49 3.35 -7.68
C THR A 156 -9.50 3.99 -6.72
N SER A 157 -8.28 3.46 -6.68
CA SER A 157 -7.26 3.99 -5.79
C SER A 157 -6.89 5.42 -6.18
N VAL A 158 -6.59 5.61 -7.46
CA VAL A 158 -6.22 6.92 -7.97
C VAL A 158 -7.40 7.88 -7.88
N LEU A 159 -8.60 7.34 -8.10
CA LEU A 159 -9.81 8.14 -8.05
C LEU A 159 -9.97 8.82 -6.69
N ARG A 160 -9.87 8.03 -5.63
CA ARG A 160 -10.05 8.54 -4.27
C ARG A 160 -8.77 9.20 -3.75
N ASP A 161 -7.61 8.67 -4.12
CA ASP A 161 -6.36 9.21 -3.63
C ASP A 161 -6.19 10.67 -4.04
N ILE A 162 -6.42 10.98 -5.31
CA ILE A 162 -6.28 12.35 -5.79
C ILE A 162 -7.37 13.26 -5.24
N ILE A 163 -8.63 12.85 -5.41
CA ILE A 163 -9.75 13.65 -4.96
C ILE A 163 -9.68 13.89 -3.45
N ASP A 164 -9.04 12.97 -2.73
CA ASP A 164 -8.91 13.10 -1.29
C ASP A 164 -8.02 14.28 -0.92
N ILE A 165 -6.92 14.46 -1.67
CA ILE A 165 -5.98 15.54 -1.40
C ILE A 165 -6.43 16.85 -2.04
N SER A 166 -7.16 16.75 -3.16
CA SER A 166 -7.63 17.93 -3.87
C SER A 166 -6.47 18.74 -4.46
N ASP A 167 -5.36 18.08 -4.77
CA ASP A 167 -4.20 18.75 -5.36
C ASP A 167 -3.90 18.17 -6.74
N GLU A 168 -4.37 18.88 -7.77
CA GLU A 168 -4.16 18.45 -9.16
C GLU A 168 -2.93 19.13 -9.73
N GLU A 169 -2.39 20.10 -9.00
CA GLU A 169 -1.21 20.81 -9.47
C GLU A 169 0.06 20.05 -9.11
N ASP A 170 1.04 20.11 -10.02
CA ASP A 170 2.30 19.43 -9.85
C ASP A 170 3.21 19.83 -11.00
N GLY A 171 2.65 20.51 -11.98
CA GLY A 171 3.42 20.95 -13.14
C GLY A 171 3.15 22.41 -13.48
N ASP A 172 4.15 23.08 -14.05
CA ASP A 172 4.01 24.48 -14.41
C ASP A 172 2.98 24.64 -15.53
N LYS A 173 2.26 23.56 -15.83
CA LYS A 173 1.25 23.59 -16.88
C LYS A 173 -0.10 24.01 -16.30
N GLY A 174 -0.23 23.86 -14.99
CA GLY A 174 -1.47 24.24 -14.30
C GLY A 174 -2.36 23.02 -14.09
N GLY A 175 -2.02 21.93 -14.77
CA GLY A 175 -2.80 20.69 -14.66
C GLY A 175 -3.63 20.46 -15.92
N VAL A 176 -2.99 20.62 -17.07
CA VAL A 176 -3.67 20.43 -18.35
C VAL A 176 -4.13 18.98 -18.47
N LYS A 177 -3.25 18.05 -18.08
CA LYS A 177 -3.58 16.63 -18.16
C LYS A 177 -3.22 15.98 -16.82
N ARG A 178 -3.38 14.66 -16.74
CA ARG A 178 -3.06 13.95 -15.51
C ARG A 178 -1.55 14.00 -15.26
N ILE A 179 -1.01 15.22 -15.30
CA ILE A 179 0.42 15.42 -15.11
C ILE A 179 0.86 14.94 -13.73
N SER A 180 -0.06 14.99 -12.78
CA SER A 180 0.22 14.55 -11.42
C SER A 180 0.34 13.03 -11.36
N GLY A 181 -0.31 12.36 -12.31
CA GLY A 181 -0.30 10.91 -12.37
C GLY A 181 1.12 10.35 -12.24
N LEU A 182 2.11 11.22 -12.47
CA LEU A 182 3.50 10.77 -12.40
C LEU A 182 3.87 10.27 -11.01
N ILE A 183 3.64 11.11 -10.00
CA ILE A 183 3.97 10.72 -8.63
C ILE A 183 3.08 9.56 -8.18
N TYR A 184 1.82 9.58 -8.61
CA TYR A 184 0.88 8.52 -8.26
C TYR A 184 1.29 7.22 -8.96
N GLU A 185 2.02 7.34 -10.05
CA GLU A 185 2.48 6.16 -10.77
C GLU A 185 3.59 5.49 -9.97
N GLU A 186 4.44 6.32 -9.36
CA GLU A 186 5.55 5.82 -8.56
C GLU A 186 5.03 5.19 -7.27
N VAL A 187 4.12 5.90 -6.59
CA VAL A 187 3.56 5.39 -5.34
C VAL A 187 2.83 4.08 -5.61
N ARG A 188 2.33 3.95 -6.83
CA ARG A 188 1.62 2.74 -7.23
C ARG A 188 2.60 1.59 -7.29
N ALA A 189 3.80 1.86 -7.82
CA ALA A 189 4.83 0.83 -7.93
C ALA A 189 5.16 0.28 -6.55
N VAL A 190 5.22 1.17 -5.56
CA VAL A 190 5.52 0.76 -4.20
C VAL A 190 4.40 -0.12 -3.65
N LEU A 191 3.16 0.20 -4.02
CA LEU A 191 2.03 -0.58 -3.56
C LEU A 191 2.14 -2.01 -4.08
N LYS A 192 2.54 -2.14 -5.35
CA LYS A 192 2.68 -3.45 -5.96
C LYS A 192 3.73 -4.27 -5.22
N SER A 193 4.92 -3.69 -5.03
CA SER A 193 5.98 -4.37 -4.33
C SER A 193 5.61 -4.60 -2.87
N PHE A 194 4.92 -3.63 -2.27
CA PHE A 194 4.52 -3.77 -0.89
C PHE A 194 3.65 -5.02 -0.75
N LEU A 195 2.59 -5.11 -1.55
CA LEU A 195 1.72 -6.28 -1.49
C LEU A 195 2.47 -7.52 -1.90
N GLU A 196 3.08 -7.48 -3.08
CA GLU A 196 3.80 -8.63 -3.60
C GLU A 196 4.70 -9.23 -2.53
N SER A 197 5.44 -8.37 -1.84
CA SER A 197 6.34 -8.82 -0.78
C SER A 197 5.54 -9.35 0.42
N VAL A 198 4.48 -8.64 0.77
CA VAL A 198 3.66 -9.02 1.92
C VAL A 198 2.91 -10.32 1.69
N ILE A 199 2.05 -10.36 0.68
CA ILE A 199 1.27 -11.56 0.43
C ILE A 199 2.17 -12.76 0.13
N ARG A 200 3.11 -12.60 -0.78
CA ARG A 200 4.00 -13.71 -1.12
C ARG A 200 4.59 -14.28 0.16
N ASP A 201 5.03 -13.37 1.01
CA ASP A 201 5.59 -13.78 2.28
C ASP A 201 4.48 -14.29 3.20
N SER A 202 3.28 -13.73 3.04
CA SER A 202 2.16 -14.15 3.87
C SER A 202 1.84 -15.62 3.61
N VAL A 203 1.74 -15.97 2.34
CA VAL A 203 1.45 -17.35 1.99
C VAL A 203 2.56 -18.25 2.52
N THR A 204 3.78 -17.72 2.52
CA THR A 204 4.92 -18.50 3.02
C THR A 204 4.81 -18.72 4.53
N TYR A 205 4.67 -17.63 5.29
CA TYR A 205 4.57 -17.73 6.74
C TYR A 205 3.19 -18.24 7.17
N THR A 206 2.15 -17.79 6.50
CA THR A 206 0.81 -18.23 6.82
C THR A 206 0.71 -19.74 6.67
N GLU A 207 1.32 -20.25 5.61
CA GLU A 207 1.32 -21.69 5.37
C GLU A 207 2.02 -22.40 6.52
N HIS A 208 3.19 -21.90 6.91
CA HIS A 208 3.93 -22.50 8.02
C HIS A 208 3.19 -22.26 9.33
N ALA A 209 2.17 -21.40 9.27
CA ALA A 209 1.37 -21.10 10.44
C ALA A 209 0.11 -21.94 10.40
N LYS A 210 0.22 -23.12 9.80
CA LYS A 210 -0.91 -24.05 9.68
C LYS A 210 -2.19 -23.31 9.34
N ARG A 211 -2.06 -22.27 8.53
CA ARG A 211 -3.21 -21.46 8.11
C ARG A 211 -3.01 -21.00 6.68
N LYS A 212 -4.12 -20.90 5.92
CA LYS A 212 -4.07 -20.47 4.53
C LYS A 212 -4.91 -19.22 4.34
N THR A 213 -4.55 -18.16 5.07
CA THR A 213 -5.28 -16.90 5.00
C THR A 213 -4.31 -15.72 5.12
N VAL A 214 -4.69 -14.68 5.86
CA VAL A 214 -3.83 -13.51 6.03
C VAL A 214 -3.53 -13.27 7.51
N THR A 215 -2.41 -13.82 7.98
CA THR A 215 -2.01 -13.64 9.36
C THR A 215 -1.35 -12.26 9.53
N SER A 216 -1.82 -11.49 10.51
CA SER A 216 -1.28 -10.16 10.76
C SER A 216 0.23 -10.22 10.91
N LEU A 217 0.74 -11.39 11.31
CA LEU A 217 2.17 -11.56 11.49
C LEU A 217 2.89 -11.33 10.16
N ASP A 218 2.18 -11.62 9.07
CA ASP A 218 2.75 -11.47 7.74
C ASP A 218 3.08 -10.01 7.44
N VAL A 219 2.08 -9.14 7.60
CA VAL A 219 2.27 -7.73 7.35
C VAL A 219 3.36 -7.17 8.29
N VAL A 220 3.34 -7.60 9.55
CA VAL A 220 4.33 -7.13 10.51
C VAL A 220 5.72 -7.69 10.21
N TYR A 221 5.82 -9.01 10.11
CA TYR A 221 7.09 -9.66 9.85
C TYR A 221 7.64 -9.32 8.46
N ALA A 222 6.77 -9.29 7.46
CA ALA A 222 7.20 -8.99 6.10
C ALA A 222 7.78 -7.59 6.01
N LEU A 223 7.09 -6.62 6.60
CA LEU A 223 7.57 -5.24 6.57
C LEU A 223 8.92 -5.15 7.28
N LYS A 224 9.06 -5.89 8.36
CA LYS A 224 10.31 -5.88 9.12
C LYS A 224 11.47 -6.32 8.22
N ARG A 225 11.22 -7.33 7.40
CA ARG A 225 12.24 -7.81 6.48
C ARG A 225 12.64 -6.73 5.50
N GLN A 226 11.66 -5.96 5.04
CA GLN A 226 11.94 -4.90 4.09
C GLN A 226 12.84 -3.85 4.73
N GLY A 227 12.49 -3.44 5.95
CA GLY A 227 13.28 -2.45 6.66
C GLY A 227 14.76 -2.80 6.64
N ARG A 228 15.04 -4.09 6.79
CA ARG A 228 16.42 -4.56 6.81
C ARG A 228 17.08 -4.40 5.44
N THR A 229 16.41 -4.91 4.42
CA THR A 229 16.93 -4.83 3.05
C THR A 229 17.12 -3.38 2.64
N LEU A 230 16.19 -2.51 3.04
CA LEU A 230 16.27 -1.11 2.68
C LEU A 230 17.58 -0.52 3.20
N TYR A 231 18.01 -0.96 4.37
CA TYR A 231 19.27 -0.47 4.93
C TYR A 231 20.44 -0.95 4.07
N GLY A 232 20.17 -1.93 3.21
CA GLY A 232 21.21 -2.47 2.33
C GLY A 232 21.99 -3.59 3.02
N PHE A 233 21.57 -3.96 4.22
CA PHE A 233 22.23 -5.04 4.97
C PHE A 233 21.18 -5.97 5.56
N GLY A 234 21.62 -7.10 6.11
CA GLY A 234 20.71 -8.06 6.73
C GLY A 234 21.30 -8.61 8.02
N GLY A 235 22.17 -7.82 8.67
CA GLY A 235 22.79 -8.25 9.92
C GLY A 235 24.19 -7.66 10.04
N LEU A 11 -25.25 -6.46 3.21
CA LEU A 11 -25.51 -6.14 1.78
C LEU A 11 -24.19 -6.05 1.03
N ILE A 12 -24.15 -5.21 -0.01
CA ILE A 12 -22.94 -5.02 -0.81
C ILE A 12 -22.53 -3.55 -0.83
N SER A 13 -21.28 -3.30 -1.24
CA SER A 13 -20.77 -1.94 -1.31
C SER A 13 -19.62 -1.86 -2.30
N LYS A 14 -19.31 -0.64 -2.74
CA LYS A 14 -18.23 -0.43 -3.68
C LYS A 14 -16.88 -0.72 -3.03
N ILE A 15 -16.71 -0.24 -1.79
CA ILE A 15 -15.45 -0.43 -1.05
C ILE A 15 -14.26 -0.51 -2.01
N PRO A 16 -13.99 0.56 -2.72
CA PRO A 16 -12.88 0.61 -3.70
C PRO A 16 -11.55 0.16 -3.10
N PHE A 17 -11.30 0.53 -1.85
CA PHE A 17 -10.06 0.15 -1.19
C PHE A 17 -9.93 -1.36 -1.09
N ALA A 18 -10.85 -1.99 -0.37
CA ALA A 18 -10.81 -3.44 -0.19
C ALA A 18 -10.74 -4.13 -1.54
N ARG A 19 -11.54 -3.65 -2.50
CA ARG A 19 -11.55 -4.25 -3.83
C ARG A 19 -10.15 -4.28 -4.40
N LEU A 20 -9.38 -3.23 -4.16
CA LEU A 20 -8.03 -3.17 -4.68
C LEU A 20 -7.15 -4.28 -4.11
N VAL A 21 -7.00 -4.32 -2.80
CA VAL A 21 -6.15 -5.35 -2.19
C VAL A 21 -6.86 -6.70 -2.09
N LYS A 22 -8.09 -6.72 -1.60
CA LYS A 22 -8.81 -7.98 -1.45
C LYS A 22 -8.95 -8.69 -2.78
N GLU A 23 -9.35 -7.98 -3.81
CA GLU A 23 -9.52 -8.58 -5.13
C GLU A 23 -8.16 -8.99 -5.71
N VAL A 24 -7.14 -8.15 -5.51
CA VAL A 24 -5.80 -8.44 -6.02
C VAL A 24 -5.36 -9.81 -5.53
N THR A 25 -5.55 -10.07 -4.24
CA THR A 25 -5.18 -11.34 -3.66
C THR A 25 -6.07 -12.45 -4.19
N ASP A 26 -7.34 -12.13 -4.45
CA ASP A 26 -8.29 -13.12 -4.95
C ASP A 26 -8.16 -13.27 -6.47
N GLU A 27 -7.40 -12.37 -7.10
CA GLU A 27 -7.20 -12.44 -8.54
C GLU A 27 -6.22 -13.54 -8.92
N PHE A 28 -5.53 -14.07 -7.92
CA PHE A 28 -4.55 -15.13 -8.17
C PHE A 28 -5.26 -16.44 -8.52
N THR A 29 -4.76 -17.55 -8.00
CA THR A 29 -5.33 -18.86 -8.29
C THR A 29 -6.81 -18.89 -7.90
N THR A 30 -7.52 -19.89 -8.40
CA THR A 30 -8.93 -20.03 -8.10
C THR A 30 -9.14 -20.37 -6.63
N LYS A 31 -8.19 -21.09 -6.06
CA LYS A 31 -8.28 -21.49 -4.65
C LYS A 31 -8.81 -20.35 -3.77
N ASP A 32 -8.52 -19.12 -4.18
CA ASP A 32 -8.96 -17.95 -3.42
C ASP A 32 -10.22 -17.35 -4.04
N GLN A 33 -11.06 -18.21 -4.65
CA GLN A 33 -12.28 -17.74 -5.28
C GLN A 33 -13.30 -17.22 -4.27
N ASP A 34 -13.36 -17.88 -3.11
CA ASP A 34 -14.31 -17.50 -2.08
C ASP A 34 -13.64 -17.45 -0.71
N LEU A 35 -12.76 -16.47 -0.51
CA LEU A 35 -12.06 -16.30 0.76
C LEU A 35 -12.36 -14.93 1.32
N ARG A 36 -12.98 -14.89 2.50
CA ARG A 36 -13.33 -13.63 3.15
C ARG A 36 -12.59 -13.49 4.48
N TRP A 37 -11.34 -13.06 4.41
CA TRP A 37 -10.54 -12.88 5.62
C TRP A 37 -11.00 -11.63 6.36
N GLN A 38 -10.64 -11.52 7.62
CA GLN A 38 -11.02 -10.37 8.43
C GLN A 38 -10.46 -9.09 7.82
N SER A 39 -11.00 -7.95 8.25
CA SER A 39 -10.57 -6.67 7.74
C SER A 39 -9.08 -6.42 7.99
N MET A 40 -8.39 -7.42 8.54
CA MET A 40 -6.97 -7.26 8.83
C MET A 40 -6.21 -6.95 7.54
N ALA A 41 -6.49 -7.70 6.49
CA ALA A 41 -5.84 -7.47 5.21
C ALA A 41 -6.22 -6.09 4.67
N ILE A 42 -7.46 -5.69 4.95
CA ILE A 42 -7.96 -4.40 4.51
C ILE A 42 -7.23 -3.29 5.26
N MET A 43 -6.99 -3.52 6.54
CA MET A 43 -6.28 -2.55 7.35
C MET A 43 -4.88 -2.37 6.76
N ALA A 44 -4.34 -3.45 6.21
CA ALA A 44 -3.02 -3.37 5.60
C ALA A 44 -3.04 -2.37 4.45
N LEU A 45 -4.08 -2.44 3.64
CA LEU A 45 -4.22 -1.52 2.53
C LEU A 45 -4.22 -0.09 3.06
N GLN A 46 -5.00 0.15 4.11
CA GLN A 46 -5.06 1.46 4.72
C GLN A 46 -3.69 1.87 5.26
N GLU A 47 -2.84 0.88 5.48
CA GLU A 47 -1.49 1.16 5.96
C GLU A 47 -0.75 1.96 4.89
N ALA A 48 -0.84 1.48 3.67
CA ALA A 48 -0.19 2.16 2.56
C ALA A 48 -0.83 3.52 2.30
N SER A 49 -2.16 3.57 2.46
CA SER A 49 -2.89 4.82 2.23
C SER A 49 -2.63 5.83 3.34
N GLU A 50 -2.70 5.38 4.58
CA GLU A 50 -2.47 6.26 5.73
C GLU A 50 -1.10 6.93 5.65
N ALA A 51 -0.09 6.13 5.37
CA ALA A 51 1.27 6.64 5.28
C ALA A 51 1.39 7.65 4.14
N TYR A 52 0.99 7.26 2.95
CA TYR A 52 1.06 8.16 1.80
C TYR A 52 0.27 9.43 2.11
N LEU A 53 -0.85 9.27 2.81
CA LEU A 53 -1.68 10.42 3.15
C LEU A 53 -0.90 11.42 3.99
N VAL A 54 -0.12 10.92 4.95
CA VAL A 54 0.67 11.80 5.81
C VAL A 54 1.73 12.53 4.98
N GLY A 55 2.40 11.80 4.11
CA GLY A 55 3.44 12.40 3.26
C GLY A 55 2.85 13.49 2.38
N LEU A 56 1.76 13.17 1.71
CA LEU A 56 1.09 14.13 0.85
C LEU A 56 0.58 15.31 1.68
N LEU A 57 0.04 15.00 2.85
CA LEU A 57 -0.46 16.03 3.74
C LEU A 57 0.69 16.85 4.33
N GLU A 58 1.82 16.19 4.58
CA GLU A 58 2.98 16.86 5.15
C GLU A 58 3.59 17.84 4.15
N HIS A 59 3.52 17.49 2.86
CA HIS A 59 4.08 18.34 1.83
C HIS A 59 3.16 19.54 1.55
N THR A 60 2.34 19.88 2.53
CA THR A 60 1.44 21.02 2.41
C THR A 60 0.64 21.00 1.10
N ASN A 61 0.10 19.84 0.74
CA ASN A 61 -0.68 19.72 -0.49
C ASN A 61 -2.08 20.27 -0.28
N LEU A 62 -2.71 19.84 0.80
CA LEU A 62 -4.05 20.30 1.12
C LEU A 62 -4.01 21.83 1.21
N LEU A 63 -2.95 22.32 1.84
CA LEU A 63 -2.74 23.75 1.96
C LEU A 63 -2.47 24.34 0.58
N ALA A 64 -1.70 23.63 -0.25
CA ALA A 64 -1.40 24.11 -1.60
C ALA A 64 -2.69 24.54 -2.28
N LEU A 65 -3.78 23.84 -1.97
CA LEU A 65 -5.08 24.19 -2.55
C LEU A 65 -5.63 25.42 -1.83
N HIS A 66 -5.76 25.31 -0.51
CA HIS A 66 -6.27 26.41 0.29
C HIS A 66 -5.24 27.53 0.34
N ALA A 67 -4.26 27.44 -0.55
CA ALA A 67 -3.20 28.44 -0.66
C ALA A 67 -3.77 29.82 -0.99
N LYS A 68 -5.08 29.98 -0.86
CA LYS A 68 -5.74 31.26 -1.16
C LYS A 68 -4.85 32.44 -0.77
N ARG A 69 -4.24 32.35 0.41
CA ARG A 69 -3.36 33.39 0.90
C ARG A 69 -2.07 33.40 0.07
N ILE A 70 -1.53 32.21 -0.15
CA ILE A 70 -0.30 32.05 -0.92
C ILE A 70 -0.63 31.85 -2.39
N THR A 71 -0.31 32.83 -3.22
CA THR A 71 -0.58 32.72 -4.65
C THR A 71 0.38 31.72 -5.29
N ILE A 72 0.35 30.47 -4.79
CA ILE A 72 1.22 29.41 -5.30
C ILE A 72 2.56 29.96 -5.79
N MET A 73 3.27 30.64 -4.89
CA MET A 73 4.54 31.25 -5.24
C MET A 73 5.72 30.33 -4.93
N LYS A 74 5.73 29.16 -5.57
CA LYS A 74 6.82 28.21 -5.40
C LYS A 74 7.06 27.86 -3.94
N LYS A 75 5.98 27.78 -3.15
CA LYS A 75 6.09 27.44 -1.72
C LYS A 75 5.55 26.03 -1.49
N ASP A 76 4.33 25.95 -0.96
CA ASP A 76 3.71 24.64 -0.72
C ASP A 76 3.81 23.80 -1.98
N MET A 77 4.04 24.50 -3.09
CA MET A 77 4.17 23.85 -4.39
C MET A 77 5.48 23.08 -4.47
N GLN A 78 6.58 23.79 -4.28
CA GLN A 78 7.90 23.15 -4.33
C GLN A 78 7.95 22.00 -3.34
N LEU A 79 7.07 22.05 -2.35
CA LEU A 79 7.00 20.99 -1.35
C LEU A 79 6.42 19.72 -1.99
N ALA A 80 5.25 19.84 -2.60
CA ALA A 80 4.63 18.70 -3.25
C ALA A 80 5.55 18.18 -4.35
N ARG A 81 6.21 19.10 -5.05
CA ARG A 81 7.13 18.73 -6.12
C ARG A 81 8.37 18.06 -5.56
N ARG A 82 8.86 18.57 -4.42
CA ARG A 82 10.07 18.01 -3.79
C ARG A 82 10.06 16.49 -3.87
N ILE A 83 8.87 15.90 -3.76
CA ILE A 83 8.74 14.46 -3.84
C ILE A 83 9.19 13.97 -5.21
N ARG A 84 8.77 14.67 -6.26
CA ARG A 84 9.13 14.29 -7.61
C ARG A 84 10.64 14.37 -7.78
N GLY A 85 11.31 15.10 -6.90
CA GLY A 85 12.75 15.25 -6.96
C GLY A 85 13.41 13.90 -7.22
N GLN A 86 12.67 12.83 -6.95
CA GLN A 86 13.16 11.48 -7.15
C GLN A 86 12.87 11.02 -8.59
N PHE A 87 13.16 11.91 -9.54
CA PHE A 87 12.93 11.59 -10.95
C PHE A 87 14.05 10.69 -11.47
N LEU A 88 14.74 10.03 -10.53
CA LEU A 88 15.84 9.14 -10.89
C LEU A 88 15.30 7.83 -11.45
N VAL A 89 15.78 7.44 -12.62
CA VAL A 89 15.34 6.19 -13.25
C VAL A 89 15.71 4.99 -12.38
N PRO A 90 14.76 4.16 -11.99
CA PRO A 90 15.06 2.96 -11.16
C PRO A 90 16.23 2.15 -11.73
N ARG A 91 17.24 1.96 -10.91
CA ARG A 91 18.41 1.20 -11.34
C ARG A 91 19.27 0.86 -10.13
N GLY A 92 18.60 0.62 -9.00
CA GLY A 92 19.30 0.29 -7.77
C GLY A 92 20.14 1.48 -7.32
N SER A 93 19.74 2.68 -7.73
CA SER A 93 20.46 3.89 -7.37
C SER A 93 20.62 3.99 -5.86
N MET A 94 21.17 5.11 -5.40
CA MET A 94 21.36 5.32 -3.97
C MET A 94 20.03 5.19 -3.24
N GLU A 95 19.93 4.19 -2.36
CA GLU A 95 18.71 3.96 -1.61
C GLU A 95 18.64 4.86 -0.38
N ARG A 96 19.73 5.59 -0.12
CA ARG A 96 19.79 6.48 1.03
C ARG A 96 18.65 7.51 0.95
N HIS A 97 18.45 8.07 -0.23
CA HIS A 97 17.41 9.06 -0.43
C HIS A 97 16.02 8.42 -0.35
N LYS A 98 15.94 7.17 -0.76
CA LYS A 98 14.66 6.46 -0.74
C LYS A 98 14.22 6.15 0.69
N LEU A 99 15.14 6.28 1.64
CA LEU A 99 14.80 6.00 3.02
C LEU A 99 13.60 6.83 3.47
N ALA A 100 13.41 7.99 2.85
CA ALA A 100 12.27 8.83 3.20
C ALA A 100 10.98 8.02 3.05
N ASP A 101 10.88 7.32 1.93
CA ASP A 101 9.72 6.48 1.68
C ASP A 101 9.72 5.31 2.63
N GLU A 102 10.92 4.90 3.04
CA GLU A 102 11.06 3.78 3.98
C GLU A 102 10.53 4.20 5.35
N ASN A 103 10.76 5.47 5.70
CA ASN A 103 10.31 5.97 6.98
C ASN A 103 8.78 6.00 7.04
N MET A 104 8.16 6.37 5.91
CA MET A 104 6.71 6.41 5.84
C MET A 104 6.15 4.98 5.85
N ARG A 105 6.90 4.07 5.25
CA ARG A 105 6.50 2.67 5.19
C ARG A 105 6.53 2.06 6.58
N LYS A 106 7.64 2.24 7.28
CA LYS A 106 7.78 1.71 8.63
C LYS A 106 6.70 2.31 9.52
N VAL A 107 6.32 3.56 9.23
CA VAL A 107 5.30 4.22 10.01
C VAL A 107 4.01 3.41 9.91
N TRP A 108 3.65 3.00 8.69
CA TRP A 108 2.44 2.22 8.50
C TRP A 108 2.56 0.86 9.18
N SER A 109 3.79 0.41 9.37
CA SER A 109 4.04 -0.89 10.01
C SER A 109 3.80 -0.80 11.52
N ASN A 110 4.00 0.39 12.06
CA ASN A 110 3.82 0.60 13.50
C ASN A 110 2.33 0.51 13.85
N ILE A 111 1.52 1.29 13.13
CA ILE A 111 0.09 1.28 13.36
C ILE A 111 -0.45 -0.13 13.14
N ILE A 112 0.10 -0.85 12.17
CA ILE A 112 -0.35 -2.21 11.93
C ILE A 112 -0.01 -3.09 13.13
N SER A 113 1.02 -2.69 13.86
CA SER A 113 1.43 -3.43 15.03
C SER A 113 0.36 -3.28 16.10
N LYS A 114 -0.28 -2.12 16.12
CA LYS A 114 -1.34 -1.84 17.08
C LYS A 114 -2.59 -2.65 16.75
N TYR A 115 -2.97 -2.66 15.47
CA TYR A 115 -4.16 -3.39 15.04
C TYR A 115 -3.88 -4.88 14.97
N GLU A 116 -2.63 -5.24 15.21
CA GLU A 116 -2.22 -6.64 15.18
C GLU A 116 -3.01 -7.45 16.21
N SER A 117 -3.85 -6.74 16.97
CA SER A 117 -4.68 -7.37 18.00
C SER A 117 -6.12 -7.56 17.53
N ILE A 118 -6.40 -7.16 16.28
CA ILE A 118 -7.74 -7.30 15.73
C ILE A 118 -8.28 -8.71 16.02
N GLU A 119 -9.51 -8.77 16.52
CA GLU A 119 -10.15 -10.04 16.84
C GLU A 119 -11.34 -10.30 15.93
N GLU A 120 -11.10 -11.00 14.82
CA GLU A 120 -12.15 -11.34 13.85
C GLU A 120 -13.37 -10.43 14.00
N GLN A 121 -13.15 -9.12 13.91
CA GLN A 121 -14.22 -8.15 14.05
C GLN A 121 -15.19 -8.24 12.87
N GLY A 122 -15.05 -9.28 12.06
CA GLY A 122 -15.92 -9.47 10.90
C GLY A 122 -15.98 -10.94 10.50
N ASP A 123 -15.44 -11.24 9.32
CA ASP A 123 -15.44 -12.61 8.83
C ASP A 123 -14.79 -13.54 9.85
N LEU A 124 -14.73 -14.83 9.53
CA LEU A 124 -14.15 -15.80 10.44
C LEU A 124 -13.41 -16.89 9.66
N VAL A 125 -12.09 -16.70 9.51
CA VAL A 125 -11.24 -17.66 8.80
C VAL A 125 -10.03 -18.01 9.67
N ASP A 126 -9.23 -18.98 9.23
CA ASP A 126 -8.06 -19.40 10.01
C ASP A 126 -7.00 -18.29 10.04
N LEU A 127 -7.30 -17.21 10.74
CA LEU A 127 -6.34 -16.10 10.84
C LEU A 127 -5.33 -16.38 11.92
N LYS A 128 -5.74 -16.25 13.17
CA LYS A 128 -4.84 -16.46 14.30
C LYS A 128 -5.23 -17.72 15.07
N THR A 129 -6.53 -17.96 15.17
CA THR A 129 -7.02 -19.13 15.89
C THR A 129 -6.70 -20.41 15.12
N GLY A 130 -6.86 -20.35 13.80
CA GLY A 130 -6.56 -21.50 12.96
C GLY A 130 -7.61 -22.60 13.14
N GLU A 131 -8.79 -22.23 13.64
CA GLU A 131 -9.87 -23.18 13.88
C GLU A 131 -11.00 -22.95 12.88
N ILE A 132 -10.78 -22.08 11.90
CA ILE A 132 -11.79 -21.79 10.89
C ILE A 132 -11.16 -21.76 9.49
N VAL A 133 -11.92 -22.15 8.48
CA VAL A 133 -11.42 -22.17 7.11
C VAL A 133 -12.52 -21.79 6.13
N GLU A 134 -12.20 -20.90 5.20
CA GLU A 134 -13.15 -20.47 4.18
C GLU A 134 -12.45 -20.38 2.83
N ASP A 135 -12.07 -21.54 2.30
CA ASP A 135 -11.38 -21.60 1.02
C ASP A 135 -11.66 -22.94 0.34
N ASN A 136 -11.61 -22.94 -0.99
CA ASN A 136 -11.87 -24.16 -1.76
C ASN A 136 -10.64 -24.59 -2.54
N GLY A 137 -9.93 -25.58 -2.03
CA GLY A 137 -8.72 -26.09 -2.69
C GLY A 137 -7.69 -26.55 -1.66
N HIS A 138 -6.53 -27.01 -2.16
CA HIS A 138 -5.46 -27.48 -1.29
C HIS A 138 -4.19 -26.65 -1.49
N ILE A 139 -3.29 -26.70 -0.52
CA ILE A 139 -2.04 -25.94 -0.60
C ILE A 139 -1.05 -26.64 -1.52
N LYS A 140 -1.47 -26.91 -2.75
CA LYS A 140 -0.60 -27.57 -3.72
C LYS A 140 0.61 -26.69 -4.01
N THR A 141 0.39 -25.39 -4.17
CA THR A 141 1.47 -24.45 -4.46
C THR A 141 1.25 -23.14 -3.71
N LEU A 142 2.36 -22.45 -3.40
CA LEU A 142 2.29 -21.18 -2.69
C LEU A 142 2.03 -20.06 -3.70
N THR A 143 1.00 -19.26 -3.46
CA THR A 143 0.67 -18.16 -4.38
C THR A 143 1.93 -17.41 -4.78
N ALA A 144 2.27 -16.36 -4.02
CA ALA A 144 3.47 -15.56 -4.33
C ALA A 144 3.49 -15.21 -5.81
N ASN A 145 2.32 -15.37 -6.44
CA ASN A 145 2.19 -15.10 -7.87
C ASN A 145 2.77 -13.73 -8.22
N ASN A 146 2.06 -12.66 -7.88
CA ASN A 146 2.51 -11.30 -8.20
C ASN A 146 1.37 -10.28 -8.06
N SER A 147 1.32 -9.58 -6.94
CA SER A 147 0.29 -8.57 -6.74
C SER A 147 0.56 -7.38 -7.67
N THR A 148 1.76 -7.35 -8.24
CA THR A 148 2.12 -6.28 -9.17
C THR A 148 1.03 -6.17 -10.25
N LYS A 149 0.19 -7.20 -10.30
CA LYS A 149 -0.90 -7.25 -11.25
C LYS A 149 -2.05 -6.34 -10.79
N ASP A 150 -1.70 -5.27 -10.08
CA ASP A 150 -2.69 -4.32 -9.57
C ASP A 150 -3.27 -3.50 -10.72
N LYS A 151 -3.00 -3.94 -11.94
CA LYS A 151 -3.49 -3.24 -13.14
C LYS A 151 -4.84 -3.81 -13.58
N ARG A 152 -5.06 -5.09 -13.33
CA ARG A 152 -6.31 -5.75 -13.72
C ARG A 152 -7.50 -5.17 -12.96
N THR A 153 -7.31 -4.86 -11.67
CA THR A 153 -8.38 -4.31 -10.87
C THR A 153 -8.68 -2.87 -11.26
N LYS A 154 -8.41 -1.95 -10.35
CA LYS A 154 -8.67 -0.53 -10.60
C LYS A 154 -7.65 0.34 -9.87
N TYR A 155 -7.61 1.63 -10.24
CA TYR A 155 -6.69 2.58 -9.62
C TYR A 155 -7.44 3.51 -8.68
N THR A 156 -8.55 3.03 -8.12
CA THR A 156 -9.35 3.84 -7.22
C THR A 156 -8.49 4.41 -6.10
N SER A 157 -7.30 3.83 -5.91
CA SER A 157 -6.40 4.30 -4.87
C SER A 157 -6.00 5.75 -5.17
N VAL A 158 -5.67 6.01 -6.43
CA VAL A 158 -5.27 7.35 -6.85
C VAL A 158 -6.47 8.31 -6.81
N LEU A 159 -7.67 7.78 -7.07
CA LEU A 159 -8.87 8.60 -7.07
C LEU A 159 -9.08 9.26 -5.71
N ARG A 160 -9.10 8.44 -4.67
CA ARG A 160 -9.32 8.94 -3.32
C ARG A 160 -8.06 9.58 -2.74
N ASP A 161 -6.90 9.04 -3.08
CA ASP A 161 -5.64 9.57 -2.56
C ASP A 161 -5.51 11.06 -2.91
N ILE A 162 -5.73 11.40 -4.17
CA ILE A 162 -5.63 12.80 -4.58
C ILE A 162 -6.78 13.62 -3.98
N ILE A 163 -7.99 13.07 -4.06
CA ILE A 163 -9.17 13.76 -3.55
C ILE A 163 -9.18 13.77 -2.02
N ASP A 164 -8.42 12.88 -1.39
CA ASP A 164 -8.38 12.83 0.07
C ASP A 164 -8.03 14.20 0.62
N ILE A 165 -7.09 14.88 -0.03
CA ILE A 165 -6.68 16.22 0.41
C ILE A 165 -6.47 17.16 -0.78
N SER A 166 -7.17 16.88 -1.89
CA SER A 166 -7.06 17.71 -3.09
C SER A 166 -5.66 18.31 -3.25
N ASP A 167 -4.78 17.58 -3.92
CA ASP A 167 -3.41 18.05 -4.13
C ASP A 167 -3.31 18.89 -5.40
N GLU A 168 -2.82 20.12 -5.26
CA GLU A 168 -2.68 21.01 -6.40
C GLU A 168 -1.42 20.66 -7.21
N GLU A 169 -0.72 19.62 -6.77
CA GLU A 169 0.49 19.18 -7.46
C GLU A 169 1.52 20.30 -7.49
N ASP A 170 2.61 20.09 -8.24
CA ASP A 170 3.66 21.10 -8.34
C ASP A 170 3.04 22.44 -8.76
N GLY A 171 2.06 22.38 -9.65
CA GLY A 171 1.39 23.60 -10.12
C GLY A 171 2.38 24.69 -10.51
N ASP A 172 3.68 24.37 -10.54
CA ASP A 172 4.68 25.35 -10.90
C ASP A 172 4.48 25.80 -12.35
N LYS A 173 4.14 24.85 -13.21
CA LYS A 173 3.93 25.14 -14.63
C LYS A 173 2.45 25.34 -14.90
N GLY A 174 1.63 25.11 -13.88
CA GLY A 174 0.18 25.26 -14.00
C GLY A 174 -0.46 23.92 -14.38
N GLY A 175 0.38 22.93 -14.66
CA GLY A 175 -0.10 21.60 -15.04
C GLY A 175 -0.09 21.42 -16.55
N VAL A 176 0.62 22.31 -17.25
CA VAL A 176 0.70 22.23 -18.70
C VAL A 176 1.72 21.19 -19.13
N LYS A 177 2.87 21.17 -18.46
CA LYS A 177 3.94 20.23 -18.79
C LYS A 177 4.53 19.62 -17.52
N ARG A 178 5.26 18.53 -17.68
CA ARG A 178 5.86 17.84 -16.55
C ARG A 178 4.86 17.71 -15.41
N ILE A 179 3.60 17.48 -15.76
CA ILE A 179 2.55 17.32 -14.76
C ILE A 179 2.99 16.31 -13.71
N SER A 180 2.76 16.64 -12.44
CA SER A 180 3.16 15.76 -11.35
C SER A 180 2.39 14.43 -11.40
N GLY A 181 1.70 14.17 -12.50
CA GLY A 181 0.96 12.93 -12.64
C GLY A 181 1.89 11.73 -12.51
N LEU A 182 3.18 12.04 -12.39
CA LEU A 182 4.21 11.01 -12.24
C LEU A 182 4.22 10.46 -10.82
N ILE A 183 3.82 11.29 -9.86
CA ILE A 183 3.79 10.88 -8.47
C ILE A 183 2.80 9.74 -8.25
N TYR A 184 1.62 9.86 -8.84
CA TYR A 184 0.61 8.82 -8.68
C TYR A 184 1.14 7.49 -9.22
N GLU A 185 1.95 7.55 -10.27
CA GLU A 185 2.52 6.34 -10.86
C GLU A 185 3.50 5.70 -9.87
N GLU A 186 4.31 6.53 -9.22
CA GLU A 186 5.27 6.02 -8.25
C GLU A 186 4.56 5.42 -7.05
N VAL A 187 3.43 6.03 -6.68
CA VAL A 187 2.64 5.54 -5.56
C VAL A 187 2.17 4.11 -5.84
N ARG A 188 1.71 3.89 -7.07
CA ARG A 188 1.23 2.58 -7.46
C ARG A 188 2.36 1.56 -7.39
N ALA A 189 3.56 1.98 -7.80
CA ALA A 189 4.72 1.10 -7.78
C ALA A 189 4.98 0.59 -6.37
N VAL A 190 4.97 1.50 -5.40
CA VAL A 190 5.20 1.13 -4.01
C VAL A 190 4.09 0.22 -3.50
N LEU A 191 2.85 0.51 -3.90
CA LEU A 191 1.72 -0.30 -3.48
C LEU A 191 1.86 -1.72 -4.02
N LYS A 192 2.33 -1.80 -5.26
CA LYS A 192 2.53 -3.09 -5.92
C LYS A 192 3.59 -3.92 -5.21
N SER A 193 4.78 -3.36 -5.05
CA SER A 193 5.86 -4.07 -4.39
C SER A 193 5.51 -4.33 -2.93
N PHE A 194 4.81 -3.39 -2.31
CA PHE A 194 4.42 -3.56 -0.92
C PHE A 194 3.59 -4.84 -0.79
N LEU A 195 2.58 -4.96 -1.62
CA LEU A 195 1.73 -6.14 -1.60
C LEU A 195 2.48 -7.39 -2.03
N GLU A 196 3.10 -7.32 -3.21
CA GLU A 196 3.84 -8.46 -3.73
C GLU A 196 4.73 -9.06 -2.65
N SER A 197 5.40 -8.19 -1.90
CA SER A 197 6.26 -8.65 -0.82
C SER A 197 5.45 -9.26 0.31
N VAL A 198 4.29 -8.65 0.59
CA VAL A 198 3.43 -9.13 1.68
C VAL A 198 2.77 -10.46 1.32
N ILE A 199 2.09 -10.52 0.18
CA ILE A 199 1.41 -11.75 -0.21
C ILE A 199 2.40 -12.91 -0.22
N ARG A 200 3.58 -12.68 -0.80
CA ARG A 200 4.59 -13.71 -0.87
C ARG A 200 4.94 -14.17 0.54
N ASP A 201 5.24 -13.21 1.40
CA ASP A 201 5.59 -13.53 2.78
C ASP A 201 4.37 -14.02 3.54
N SER A 202 3.18 -13.64 3.09
CA SER A 202 1.97 -14.06 3.77
C SER A 202 1.75 -15.56 3.61
N VAL A 203 1.73 -16.03 2.37
CA VAL A 203 1.52 -17.44 2.14
C VAL A 203 2.66 -18.25 2.75
N THR A 204 3.86 -17.68 2.74
CA THR A 204 5.01 -18.37 3.31
C THR A 204 4.87 -18.54 4.82
N TYR A 205 4.66 -17.44 5.53
CA TYR A 205 4.53 -17.49 6.99
C TYR A 205 3.15 -18.01 7.40
N THR A 206 2.10 -17.53 6.74
CA THR A 206 0.76 -17.95 7.08
C THR A 206 0.65 -19.47 7.04
N GLU A 207 1.25 -20.07 6.01
CA GLU A 207 1.23 -21.52 5.88
C GLU A 207 2.03 -22.16 7.01
N HIS A 208 3.22 -21.66 7.25
CA HIS A 208 4.05 -22.20 8.33
C HIS A 208 3.31 -22.09 9.64
N ALA A 209 2.23 -21.31 9.62
CA ALA A 209 1.40 -21.14 10.80
C ALA A 209 0.15 -21.99 10.66
N LYS A 210 0.29 -23.09 9.92
CA LYS A 210 -0.82 -24.01 9.68
C LYS A 210 -2.12 -23.24 9.42
N ARG A 211 -1.95 -22.04 8.87
CA ARG A 211 -3.08 -21.17 8.54
C ARG A 211 -2.99 -20.75 7.07
N LYS A 212 -4.13 -20.74 6.38
CA LYS A 212 -4.14 -20.39 4.96
C LYS A 212 -4.97 -19.12 4.73
N THR A 213 -4.58 -18.04 5.39
CA THR A 213 -5.31 -16.77 5.27
C THR A 213 -4.33 -15.59 5.35
N VAL A 214 -4.71 -14.53 6.05
CA VAL A 214 -3.85 -13.34 6.18
C VAL A 214 -3.55 -13.06 7.65
N THR A 215 -2.40 -13.51 8.12
CA THR A 215 -2.00 -13.25 9.50
C THR A 215 -1.32 -11.89 9.57
N SER A 216 -1.77 -11.03 10.47
CA SER A 216 -1.17 -9.70 10.61
C SER A 216 0.33 -9.84 10.83
N LEU A 217 0.75 -11.00 11.31
CA LEU A 217 2.16 -11.23 11.55
C LEU A 217 2.93 -11.06 10.24
N ASP A 218 2.25 -11.36 9.14
CA ASP A 218 2.86 -11.23 7.83
C ASP A 218 3.13 -9.77 7.49
N VAL A 219 2.11 -8.95 7.59
CA VAL A 219 2.26 -7.53 7.29
C VAL A 219 3.30 -6.90 8.23
N VAL A 220 3.29 -7.31 9.49
CA VAL A 220 4.26 -6.78 10.45
C VAL A 220 5.65 -7.31 10.18
N TYR A 221 5.79 -8.64 10.13
CA TYR A 221 7.09 -9.26 9.89
C TYR A 221 7.62 -8.90 8.50
N ALA A 222 6.72 -8.89 7.52
CA ALA A 222 7.13 -8.56 6.16
C ALA A 222 7.66 -7.13 6.10
N LEU A 223 7.08 -6.25 6.90
CA LEU A 223 7.53 -4.87 6.92
C LEU A 223 8.94 -4.77 7.50
N LYS A 224 9.22 -5.61 8.50
CA LYS A 224 10.53 -5.59 9.15
C LYS A 224 11.65 -6.04 8.21
N ARG A 225 11.46 -7.19 7.57
CA ARG A 225 12.48 -7.71 6.66
C ARG A 225 12.71 -6.76 5.49
N GLN A 226 11.64 -6.16 5.00
CA GLN A 226 11.74 -5.24 3.87
C GLN A 226 12.56 -4.00 4.29
N GLY A 227 12.28 -3.49 5.48
CA GLY A 227 13.01 -2.32 5.98
C GLY A 227 14.50 -2.60 6.07
N ARG A 228 14.84 -3.83 6.43
CA ARG A 228 16.24 -4.23 6.57
C ARG A 228 16.97 -4.22 5.22
N THR A 229 16.38 -4.88 4.25
CA THR A 229 16.97 -4.97 2.92
C THR A 229 17.20 -3.57 2.36
N LEU A 230 16.27 -2.66 2.61
CA LEU A 230 16.40 -1.30 2.11
C LEU A 230 17.66 -0.66 2.67
N TYR A 231 17.99 -0.97 3.92
CA TYR A 231 19.19 -0.43 4.55
C TYR A 231 20.43 -1.19 4.08
N GLY A 232 20.20 -2.30 3.35
CA GLY A 232 21.29 -3.11 2.84
C GLY A 232 22.01 -3.86 3.95
N PHE A 233 21.36 -3.96 5.11
CA PHE A 233 21.92 -4.66 6.25
C PHE A 233 20.87 -5.57 6.90
N GLY A 234 21.31 -6.43 7.81
CA GLY A 234 20.40 -7.34 8.51
C GLY A 234 20.81 -7.52 9.96
N GLY A 235 21.43 -6.48 10.53
CA GLY A 235 21.87 -6.54 11.91
C GLY A 235 22.80 -7.73 12.14
N LEU A 11 -29.32 1.92 -2.86
CA LEU A 11 -28.06 2.67 -2.60
C LEU A 11 -26.93 1.69 -2.33
N ILE A 12 -26.16 1.37 -3.36
CA ILE A 12 -25.05 0.42 -3.22
C ILE A 12 -23.81 1.13 -2.70
N SER A 13 -23.22 0.59 -1.64
CA SER A 13 -22.02 1.17 -1.06
C SER A 13 -20.80 0.88 -1.92
N LYS A 14 -19.70 1.59 -1.66
CA LYS A 14 -18.47 1.40 -2.41
C LYS A 14 -17.27 1.30 -1.46
N ILE A 15 -16.27 0.53 -1.88
CA ILE A 15 -15.06 0.35 -1.06
C ILE A 15 -13.84 0.17 -1.96
N PRO A 16 -13.44 1.22 -2.64
CA PRO A 16 -12.26 1.20 -3.54
C PRO A 16 -11.03 0.59 -2.88
N PHE A 17 -10.81 0.96 -1.62
CA PHE A 17 -9.65 0.47 -0.89
C PHE A 17 -9.69 -1.05 -0.73
N ALA A 18 -10.75 -1.53 -0.10
CA ALA A 18 -10.90 -2.97 0.13
C ALA A 18 -10.66 -3.73 -1.16
N ARG A 19 -11.18 -3.22 -2.26
CA ARG A 19 -11.02 -3.89 -3.55
C ARG A 19 -9.54 -4.02 -3.89
N LEU A 20 -8.79 -2.95 -3.72
CA LEU A 20 -7.38 -2.98 -4.05
C LEU A 20 -6.70 -4.17 -3.40
N VAL A 21 -6.74 -4.24 -2.09
CA VAL A 21 -6.07 -5.36 -1.39
C VAL A 21 -6.87 -6.66 -1.53
N LYS A 22 -8.16 -6.59 -1.25
CA LYS A 22 -8.98 -7.80 -1.30
C LYS A 22 -9.10 -8.35 -2.72
N GLU A 23 -9.39 -7.48 -3.68
CA GLU A 23 -9.55 -7.94 -5.05
C GLU A 23 -8.23 -8.45 -5.60
N VAL A 24 -7.18 -7.62 -5.52
CA VAL A 24 -5.87 -8.02 -6.03
C VAL A 24 -5.48 -9.37 -5.46
N THR A 25 -5.62 -9.52 -4.16
CA THR A 25 -5.27 -10.78 -3.50
C THR A 25 -6.18 -11.91 -4.00
N ASP A 26 -7.42 -11.57 -4.36
CA ASP A 26 -8.37 -12.57 -4.83
C ASP A 26 -8.11 -12.93 -6.29
N GLU A 27 -7.39 -12.08 -7.01
CA GLU A 27 -7.07 -12.33 -8.41
C GLU A 27 -6.03 -13.44 -8.53
N PHE A 28 -5.70 -14.04 -7.39
CA PHE A 28 -4.70 -15.10 -7.34
C PHE A 28 -5.35 -16.46 -7.56
N THR A 29 -4.70 -17.51 -7.08
CA THR A 29 -5.21 -18.88 -7.22
C THR A 29 -6.73 -18.91 -7.16
N THR A 30 -7.33 -19.77 -7.98
CA THR A 30 -8.77 -19.89 -8.01
C THR A 30 -9.31 -20.32 -6.66
N LYS A 31 -8.44 -20.85 -5.81
CA LYS A 31 -8.86 -21.31 -4.50
C LYS A 31 -9.46 -20.17 -3.67
N ASP A 32 -8.84 -18.99 -3.75
CA ASP A 32 -9.32 -17.83 -3.00
C ASP A 32 -10.36 -17.04 -3.80
N GLN A 33 -11.13 -17.74 -4.62
CA GLN A 33 -12.14 -17.09 -5.44
C GLN A 33 -13.28 -16.56 -4.58
N ASP A 34 -13.28 -16.91 -3.31
CA ASP A 34 -14.33 -16.47 -2.40
C ASP A 34 -13.83 -16.49 -0.96
N LEU A 35 -12.77 -15.73 -0.70
CA LEU A 35 -12.18 -15.65 0.64
C LEU A 35 -12.26 -14.22 1.16
N ARG A 36 -12.99 -14.04 2.26
CA ARG A 36 -13.14 -12.71 2.86
C ARG A 36 -12.46 -12.67 4.23
N TRP A 37 -11.14 -12.49 4.21
CA TRP A 37 -10.37 -12.42 5.45
C TRP A 37 -10.83 -11.21 6.27
N GLN A 38 -10.54 -11.24 7.56
CA GLN A 38 -10.94 -10.13 8.43
C GLN A 38 -10.43 -8.81 7.87
N SER A 39 -10.82 -7.72 8.51
CA SER A 39 -10.38 -6.40 8.07
C SER A 39 -8.87 -6.28 8.18
N MET A 40 -8.25 -7.22 8.89
CA MET A 40 -6.80 -7.20 9.08
C MET A 40 -6.08 -6.87 7.77
N ALA A 41 -6.43 -7.58 6.71
CA ALA A 41 -5.83 -7.35 5.41
C ALA A 41 -6.19 -5.96 4.90
N ILE A 42 -7.41 -5.54 5.18
CA ILE A 42 -7.87 -4.22 4.75
C ILE A 42 -7.13 -3.12 5.52
N MET A 43 -6.96 -3.33 6.81
CA MET A 43 -6.27 -2.34 7.60
C MET A 43 -4.84 -2.21 7.08
N ALA A 44 -4.31 -3.33 6.60
CA ALA A 44 -2.97 -3.31 6.04
C ALA A 44 -2.92 -2.33 4.87
N LEU A 45 -3.98 -2.33 4.06
CA LEU A 45 -4.04 -1.43 2.94
C LEU A 45 -3.94 0.00 3.46
N GLN A 46 -4.71 0.30 4.49
CA GLN A 46 -4.70 1.63 5.09
C GLN A 46 -3.31 1.95 5.61
N GLU A 47 -2.50 0.91 5.81
CA GLU A 47 -1.14 1.11 6.28
C GLU A 47 -0.37 1.84 5.20
N ALA A 48 -0.51 1.35 3.98
CA ALA A 48 0.17 1.97 2.85
C ALA A 48 -0.34 3.38 2.67
N SER A 49 -1.63 3.56 2.89
CA SER A 49 -2.24 4.88 2.73
C SER A 49 -1.84 5.80 3.89
N GLU A 50 -1.78 5.25 5.09
CA GLU A 50 -1.43 6.03 6.27
C GLU A 50 -0.07 6.72 6.08
N ALA A 51 0.92 5.96 5.64
CA ALA A 51 2.25 6.54 5.44
C ALA A 51 2.23 7.56 4.31
N TYR A 52 1.70 7.16 3.17
CA TYR A 52 1.64 8.06 2.03
C TYR A 52 0.80 9.28 2.38
N LEU A 53 -0.21 9.08 3.23
CA LEU A 53 -1.07 10.18 3.64
C LEU A 53 -0.23 11.24 4.34
N VAL A 54 0.65 10.81 5.23
CA VAL A 54 1.50 11.76 5.96
C VAL A 54 2.44 12.47 5.00
N GLY A 55 3.05 11.71 4.10
CA GLY A 55 3.97 12.28 3.12
C GLY A 55 3.23 13.23 2.18
N LEU A 56 2.06 12.80 1.75
CA LEU A 56 1.24 13.61 0.86
C LEU A 56 0.86 14.91 1.57
N LEU A 57 0.58 14.79 2.87
CA LEU A 57 0.20 15.95 3.67
C LEU A 57 1.45 16.75 4.06
N GLU A 58 2.59 16.09 4.07
CA GLU A 58 3.84 16.74 4.45
C GLU A 58 4.24 17.79 3.41
N HIS A 59 4.16 17.43 2.13
CA HIS A 59 4.53 18.37 1.07
C HIS A 59 3.36 19.27 0.73
N THR A 60 2.18 18.92 1.25
CA THR A 60 0.94 19.69 1.03
C THR A 60 0.20 19.24 -0.23
N ASN A 61 0.45 18.00 -0.65
CA ASN A 61 -0.22 17.47 -1.82
C ASN A 61 -1.73 17.41 -1.61
N LEU A 62 -2.12 17.03 -0.40
CA LEU A 62 -3.54 16.91 -0.08
C LEU A 62 -4.29 18.19 -0.43
N LEU A 63 -3.75 19.32 0.02
CA LEU A 63 -4.38 20.60 -0.28
C LEU A 63 -4.38 20.82 -1.79
N ALA A 64 -3.30 20.39 -2.44
CA ALA A 64 -3.20 20.53 -3.89
C ALA A 64 -4.39 19.86 -4.57
N LEU A 65 -4.80 18.70 -4.03
CA LEU A 65 -5.93 17.98 -4.60
C LEU A 65 -7.21 18.81 -4.48
N HIS A 66 -7.47 19.30 -3.28
CA HIS A 66 -8.67 20.10 -3.03
C HIS A 66 -8.39 21.58 -3.20
N ALA A 67 -7.24 21.91 -3.79
CA ALA A 67 -6.88 23.30 -4.01
C ALA A 67 -7.77 23.95 -5.06
N LYS A 68 -8.08 23.20 -6.12
CA LYS A 68 -8.90 23.72 -7.21
C LYS A 68 -8.29 25.01 -7.77
N ARG A 69 -8.44 26.11 -7.04
CA ARG A 69 -7.89 27.40 -7.48
C ARG A 69 -7.23 28.11 -6.30
N ILE A 70 -6.27 27.44 -5.66
CA ILE A 70 -5.56 28.02 -4.52
C ILE A 70 -4.06 27.84 -4.68
N THR A 71 -3.60 26.60 -4.50
CA THR A 71 -2.19 26.29 -4.60
C THR A 71 -1.71 26.27 -6.05
N ILE A 72 -2.65 26.27 -6.98
CA ILE A 72 -2.31 26.25 -8.40
C ILE A 72 -1.39 27.42 -8.73
N MET A 73 -1.48 28.46 -7.92
CA MET A 73 -0.67 29.65 -8.12
C MET A 73 0.81 29.34 -7.91
N LYS A 74 1.15 28.84 -6.73
CA LYS A 74 2.55 28.51 -6.41
C LYS A 74 2.69 28.11 -4.94
N LYS A 75 2.74 26.81 -4.69
CA LYS A 75 2.89 26.31 -3.33
C LYS A 75 3.13 24.80 -3.33
N ASP A 76 2.07 24.02 -3.14
CA ASP A 76 2.19 22.56 -3.16
C ASP A 76 2.77 22.11 -4.49
N MET A 77 2.96 23.07 -5.39
CA MET A 77 3.51 22.79 -6.71
C MET A 77 5.02 22.56 -6.64
N GLN A 78 5.76 23.66 -6.44
CA GLN A 78 7.20 23.58 -6.35
C GLN A 78 7.60 22.67 -5.20
N LEU A 79 6.72 22.54 -4.22
CA LEU A 79 6.99 21.69 -3.07
C LEU A 79 6.94 20.23 -3.49
N ALA A 80 5.74 19.71 -3.76
CA ALA A 80 5.60 18.32 -4.15
C ALA A 80 6.54 18.00 -5.32
N ARG A 81 7.10 19.03 -5.93
CA ARG A 81 8.00 18.85 -7.06
C ARG A 81 9.44 18.61 -6.60
N ARG A 82 10.13 19.70 -6.25
CA ARG A 82 11.52 19.62 -5.83
C ARG A 82 11.67 18.87 -4.51
N ILE A 83 10.72 19.05 -3.60
CA ILE A 83 10.79 18.40 -2.29
C ILE A 83 10.14 17.03 -2.31
N ARG A 84 10.93 16.01 -1.94
CA ARG A 84 10.42 14.63 -1.90
C ARG A 84 9.58 14.33 -3.14
N GLY A 85 9.95 14.95 -4.25
CA GLY A 85 9.24 14.73 -5.52
C GLY A 85 10.21 14.45 -6.65
N GLN A 86 11.50 14.54 -6.33
CA GLN A 86 12.53 14.30 -7.33
C GLN A 86 12.66 12.82 -7.61
N PHE A 87 12.60 12.01 -6.55
CA PHE A 87 12.71 10.56 -6.67
C PHE A 87 13.70 10.17 -7.76
N LEU A 88 14.98 10.17 -7.41
CA LEU A 88 16.04 9.81 -8.35
C LEU A 88 16.34 8.32 -8.26
N VAL A 89 16.73 7.74 -9.39
CA VAL A 89 17.02 6.32 -9.45
C VAL A 89 18.40 6.03 -8.83
N PRO A 90 18.60 4.84 -8.29
CA PRO A 90 19.92 4.48 -7.68
C PRO A 90 21.09 4.69 -8.64
N ARG A 91 22.21 5.17 -8.12
CA ARG A 91 23.40 5.41 -8.94
C ARG A 91 24.65 5.50 -8.07
N GLY A 92 24.54 5.04 -6.82
CA GLY A 92 25.68 5.07 -5.91
C GLY A 92 25.93 6.48 -5.39
N SER A 93 25.13 7.44 -5.82
CA SER A 93 25.30 8.82 -5.38
C SER A 93 25.07 8.96 -3.88
N MET A 94 23.93 8.45 -3.41
CA MET A 94 23.61 8.51 -1.99
C MET A 94 22.38 7.66 -1.70
N GLU A 95 22.49 6.81 -0.67
CA GLU A 95 21.39 5.92 -0.30
C GLU A 95 20.59 6.48 0.89
N ARG A 96 21.04 7.61 1.42
CA ARG A 96 20.35 8.22 2.56
C ARG A 96 18.91 8.56 2.20
N HIS A 97 18.69 8.93 0.94
CA HIS A 97 17.36 9.27 0.47
C HIS A 97 16.45 8.04 0.48
N LYS A 98 17.02 6.89 0.15
CA LYS A 98 16.25 5.66 0.12
C LYS A 98 15.68 5.34 1.49
N LEU A 99 16.43 5.69 2.53
CA LEU A 99 15.98 5.45 3.89
C LEU A 99 14.71 6.24 4.19
N ALA A 100 14.58 7.41 3.56
CA ALA A 100 13.39 8.23 3.79
C ALA A 100 12.14 7.39 3.53
N ASP A 101 12.15 6.69 2.40
CA ASP A 101 11.02 5.83 2.05
C ASP A 101 10.96 4.68 3.03
N GLU A 102 12.13 4.24 3.49
CA GLU A 102 12.19 3.13 4.45
C GLU A 102 11.50 3.53 5.75
N ASN A 103 11.61 4.81 6.10
CA ASN A 103 10.99 5.32 7.31
C ASN A 103 9.46 5.35 7.16
N MET A 104 9.00 5.71 5.97
CA MET A 104 7.55 5.78 5.72
C MET A 104 6.92 4.38 5.79
N ARG A 105 7.62 3.41 5.22
CA ARG A 105 7.11 2.03 5.23
C ARG A 105 7.10 1.50 6.66
N LYS A 106 8.15 1.82 7.41
CA LYS A 106 8.24 1.40 8.79
C LYS A 106 7.17 2.10 9.62
N VAL A 107 6.86 3.33 9.25
CA VAL A 107 5.84 4.08 9.98
C VAL A 107 4.54 3.29 9.99
N TRP A 108 4.13 2.82 8.81
CA TRP A 108 2.90 2.04 8.74
C TRP A 108 3.10 0.72 9.45
N SER A 109 4.34 0.26 9.54
CA SER A 109 4.63 -1.01 10.19
C SER A 109 4.49 -0.89 11.70
N ASN A 110 4.66 0.33 12.21
CA ASN A 110 4.53 0.56 13.64
C ASN A 110 3.07 0.47 14.07
N ILE A 111 2.23 1.21 13.39
CA ILE A 111 0.81 1.19 13.73
C ILE A 111 0.26 -0.21 13.52
N ILE A 112 0.76 -0.91 12.50
CA ILE A 112 0.32 -2.27 12.24
C ILE A 112 0.72 -3.18 13.38
N SER A 113 1.77 -2.80 14.09
CA SER A 113 2.23 -3.59 15.22
C SER A 113 1.22 -3.46 16.35
N LYS A 114 0.66 -2.26 16.48
CA LYS A 114 -0.33 -2.00 17.51
C LYS A 114 -1.67 -2.64 17.11
N TYR A 115 -1.95 -2.61 15.82
CA TYR A 115 -3.19 -3.16 15.28
C TYR A 115 -3.08 -4.68 15.21
N GLU A 116 -1.88 -5.19 15.50
CA GLU A 116 -1.64 -6.62 15.47
C GLU A 116 -2.64 -7.37 16.35
N SER A 117 -3.50 -6.61 17.03
CA SER A 117 -4.52 -7.18 17.92
C SER A 117 -5.92 -6.82 17.43
N ILE A 118 -6.03 -6.42 16.18
CA ILE A 118 -7.32 -6.04 15.60
C ILE A 118 -8.43 -7.00 16.03
N GLU A 119 -9.58 -6.42 16.34
CA GLU A 119 -10.74 -7.19 16.77
C GLU A 119 -11.48 -7.73 15.55
N GLU A 120 -11.21 -9.00 15.21
CA GLU A 120 -11.85 -9.66 14.07
C GLU A 120 -13.26 -9.13 13.83
N GLN A 121 -13.39 -8.09 13.00
CA GLN A 121 -14.69 -7.49 12.71
C GLN A 121 -15.13 -7.83 11.28
N GLY A 122 -15.34 -9.11 11.01
CA GLY A 122 -15.77 -9.55 9.70
C GLY A 122 -15.95 -11.07 9.67
N ASP A 123 -15.92 -11.64 8.47
CA ASP A 123 -16.07 -13.09 8.34
C ASP A 123 -15.07 -13.79 9.25
N LEU A 124 -15.09 -15.13 9.26
CA LEU A 124 -14.17 -15.89 10.10
C LEU A 124 -13.43 -16.95 9.29
N VAL A 125 -12.14 -16.73 9.09
CA VAL A 125 -11.30 -17.67 8.36
C VAL A 125 -10.09 -18.05 9.22
N ASP A 126 -9.31 -19.01 8.75
CA ASP A 126 -8.15 -19.47 9.52
C ASP A 126 -7.07 -18.39 9.59
N LEU A 127 -7.37 -17.30 10.32
CA LEU A 127 -6.44 -16.19 10.48
C LEU A 127 -5.40 -16.51 11.53
N LYS A 128 -5.82 -16.49 12.79
CA LYS A 128 -4.91 -16.74 13.91
C LYS A 128 -5.49 -17.80 14.84
N THR A 129 -6.75 -18.16 14.61
CA THR A 129 -7.42 -19.17 15.43
C THR A 129 -7.48 -20.49 14.67
N GLY A 130 -7.20 -20.44 13.38
CA GLY A 130 -7.22 -21.63 12.55
C GLY A 130 -8.51 -22.40 12.75
N GLU A 131 -8.54 -23.61 12.18
CA GLU A 131 -9.71 -24.48 12.27
C GLU A 131 -10.89 -23.93 11.47
N ILE A 132 -10.69 -22.80 10.81
CA ILE A 132 -11.75 -22.19 10.00
C ILE A 132 -11.25 -21.92 8.59
N VAL A 133 -12.06 -22.24 7.58
CA VAL A 133 -11.68 -22.02 6.19
C VAL A 133 -12.89 -21.61 5.37
N GLU A 134 -12.82 -20.44 4.74
CA GLU A 134 -13.93 -19.94 3.92
C GLU A 134 -13.45 -19.78 2.48
N ASP A 135 -13.19 -20.91 1.82
CA ASP A 135 -12.73 -20.89 0.44
C ASP A 135 -13.30 -22.09 -0.32
N ASN A 136 -12.98 -22.19 -1.61
CA ASN A 136 -13.48 -23.29 -2.44
C ASN A 136 -12.34 -23.89 -3.26
N GLY A 137 -11.92 -25.08 -2.87
CA GLY A 137 -10.84 -25.77 -3.58
C GLY A 137 -10.31 -26.94 -2.76
N HIS A 138 -10.15 -28.09 -3.42
CA HIS A 138 -9.67 -29.29 -2.75
C HIS A 138 -8.15 -29.43 -2.92
N ILE A 139 -7.59 -28.65 -3.84
CA ILE A 139 -6.14 -28.68 -4.10
C ILE A 139 -5.45 -27.51 -3.41
N LYS A 140 -4.37 -27.81 -2.69
CA LYS A 140 -3.62 -26.78 -1.99
C LYS A 140 -2.85 -25.93 -2.98
N THR A 141 -2.93 -24.60 -2.82
CA THR A 141 -2.23 -23.68 -3.71
C THR A 141 -1.66 -22.50 -2.92
N LEU A 142 -0.63 -21.87 -3.48
CA LEU A 142 0.02 -20.73 -2.82
C LEU A 142 -0.26 -19.46 -3.61
N THR A 143 -0.55 -18.38 -2.90
CA THR A 143 -0.80 -17.11 -3.57
C THR A 143 0.50 -16.35 -3.69
N ALA A 144 0.88 -16.14 -4.93
CA ALA A 144 2.12 -15.43 -5.26
C ALA A 144 2.10 -14.98 -6.71
N ASN A 145 0.96 -15.20 -7.37
CA ASN A 145 0.81 -14.83 -8.77
C ASN A 145 1.47 -13.50 -9.09
N ASN A 146 1.56 -12.61 -8.09
CA ASN A 146 2.16 -11.27 -8.22
C ASN A 146 1.09 -10.20 -8.12
N SER A 147 1.04 -9.53 -6.98
CA SER A 147 0.07 -8.47 -6.75
C SER A 147 0.32 -7.32 -7.72
N THR A 148 1.49 -7.32 -8.35
CA THR A 148 1.82 -6.27 -9.31
C THR A 148 0.82 -6.31 -10.47
N LYS A 149 -0.09 -7.28 -10.40
CA LYS A 149 -1.11 -7.44 -11.42
C LYS A 149 -2.14 -6.32 -11.31
N ASP A 150 -1.93 -5.43 -10.33
CA ASP A 150 -2.85 -4.31 -10.13
C ASP A 150 -2.61 -3.24 -11.17
N LYS A 151 -3.20 -3.43 -12.35
CA LYS A 151 -3.04 -2.47 -13.44
C LYS A 151 -3.97 -1.27 -13.24
N ARG A 152 -5.22 -1.56 -12.91
CA ARG A 152 -6.19 -0.48 -12.70
C ARG A 152 -7.53 -1.05 -12.22
N THR A 153 -7.67 -1.21 -10.91
CA THR A 153 -8.91 -1.73 -10.36
C THR A 153 -10.01 -0.68 -10.45
N LYS A 154 -10.07 0.21 -9.47
CA LYS A 154 -11.07 1.28 -9.45
C LYS A 154 -10.54 2.51 -8.74
N TYR A 155 -9.91 2.30 -7.59
CA TYR A 155 -9.34 3.41 -6.82
C TYR A 155 -8.25 4.10 -7.62
N THR A 156 -7.41 3.32 -8.28
CA THR A 156 -6.32 3.88 -9.07
C THR A 156 -6.87 4.73 -10.21
N SER A 157 -8.02 4.33 -10.74
CA SER A 157 -8.63 5.07 -11.85
C SER A 157 -9.00 6.49 -11.42
N VAL A 158 -9.66 6.61 -10.27
CA VAL A 158 -10.07 7.92 -9.76
C VAL A 158 -8.86 8.75 -9.34
N LEU A 159 -7.91 8.09 -8.67
CA LEU A 159 -6.73 8.78 -8.18
C LEU A 159 -5.94 9.39 -9.34
N ARG A 160 -5.81 8.65 -10.42
CA ARG A 160 -5.10 9.15 -11.59
C ARG A 160 -5.92 10.27 -12.24
N ASP A 161 -7.23 10.11 -12.21
CA ASP A 161 -8.15 11.10 -12.80
C ASP A 161 -8.31 12.31 -11.90
N ILE A 162 -7.72 12.26 -10.70
CA ILE A 162 -7.86 13.36 -9.75
C ILE A 162 -7.43 14.68 -10.40
N ILE A 163 -6.85 14.59 -11.59
CA ILE A 163 -6.39 15.78 -12.30
C ILE A 163 -7.58 16.69 -12.61
N ASP A 164 -8.79 16.19 -12.35
CA ASP A 164 -10.00 16.96 -12.59
C ASP A 164 -10.10 18.16 -11.65
N ILE A 165 -9.72 17.96 -10.38
CA ILE A 165 -9.78 19.04 -9.40
C ILE A 165 -8.45 19.80 -9.33
N SER A 166 -7.34 19.07 -9.22
CA SER A 166 -6.02 19.69 -9.14
C SER A 166 -4.99 18.71 -8.56
N ASP A 167 -4.42 17.87 -9.41
CA ASP A 167 -3.42 16.91 -8.96
C ASP A 167 -2.22 17.64 -8.35
N GLU A 168 -1.03 17.07 -8.56
CA GLU A 168 0.20 17.66 -8.02
C GLU A 168 0.47 19.02 -8.67
N GLU A 169 0.30 19.08 -9.98
CA GLU A 169 0.53 20.31 -10.72
C GLU A 169 1.96 20.80 -10.52
N ASP A 170 2.86 19.87 -10.16
CA ASP A 170 4.27 20.20 -9.93
C ASP A 170 4.76 21.31 -10.86
N GLY A 171 4.27 21.30 -12.09
CA GLY A 171 4.69 22.30 -13.07
C GLY A 171 3.96 23.62 -12.87
N ASP A 172 4.73 24.69 -12.73
CA ASP A 172 4.17 26.03 -12.54
C ASP A 172 4.25 26.82 -13.84
N LYS A 173 4.27 26.09 -14.96
CA LYS A 173 4.36 26.71 -16.28
C LYS A 173 2.98 27.16 -16.73
N GLY A 174 1.95 26.55 -16.17
CA GLY A 174 0.58 26.90 -16.51
C GLY A 174 0.13 26.16 -17.77
N GLY A 175 1.10 25.65 -18.53
CA GLY A 175 0.82 24.91 -19.75
C GLY A 175 0.68 23.42 -19.45
N VAL A 176 1.44 22.95 -18.46
CA VAL A 176 1.39 21.54 -18.08
C VAL A 176 0.15 21.26 -17.24
N LYS A 177 -0.70 20.35 -17.72
CA LYS A 177 -1.94 20.00 -17.01
C LYS A 177 -1.99 18.50 -16.77
N ARG A 178 -1.64 17.73 -17.78
CA ARG A 178 -1.64 16.28 -17.67
C ARG A 178 -0.68 15.85 -16.56
N ILE A 179 0.39 16.63 -16.37
CA ILE A 179 1.37 16.32 -15.33
C ILE A 179 1.99 14.95 -15.60
N SER A 180 3.29 14.83 -15.30
CA SER A 180 3.98 13.57 -15.52
C SER A 180 3.32 12.44 -14.75
N GLY A 181 2.76 12.76 -13.59
CA GLY A 181 2.08 11.77 -12.77
C GLY A 181 3.09 10.83 -12.11
N LEU A 182 4.29 11.33 -11.90
CA LEU A 182 5.35 10.51 -11.29
C LEU A 182 4.98 10.09 -9.88
N ILE A 183 4.47 11.04 -9.09
CA ILE A 183 4.09 10.75 -7.70
C ILE A 183 2.97 9.72 -7.64
N TYR A 184 1.91 9.95 -8.40
CA TYR A 184 0.77 9.02 -8.40
C TYR A 184 1.22 7.66 -8.95
N GLU A 185 2.14 7.68 -9.91
CA GLU A 185 2.66 6.46 -10.49
C GLU A 185 3.56 5.74 -9.50
N GLU A 186 4.34 6.51 -8.74
CA GLU A 186 5.27 5.92 -7.77
C GLU A 186 4.52 5.33 -6.58
N VAL A 187 3.57 6.08 -6.02
CA VAL A 187 2.82 5.58 -4.88
C VAL A 187 2.14 4.27 -5.27
N ARG A 188 1.72 4.17 -6.53
CA ARG A 188 1.11 2.93 -7.01
C ARG A 188 2.17 1.83 -7.07
N ALA A 189 3.39 2.22 -7.45
CA ALA A 189 4.49 1.28 -7.58
C ALA A 189 4.80 0.63 -6.22
N VAL A 190 4.91 1.45 -5.19
CA VAL A 190 5.22 0.95 -3.85
C VAL A 190 4.05 0.14 -3.31
N LEU A 191 2.84 0.51 -3.69
CA LEU A 191 1.65 -0.19 -3.23
C LEU A 191 1.68 -1.63 -3.76
N LYS A 192 2.07 -1.77 -5.02
CA LYS A 192 2.13 -3.08 -5.65
C LYS A 192 3.20 -3.95 -5.03
N SER A 193 4.42 -3.42 -4.96
CA SER A 193 5.53 -4.17 -4.38
C SER A 193 5.25 -4.48 -2.91
N PHE A 194 4.56 -3.55 -2.24
CA PHE A 194 4.22 -3.75 -0.85
C PHE A 194 3.43 -5.05 -0.70
N LEU A 195 2.37 -5.18 -1.49
CA LEU A 195 1.54 -6.37 -1.43
C LEU A 195 2.33 -7.61 -1.87
N GLU A 196 2.94 -7.51 -3.04
CA GLU A 196 3.69 -8.64 -3.58
C GLU A 196 4.59 -9.25 -2.51
N SER A 197 5.30 -8.38 -1.79
CA SER A 197 6.19 -8.84 -0.73
C SER A 197 5.40 -9.43 0.44
N VAL A 198 4.26 -8.81 0.74
CA VAL A 198 3.43 -9.28 1.86
C VAL A 198 2.77 -10.62 1.56
N ILE A 199 2.02 -10.68 0.47
CA ILE A 199 1.32 -11.93 0.13
C ILE A 199 2.29 -13.09 0.06
N ARG A 200 3.41 -12.90 -0.64
CA ARG A 200 4.40 -13.96 -0.76
C ARG A 200 4.89 -14.37 0.62
N ASP A 201 5.23 -13.37 1.42
CA ASP A 201 5.72 -13.62 2.76
C ASP A 201 4.59 -14.10 3.66
N SER A 202 3.36 -13.73 3.31
CA SER A 202 2.21 -14.13 4.10
C SER A 202 1.94 -15.62 3.95
N VAL A 203 1.81 -16.08 2.72
CA VAL A 203 1.54 -17.48 2.49
C VAL A 203 2.66 -18.32 3.10
N THR A 204 3.90 -17.87 2.95
CA THR A 204 5.02 -18.61 3.49
C THR A 204 4.89 -18.78 5.00
N TYR A 205 4.71 -17.67 5.73
CA TYR A 205 4.58 -17.72 7.18
C TYR A 205 3.19 -18.16 7.61
N THR A 206 2.16 -17.62 6.95
CA THR A 206 0.80 -17.98 7.29
C THR A 206 0.61 -19.48 7.16
N GLU A 207 1.21 -20.05 6.11
CA GLU A 207 1.14 -21.49 5.90
C GLU A 207 1.85 -22.22 7.03
N HIS A 208 3.05 -21.77 7.36
CA HIS A 208 3.82 -22.41 8.43
C HIS A 208 3.05 -22.31 9.74
N ALA A 209 2.01 -21.49 9.74
CA ALA A 209 1.16 -21.31 10.91
C ALA A 209 -0.10 -22.14 10.73
N LYS A 210 0.02 -23.25 10.02
CA LYS A 210 -1.14 -24.11 9.77
C LYS A 210 -2.37 -23.27 9.40
N ARG A 211 -2.10 -22.14 8.78
CA ARG A 211 -3.16 -21.22 8.35
C ARG A 211 -2.94 -20.78 6.91
N LYS A 212 -4.02 -20.65 6.14
CA LYS A 212 -3.93 -20.26 4.73
C LYS A 212 -4.76 -19.01 4.47
N THR A 213 -4.43 -17.93 5.17
CA THR A 213 -5.17 -16.68 5.02
C THR A 213 -4.21 -15.49 5.17
N VAL A 214 -4.62 -14.47 5.95
CA VAL A 214 -3.77 -13.30 6.17
C VAL A 214 -3.52 -13.06 7.65
N THR A 215 -2.38 -13.54 8.13
CA THR A 215 -2.02 -13.34 9.53
C THR A 215 -1.32 -11.99 9.71
N SER A 216 -1.80 -11.19 10.66
CA SER A 216 -1.21 -9.88 10.90
C SER A 216 0.31 -10.01 11.09
N LEU A 217 0.76 -11.19 11.47
CA LEU A 217 2.18 -11.44 11.66
C LEU A 217 2.91 -11.24 10.34
N ASP A 218 2.21 -11.50 9.24
CA ASP A 218 2.79 -11.36 7.92
C ASP A 218 3.14 -9.92 7.63
N VAL A 219 2.16 -9.04 7.78
CA VAL A 219 2.35 -7.63 7.52
C VAL A 219 3.46 -7.07 8.43
N VAL A 220 3.48 -7.53 9.69
CA VAL A 220 4.49 -7.06 10.63
C VAL A 220 5.88 -7.63 10.30
N TYR A 221 5.94 -8.96 10.19
CA TYR A 221 7.21 -9.62 9.88
C TYR A 221 7.70 -9.26 8.49
N ALA A 222 6.79 -9.21 7.53
CA ALA A 222 7.17 -8.89 6.16
C ALA A 222 7.80 -7.50 6.09
N LEU A 223 7.22 -6.54 6.81
CA LEU A 223 7.75 -5.19 6.81
C LEU A 223 9.16 -5.17 7.39
N LYS A 224 9.37 -5.93 8.44
CA LYS A 224 10.69 -5.98 9.08
C LYS A 224 11.74 -6.47 8.07
N ARG A 225 11.38 -7.48 7.28
CA ARG A 225 12.30 -8.01 6.29
C ARG A 225 12.65 -6.95 5.24
N GLN A 226 11.65 -6.20 4.81
CA GLN A 226 11.90 -5.17 3.81
C GLN A 226 12.91 -4.17 4.35
N GLY A 227 12.77 -3.80 5.61
CA GLY A 227 13.69 -2.84 6.23
C GLY A 227 15.12 -3.35 6.16
N ARG A 228 15.30 -4.64 6.39
CA ARG A 228 16.64 -5.24 6.38
C ARG A 228 17.31 -5.08 5.03
N THR A 229 16.61 -5.51 3.99
CA THR A 229 17.14 -5.42 2.64
C THR A 229 17.46 -3.98 2.30
N LEU A 230 16.59 -3.07 2.71
CA LEU A 230 16.81 -1.65 2.45
C LEU A 230 18.08 -1.18 3.14
N TYR A 231 18.33 -1.71 4.33
CA TYR A 231 19.54 -1.34 5.07
C TYR A 231 20.77 -1.89 4.34
N GLY A 232 20.54 -2.84 3.44
CA GLY A 232 21.64 -3.43 2.66
C GLY A 232 22.26 -4.61 3.38
N PHE A 233 21.66 -5.00 4.51
CA PHE A 233 22.18 -6.13 5.30
C PHE A 233 21.02 -7.03 5.72
N GLY A 234 21.34 -8.19 6.28
CA GLY A 234 20.31 -9.14 6.73
C GLY A 234 20.72 -9.79 8.05
N GLY A 235 21.53 -9.09 8.83
CA GLY A 235 21.98 -9.63 10.11
C GLY A 235 22.60 -11.00 9.93
N LEU A 11 -25.61 -4.08 6.68
CA LEU A 11 -25.08 -2.83 6.08
C LEU A 11 -24.18 -3.19 4.91
N ILE A 12 -24.71 -3.03 3.69
CA ILE A 12 -23.95 -3.34 2.47
C ILE A 12 -23.72 -2.06 1.66
N SER A 13 -22.47 -1.84 1.26
CA SER A 13 -22.12 -0.65 0.48
C SER A 13 -20.84 -0.88 -0.30
N LYS A 14 -20.57 -0.01 -1.26
CA LYS A 14 -19.37 -0.13 -2.08
C LYS A 14 -18.13 0.25 -1.26
N ILE A 15 -17.06 -0.52 -1.44
CA ILE A 15 -15.81 -0.26 -0.71
C ILE A 15 -14.62 -0.44 -1.66
N PRO A 16 -14.40 0.52 -2.53
CA PRO A 16 -13.28 0.48 -3.50
C PRO A 16 -11.95 0.12 -2.85
N PHE A 17 -11.69 0.69 -1.67
CA PHE A 17 -10.43 0.42 -0.97
C PHE A 17 -10.26 -1.07 -0.68
N ALA A 18 -11.24 -1.66 -0.01
CA ALA A 18 -11.19 -3.08 0.32
C ALA A 18 -10.92 -3.88 -0.94
N ARG A 19 -11.56 -3.49 -2.03
CA ARG A 19 -11.35 -4.20 -3.29
C ARG A 19 -9.88 -4.14 -3.68
N LEU A 20 -9.24 -2.99 -3.53
CA LEU A 20 -7.84 -2.90 -3.91
C LEU A 20 -7.05 -4.05 -3.29
N VAL A 21 -7.06 -4.15 -1.97
CA VAL A 21 -6.32 -5.24 -1.32
C VAL A 21 -7.06 -6.58 -1.42
N LYS A 22 -8.34 -6.59 -1.07
CA LYS A 22 -9.08 -7.84 -1.10
C LYS A 22 -9.20 -8.41 -2.50
N GLU A 23 -9.55 -7.57 -3.46
CA GLU A 23 -9.69 -8.05 -4.83
C GLU A 23 -8.34 -8.53 -5.35
N VAL A 24 -7.31 -7.71 -5.16
CA VAL A 24 -5.96 -8.07 -5.64
C VAL A 24 -5.55 -9.42 -5.07
N THR A 25 -5.73 -9.57 -3.77
CA THR A 25 -5.38 -10.82 -3.12
C THR A 25 -6.24 -11.95 -3.67
N ASP A 26 -7.46 -11.62 -4.09
CA ASP A 26 -8.37 -12.62 -4.63
C ASP A 26 -8.03 -12.97 -6.08
N GLU A 27 -7.25 -12.12 -6.75
CA GLU A 27 -6.87 -12.38 -8.13
C GLU A 27 -5.94 -13.59 -8.19
N PHE A 28 -5.64 -14.13 -7.02
CA PHE A 28 -4.73 -15.27 -6.93
C PHE A 28 -5.45 -16.58 -7.23
N THR A 29 -4.77 -17.70 -6.98
CA THR A 29 -5.33 -19.02 -7.24
C THR A 29 -6.84 -19.03 -7.05
N THR A 30 -7.54 -19.86 -7.80
CA THR A 30 -8.98 -19.94 -7.71
C THR A 30 -9.41 -20.09 -6.25
N LYS A 31 -8.66 -20.87 -5.49
CA LYS A 31 -8.97 -21.08 -4.07
C LYS A 31 -9.40 -19.78 -3.39
N ASP A 32 -8.88 -18.66 -3.89
CA ASP A 32 -9.21 -17.35 -3.33
C ASP A 32 -10.27 -16.64 -4.16
N GLN A 33 -11.14 -17.41 -4.80
CA GLN A 33 -12.18 -16.83 -5.64
C GLN A 33 -13.20 -16.05 -4.81
N ASP A 34 -13.43 -16.50 -3.57
CA ASP A 34 -14.39 -15.85 -2.69
C ASP A 34 -13.99 -16.04 -1.24
N LEU A 35 -12.77 -15.59 -0.90
CA LEU A 35 -12.28 -15.71 0.46
C LEU A 35 -12.47 -14.39 1.21
N ARG A 36 -13.15 -14.47 2.35
CA ARG A 36 -13.42 -13.29 3.16
C ARG A 36 -12.65 -13.36 4.47
N TRP A 37 -11.50 -12.67 4.51
CA TRP A 37 -10.67 -12.65 5.71
C TRP A 37 -10.97 -11.37 6.51
N GLN A 38 -10.66 -11.40 7.79
CA GLN A 38 -10.91 -10.23 8.64
C GLN A 38 -10.37 -8.96 7.98
N SER A 39 -10.80 -7.82 8.51
CA SER A 39 -10.35 -6.54 7.99
C SER A 39 -8.84 -6.38 8.20
N MET A 40 -8.20 -7.40 8.76
CA MET A 40 -6.76 -7.33 9.02
C MET A 40 -6.02 -6.93 7.73
N ALA A 41 -6.33 -7.62 6.65
CA ALA A 41 -5.72 -7.32 5.36
C ALA A 41 -6.13 -5.92 4.91
N ILE A 42 -7.36 -5.56 5.22
CA ILE A 42 -7.89 -4.25 4.83
C ILE A 42 -7.12 -3.16 5.58
N MET A 43 -6.83 -3.40 6.85
CA MET A 43 -6.08 -2.42 7.61
C MET A 43 -4.71 -2.26 6.98
N ALA A 44 -4.21 -3.34 6.39
CA ALA A 44 -2.92 -3.29 5.72
C ALA A 44 -2.99 -2.26 4.59
N LEU A 45 -4.11 -2.25 3.89
CA LEU A 45 -4.28 -1.30 2.81
C LEU A 45 -4.14 0.11 3.36
N GLN A 46 -4.82 0.35 4.48
CA GLN A 46 -4.77 1.65 5.12
C GLN A 46 -3.35 1.96 5.55
N GLU A 47 -2.53 0.93 5.68
CA GLU A 47 -1.14 1.14 6.07
C GLU A 47 -0.45 1.94 4.98
N ALA A 48 -0.61 1.47 3.75
CA ALA A 48 0.01 2.14 2.62
C ALA A 48 -0.58 3.53 2.44
N SER A 49 -1.89 3.63 2.67
CA SER A 49 -2.58 4.90 2.53
C SER A 49 -2.25 5.85 3.67
N GLU A 50 -2.26 5.33 4.90
CA GLU A 50 -1.99 6.16 6.07
C GLU A 50 -0.63 6.83 5.96
N ALA A 51 0.39 6.06 5.62
CA ALA A 51 1.73 6.63 5.50
C ALA A 51 1.81 7.57 4.31
N TYR A 52 1.38 7.07 3.16
CA TYR A 52 1.40 7.89 1.95
C TYR A 52 0.62 9.17 2.19
N LEU A 53 -0.47 9.06 2.93
CA LEU A 53 -1.29 10.23 3.24
C LEU A 53 -0.48 11.25 4.03
N VAL A 54 0.31 10.78 4.98
CA VAL A 54 1.13 11.68 5.79
C VAL A 54 2.14 12.40 4.91
N GLY A 55 2.74 11.67 3.97
CA GLY A 55 3.72 12.26 3.07
C GLY A 55 3.11 13.43 2.30
N LEU A 56 1.95 13.20 1.72
CA LEU A 56 1.27 14.26 0.97
C LEU A 56 0.89 15.39 1.92
N LEU A 57 0.40 15.02 3.10
CA LEU A 57 0.00 16.01 4.10
C LEU A 57 1.21 16.83 4.53
N GLU A 58 2.34 16.15 4.67
CA GLU A 58 3.58 16.82 5.08
C GLU A 58 4.02 17.83 4.02
N HIS A 59 3.69 17.56 2.77
CA HIS A 59 4.06 18.46 1.69
C HIS A 59 3.26 19.76 1.74
N THR A 60 2.05 19.67 2.30
CA THR A 60 1.13 20.83 2.46
C THR A 60 0.05 20.85 1.37
N ASN A 61 -0.19 19.70 0.75
CA ASN A 61 -1.22 19.62 -0.29
C ASN A 61 -2.60 19.90 0.27
N LEU A 62 -2.83 19.43 1.49
CA LEU A 62 -4.12 19.62 2.14
C LEU A 62 -4.41 21.11 2.27
N LEU A 63 -3.41 21.87 2.67
CA LEU A 63 -3.57 23.31 2.81
C LEU A 63 -3.88 23.90 1.44
N ALA A 64 -3.32 23.28 0.41
CA ALA A 64 -3.54 23.71 -0.97
C ALA A 64 -5.03 23.69 -1.31
N LEU A 65 -5.72 22.67 -0.82
CA LEU A 65 -7.16 22.56 -1.08
C LEU A 65 -7.89 23.71 -0.38
N HIS A 66 -7.63 23.83 0.91
CA HIS A 66 -8.26 24.89 1.72
C HIS A 66 -7.40 26.15 1.70
N ALA A 67 -6.45 26.21 0.78
CA ALA A 67 -5.55 27.36 0.69
C ALA A 67 -6.31 28.62 0.30
N LYS A 68 -7.07 28.54 -0.79
CA LYS A 68 -7.81 29.70 -1.27
C LYS A 68 -6.85 30.86 -1.56
N ARG A 69 -6.23 30.79 -2.74
CA ARG A 69 -5.29 31.83 -3.19
C ARG A 69 -4.04 31.89 -2.32
N ILE A 70 -4.03 31.16 -1.20
CA ILE A 70 -2.85 31.16 -0.33
C ILE A 70 -1.66 30.45 -0.98
N THR A 71 -1.91 29.27 -1.54
CA THR A 71 -0.84 28.47 -2.14
C THR A 71 -0.72 28.72 -3.64
N ILE A 72 -1.68 29.44 -4.21
CA ILE A 72 -1.63 29.73 -5.63
C ILE A 72 -0.53 30.76 -5.88
N MET A 73 0.58 30.60 -5.16
CA MET A 73 1.69 31.53 -5.28
C MET A 73 3.02 30.79 -5.15
N LYS A 74 3.07 29.58 -5.71
CA LYS A 74 4.28 28.77 -5.69
C LYS A 74 4.71 28.42 -4.27
N LYS A 75 3.84 27.73 -3.53
CA LYS A 75 4.14 27.29 -2.17
C LYS A 75 4.02 25.78 -2.07
N ASP A 76 2.89 25.31 -1.54
CA ASP A 76 2.66 23.86 -1.45
C ASP A 76 2.98 23.25 -2.80
N MET A 77 2.74 24.02 -3.85
CA MET A 77 2.97 23.54 -5.19
C MET A 77 4.46 23.23 -5.39
N GLN A 78 5.31 24.12 -4.90
CA GLN A 78 6.75 23.93 -5.01
C GLN A 78 7.19 22.77 -4.12
N LEU A 79 6.50 22.60 -2.98
CA LEU A 79 6.84 21.51 -2.07
C LEU A 79 6.58 20.17 -2.74
N ALA A 80 5.31 19.91 -3.09
CA ALA A 80 4.98 18.65 -3.75
C ALA A 80 5.97 18.38 -4.88
N ARG A 81 6.40 19.47 -5.54
CA ARG A 81 7.36 19.35 -6.64
C ARG A 81 8.77 19.14 -6.10
N ARG A 82 9.08 19.79 -4.98
CA ARG A 82 10.41 19.70 -4.38
C ARG A 82 10.77 18.25 -4.07
N ILE A 83 9.77 17.37 -4.05
CA ILE A 83 10.03 15.96 -3.77
C ILE A 83 11.24 15.46 -4.56
N ARG A 84 12.43 15.61 -3.96
CA ARG A 84 13.67 15.18 -4.59
C ARG A 84 13.67 15.51 -6.08
N GLY A 85 12.87 16.49 -6.48
CA GLY A 85 12.80 16.90 -7.88
C GLY A 85 12.67 15.68 -8.80
N GLN A 86 11.92 14.68 -8.34
CA GLN A 86 11.73 13.46 -9.11
C GLN A 86 10.73 13.69 -10.24
N PHE A 87 10.82 14.85 -10.90
CA PHE A 87 9.89 15.17 -11.99
C PHE A 87 10.29 14.41 -13.26
N LEU A 88 11.16 13.41 -13.10
CA LEU A 88 11.60 12.60 -14.24
C LEU A 88 10.59 11.49 -14.53
N VAL A 89 10.51 11.10 -15.80
CA VAL A 89 9.57 10.06 -16.20
C VAL A 89 9.92 8.74 -15.51
N PRO A 90 8.97 7.84 -15.31
CA PRO A 90 9.25 6.53 -14.66
C PRO A 90 10.34 5.75 -15.38
N ARG A 91 11.17 5.04 -14.61
CA ARG A 91 12.25 4.25 -15.18
C ARG A 91 12.79 3.25 -14.16
N GLY A 92 11.98 2.96 -13.14
CA GLY A 92 12.39 2.01 -12.10
C GLY A 92 13.36 2.67 -11.12
N SER A 93 13.70 3.92 -11.38
CA SER A 93 14.62 4.64 -10.50
C SER A 93 13.99 4.89 -9.14
N MET A 94 14.83 4.99 -8.11
CA MET A 94 14.35 5.22 -6.74
C MET A 94 15.07 6.42 -6.14
N GLU A 95 14.61 6.87 -4.99
CA GLU A 95 15.21 8.01 -4.31
C GLU A 95 16.70 7.81 -4.13
N ARG A 96 17.44 8.90 -4.07
CA ARG A 96 18.88 8.83 -3.88
C ARG A 96 19.18 8.14 -2.56
N HIS A 97 18.24 8.28 -1.62
CA HIS A 97 18.35 7.67 -0.31
C HIS A 97 17.08 6.90 0.02
N LYS A 98 17.08 5.60 -0.24
CA LYS A 98 15.91 4.77 0.02
C LYS A 98 15.51 4.86 1.49
N LEU A 99 16.28 5.63 2.26
CA LEU A 99 16.01 5.79 3.68
C LEU A 99 14.69 6.50 3.90
N ALA A 100 14.46 7.58 3.17
CA ALA A 100 13.23 8.35 3.32
C ALA A 100 12.03 7.48 3.00
N ASP A 101 12.12 6.74 1.91
CA ASP A 101 11.05 5.85 1.51
C ASP A 101 10.92 4.75 2.56
N GLU A 102 12.05 4.30 3.07
CA GLU A 102 12.05 3.26 4.08
C GLU A 102 11.39 3.74 5.36
N ASN A 103 11.59 5.02 5.67
CA ASN A 103 11.01 5.61 6.87
C ASN A 103 9.48 5.62 6.77
N MET A 104 8.97 5.89 5.57
CA MET A 104 7.53 5.93 5.37
C MET A 104 6.92 4.52 5.45
N ARG A 105 7.63 3.54 4.90
CA ARG A 105 7.14 2.17 4.92
C ARG A 105 7.13 1.65 6.36
N LYS A 106 8.16 1.99 7.11
CA LYS A 106 8.24 1.58 8.50
C LYS A 106 7.17 2.28 9.31
N VAL A 107 6.84 3.51 8.93
CA VAL A 107 5.83 4.26 9.65
C VAL A 107 4.53 3.47 9.65
N TRP A 108 4.11 2.98 8.47
CA TRP A 108 2.89 2.21 8.41
C TRP A 108 3.07 0.88 9.14
N SER A 109 4.32 0.43 9.23
CA SER A 109 4.59 -0.84 9.91
C SER A 109 4.43 -0.69 11.41
N ASN A 110 4.61 0.53 11.91
CA ASN A 110 4.46 0.78 13.33
C ASN A 110 3.00 0.71 13.75
N ILE A 111 2.16 1.46 13.06
CA ILE A 111 0.76 1.45 13.39
C ILE A 111 0.19 0.04 13.22
N ILE A 112 0.67 -0.67 12.21
CA ILE A 112 0.21 -2.04 11.98
C ILE A 112 0.61 -2.91 13.16
N SER A 113 1.68 -2.51 13.84
CA SER A 113 2.13 -3.26 15.00
C SER A 113 1.11 -3.10 16.11
N LYS A 114 0.52 -1.91 16.18
CA LYS A 114 -0.49 -1.63 17.19
C LYS A 114 -1.78 -2.40 16.91
N TYR A 115 -2.18 -2.45 15.63
CA TYR A 115 -3.40 -3.15 15.24
C TYR A 115 -3.14 -4.66 15.20
N GLU A 116 -1.90 -5.03 15.39
CA GLU A 116 -1.53 -6.44 15.38
C GLU A 116 -2.36 -7.23 16.39
N SER A 117 -3.20 -6.53 17.13
CA SER A 117 -4.05 -7.14 18.16
C SER A 117 -5.52 -7.11 17.74
N ILE A 118 -5.78 -6.86 16.47
CA ILE A 118 -7.15 -6.82 15.96
C ILE A 118 -7.96 -7.97 16.55
N GLU A 119 -9.11 -7.63 17.10
CA GLU A 119 -9.99 -8.62 17.73
C GLU A 119 -10.63 -9.54 16.70
N GLU A 120 -10.70 -9.10 15.46
CA GLU A 120 -11.29 -9.88 14.38
C GLU A 120 -12.81 -9.87 14.48
N GLN A 121 -13.40 -8.71 14.24
CA GLN A 121 -14.85 -8.55 14.28
C GLN A 121 -15.44 -8.57 12.88
N GLY A 122 -15.19 -9.64 12.13
CA GLY A 122 -15.71 -9.75 10.76
C GLY A 122 -15.84 -11.21 10.34
N ASP A 123 -15.42 -11.50 9.12
CA ASP A 123 -15.48 -12.86 8.58
C ASP A 123 -14.88 -13.84 9.58
N LEU A 124 -14.86 -15.13 9.22
CA LEU A 124 -14.30 -16.14 10.12
C LEU A 124 -13.47 -17.16 9.35
N VAL A 125 -12.17 -16.89 9.27
CA VAL A 125 -11.23 -17.80 8.62
C VAL A 125 -10.07 -18.04 9.59
N ASP A 126 -9.21 -18.99 9.26
CA ASP A 126 -8.11 -19.32 10.15
C ASP A 126 -7.10 -18.18 10.17
N LEU A 127 -7.51 -17.07 10.79
CA LEU A 127 -6.65 -15.91 10.89
C LEU A 127 -5.46 -16.19 11.79
N LYS A 128 -5.77 -16.57 13.03
CA LYS A 128 -4.72 -16.84 14.03
C LYS A 128 -4.88 -18.21 14.67
N THR A 129 -6.11 -18.56 15.05
CA THR A 129 -6.36 -19.85 15.69
C THR A 129 -7.76 -20.35 15.35
N GLY A 130 -8.36 -19.74 14.34
CA GLY A 130 -9.70 -20.12 13.94
C GLY A 130 -9.75 -21.54 13.41
N GLU A 131 -8.97 -21.82 12.36
CA GLU A 131 -8.92 -23.14 11.71
C GLU A 131 -10.07 -23.28 10.70
N ILE A 132 -10.39 -22.16 10.04
CA ILE A 132 -11.46 -22.14 9.03
C ILE A 132 -10.99 -21.34 7.81
N VAL A 133 -11.52 -21.66 6.63
CA VAL A 133 -11.13 -20.94 5.42
C VAL A 133 -12.33 -20.87 4.47
N GLU A 134 -12.89 -19.68 4.31
CA GLU A 134 -14.03 -19.54 3.40
C GLU A 134 -13.52 -19.54 1.97
N ASP A 135 -13.00 -20.68 1.53
CA ASP A 135 -12.47 -20.82 0.18
C ASP A 135 -13.30 -21.82 -0.61
N ASN A 136 -12.95 -22.02 -1.88
CA ASN A 136 -13.68 -22.95 -2.73
C ASN A 136 -12.95 -23.20 -4.04
N GLY A 137 -11.88 -23.98 -3.98
CA GLY A 137 -11.11 -24.28 -5.18
C GLY A 137 -9.99 -25.28 -4.87
N HIS A 138 -9.09 -25.47 -5.84
CA HIS A 138 -7.98 -26.40 -5.66
C HIS A 138 -7.10 -25.97 -4.49
N ILE A 139 -6.09 -26.78 -4.19
CA ILE A 139 -5.17 -26.49 -3.09
C ILE A 139 -3.74 -26.34 -3.63
N LYS A 140 -3.12 -25.19 -3.32
CA LYS A 140 -1.75 -24.92 -3.77
C LYS A 140 -0.90 -24.48 -2.59
N THR A 141 0.35 -24.93 -2.57
CA THR A 141 1.27 -24.59 -1.50
C THR A 141 1.51 -23.07 -1.46
N LEU A 142 2.20 -22.58 -2.48
CA LEU A 142 2.52 -21.15 -2.58
C LEU A 142 1.94 -20.59 -3.87
N THR A 143 1.47 -19.35 -3.80
CA THR A 143 0.91 -18.70 -4.96
C THR A 143 1.96 -17.80 -5.60
N ALA A 144 2.13 -17.96 -6.90
CA ALA A 144 3.10 -17.17 -7.65
C ALA A 144 2.36 -16.17 -8.52
N ASN A 145 1.13 -15.88 -8.12
CA ASN A 145 0.31 -14.94 -8.86
C ASN A 145 0.91 -13.54 -8.84
N ASN A 146 1.49 -13.16 -7.71
CA ASN A 146 2.12 -11.85 -7.58
C ASN A 146 1.10 -10.72 -7.68
N SER A 147 0.97 -9.97 -6.59
CA SER A 147 0.06 -8.85 -6.54
C SER A 147 0.36 -7.90 -7.69
N THR A 148 1.48 -8.14 -8.37
CA THR A 148 1.85 -7.30 -9.51
C THR A 148 0.70 -7.34 -10.51
N LYS A 149 -0.24 -8.23 -10.25
CA LYS A 149 -1.42 -8.39 -11.07
C LYS A 149 -2.40 -7.24 -10.79
N ASP A 150 -1.97 -6.32 -9.93
CA ASP A 150 -2.79 -5.17 -9.57
C ASP A 150 -2.95 -4.22 -10.74
N LYS A 151 -3.64 -4.68 -11.80
CA LYS A 151 -3.84 -3.86 -12.99
C LYS A 151 -5.24 -4.06 -13.60
N ARG A 152 -5.99 -5.03 -13.09
CA ARG A 152 -7.32 -5.32 -13.64
C ARG A 152 -8.28 -4.14 -13.44
N THR A 153 -8.64 -3.86 -12.18
CA THR A 153 -9.57 -2.77 -11.88
C THR A 153 -9.15 -2.09 -10.59
N LYS A 154 -7.93 -1.57 -10.58
CA LYS A 154 -7.36 -0.92 -9.40
C LYS A 154 -7.18 0.58 -9.65
N TYR A 155 -7.66 1.04 -10.80
CA TYR A 155 -7.55 2.45 -11.15
C TYR A 155 -8.32 3.31 -10.16
N THR A 156 -8.99 2.65 -9.22
CA THR A 156 -9.77 3.36 -8.21
C THR A 156 -8.83 3.99 -7.18
N SER A 157 -7.62 3.45 -7.08
CA SER A 157 -6.64 3.97 -6.13
C SER A 157 -6.26 5.41 -6.48
N VAL A 158 -5.91 5.64 -7.74
CA VAL A 158 -5.54 6.98 -8.20
C VAL A 158 -6.74 7.91 -8.11
N LEU A 159 -7.91 7.38 -8.42
CA LEU A 159 -9.15 8.17 -8.38
C LEU A 159 -9.34 8.81 -7.01
N ARG A 160 -9.25 7.99 -5.96
CA ARG A 160 -9.46 8.48 -4.61
C ARG A 160 -8.18 9.04 -3.97
N ASP A 161 -7.03 8.46 -4.31
CA ASP A 161 -5.78 8.94 -3.74
C ASP A 161 -5.58 10.42 -4.04
N ILE A 162 -5.84 10.82 -5.27
CA ILE A 162 -5.67 12.23 -5.63
C ILE A 162 -6.76 13.10 -4.99
N ILE A 163 -8.01 12.64 -5.10
CA ILE A 163 -9.15 13.38 -4.57
C ILE A 163 -9.25 13.24 -3.05
N ASP A 164 -8.38 12.44 -2.45
CA ASP A 164 -8.41 12.26 -1.00
C ASP A 164 -8.22 13.61 -0.31
N ILE A 165 -7.34 14.45 -0.85
CA ILE A 165 -7.08 15.76 -0.27
C ILE A 165 -7.02 16.86 -1.34
N SER A 166 -7.61 16.59 -2.51
CA SER A 166 -7.62 17.57 -3.60
C SER A 166 -6.32 18.38 -3.65
N ASP A 167 -5.25 17.75 -4.12
CA ASP A 167 -3.96 18.42 -4.19
C ASP A 167 -3.87 19.33 -5.42
N GLU A 168 -3.30 20.51 -5.23
CA GLU A 168 -3.14 21.46 -6.33
C GLU A 168 -2.01 21.02 -7.25
N GLU A 169 -1.37 19.91 -6.88
CA GLU A 169 -0.27 19.35 -7.67
C GLU A 169 0.90 20.33 -7.74
N ASP A 170 1.95 19.90 -8.44
CA ASP A 170 3.15 20.71 -8.60
C ASP A 170 2.91 21.90 -9.52
N GLY A 171 2.04 21.70 -10.50
CA GLY A 171 1.76 22.75 -11.47
C GLY A 171 1.37 24.07 -10.80
N ASP A 172 1.78 25.17 -11.42
CA ASP A 172 1.48 26.51 -10.90
C ASP A 172 0.07 26.94 -11.32
N LYS A 173 -0.54 26.14 -12.20
CA LYS A 173 -1.89 26.45 -12.69
C LYS A 173 -2.92 25.68 -11.89
N GLY A 174 -2.43 24.82 -11.01
CA GLY A 174 -3.31 24.01 -10.16
C GLY A 174 -3.46 22.61 -10.75
N GLY A 175 -3.05 22.45 -12.01
CA GLY A 175 -3.15 21.15 -12.68
C GLY A 175 -3.56 21.29 -14.14
N VAL A 176 -3.49 22.51 -14.67
CA VAL A 176 -3.86 22.75 -16.06
C VAL A 176 -2.73 22.32 -16.99
N LYS A 177 -1.49 22.56 -16.57
CA LYS A 177 -0.33 22.22 -17.38
C LYS A 177 0.80 21.72 -16.49
N ARG A 178 1.76 21.02 -17.08
CA ARG A 178 2.89 20.48 -16.34
C ARG A 178 2.39 19.69 -15.14
N ILE A 179 1.33 18.92 -15.36
CA ILE A 179 0.73 18.12 -14.30
C ILE A 179 1.73 17.09 -13.79
N SER A 180 1.81 16.96 -12.47
CA SER A 180 2.72 16.01 -11.86
C SER A 180 2.30 14.59 -12.24
N GLY A 181 1.46 13.99 -11.39
CA GLY A 181 1.00 12.63 -11.64
C GLY A 181 2.15 11.64 -11.51
N LEU A 182 3.37 12.13 -11.66
CA LEU A 182 4.55 11.27 -11.57
C LEU A 182 4.65 10.64 -10.19
N ILE A 183 4.33 11.42 -9.16
CA ILE A 183 4.39 10.92 -7.79
C ILE A 183 3.41 9.77 -7.60
N TYR A 184 2.19 9.95 -8.08
CA TYR A 184 1.16 8.92 -7.95
C TYR A 184 1.57 7.64 -8.68
N GLU A 185 2.28 7.79 -9.80
CA GLU A 185 2.72 6.64 -10.57
C GLU A 185 3.74 5.81 -9.77
N GLU A 186 4.80 6.47 -9.34
CA GLU A 186 5.84 5.77 -8.57
C GLU A 186 5.22 5.15 -7.32
N VAL A 187 4.25 5.86 -6.75
CA VAL A 187 3.57 5.38 -5.55
C VAL A 187 2.76 4.13 -5.89
N ARG A 188 2.15 4.12 -7.08
CA ARG A 188 1.38 2.96 -7.50
C ARG A 188 2.29 1.73 -7.49
N ALA A 189 3.54 1.93 -7.86
CA ALA A 189 4.50 0.84 -7.87
C ALA A 189 4.80 0.38 -6.44
N VAL A 190 4.86 1.35 -5.51
CA VAL A 190 5.12 1.03 -4.11
C VAL A 190 4.02 0.12 -3.58
N LEU A 191 2.77 0.41 -3.93
CA LEU A 191 1.65 -0.41 -3.48
C LEU A 191 1.75 -1.77 -4.17
N LYS A 192 2.17 -1.74 -5.43
CA LYS A 192 2.29 -2.94 -6.24
C LYS A 192 3.29 -3.93 -5.62
N SER A 193 4.48 -3.45 -5.32
CA SER A 193 5.52 -4.29 -4.72
C SER A 193 5.23 -4.52 -3.24
N PHE A 194 4.60 -3.55 -2.59
CA PHE A 194 4.30 -3.70 -1.17
C PHE A 194 3.46 -4.96 -0.96
N LEU A 195 2.36 -5.07 -1.69
CA LEU A 195 1.50 -6.24 -1.56
C LEU A 195 2.25 -7.49 -1.99
N GLU A 196 2.80 -7.45 -3.19
CA GLU A 196 3.50 -8.61 -3.73
C GLU A 196 4.44 -9.21 -2.68
N SER A 197 5.28 -8.36 -2.10
CA SER A 197 6.23 -8.81 -1.09
C SER A 197 5.49 -9.34 0.13
N VAL A 198 4.45 -8.64 0.54
CA VAL A 198 3.68 -9.03 1.72
C VAL A 198 2.92 -10.34 1.52
N ILE A 199 2.00 -10.37 0.55
CA ILE A 199 1.21 -11.58 0.35
C ILE A 199 2.08 -12.80 0.10
N ARG A 200 3.00 -12.71 -0.86
CA ARG A 200 3.85 -13.85 -1.15
C ARG A 200 4.49 -14.33 0.14
N ASP A 201 4.97 -13.37 0.93
CA ASP A 201 5.58 -13.68 2.20
C ASP A 201 4.51 -14.14 3.18
N SER A 202 3.30 -13.61 3.03
CA SER A 202 2.21 -13.99 3.92
C SER A 202 1.86 -15.46 3.73
N VAL A 203 1.74 -15.88 2.48
CA VAL A 203 1.41 -17.25 2.19
C VAL A 203 2.50 -18.15 2.74
N THR A 204 3.73 -17.65 2.74
CA THR A 204 4.87 -18.41 3.26
C THR A 204 4.74 -18.64 4.76
N TYR A 205 4.57 -17.56 5.53
CA TYR A 205 4.45 -17.66 6.98
C TYR A 205 3.06 -18.11 7.38
N THR A 206 2.04 -17.64 6.67
CA THR A 206 0.67 -18.02 6.98
C THR A 206 0.56 -19.54 6.90
N GLU A 207 1.17 -20.12 5.88
CA GLU A 207 1.16 -21.56 5.71
C GLU A 207 1.89 -22.25 6.85
N HIS A 208 3.09 -21.78 7.16
CA HIS A 208 3.88 -22.36 8.24
C HIS A 208 3.22 -22.08 9.58
N ALA A 209 2.21 -21.21 9.55
CA ALA A 209 1.47 -20.87 10.76
C ALA A 209 0.18 -21.67 10.81
N LYS A 210 0.23 -22.86 10.22
CA LYS A 210 -0.92 -23.76 10.18
C LYS A 210 -2.21 -22.99 9.89
N ARG A 211 -2.07 -21.95 9.07
CA ARG A 211 -3.19 -21.09 8.67
C ARG A 211 -3.11 -20.81 7.18
N LYS A 212 -4.26 -20.71 6.52
CA LYS A 212 -4.29 -20.44 5.08
C LYS A 212 -5.14 -19.22 4.81
N THR A 213 -4.78 -18.11 5.45
CA THR A 213 -5.51 -16.86 5.31
C THR A 213 -4.53 -15.68 5.41
N VAL A 214 -4.91 -14.64 6.15
CA VAL A 214 -4.03 -13.48 6.33
C VAL A 214 -3.74 -13.26 7.79
N THR A 215 -2.51 -13.54 8.19
CA THR A 215 -2.11 -13.35 9.58
C THR A 215 -1.43 -11.98 9.74
N SER A 216 -1.90 -11.18 10.69
CA SER A 216 -1.33 -9.87 10.91
C SER A 216 0.19 -9.95 11.05
N LEU A 217 0.67 -11.14 11.42
CA LEU A 217 2.11 -11.34 11.56
C LEU A 217 2.79 -11.18 10.21
N ASP A 218 2.05 -11.51 9.15
CA ASP A 218 2.59 -11.41 7.80
C ASP A 218 2.96 -9.98 7.46
N VAL A 219 1.98 -9.08 7.61
CA VAL A 219 2.20 -7.68 7.31
C VAL A 219 3.31 -7.13 8.21
N VAL A 220 3.30 -7.50 9.49
CA VAL A 220 4.32 -7.01 10.41
C VAL A 220 5.69 -7.61 10.11
N TYR A 221 5.77 -8.94 10.07
CA TYR A 221 7.05 -9.61 9.83
C TYR A 221 7.57 -9.34 8.42
N ALA A 222 6.69 -9.36 7.43
CA ALA A 222 7.11 -9.13 6.05
C ALA A 222 7.70 -7.74 5.89
N LEU A 223 7.06 -6.75 6.50
CA LEU A 223 7.57 -5.38 6.40
C LEU A 223 8.95 -5.25 7.04
N LYS A 224 9.16 -5.94 8.16
CA LYS A 224 10.46 -5.87 8.82
C LYS A 224 11.56 -6.38 7.89
N ARG A 225 11.29 -7.48 7.20
CA ARG A 225 12.28 -8.04 6.29
C ARG A 225 12.57 -7.08 5.15
N GLN A 226 11.51 -6.52 4.55
CA GLN A 226 11.69 -5.61 3.45
C GLN A 226 12.50 -4.40 3.89
N GLY A 227 12.30 -3.99 5.14
CA GLY A 227 13.03 -2.86 5.69
C GLY A 227 14.52 -3.15 5.73
N ARG A 228 14.86 -4.40 6.07
CA ARG A 228 16.25 -4.81 6.16
C ARG A 228 16.91 -4.82 4.78
N THR A 229 16.16 -5.26 3.77
CA THR A 229 16.68 -5.33 2.40
C THR A 229 16.96 -3.93 1.84
N LEU A 230 16.14 -2.96 2.22
CA LEU A 230 16.31 -1.59 1.72
C LEU A 230 17.67 -1.04 2.13
N TYR A 231 18.14 -1.43 3.31
CA TYR A 231 19.45 -0.97 3.78
C TYR A 231 20.55 -1.49 2.86
N GLY A 232 20.30 -2.64 2.24
CA GLY A 232 21.28 -3.23 1.32
C GLY A 232 22.43 -3.86 2.09
N PHE A 233 22.21 -4.17 3.36
CA PHE A 233 23.24 -4.77 4.21
C PHE A 233 22.65 -5.93 5.01
N GLY A 234 23.51 -6.69 5.68
CA GLY A 234 23.06 -7.82 6.49
C GLY A 234 23.88 -7.92 7.78
N GLY A 235 24.38 -6.78 8.25
CA GLY A 235 25.18 -6.75 9.47
C GLY A 235 26.35 -7.72 9.36
N LEU A 11 -17.83 -5.40 3.82
CA LEU A 11 -19.14 -5.68 4.45
C LEU A 11 -20.23 -4.89 3.74
N ILE A 12 -21.08 -4.21 4.51
CA ILE A 12 -22.16 -3.41 3.93
C ILE A 12 -21.59 -2.27 3.09
N SER A 13 -20.58 -1.60 3.63
CA SER A 13 -19.95 -0.49 2.93
C SER A 13 -19.12 -0.99 1.75
N LYS A 14 -19.14 -0.24 0.66
CA LYS A 14 -18.38 -0.61 -0.54
C LYS A 14 -16.88 -0.58 -0.28
N ILE A 15 -16.42 0.50 0.34
CA ILE A 15 -15.00 0.65 0.65
C ILE A 15 -14.16 0.30 -0.59
N PRO A 16 -14.15 1.18 -1.57
CA PRO A 16 -13.37 0.98 -2.83
C PRO A 16 -11.92 0.55 -2.59
N PHE A 17 -11.27 1.17 -1.62
CA PHE A 17 -9.89 0.84 -1.32
C PHE A 17 -9.76 -0.64 -0.94
N ALA A 18 -10.62 -1.09 -0.04
CA ALA A 18 -10.60 -2.48 0.40
C ALA A 18 -10.73 -3.40 -0.80
N ARG A 19 -11.58 -3.00 -1.74
CA ARG A 19 -11.78 -3.80 -2.94
C ARG A 19 -10.45 -3.98 -3.66
N LEU A 20 -9.65 -2.92 -3.70
CA LEU A 20 -8.37 -3.00 -4.40
C LEU A 20 -7.46 -4.06 -3.78
N VAL A 21 -7.10 -3.89 -2.51
CA VAL A 21 -6.21 -4.86 -1.87
C VAL A 21 -6.89 -6.21 -1.63
N LYS A 22 -8.12 -6.19 -1.17
CA LYS A 22 -8.82 -7.43 -0.90
C LYS A 22 -8.89 -8.30 -2.16
N GLU A 23 -9.14 -7.68 -3.30
CA GLU A 23 -9.19 -8.43 -4.54
C GLU A 23 -7.81 -8.93 -4.94
N VAL A 24 -6.78 -8.13 -4.65
CA VAL A 24 -5.42 -8.52 -5.00
C VAL A 24 -5.07 -9.82 -4.29
N THR A 25 -5.40 -9.91 -3.02
CA THR A 25 -5.11 -11.11 -2.26
C THR A 25 -5.99 -12.27 -2.74
N ASP A 26 -7.22 -11.96 -3.17
CA ASP A 26 -8.14 -12.98 -3.64
C ASP A 26 -7.87 -13.34 -5.11
N GLU A 27 -7.25 -12.42 -5.85
CA GLU A 27 -6.95 -12.66 -7.25
C GLU A 27 -5.97 -13.83 -7.38
N PHE A 28 -5.56 -14.38 -6.25
CA PHE A 28 -4.60 -15.48 -6.23
C PHE A 28 -5.36 -16.80 -6.15
N THR A 29 -5.16 -17.67 -7.15
CA THR A 29 -5.86 -18.95 -7.19
C THR A 29 -7.35 -18.74 -7.26
N THR A 30 -7.96 -19.15 -8.36
CA THR A 30 -9.40 -19.01 -8.55
C THR A 30 -10.13 -19.75 -7.43
N LYS A 31 -9.42 -20.64 -6.75
CA LYS A 31 -10.03 -21.41 -5.68
C LYS A 31 -10.44 -20.49 -4.51
N ASP A 32 -9.65 -19.46 -4.26
CA ASP A 32 -9.95 -18.51 -3.16
C ASP A 32 -10.84 -17.37 -3.65
N GLN A 33 -11.67 -17.66 -4.65
CA GLN A 33 -12.55 -16.64 -5.22
C GLN A 33 -13.62 -16.21 -4.22
N ASP A 34 -13.76 -16.97 -3.14
CA ASP A 34 -14.76 -16.68 -2.12
C ASP A 34 -14.13 -16.65 -0.74
N LEU A 35 -13.01 -15.92 -0.61
CA LEU A 35 -12.32 -15.83 0.68
C LEU A 35 -12.43 -14.40 1.21
N ARG A 36 -13.11 -14.26 2.34
CA ARG A 36 -13.29 -12.96 2.98
C ARG A 36 -12.55 -12.93 4.31
N TRP A 37 -11.25 -12.67 4.27
CA TRP A 37 -10.46 -12.61 5.50
C TRP A 37 -10.93 -11.44 6.35
N GLN A 38 -10.53 -11.43 7.61
CA GLN A 38 -10.93 -10.35 8.51
C GLN A 38 -10.42 -9.02 7.98
N SER A 39 -10.77 -7.95 8.67
CA SER A 39 -10.35 -6.63 8.25
C SER A 39 -8.84 -6.47 8.41
N MET A 40 -8.19 -7.52 8.92
CA MET A 40 -6.75 -7.45 9.14
C MET A 40 -6.02 -7.05 7.86
N ALA A 41 -6.37 -7.71 6.77
CA ALA A 41 -5.75 -7.39 5.49
C ALA A 41 -6.15 -5.98 5.05
N ILE A 42 -7.37 -5.60 5.42
CA ILE A 42 -7.89 -4.29 5.05
C ILE A 42 -7.12 -3.20 5.81
N MET A 43 -6.84 -3.46 7.07
CA MET A 43 -6.11 -2.48 7.86
C MET A 43 -4.73 -2.33 7.25
N ALA A 44 -4.20 -3.42 6.69
CA ALA A 44 -2.91 -3.35 6.04
C ALA A 44 -2.96 -2.35 4.91
N LEU A 45 -4.04 -2.36 4.16
CA LEU A 45 -4.20 -1.41 3.07
C LEU A 45 -4.12 0.01 3.62
N GLN A 46 -4.82 0.25 4.72
CA GLN A 46 -4.81 1.55 5.34
C GLN A 46 -3.41 1.93 5.76
N GLU A 47 -2.56 0.92 5.92
CA GLU A 47 -1.19 1.16 6.29
C GLU A 47 -0.50 1.94 5.18
N ALA A 48 -0.66 1.43 3.98
CA ALA A 48 -0.06 2.07 2.82
C ALA A 48 -0.71 3.42 2.56
N SER A 49 -2.02 3.49 2.80
CA SER A 49 -2.75 4.73 2.59
C SER A 49 -2.39 5.78 3.63
N GLU A 50 -2.27 5.35 4.87
CA GLU A 50 -1.95 6.26 5.96
C GLU A 50 -0.59 6.93 5.73
N ALA A 51 0.40 6.14 5.32
CA ALA A 51 1.73 6.68 5.07
C ALA A 51 1.73 7.64 3.90
N TYR A 52 1.22 7.19 2.76
CA TYR A 52 1.18 8.05 1.58
C TYR A 52 0.43 9.32 1.92
N LEU A 53 -0.60 9.19 2.72
CA LEU A 53 -1.37 10.36 3.10
C LEU A 53 -0.48 11.36 3.82
N VAL A 54 0.33 10.86 4.74
CA VAL A 54 1.25 11.73 5.48
C VAL A 54 2.32 12.27 4.54
N GLY A 55 2.83 11.39 3.67
CA GLY A 55 3.88 11.77 2.73
C GLY A 55 3.40 12.82 1.76
N LEU A 56 2.21 12.61 1.20
CA LEU A 56 1.67 13.58 0.25
C LEU A 56 1.51 14.93 0.93
N LEU A 57 0.99 14.90 2.16
CA LEU A 57 0.83 16.13 2.93
C LEU A 57 2.19 16.67 3.39
N GLU A 58 3.09 15.78 3.77
CA GLU A 58 4.41 16.20 4.23
C GLU A 58 5.19 16.83 3.10
N HIS A 59 4.94 16.36 1.88
CA HIS A 59 5.64 16.90 0.72
C HIS A 59 5.20 18.33 0.45
N THR A 60 3.90 18.60 0.66
CA THR A 60 3.28 19.93 0.46
C THR A 60 2.40 19.96 -0.80
N ASN A 61 1.92 18.79 -1.20
CA ASN A 61 1.10 18.69 -2.40
C ASN A 61 -0.20 19.46 -2.22
N LEU A 62 -0.69 19.46 -0.99
CA LEU A 62 -1.92 20.15 -0.67
C LEU A 62 -1.79 21.63 -1.04
N LEU A 63 -0.65 22.19 -0.69
CA LEU A 63 -0.39 23.58 -1.03
C LEU A 63 -0.31 23.73 -2.54
N ALA A 64 0.24 22.72 -3.20
CA ALA A 64 0.35 22.73 -4.67
C ALA A 64 -1.02 22.96 -5.29
N LEU A 65 -2.07 22.54 -4.59
CA LEU A 65 -3.43 22.72 -5.08
C LEU A 65 -3.92 24.13 -4.79
N HIS A 66 -4.23 24.39 -3.53
CA HIS A 66 -4.73 25.70 -3.13
C HIS A 66 -3.65 26.76 -3.29
N ALA A 67 -2.42 26.41 -2.93
CA ALA A 67 -1.27 27.30 -3.03
C ALA A 67 -0.59 27.17 -4.40
N LYS A 68 -1.31 26.62 -5.37
CA LYS A 68 -0.74 26.44 -6.71
C LYS A 68 0.03 27.68 -7.15
N ARG A 69 -0.56 28.85 -6.95
CA ARG A 69 0.09 30.10 -7.33
C ARG A 69 1.38 30.31 -6.53
N ILE A 70 1.45 29.67 -5.38
CA ILE A 70 2.61 29.76 -4.50
C ILE A 70 3.65 28.70 -4.87
N THR A 71 3.18 27.50 -5.18
CA THR A 71 4.06 26.39 -5.54
C THR A 71 4.53 26.51 -6.99
N ILE A 72 3.87 27.36 -7.75
CA ILE A 72 4.22 27.54 -9.15
C ILE A 72 5.72 27.80 -9.30
N MET A 73 6.34 28.19 -8.19
CA MET A 73 7.77 28.47 -8.17
C MET A 73 8.58 27.19 -7.92
N LYS A 74 9.76 27.14 -8.49
CA LYS A 74 10.64 25.99 -8.33
C LYS A 74 10.90 25.69 -6.87
N LYS A 75 10.08 24.81 -6.30
CA LYS A 75 10.23 24.44 -4.90
C LYS A 75 9.27 23.31 -4.56
N ASP A 76 8.08 23.67 -4.10
CA ASP A 76 7.06 22.70 -3.75
C ASP A 76 6.86 21.72 -4.90
N MET A 77 7.39 22.11 -6.07
CA MET A 77 7.28 21.29 -7.26
C MET A 77 8.12 20.01 -7.10
N GLN A 78 9.42 20.19 -6.89
CA GLN A 78 10.31 19.07 -6.72
C GLN A 78 9.95 18.29 -5.47
N LEU A 79 9.34 18.96 -4.50
CA LEU A 79 8.95 18.28 -3.26
C LEU A 79 7.94 17.18 -3.56
N ALA A 80 6.86 17.52 -4.25
CA ALA A 80 5.87 16.51 -4.59
C ALA A 80 6.52 15.46 -5.48
N ARG A 81 7.57 15.86 -6.20
CA ARG A 81 8.30 14.93 -7.07
C ARG A 81 9.51 14.35 -6.33
N ARG A 82 9.62 14.66 -5.05
CA ARG A 82 10.73 14.15 -4.26
C ARG A 82 10.68 12.63 -4.20
N ILE A 83 9.48 12.08 -4.16
CA ILE A 83 9.31 10.63 -4.08
C ILE A 83 10.23 9.93 -5.10
N ARG A 84 10.19 8.60 -5.09
CA ARG A 84 11.04 7.82 -6.01
C ARG A 84 10.75 8.19 -7.46
N GLY A 85 9.51 8.55 -7.74
CA GLY A 85 9.13 8.96 -9.09
C GLY A 85 10.07 10.02 -9.62
N GLN A 86 11.03 10.47 -8.79
CA GLN A 86 12.00 11.48 -9.19
C GLN A 86 12.37 11.33 -10.67
N PHE A 87 11.69 12.08 -11.52
CA PHE A 87 11.98 12.05 -12.96
C PHE A 87 13.39 12.58 -13.19
N LEU A 88 14.09 12.77 -12.08
CA LEU A 88 15.43 13.30 -12.09
C LEU A 88 16.44 12.22 -12.51
N VAL A 89 17.49 12.65 -13.19
CA VAL A 89 18.52 11.73 -13.66
C VAL A 89 19.12 10.92 -12.49
N PRO A 90 18.95 9.61 -12.44
CA PRO A 90 19.52 8.78 -11.33
C PRO A 90 21.04 8.97 -11.21
N ARG A 91 21.53 8.86 -9.97
CA ARG A 91 22.97 9.00 -9.71
C ARG A 91 23.39 8.12 -8.53
N GLY A 92 22.45 7.84 -7.63
CA GLY A 92 22.75 7.02 -6.47
C GLY A 92 23.93 7.58 -5.68
N SER A 93 24.11 8.90 -5.77
CA SER A 93 25.20 9.55 -5.06
C SER A 93 25.02 9.44 -3.55
N MET A 94 23.78 9.23 -3.13
CA MET A 94 23.48 9.10 -1.69
C MET A 94 22.27 8.18 -1.49
N GLU A 95 22.44 7.17 -0.64
CA GLU A 95 21.36 6.22 -0.35
C GLU A 95 20.60 6.60 0.92
N ARG A 96 21.13 7.58 1.64
CA ARG A 96 20.48 8.02 2.88
C ARG A 96 19.09 8.56 2.57
N HIS A 97 18.94 9.12 1.37
CA HIS A 97 17.65 9.68 0.96
C HIS A 97 16.58 8.59 0.84
N LYS A 98 16.96 7.44 0.30
CA LYS A 98 16.02 6.34 0.14
C LYS A 98 15.45 5.93 1.49
N LEU A 99 16.24 6.08 2.53
CA LEU A 99 15.80 5.70 3.85
C LEU A 99 14.59 6.52 4.27
N ALA A 100 14.49 7.75 3.77
CA ALA A 100 13.35 8.60 4.10
C ALA A 100 12.06 7.83 3.79
N ASP A 101 12.01 7.25 2.60
CA ASP A 101 10.85 6.47 2.19
C ASP A 101 10.76 5.23 3.08
N GLU A 102 11.91 4.71 3.48
CA GLU A 102 11.94 3.53 4.34
C GLU A 102 11.29 3.85 5.67
N ASN A 103 11.50 5.08 6.14
CA ASN A 103 10.91 5.51 7.40
C ASN A 103 9.39 5.56 7.29
N MET A 104 8.91 5.99 6.12
CA MET A 104 7.47 6.07 5.88
C MET A 104 6.84 4.67 5.88
N ARG A 105 7.54 3.70 5.29
CA ARG A 105 7.03 2.34 5.24
C ARG A 105 7.04 1.75 6.65
N LYS A 106 8.09 2.04 7.41
CA LYS A 106 8.17 1.57 8.79
C LYS A 106 7.10 2.24 9.62
N VAL A 107 6.78 3.49 9.29
CA VAL A 107 5.76 4.22 10.04
C VAL A 107 4.45 3.43 10.00
N TRP A 108 4.06 2.98 8.81
CA TRP A 108 2.84 2.20 8.71
C TRP A 108 3.02 0.87 9.41
N SER A 109 4.27 0.41 9.51
CA SER A 109 4.54 -0.86 10.16
C SER A 109 4.38 -0.76 11.67
N ASN A 110 4.55 0.45 12.19
CA ASN A 110 4.41 0.66 13.63
C ASN A 110 2.95 0.56 14.03
N ILE A 111 2.10 1.33 13.36
CA ILE A 111 0.69 1.30 13.67
C ILE A 111 0.15 -0.11 13.48
N ILE A 112 0.65 -0.81 12.47
CA ILE A 112 0.21 -2.19 12.23
C ILE A 112 0.63 -3.08 13.38
N SER A 113 1.69 -2.67 14.07
CA SER A 113 2.17 -3.43 15.20
C SER A 113 1.15 -3.32 16.33
N LYS A 114 0.52 -2.17 16.42
CA LYS A 114 -0.49 -1.93 17.44
C LYS A 114 -1.78 -2.69 17.13
N TYR A 115 -2.17 -2.68 15.85
CA TYR A 115 -3.38 -3.37 15.43
C TYR A 115 -3.12 -4.87 15.30
N GLU A 116 -1.87 -5.27 15.49
CA GLU A 116 -1.50 -6.67 15.40
C GLU A 116 -2.36 -7.53 16.33
N SER A 117 -3.22 -6.86 17.10
CA SER A 117 -4.11 -7.53 18.05
C SER A 117 -5.55 -7.52 17.55
N ILE A 118 -5.75 -7.14 16.29
CA ILE A 118 -7.10 -7.09 15.72
C ILE A 118 -7.87 -8.34 16.12
N GLU A 119 -9.07 -8.13 16.60
CA GLU A 119 -9.91 -9.25 17.02
C GLU A 119 -10.46 -10.01 15.82
N GLU A 120 -11.63 -9.61 15.35
CA GLU A 120 -12.27 -10.27 14.22
C GLU A 120 -13.33 -9.37 13.59
N GLN A 121 -12.95 -8.14 13.27
CA GLN A 121 -13.89 -7.18 12.68
C GLN A 121 -14.24 -7.55 11.24
N GLY A 122 -14.86 -8.71 11.04
CA GLY A 122 -15.23 -9.15 9.70
C GLY A 122 -15.59 -10.64 9.71
N ASP A 123 -15.63 -11.24 8.52
CA ASP A 123 -15.96 -12.67 8.41
C ASP A 123 -14.94 -13.48 9.21
N LEU A 124 -15.10 -14.81 9.23
CA LEU A 124 -14.18 -15.66 9.98
C LEU A 124 -13.53 -16.71 9.10
N VAL A 125 -12.20 -16.66 9.02
CA VAL A 125 -11.41 -17.61 8.23
C VAL A 125 -10.17 -18.02 9.01
N ASP A 126 -9.41 -18.99 8.49
CA ASP A 126 -8.20 -19.46 9.19
C ASP A 126 -7.12 -18.37 9.22
N LEU A 127 -7.33 -17.35 10.05
CA LEU A 127 -6.37 -16.26 10.19
C LEU A 127 -5.30 -16.62 11.19
N LYS A 128 -5.69 -16.78 12.44
CA LYS A 128 -4.75 -17.11 13.50
C LYS A 128 -5.29 -18.24 14.36
N THR A 129 -6.59 -18.53 14.22
CA THR A 129 -7.21 -19.61 14.98
C THR A 129 -6.82 -20.96 14.40
N GLY A 130 -6.82 -21.05 13.07
CA GLY A 130 -6.45 -22.30 12.40
C GLY A 130 -7.57 -23.34 12.47
N GLU A 131 -8.82 -22.88 12.61
CA GLU A 131 -9.96 -23.80 12.70
C GLU A 131 -11.13 -23.37 11.79
N ILE A 132 -10.88 -22.48 10.83
CA ILE A 132 -11.95 -22.01 9.92
C ILE A 132 -11.44 -21.92 8.49
N VAL A 133 -12.32 -22.16 7.53
CA VAL A 133 -11.96 -22.09 6.12
C VAL A 133 -13.10 -21.50 5.31
N GLU A 134 -12.78 -20.58 4.41
CA GLU A 134 -13.80 -19.96 3.56
C GLU A 134 -13.29 -19.83 2.14
N ASP A 135 -13.13 -20.98 1.48
CA ASP A 135 -12.64 -21.00 0.10
C ASP A 135 -13.16 -22.24 -0.62
N ASN A 136 -13.13 -22.22 -1.94
CA ASN A 136 -13.60 -23.35 -2.73
C ASN A 136 -12.63 -24.52 -2.60
N GLY A 137 -11.37 -24.22 -2.29
CA GLY A 137 -10.35 -25.25 -2.13
C GLY A 137 -9.08 -24.67 -1.53
N HIS A 138 -7.94 -25.26 -1.87
CA HIS A 138 -6.66 -24.79 -1.34
C HIS A 138 -5.51 -25.28 -2.22
N ILE A 139 -4.44 -24.48 -2.30
CA ILE A 139 -3.26 -24.82 -3.11
C ILE A 139 -2.04 -24.97 -2.21
N LYS A 140 -1.39 -26.12 -2.29
CA LYS A 140 -0.20 -26.39 -1.49
C LYS A 140 0.97 -25.51 -1.94
N THR A 141 1.10 -25.33 -3.25
CA THR A 141 2.20 -24.53 -3.79
C THR A 141 1.99 -23.06 -3.51
N LEU A 142 3.06 -22.27 -3.68
CA LEU A 142 2.99 -20.83 -3.43
C LEU A 142 2.56 -20.10 -4.70
N THR A 143 1.29 -19.70 -4.73
CA THR A 143 0.76 -18.98 -5.88
C THR A 143 1.69 -17.84 -6.26
N ALA A 144 1.80 -16.85 -5.40
CA ALA A 144 2.66 -15.71 -5.68
C ALA A 144 2.35 -15.14 -7.05
N ASN A 145 1.06 -15.12 -7.37
CA ASN A 145 0.61 -14.63 -8.67
C ASN A 145 1.08 -13.20 -8.93
N ASN A 146 1.83 -12.62 -7.99
CA ASN A 146 2.34 -11.26 -8.13
C ASN A 146 1.24 -10.22 -8.06
N SER A 147 1.22 -9.48 -6.94
CA SER A 147 0.23 -8.43 -6.73
C SER A 147 0.46 -7.30 -7.73
N THR A 148 1.64 -7.29 -8.36
CA THR A 148 1.93 -6.25 -9.36
C THR A 148 0.78 -6.18 -10.36
N LYS A 149 -0.06 -7.21 -10.29
CA LYS A 149 -1.23 -7.32 -11.14
C LYS A 149 -2.35 -6.42 -10.61
N ASP A 150 -1.96 -5.46 -9.76
CA ASP A 150 -2.90 -4.51 -9.16
C ASP A 150 -3.60 -3.68 -10.24
N LYS A 151 -3.48 -4.12 -11.50
CA LYS A 151 -4.08 -3.41 -12.64
C LYS A 151 -5.49 -3.92 -12.92
N ARG A 152 -5.71 -5.21 -12.66
CA ARG A 152 -7.01 -5.83 -12.91
C ARG A 152 -8.09 -5.23 -12.02
N THR A 153 -7.73 -4.89 -10.79
CA THR A 153 -8.69 -4.32 -9.86
C THR A 153 -9.34 -3.06 -10.44
N LYS A 154 -8.91 -1.90 -9.96
CA LYS A 154 -9.46 -0.65 -10.44
C LYS A 154 -8.60 0.53 -10.00
N TYR A 155 -8.90 1.71 -10.55
CA TYR A 155 -8.16 2.92 -10.22
C TYR A 155 -8.92 3.74 -9.19
N THR A 156 -9.70 3.05 -8.34
CA THR A 156 -10.49 3.72 -7.33
C THR A 156 -9.57 4.51 -6.38
N SER A 157 -8.41 3.94 -6.07
CA SER A 157 -7.48 4.63 -5.18
C SER A 157 -7.07 5.96 -5.79
N VAL A 158 -6.69 5.94 -7.06
CA VAL A 158 -6.30 7.15 -7.76
C VAL A 158 -7.48 8.11 -7.88
N LEU A 159 -8.64 7.57 -8.21
CA LEU A 159 -9.84 8.38 -8.34
C LEU A 159 -10.06 9.23 -7.11
N ARG A 160 -9.99 8.62 -5.94
CA ARG A 160 -10.25 9.33 -4.69
C ARG A 160 -9.00 9.99 -4.11
N ASP A 161 -7.94 9.22 -3.94
CA ASP A 161 -6.72 9.75 -3.32
C ASP A 161 -6.12 10.92 -4.11
N ILE A 162 -5.91 10.75 -5.41
CA ILE A 162 -5.30 11.82 -6.20
C ILE A 162 -6.24 13.01 -6.40
N ILE A 163 -7.35 12.80 -7.08
CA ILE A 163 -8.28 13.91 -7.32
C ILE A 163 -8.50 14.73 -6.05
N ASP A 164 -8.42 14.06 -4.90
CA ASP A 164 -8.61 14.77 -3.63
C ASP A 164 -7.44 15.73 -3.38
N ILE A 165 -6.22 15.26 -3.67
CA ILE A 165 -5.02 16.11 -3.47
C ILE A 165 -4.86 17.09 -4.62
N SER A 166 -5.07 16.61 -5.84
CA SER A 166 -4.93 17.46 -7.02
C SER A 166 -3.59 18.19 -7.00
N ASP A 167 -2.59 17.62 -7.67
CA ASP A 167 -1.26 18.22 -7.72
C ASP A 167 -0.62 18.00 -9.09
N GLU A 168 -0.84 18.94 -10.01
CA GLU A 168 -0.29 18.83 -11.35
C GLU A 168 1.15 19.34 -11.36
N GLU A 169 1.55 20.01 -10.28
CA GLU A 169 2.91 20.52 -10.17
C GLU A 169 3.83 19.45 -9.60
N ASP A 170 4.96 19.23 -10.25
CA ASP A 170 5.93 18.25 -9.82
C ASP A 170 7.32 18.68 -10.29
N GLY A 171 7.34 19.67 -11.16
CA GLY A 171 8.62 20.16 -11.66
C GLY A 171 8.46 21.44 -12.46
N ASP A 172 9.55 21.88 -13.07
CA ASP A 172 9.53 23.11 -13.85
C ASP A 172 8.56 22.99 -15.02
N LYS A 173 8.35 21.75 -15.46
CA LYS A 173 7.44 21.49 -16.57
C LYS A 173 6.04 21.96 -16.20
N GLY A 174 5.66 21.68 -14.95
CA GLY A 174 4.35 22.07 -14.44
C GLY A 174 3.35 20.92 -14.54
N GLY A 175 3.73 19.90 -15.30
CA GLY A 175 2.83 18.75 -15.49
C GLY A 175 1.68 19.15 -16.38
N VAL A 176 1.98 20.05 -17.31
CA VAL A 176 0.98 20.55 -18.23
C VAL A 176 0.53 19.45 -19.20
N LYS A 177 1.48 18.61 -19.62
CA LYS A 177 1.16 17.52 -20.55
C LYS A 177 1.99 16.28 -20.27
N ARG A 178 3.31 16.46 -20.18
CA ARG A 178 4.20 15.34 -19.93
C ARG A 178 4.08 14.85 -18.49
N ILE A 179 2.84 14.81 -17.99
CA ILE A 179 2.60 14.34 -16.64
C ILE A 179 3.02 12.89 -16.52
N SER A 180 2.67 12.12 -17.53
CA SER A 180 3.02 10.70 -17.58
C SER A 180 2.64 10.01 -16.27
N GLY A 181 1.75 10.63 -15.50
CA GLY A 181 1.31 10.05 -14.24
C GLY A 181 2.48 9.41 -13.48
N LEU A 182 3.62 10.09 -13.51
CA LEU A 182 4.81 9.57 -12.86
C LEU A 182 4.57 9.40 -11.36
N ILE A 183 3.94 10.40 -10.75
CA ILE A 183 3.66 10.35 -9.33
C ILE A 183 2.67 9.21 -9.02
N TYR A 184 1.59 9.17 -9.79
CA TYR A 184 0.57 8.13 -9.58
C TYR A 184 1.16 6.76 -9.87
N GLU A 185 2.04 6.69 -10.85
CA GLU A 185 2.67 5.43 -11.22
C GLU A 185 3.58 4.93 -10.09
N GLU A 186 4.34 5.85 -9.50
CA GLU A 186 5.24 5.49 -8.42
C GLU A 186 4.45 5.12 -7.16
N VAL A 187 3.31 5.80 -6.96
CA VAL A 187 2.50 5.53 -5.79
C VAL A 187 2.03 4.07 -5.83
N ARG A 188 1.54 3.65 -6.99
CA ARG A 188 1.09 2.28 -7.16
C ARG A 188 2.27 1.32 -7.08
N ALA A 189 3.41 1.77 -7.60
CA ALA A 189 4.62 0.94 -7.59
C ALA A 189 4.93 0.45 -6.18
N VAL A 190 4.91 1.38 -5.22
CA VAL A 190 5.18 1.01 -3.84
C VAL A 190 4.10 0.09 -3.30
N LEU A 191 2.84 0.37 -3.66
CA LEU A 191 1.73 -0.46 -3.20
C LEU A 191 1.91 -1.88 -3.74
N LYS A 192 2.31 -1.99 -5.00
CA LYS A 192 2.50 -3.28 -5.64
C LYS A 192 3.58 -4.09 -4.93
N SER A 193 4.75 -3.51 -4.77
CA SER A 193 5.85 -4.19 -4.11
C SER A 193 5.49 -4.48 -2.66
N PHE A 194 4.81 -3.54 -2.03
CA PHE A 194 4.42 -3.73 -0.64
C PHE A 194 3.57 -5.00 -0.53
N LEU A 195 2.50 -5.07 -1.31
CA LEU A 195 1.64 -6.24 -1.27
C LEU A 195 2.37 -7.48 -1.75
N GLU A 196 3.06 -7.36 -2.87
CA GLU A 196 3.79 -8.50 -3.42
C GLU A 196 4.63 -9.16 -2.33
N SER A 197 5.33 -8.35 -1.56
CA SER A 197 6.15 -8.86 -0.48
C SER A 197 5.30 -9.44 0.64
N VAL A 198 4.18 -8.79 0.93
CA VAL A 198 3.29 -9.23 2.01
C VAL A 198 2.61 -10.56 1.68
N ILE A 199 1.94 -10.63 0.54
CA ILE A 199 1.23 -11.85 0.16
C ILE A 199 2.20 -13.02 0.02
N ARG A 200 3.32 -12.80 -0.65
CA ARG A 200 4.29 -13.86 -0.82
C ARG A 200 4.73 -14.36 0.55
N ASP A 201 4.99 -13.42 1.44
CA ASP A 201 5.39 -13.76 2.78
C ASP A 201 4.19 -14.32 3.55
N SER A 202 3.00 -13.85 3.21
CA SER A 202 1.79 -14.32 3.87
C SER A 202 1.56 -15.80 3.59
N VAL A 203 1.52 -16.15 2.32
CA VAL A 203 1.30 -17.54 1.96
C VAL A 203 2.41 -18.40 2.54
N THR A 204 3.63 -17.87 2.57
CA THR A 204 4.75 -18.61 3.12
C THR A 204 4.65 -18.79 4.63
N TYR A 205 4.51 -17.69 5.37
CA TYR A 205 4.41 -17.76 6.83
C TYR A 205 3.04 -18.24 7.29
N THR A 206 1.99 -17.77 6.63
CA THR A 206 0.64 -18.18 7.01
C THR A 206 0.52 -19.69 6.84
N GLU A 207 1.13 -20.21 5.78
CA GLU A 207 1.10 -21.65 5.54
C GLU A 207 1.83 -22.40 6.65
N HIS A 208 3.00 -21.90 7.04
CA HIS A 208 3.76 -22.54 8.11
C HIS A 208 2.95 -22.51 9.40
N ALA A 209 1.91 -21.69 9.41
CA ALA A 209 1.03 -21.57 10.55
C ALA A 209 -0.21 -22.41 10.30
N LYS A 210 -0.04 -23.48 9.53
CA LYS A 210 -1.14 -24.36 9.18
C LYS A 210 -2.40 -23.56 8.87
N ARG A 211 -2.18 -22.39 8.26
CA ARG A 211 -3.26 -21.50 7.87
C ARG A 211 -3.03 -21.00 6.45
N LYS A 212 -4.11 -20.81 5.69
CA LYS A 212 -4.01 -20.35 4.31
C LYS A 212 -4.85 -19.10 4.11
N THR A 213 -4.55 -18.06 4.87
CA THR A 213 -5.32 -16.81 4.80
C THR A 213 -4.38 -15.61 5.00
N VAL A 214 -4.72 -14.71 5.93
CA VAL A 214 -3.89 -13.53 6.19
C VAL A 214 -3.57 -13.37 7.67
N THR A 215 -2.36 -13.73 8.06
CA THR A 215 -1.96 -13.57 9.44
C THR A 215 -1.32 -12.19 9.64
N SER A 216 -1.82 -11.41 10.60
CA SER A 216 -1.27 -10.09 10.87
C SER A 216 0.24 -10.17 11.07
N LEU A 217 0.72 -11.35 11.43
CA LEU A 217 2.14 -11.57 11.64
C LEU A 217 2.88 -11.34 10.33
N ASP A 218 2.21 -11.63 9.21
CA ASP A 218 2.81 -11.47 7.90
C ASP A 218 3.09 -10.00 7.60
N VAL A 219 2.09 -9.16 7.76
CA VAL A 219 2.26 -7.75 7.48
C VAL A 219 3.37 -7.17 8.38
N VAL A 220 3.37 -7.57 9.65
CA VAL A 220 4.40 -7.08 10.56
C VAL A 220 5.78 -7.64 10.21
N TYR A 221 5.87 -8.97 10.13
CA TYR A 221 7.14 -9.62 9.81
C TYR A 221 7.61 -9.30 8.39
N ALA A 222 6.68 -9.30 7.44
CA ALA A 222 7.04 -9.02 6.05
C ALA A 222 7.64 -7.63 5.91
N LEU A 223 7.01 -6.65 6.52
CA LEU A 223 7.50 -5.29 6.45
C LEU A 223 8.89 -5.20 7.08
N LYS A 224 9.09 -5.94 8.16
CA LYS A 224 10.37 -5.94 8.83
C LYS A 224 11.48 -6.36 7.87
N ARG A 225 11.21 -7.41 7.08
CA ARG A 225 12.19 -7.90 6.12
C ARG A 225 12.48 -6.87 5.03
N GLN A 226 11.42 -6.25 4.52
CA GLN A 226 11.59 -5.26 3.46
C GLN A 226 12.43 -4.10 3.96
N GLY A 227 12.23 -3.71 5.22
CA GLY A 227 12.99 -2.61 5.80
C GLY A 227 14.49 -2.93 5.79
N ARG A 228 14.81 -4.17 6.07
CA ARG A 228 16.21 -4.61 6.10
C ARG A 228 16.83 -4.57 4.71
N THR A 229 16.07 -5.00 3.71
CA THR A 229 16.56 -5.02 2.33
C THR A 229 16.85 -3.60 1.83
N LEU A 230 15.99 -2.66 2.19
CA LEU A 230 16.16 -1.29 1.75
C LEU A 230 17.52 -0.73 2.19
N TYR A 231 18.00 -1.16 3.35
CA TYR A 231 19.29 -0.70 3.82
C TYR A 231 20.40 -1.20 2.88
N GLY A 232 20.03 -2.08 1.95
CA GLY A 232 20.98 -2.61 0.99
C GLY A 232 21.95 -3.60 1.64
N PHE A 233 21.61 -4.04 2.85
CA PHE A 233 22.46 -4.99 3.58
C PHE A 233 21.59 -6.08 4.22
N GLY A 234 22.22 -7.13 4.72
CA GLY A 234 21.51 -8.23 5.36
C GLY A 234 22.31 -8.77 6.55
N GLY A 235 23.08 -7.89 7.19
CA GLY A 235 23.89 -8.28 8.33
C GLY A 235 23.01 -8.55 9.55
N LEU A 11 -20.57 7.05 7.39
CA LEU A 11 -20.18 5.69 7.89
C LEU A 11 -19.79 4.82 6.71
N ILE A 12 -19.66 5.43 5.53
CA ILE A 12 -19.30 4.69 4.32
C ILE A 12 -17.79 4.72 4.12
N SER A 13 -17.16 3.56 4.22
CA SER A 13 -15.71 3.45 4.05
C SER A 13 -15.34 3.39 2.57
N LYS A 14 -14.05 3.55 2.28
CA LYS A 14 -13.57 3.51 0.91
C LYS A 14 -13.62 2.08 0.36
N ILE A 15 -14.16 1.94 -0.84
CA ILE A 15 -14.26 0.61 -1.47
C ILE A 15 -13.09 0.37 -2.43
N PRO A 16 -12.58 1.36 -3.10
CA PRO A 16 -11.43 1.19 -4.05
C PRO A 16 -10.28 0.43 -3.41
N PHE A 17 -9.82 0.92 -2.27
CA PHE A 17 -8.71 0.29 -1.58
C PHE A 17 -9.05 -1.15 -1.20
N ALA A 18 -10.22 -1.34 -0.58
CA ALA A 18 -10.65 -2.67 -0.17
C ALA A 18 -10.41 -3.66 -1.29
N ARG A 19 -10.78 -3.27 -2.50
CA ARG A 19 -10.60 -4.12 -3.66
C ARG A 19 -9.13 -4.32 -4.00
N LEU A 20 -8.31 -3.27 -3.83
CA LEU A 20 -6.90 -3.39 -4.18
C LEU A 20 -6.27 -4.60 -3.52
N VAL A 21 -6.40 -4.74 -2.20
CA VAL A 21 -5.81 -5.90 -1.52
C VAL A 21 -6.66 -7.17 -1.72
N LYS A 22 -7.97 -7.06 -1.51
CA LYS A 22 -8.83 -8.23 -1.63
C LYS A 22 -8.86 -8.74 -3.07
N GLU A 23 -9.05 -7.84 -4.01
CA GLU A 23 -9.13 -8.24 -5.39
C GLU A 23 -7.78 -8.77 -5.90
N VAL A 24 -6.71 -8.05 -5.62
CA VAL A 24 -5.38 -8.50 -6.06
C VAL A 24 -5.10 -9.88 -5.49
N THR A 25 -5.38 -10.05 -4.22
CA THR A 25 -5.18 -11.34 -3.58
C THR A 25 -6.16 -12.38 -4.12
N ASP A 26 -7.36 -11.92 -4.44
CA ASP A 26 -8.37 -12.83 -4.98
C ASP A 26 -8.21 -13.03 -6.49
N GLU A 27 -7.30 -12.28 -7.10
CA GLU A 27 -7.05 -12.39 -8.54
C GLU A 27 -6.19 -13.60 -8.85
N PHE A 28 -5.67 -14.26 -7.81
CA PHE A 28 -4.81 -15.41 -8.01
C PHE A 28 -5.64 -16.67 -8.33
N THR A 29 -5.26 -17.80 -7.74
CA THR A 29 -5.94 -19.06 -8.00
C THR A 29 -7.30 -19.15 -7.29
N THR A 30 -8.06 -20.18 -7.65
CA THR A 30 -9.37 -20.42 -7.07
C THR A 30 -9.28 -20.53 -5.55
N LYS A 31 -8.06 -20.54 -5.06
CA LYS A 31 -7.83 -20.65 -3.62
C LYS A 31 -8.35 -19.40 -2.89
N ASP A 32 -8.33 -18.25 -3.59
CA ASP A 32 -8.78 -17.00 -2.98
C ASP A 32 -9.90 -16.33 -3.80
N GLN A 33 -10.70 -17.15 -4.48
CA GLN A 33 -11.79 -16.61 -5.30
C GLN A 33 -12.86 -15.96 -4.44
N ASP A 34 -13.17 -16.55 -3.29
CA ASP A 34 -14.18 -15.99 -2.39
C ASP A 34 -13.72 -16.12 -0.94
N LEU A 35 -12.62 -15.43 -0.60
CA LEU A 35 -12.09 -15.47 0.75
C LEU A 35 -12.23 -14.09 1.39
N ARG A 36 -12.99 -14.01 2.48
CA ARG A 36 -13.21 -12.75 3.18
C ARG A 36 -12.52 -12.78 4.55
N TRP A 37 -11.25 -12.41 4.57
CA TRP A 37 -10.48 -12.38 5.81
C TRP A 37 -10.94 -11.19 6.65
N GLN A 38 -10.62 -11.23 7.94
CA GLN A 38 -11.01 -10.13 8.84
C GLN A 38 -10.55 -8.80 8.25
N SER A 39 -10.88 -7.73 8.95
CA SER A 39 -10.50 -6.40 8.51
C SER A 39 -8.99 -6.20 8.59
N MET A 40 -8.28 -7.19 9.13
CA MET A 40 -6.84 -7.10 9.27
C MET A 40 -6.18 -6.77 7.95
N ALA A 41 -6.56 -7.48 6.90
CA ALA A 41 -6.02 -7.22 5.58
C ALA A 41 -6.44 -5.83 5.11
N ILE A 42 -7.67 -5.46 5.45
CA ILE A 42 -8.19 -4.16 5.05
C ILE A 42 -7.40 -3.05 5.75
N MET A 43 -7.12 -3.24 7.02
CA MET A 43 -6.35 -2.25 7.74
C MET A 43 -4.99 -2.12 7.07
N ALA A 44 -4.54 -3.23 6.47
CA ALA A 44 -3.27 -3.22 5.76
C ALA A 44 -3.34 -2.19 4.63
N LEU A 45 -4.48 -2.10 3.98
CA LEU A 45 -4.62 -1.13 2.91
C LEU A 45 -4.42 0.27 3.47
N GLN A 46 -5.07 0.51 4.60
CA GLN A 46 -4.97 1.81 5.24
C GLN A 46 -3.52 2.06 5.64
N GLU A 47 -2.76 1.00 5.71
CA GLU A 47 -1.35 1.14 6.06
C GLU A 47 -0.65 1.90 4.95
N ALA A 48 -0.90 1.47 3.72
CA ALA A 48 -0.29 2.12 2.56
C ALA A 48 -0.80 3.54 2.44
N SER A 49 -2.09 3.72 2.72
CA SER A 49 -2.70 5.04 2.62
C SER A 49 -2.21 5.95 3.74
N GLU A 50 -2.13 5.42 4.95
CA GLU A 50 -1.70 6.21 6.10
C GLU A 50 -0.31 6.82 5.85
N ALA A 51 0.63 6.01 5.39
CA ALA A 51 1.98 6.52 5.13
C ALA A 51 1.95 7.55 4.01
N TYR A 52 1.36 7.18 2.89
CA TYR A 52 1.29 8.09 1.76
C TYR A 52 0.47 9.32 2.13
N LEU A 53 -0.51 9.13 3.00
CA LEU A 53 -1.34 10.26 3.42
C LEU A 53 -0.46 11.30 4.10
N VAL A 54 0.43 10.85 4.97
CA VAL A 54 1.32 11.78 5.66
C VAL A 54 2.24 12.47 4.64
N GLY A 55 2.80 11.69 3.73
CA GLY A 55 3.69 12.23 2.71
C GLY A 55 2.93 13.19 1.79
N LEU A 56 1.76 12.75 1.36
CA LEU A 56 0.92 13.57 0.48
C LEU A 56 0.56 14.86 1.20
N LEU A 57 0.22 14.72 2.48
CA LEU A 57 -0.14 15.87 3.31
C LEU A 57 1.09 16.71 3.64
N GLU A 58 2.24 16.04 3.78
CA GLU A 58 3.47 16.74 4.10
C GLU A 58 3.77 17.76 3.01
N HIS A 59 3.40 17.42 1.78
CA HIS A 59 3.61 18.30 0.65
C HIS A 59 2.47 19.33 0.60
N THR A 60 1.47 19.10 1.46
CA THR A 60 0.32 20.00 1.57
C THR A 60 -0.31 20.32 0.21
N ASN A 61 -0.62 19.28 -0.55
CA ASN A 61 -1.22 19.45 -1.88
C ASN A 61 -2.67 19.87 -1.77
N LEU A 62 -3.34 19.34 -0.78
CA LEU A 62 -4.74 19.67 -0.58
C LEU A 62 -4.90 21.17 -0.40
N LEU A 63 -4.09 21.74 0.46
CA LEU A 63 -4.13 23.17 0.73
C LEU A 63 -3.68 23.92 -0.51
N ALA A 64 -2.71 23.35 -1.23
CA ALA A 64 -2.18 23.98 -2.44
C ALA A 64 -3.33 24.42 -3.34
N LEU A 65 -4.27 23.52 -3.63
CA LEU A 65 -5.40 23.88 -4.49
C LEU A 65 -6.25 24.92 -3.77
N HIS A 66 -6.64 24.59 -2.54
CA HIS A 66 -7.47 25.50 -1.75
C HIS A 66 -6.63 26.62 -1.18
N ALA A 67 -5.43 26.79 -1.74
CA ALA A 67 -4.51 27.82 -1.26
C ALA A 67 -5.05 29.22 -1.49
N LYS A 68 -5.56 29.50 -2.68
CA LYS A 68 -6.08 30.83 -2.99
C LYS A 68 -6.91 31.37 -1.83
N ARG A 69 -7.74 30.50 -1.26
CA ARG A 69 -8.56 30.91 -0.14
C ARG A 69 -7.67 31.23 1.04
N ILE A 70 -6.60 30.47 1.17
CA ILE A 70 -5.65 30.65 2.25
C ILE A 70 -4.51 31.57 1.85
N THR A 71 -4.07 32.40 2.78
CA THR A 71 -2.97 33.30 2.51
C THR A 71 -1.73 32.52 2.05
N ILE A 72 -1.88 31.21 1.84
CA ILE A 72 -0.76 30.41 1.38
C ILE A 72 -0.34 30.85 -0.02
N MET A 73 -1.16 30.44 -0.97
CA MET A 73 -0.98 30.77 -2.38
C MET A 73 0.49 31.05 -2.74
N LYS A 74 1.40 30.37 -2.06
CA LYS A 74 2.83 30.55 -2.32
C LYS A 74 3.68 29.54 -1.54
N LYS A 75 3.20 29.11 -0.37
CA LYS A 75 3.97 28.18 0.47
C LYS A 75 3.78 26.72 0.03
N ASP A 76 2.66 26.13 0.44
CA ASP A 76 2.38 24.75 0.11
C ASP A 76 2.56 24.54 -1.37
N MET A 77 2.55 25.65 -2.10
CA MET A 77 2.73 25.59 -3.54
C MET A 77 4.17 25.20 -3.89
N GLN A 78 5.13 25.89 -3.30
CA GLN A 78 6.53 25.57 -3.54
C GLN A 78 6.83 24.18 -3.03
N LEU A 79 6.00 23.68 -2.12
CA LEU A 79 6.21 22.33 -1.59
C LEU A 79 5.90 21.31 -2.69
N ALA A 80 4.67 21.34 -3.21
CA ALA A 80 4.28 20.42 -4.27
C ALA A 80 5.16 20.64 -5.50
N ARG A 81 5.95 21.70 -5.49
CA ARG A 81 6.86 21.99 -6.61
C ARG A 81 8.18 21.23 -6.42
N ARG A 82 8.59 21.09 -5.17
CA ARG A 82 9.84 20.40 -4.84
C ARG A 82 9.58 18.94 -4.51
N ILE A 83 8.79 18.29 -5.37
CA ILE A 83 8.45 16.88 -5.18
C ILE A 83 9.71 16.08 -4.90
N ARG A 84 10.77 16.37 -5.65
CA ARG A 84 12.04 15.69 -5.44
C ARG A 84 12.53 16.00 -4.03
N GLY A 85 12.22 17.20 -3.57
CA GLY A 85 12.59 17.62 -2.22
C GLY A 85 11.65 16.98 -1.19
N GLN A 86 10.96 15.94 -1.62
CA GLN A 86 10.04 15.21 -0.76
C GLN A 86 10.66 14.96 0.61
N PHE A 87 9.86 14.43 1.52
CA PHE A 87 10.33 14.13 2.88
C PHE A 87 11.61 13.31 2.84
N LEU A 88 12.74 14.00 2.72
CA LEU A 88 14.05 13.33 2.67
C LEU A 88 14.98 13.98 3.70
N VAL A 89 15.67 13.15 4.47
CA VAL A 89 16.60 13.65 5.49
C VAL A 89 18.05 13.56 4.97
N PRO A 90 18.91 14.46 5.38
CA PRO A 90 20.34 14.45 4.94
C PRO A 90 21.15 13.35 5.63
N ARG A 91 21.86 12.57 4.83
CA ARG A 91 22.68 11.49 5.36
C ARG A 91 23.87 11.21 4.43
N GLY A 92 25.06 11.10 5.02
CA GLY A 92 26.26 10.84 4.24
C GLY A 92 26.21 9.46 3.59
N SER A 93 25.40 8.58 4.16
CA SER A 93 25.25 7.23 3.64
C SER A 93 24.49 7.23 2.32
N MET A 94 24.44 6.09 1.66
CA MET A 94 23.73 5.98 0.39
C MET A 94 22.30 6.48 0.53
N GLU A 95 21.92 7.42 -0.34
CA GLU A 95 20.58 7.99 -0.28
C GLU A 95 19.62 7.26 -1.23
N ARG A 96 19.73 7.53 -2.53
CA ARG A 96 18.85 6.90 -3.52
C ARG A 96 17.37 7.02 -3.13
N HIS A 97 17.10 7.67 -2.00
CA HIS A 97 15.73 7.85 -1.52
C HIS A 97 15.01 6.51 -1.32
N LYS A 98 15.52 5.44 -1.93
CA LYS A 98 14.89 4.14 -1.78
C LYS A 98 14.75 3.84 -0.28
N LEU A 99 15.72 4.32 0.49
CA LEU A 99 15.71 4.16 1.92
C LEU A 99 14.57 4.95 2.53
N ALA A 100 14.61 6.26 2.33
CA ALA A 100 13.60 7.15 2.87
C ALA A 100 12.21 6.64 2.51
N ASP A 101 12.07 6.11 1.31
CA ASP A 101 10.79 5.58 0.90
C ASP A 101 10.45 4.41 1.80
N GLU A 102 11.47 3.63 2.14
CA GLU A 102 11.28 2.49 3.02
C GLU A 102 10.91 2.94 4.43
N ASN A 103 11.42 4.12 4.82
CA ASN A 103 11.12 4.63 6.15
C ASN A 103 9.62 4.88 6.25
N MET A 104 9.03 5.33 5.14
CA MET A 104 7.59 5.56 5.10
C MET A 104 6.86 4.22 5.20
N ARG A 105 7.43 3.20 4.59
CA ARG A 105 6.81 1.87 4.64
C ARG A 105 6.87 1.37 6.07
N LYS A 106 7.97 1.65 6.75
CA LYS A 106 8.14 1.26 8.14
C LYS A 106 7.15 2.01 9.01
N VAL A 107 6.83 3.23 8.61
CA VAL A 107 5.88 4.03 9.38
C VAL A 107 4.56 3.28 9.47
N TRP A 108 4.08 2.79 8.33
CA TRP A 108 2.82 2.04 8.36
C TRP A 108 3.02 0.73 9.10
N SER A 109 4.23 0.22 9.12
CA SER A 109 4.50 -1.04 9.81
C SER A 109 4.37 -0.88 11.32
N ASN A 110 4.60 0.35 11.78
CA ASN A 110 4.51 0.62 13.21
C ASN A 110 3.06 0.62 13.67
N ILE A 111 2.22 1.39 12.99
CA ILE A 111 0.83 1.45 13.36
C ILE A 111 0.19 0.06 13.25
N ILE A 112 0.62 -0.71 12.26
CA ILE A 112 0.09 -2.07 12.09
C ILE A 112 0.51 -2.92 13.26
N SER A 113 1.61 -2.55 13.89
CA SER A 113 2.09 -3.29 15.04
C SER A 113 1.09 -3.10 16.17
N LYS A 114 0.55 -1.89 16.25
CA LYS A 114 -0.44 -1.58 17.27
C LYS A 114 -1.75 -2.31 17.00
N TYR A 115 -2.14 -2.34 15.73
CA TYR A 115 -3.37 -3.00 15.32
C TYR A 115 -3.15 -4.51 15.28
N GLU A 116 -1.92 -4.93 15.51
CA GLU A 116 -1.59 -6.35 15.49
C GLU A 116 -2.51 -7.15 16.42
N SER A 117 -3.37 -6.44 17.14
CA SER A 117 -4.31 -7.07 18.09
C SER A 117 -5.76 -6.83 17.69
N ILE A 118 -5.98 -6.46 16.43
CA ILE A 118 -7.31 -6.20 15.93
C ILE A 118 -8.34 -7.17 16.49
N GLU A 119 -9.52 -6.64 16.78
CA GLU A 119 -10.61 -7.45 17.30
C GLU A 119 -11.44 -8.00 16.15
N GLU A 120 -11.19 -9.26 15.80
CA GLU A 120 -11.90 -9.92 14.70
C GLU A 120 -13.35 -9.46 14.63
N GLN A 121 -13.62 -8.41 13.86
CA GLN A 121 -14.98 -7.88 13.70
C GLN A 121 -15.44 -8.01 12.24
N GLY A 122 -15.45 -9.25 11.75
CA GLY A 122 -15.87 -9.51 10.37
C GLY A 122 -15.93 -11.02 10.11
N ASP A 123 -15.99 -11.39 8.85
CA ASP A 123 -16.03 -12.80 8.48
C ASP A 123 -14.92 -13.55 9.20
N LEU A 124 -15.13 -14.84 9.46
CA LEU A 124 -14.13 -15.65 10.18
C LEU A 124 -13.47 -16.66 9.24
N VAL A 125 -12.14 -16.59 9.19
CA VAL A 125 -11.34 -17.50 8.37
C VAL A 125 -10.12 -17.95 9.17
N ASP A 126 -9.33 -18.88 8.64
CA ASP A 126 -8.16 -19.38 9.37
C ASP A 126 -7.09 -18.28 9.49
N LEU A 127 -7.42 -17.22 10.23
CA LEU A 127 -6.47 -16.14 10.45
C LEU A 127 -5.39 -16.55 11.41
N LYS A 128 -5.74 -16.57 12.68
CA LYS A 128 -4.79 -16.92 13.74
C LYS A 128 -5.37 -18.04 14.61
N THR A 129 -6.67 -18.28 14.46
CA THR A 129 -7.34 -19.34 15.21
C THR A 129 -7.00 -20.70 14.61
N GLY A 130 -7.02 -20.77 13.27
CA GLY A 130 -6.70 -22.01 12.57
C GLY A 130 -7.83 -23.03 12.67
N GLU A 131 -9.07 -22.55 12.90
CA GLU A 131 -10.22 -23.44 13.01
C GLU A 131 -11.37 -23.01 12.09
N ILE A 132 -11.09 -22.14 11.13
CA ILE A 132 -12.12 -21.69 10.18
C ILE A 132 -11.57 -21.62 8.76
N VAL A 133 -12.39 -22.01 7.79
CA VAL A 133 -11.97 -21.99 6.39
C VAL A 133 -13.14 -21.57 5.51
N GLU A 134 -13.00 -20.44 4.82
CA GLU A 134 -14.04 -19.94 3.93
C GLU A 134 -13.46 -19.72 2.53
N ASP A 135 -13.13 -20.81 1.86
CA ASP A 135 -12.55 -20.74 0.52
C ASP A 135 -12.94 -21.97 -0.28
N ASN A 136 -12.50 -22.03 -1.53
CA ASN A 136 -12.81 -23.15 -2.39
C ASN A 136 -12.21 -24.44 -1.82
N GLY A 137 -11.00 -24.33 -1.28
CA GLY A 137 -10.33 -25.49 -0.69
C GLY A 137 -9.32 -26.08 -1.67
N HIS A 138 -9.41 -25.65 -2.93
CA HIS A 138 -8.50 -26.13 -3.96
C HIS A 138 -7.15 -25.42 -3.85
N ILE A 139 -6.07 -26.20 -3.76
CA ILE A 139 -4.73 -25.64 -3.65
C ILE A 139 -3.94 -25.93 -4.92
N LYS A 140 -3.24 -24.91 -5.42
CA LYS A 140 -2.44 -25.05 -6.64
C LYS A 140 -1.09 -24.38 -6.47
N THR A 141 -1.11 -23.07 -6.21
CA THR A 141 0.14 -22.32 -6.03
C THR A 141 0.01 -21.33 -4.87
N LEU A 142 1.15 -20.97 -4.28
CA LEU A 142 1.17 -20.03 -3.17
C LEU A 142 0.83 -18.62 -3.67
N THR A 143 0.19 -17.83 -2.82
CA THR A 143 -0.19 -16.47 -3.19
C THR A 143 1.01 -15.74 -3.80
N ALA A 144 2.18 -16.30 -3.60
CA ALA A 144 3.41 -15.71 -4.11
C ALA A 144 3.41 -15.72 -5.65
N ASN A 145 2.23 -15.56 -6.23
CA ASN A 145 2.10 -15.57 -7.68
C ASN A 145 2.58 -14.25 -8.29
N ASN A 146 1.97 -13.13 -7.87
CA ASN A 146 2.35 -11.81 -8.40
C ASN A 146 1.23 -10.79 -8.21
N SER A 147 1.34 -9.95 -7.20
CA SER A 147 0.33 -8.92 -6.96
C SER A 147 0.48 -7.81 -8.00
N THR A 148 1.62 -7.80 -8.68
CA THR A 148 1.87 -6.79 -9.72
C THR A 148 0.74 -6.85 -10.74
N LYS A 149 -0.06 -7.90 -10.65
CA LYS A 149 -1.19 -8.09 -11.55
C LYS A 149 -2.34 -7.17 -11.15
N ASP A 150 -2.02 -6.10 -10.43
CA ASP A 150 -3.03 -5.14 -9.98
C ASP A 150 -3.51 -4.28 -11.14
N LYS A 151 -3.23 -4.72 -12.34
CA LYS A 151 -3.63 -4.00 -13.55
C LYS A 151 -5.15 -3.95 -13.67
N ARG A 152 -5.80 -5.07 -13.37
CA ARG A 152 -7.26 -5.15 -13.46
C ARG A 152 -7.94 -4.21 -12.46
N THR A 153 -7.55 -4.30 -11.20
CA THR A 153 -8.12 -3.45 -10.16
C THR A 153 -7.32 -2.15 -10.05
N LYS A 154 -7.02 -1.56 -11.21
CA LYS A 154 -6.25 -0.33 -11.23
C LYS A 154 -7.12 0.88 -10.87
N TYR A 155 -6.88 1.44 -9.69
CA TYR A 155 -7.61 2.61 -9.21
C TYR A 155 -6.69 3.83 -9.20
N THR A 156 -5.52 3.68 -9.81
CA THR A 156 -4.56 4.77 -9.86
C THR A 156 -5.16 5.95 -10.60
N SER A 157 -6.01 5.68 -11.57
CA SER A 157 -6.64 6.75 -12.34
C SER A 157 -7.41 7.70 -11.43
N VAL A 158 -8.23 7.14 -10.54
CA VAL A 158 -9.01 7.94 -9.62
C VAL A 158 -8.09 8.62 -8.60
N LEU A 159 -7.19 7.83 -8.04
CA LEU A 159 -6.24 8.35 -7.05
C LEU A 159 -5.33 9.39 -7.70
N ARG A 160 -4.97 9.13 -8.95
CA ARG A 160 -4.12 10.05 -9.70
C ARG A 160 -4.92 11.29 -10.10
N ASP A 161 -6.17 11.07 -10.52
CA ASP A 161 -7.03 12.16 -10.95
C ASP A 161 -7.52 12.98 -9.75
N ILE A 162 -7.20 12.52 -8.55
CA ILE A 162 -7.63 13.22 -7.34
C ILE A 162 -7.17 14.67 -7.40
N ILE A 163 -6.15 14.92 -8.22
CA ILE A 163 -5.60 16.26 -8.36
C ILE A 163 -6.71 17.31 -8.49
N ASP A 164 -7.93 16.84 -8.73
CA ASP A 164 -9.06 17.75 -8.89
C ASP A 164 -9.29 18.53 -7.60
N ILE A 165 -9.14 17.86 -6.45
CA ILE A 165 -9.35 18.51 -5.15
C ILE A 165 -8.02 18.89 -4.49
N SER A 166 -6.90 18.47 -5.09
CA SER A 166 -5.58 18.77 -4.52
C SER A 166 -4.58 19.07 -5.62
N ASP A 167 -4.13 20.31 -5.67
CA ASP A 167 -3.16 20.71 -6.69
C ASP A 167 -1.78 20.14 -6.36
N GLU A 168 -1.54 18.92 -6.83
CA GLU A 168 -0.26 18.27 -6.59
C GLU A 168 0.85 19.03 -7.30
N GLU A 169 0.50 19.64 -8.43
CA GLU A 169 1.47 20.41 -9.18
C GLU A 169 1.87 21.65 -8.40
N ASP A 170 3.00 22.25 -8.78
CA ASP A 170 3.48 23.44 -8.10
C ASP A 170 2.34 24.43 -7.88
N GLY A 171 1.38 24.43 -8.79
CA GLY A 171 0.24 25.34 -8.69
C GLY A 171 0.64 26.77 -9.02
N ASP A 172 1.89 27.10 -8.76
CA ASP A 172 2.38 28.46 -9.03
C ASP A 172 2.28 28.76 -10.53
N LYS A 173 2.77 27.83 -11.34
CA LYS A 173 2.75 27.99 -12.79
C LYS A 173 1.51 27.34 -13.37
N GLY A 174 0.81 26.58 -12.52
CA GLY A 174 -0.40 25.89 -12.93
C GLY A 174 -0.09 24.45 -13.32
N GLY A 175 1.20 24.16 -13.49
CA GLY A 175 1.64 22.83 -13.87
C GLY A 175 1.70 22.67 -15.38
N VAL A 176 2.10 23.74 -16.06
CA VAL A 176 2.20 23.72 -17.52
C VAL A 176 3.46 23.01 -17.97
N LYS A 177 4.39 22.81 -17.03
CA LYS A 177 5.66 22.17 -17.35
C LYS A 177 6.03 21.16 -16.27
N ARG A 178 6.42 21.66 -15.09
CA ARG A 178 6.79 20.78 -14.00
C ARG A 178 5.57 20.09 -13.43
N ILE A 179 5.01 19.15 -14.19
CA ILE A 179 3.84 18.41 -13.75
C ILE A 179 4.24 17.35 -12.74
N SER A 180 3.58 17.38 -11.58
CA SER A 180 3.88 16.40 -10.54
C SER A 180 3.30 15.03 -10.91
N GLY A 181 2.44 14.50 -10.06
CA GLY A 181 1.84 13.20 -10.32
C GLY A 181 2.90 12.11 -10.25
N LEU A 182 4.14 12.53 -10.06
CA LEU A 182 5.26 11.60 -9.99
C LEU A 182 5.10 10.65 -8.79
N ILE A 183 4.69 11.21 -7.65
CA ILE A 183 4.52 10.41 -6.44
C ILE A 183 3.40 9.37 -6.64
N TYR A 184 2.30 9.79 -7.26
CA TYR A 184 1.18 8.88 -7.50
C TYR A 184 1.63 7.71 -8.35
N GLU A 185 2.54 7.96 -9.28
CA GLU A 185 3.05 6.89 -10.12
C GLU A 185 3.83 5.90 -9.26
N GLU A 186 4.63 6.44 -8.33
CA GLU A 186 5.41 5.61 -7.43
C GLU A 186 4.49 4.85 -6.49
N VAL A 187 3.37 5.49 -6.11
CA VAL A 187 2.42 4.85 -5.22
C VAL A 187 1.94 3.55 -5.85
N ARG A 188 1.63 3.61 -7.13
CA ARG A 188 1.17 2.42 -7.85
C ARG A 188 2.26 1.35 -7.82
N ALA A 189 3.49 1.74 -8.10
CA ALA A 189 4.61 0.80 -8.11
C ALA A 189 4.88 0.25 -6.72
N VAL A 190 4.87 1.14 -5.73
CA VAL A 190 5.11 0.74 -4.34
C VAL A 190 3.99 -0.17 -3.84
N LEU A 191 2.75 0.13 -4.23
CA LEU A 191 1.62 -0.67 -3.79
C LEU A 191 1.78 -2.10 -4.30
N LYS A 192 2.21 -2.24 -5.55
CA LYS A 192 2.40 -3.55 -6.15
C LYS A 192 3.47 -4.35 -5.41
N SER A 193 4.64 -3.73 -5.23
CA SER A 193 5.73 -4.39 -4.54
C SER A 193 5.38 -4.63 -3.08
N PHE A 194 4.64 -3.68 -2.50
CA PHE A 194 4.23 -3.81 -1.11
C PHE A 194 3.44 -5.11 -0.96
N LEU A 195 2.45 -5.31 -1.81
CA LEU A 195 1.66 -6.52 -1.74
C LEU A 195 2.46 -7.74 -2.15
N GLU A 196 3.08 -7.69 -3.32
CA GLU A 196 3.84 -8.82 -3.81
C GLU A 196 4.75 -9.37 -2.71
N SER A 197 5.41 -8.46 -2.00
CA SER A 197 6.28 -8.85 -0.91
C SER A 197 5.47 -9.44 0.24
N VAL A 198 4.34 -8.80 0.54
CA VAL A 198 3.48 -9.25 1.65
C VAL A 198 2.81 -10.59 1.34
N ILE A 199 2.13 -10.70 0.20
CA ILE A 199 1.44 -11.95 -0.13
C ILE A 199 2.42 -13.11 -0.09
N ARG A 200 3.59 -12.92 -0.69
CA ARG A 200 4.58 -13.98 -0.71
C ARG A 200 4.99 -14.33 0.71
N ASP A 201 5.25 -13.30 1.49
CA ASP A 201 5.67 -13.50 2.86
C ASP A 201 4.50 -13.96 3.73
N SER A 202 3.29 -13.58 3.34
CA SER A 202 2.11 -13.96 4.11
C SER A 202 1.78 -15.43 3.93
N VAL A 203 1.61 -15.85 2.69
CA VAL A 203 1.29 -17.23 2.43
C VAL A 203 2.42 -18.12 2.95
N THR A 204 3.65 -17.60 2.91
CA THR A 204 4.79 -18.38 3.39
C THR A 204 4.73 -18.60 4.91
N TYR A 205 4.60 -17.49 5.66
CA TYR A 205 4.54 -17.58 7.13
C TYR A 205 3.15 -18.01 7.60
N THR A 206 2.11 -17.49 6.97
CA THR A 206 0.75 -17.85 7.35
C THR A 206 0.57 -19.35 7.20
N GLU A 207 1.16 -19.90 6.15
CA GLU A 207 1.08 -21.34 5.92
C GLU A 207 1.85 -22.10 7.00
N HIS A 208 3.04 -21.62 7.32
CA HIS A 208 3.84 -22.27 8.35
C HIS A 208 3.09 -22.24 9.67
N ALA A 209 2.07 -21.40 9.73
CA ALA A 209 1.24 -21.29 10.92
C ALA A 209 -0.01 -22.11 10.70
N LYS A 210 0.11 -23.17 9.92
CA LYS A 210 -1.01 -24.04 9.62
C LYS A 210 -2.27 -23.21 9.33
N ARG A 211 -2.06 -22.07 8.68
CA ARG A 211 -3.14 -21.15 8.33
C ARG A 211 -2.94 -20.68 6.88
N LYS A 212 -4.03 -20.61 6.12
CA LYS A 212 -3.95 -20.19 4.72
C LYS A 212 -4.80 -18.94 4.49
N THR A 213 -4.49 -17.88 5.21
CA THR A 213 -5.25 -16.64 5.10
C THR A 213 -4.32 -15.43 5.27
N VAL A 214 -4.68 -14.48 6.12
CA VAL A 214 -3.85 -13.28 6.34
C VAL A 214 -3.58 -13.07 7.84
N THR A 215 -2.40 -13.44 8.29
CA THR A 215 -2.04 -13.23 9.68
C THR A 215 -1.37 -11.86 9.84
N SER A 216 -1.87 -11.05 10.78
CA SER A 216 -1.31 -9.72 11.00
C SER A 216 0.21 -9.77 11.08
N LEU A 217 0.74 -10.92 11.46
CA LEU A 217 2.19 -11.09 11.56
C LEU A 217 2.81 -10.90 10.18
N ASP A 218 2.07 -11.31 9.16
CA ASP A 218 2.54 -11.20 7.78
C ASP A 218 2.88 -9.77 7.42
N VAL A 219 1.93 -8.87 7.62
CA VAL A 219 2.13 -7.48 7.28
C VAL A 219 3.27 -6.88 8.13
N VAL A 220 3.29 -7.22 9.43
CA VAL A 220 4.35 -6.70 10.31
C VAL A 220 5.70 -7.36 10.02
N TYR A 221 5.72 -8.68 10.06
CA TYR A 221 6.96 -9.42 9.84
C TYR A 221 7.51 -9.17 8.43
N ALA A 222 6.64 -9.10 7.44
CA ALA A 222 7.08 -8.88 6.06
C ALA A 222 7.73 -7.50 5.92
N LEU A 223 7.16 -6.49 6.56
CA LEU A 223 7.73 -5.14 6.48
C LEU A 223 9.14 -5.14 7.08
N LYS A 224 9.30 -5.82 8.20
CA LYS A 224 10.60 -5.87 8.87
C LYS A 224 11.63 -6.53 7.96
N ARG A 225 11.23 -7.59 7.27
CA ARG A 225 12.14 -8.31 6.39
C ARG A 225 12.62 -7.43 5.24
N GLN A 226 11.70 -6.67 4.64
CA GLN A 226 12.08 -5.81 3.52
C GLN A 226 13.07 -4.76 3.98
N GLY A 227 12.79 -4.12 5.11
CA GLY A 227 13.68 -3.10 5.64
C GLY A 227 15.01 -3.71 6.04
N ARG A 228 14.97 -4.95 6.52
CA ARG A 228 16.18 -5.64 6.95
C ARG A 228 17.16 -5.81 5.80
N THR A 229 16.65 -6.23 4.65
CA THR A 229 17.51 -6.43 3.48
C THR A 229 18.03 -5.10 2.96
N LEU A 230 17.21 -4.06 3.08
CA LEU A 230 17.60 -2.74 2.61
C LEU A 230 18.69 -2.13 3.49
N TYR A 231 18.72 -2.52 4.77
CA TYR A 231 19.74 -1.99 5.68
C TYR A 231 21.11 -2.46 5.21
N GLY A 232 21.13 -3.53 4.41
CA GLY A 232 22.38 -4.06 3.89
C GLY A 232 23.08 -4.94 4.92
N PHE A 233 22.35 -5.31 5.97
CA PHE A 233 22.91 -6.15 7.04
C PHE A 233 21.90 -7.24 7.41
N GLY A 234 22.34 -8.20 8.23
CA GLY A 234 21.46 -9.29 8.67
C GLY A 234 21.80 -9.67 10.11
N GLY A 235 22.26 -8.71 10.89
CA GLY A 235 22.61 -8.96 12.28
C GLY A 235 23.66 -10.06 12.38
N LEU A 11 -20.65 -1.64 2.00
CA LEU A 11 -19.79 -2.78 1.55
C LEU A 11 -18.38 -2.28 1.28
N ILE A 12 -17.39 -3.03 1.77
CA ILE A 12 -15.99 -2.65 1.56
C ILE A 12 -15.57 -2.92 0.12
N SER A 13 -16.29 -3.81 -0.55
CA SER A 13 -15.98 -4.15 -1.93
C SER A 13 -16.03 -2.91 -2.81
N LYS A 14 -16.99 -2.04 -2.53
CA LYS A 14 -17.15 -0.82 -3.30
C LYS A 14 -15.93 0.09 -3.16
N ILE A 15 -15.42 0.18 -1.93
CA ILE A 15 -14.25 1.02 -1.67
C ILE A 15 -13.10 0.65 -2.61
N PRO A 16 -12.67 1.55 -3.49
CA PRO A 16 -11.55 1.26 -4.42
C PRO A 16 -10.38 0.59 -3.73
N PHE A 17 -9.84 1.24 -2.71
CA PHE A 17 -8.68 0.73 -2.00
C PHE A 17 -8.90 -0.70 -1.48
N ALA A 18 -9.87 -0.86 -0.59
CA ALA A 18 -10.13 -2.18 -0.01
C ALA A 18 -10.21 -3.23 -1.11
N ARG A 19 -10.73 -2.82 -2.26
CA ARG A 19 -10.84 -3.72 -3.39
C ARG A 19 -9.45 -4.04 -3.93
N LEU A 20 -8.57 -3.05 -3.98
CA LEU A 20 -7.22 -3.29 -4.52
C LEU A 20 -6.54 -4.42 -3.78
N VAL A 21 -6.39 -4.31 -2.46
CA VAL A 21 -5.71 -5.36 -1.71
C VAL A 21 -6.47 -6.68 -1.76
N LYS A 22 -7.75 -6.62 -1.42
CA LYS A 22 -8.58 -7.82 -1.38
C LYS A 22 -8.73 -8.46 -2.75
N GLU A 23 -9.05 -7.66 -3.75
CA GLU A 23 -9.24 -8.18 -5.09
C GLU A 23 -7.92 -8.73 -5.64
N VAL A 24 -6.86 -7.95 -5.51
CA VAL A 24 -5.55 -8.36 -6.01
C VAL A 24 -5.18 -9.71 -5.45
N THR A 25 -5.40 -9.88 -4.15
CA THR A 25 -5.09 -11.15 -3.52
C THR A 25 -5.99 -12.24 -4.09
N ASP A 26 -7.21 -11.85 -4.50
CA ASP A 26 -8.16 -12.80 -5.06
C ASP A 26 -7.86 -13.08 -6.53
N GLU A 27 -6.96 -12.31 -7.14
CA GLU A 27 -6.62 -12.51 -8.54
C GLU A 27 -5.68 -13.71 -8.69
N PHE A 28 -5.45 -14.40 -7.58
CA PHE A 28 -4.57 -15.57 -7.56
C PHE A 28 -5.34 -16.85 -7.81
N THR A 29 -4.66 -17.98 -7.64
CA THR A 29 -5.26 -19.27 -7.87
C THR A 29 -6.67 -19.34 -7.31
N THR A 30 -7.37 -20.41 -7.65
CA THR A 30 -8.72 -20.58 -7.18
C THR A 30 -8.75 -20.57 -5.66
N LYS A 31 -7.60 -20.82 -5.04
CA LYS A 31 -7.53 -20.84 -3.57
C LYS A 31 -8.12 -19.56 -2.96
N ASP A 32 -8.18 -18.49 -3.74
CA ASP A 32 -8.71 -17.20 -3.25
C ASP A 32 -9.84 -16.71 -4.14
N GLN A 33 -10.60 -17.64 -4.72
CA GLN A 33 -11.70 -17.27 -5.61
C GLN A 33 -12.83 -16.57 -4.86
N ASP A 34 -12.99 -16.89 -3.59
CA ASP A 34 -14.04 -16.29 -2.78
C ASP A 34 -13.67 -16.35 -1.31
N LEU A 35 -12.62 -15.63 -0.95
CA LEU A 35 -12.14 -15.61 0.43
C LEU A 35 -12.27 -14.19 1.00
N ARG A 36 -13.04 -14.06 2.08
CA ARG A 36 -13.25 -12.76 2.71
C ARG A 36 -12.54 -12.70 4.06
N TRP A 37 -11.24 -12.43 4.03
CA TRP A 37 -10.46 -12.33 5.26
C TRP A 37 -10.91 -11.11 6.05
N GLN A 38 -10.58 -11.10 7.32
CA GLN A 38 -10.94 -9.98 8.18
C GLN A 38 -10.37 -8.69 7.63
N SER A 39 -10.91 -7.57 8.07
CA SER A 39 -10.44 -6.28 7.62
C SER A 39 -8.95 -6.12 7.89
N MET A 40 -8.35 -7.14 8.50
CA MET A 40 -6.92 -7.07 8.85
C MET A 40 -6.09 -6.75 7.61
N ALA A 41 -6.36 -7.46 6.52
CA ALA A 41 -5.64 -7.22 5.27
C ALA A 41 -5.93 -5.80 4.79
N ILE A 42 -7.16 -5.37 4.99
CA ILE A 42 -7.59 -4.03 4.59
C ILE A 42 -6.90 -3.00 5.48
N MET A 43 -6.80 -3.30 6.76
CA MET A 43 -6.15 -2.38 7.67
C MET A 43 -4.71 -2.21 7.22
N ALA A 44 -4.11 -3.31 6.77
CA ALA A 44 -2.75 -3.25 6.25
C ALA A 44 -2.76 -2.24 5.11
N LEU A 45 -3.87 -2.20 4.39
CA LEU A 45 -3.97 -1.27 3.31
C LEU A 45 -3.78 0.14 3.84
N GLN A 46 -4.53 0.45 4.90
CA GLN A 46 -4.45 1.75 5.52
C GLN A 46 -3.03 2.03 5.96
N GLU A 47 -2.25 0.98 6.09
CA GLU A 47 -0.87 1.16 6.49
C GLU A 47 -0.16 1.94 5.40
N ALA A 48 -0.33 1.46 4.18
CA ALA A 48 0.30 2.11 3.04
C ALA A 48 -0.24 3.52 2.87
N SER A 49 -1.53 3.67 3.12
CA SER A 49 -2.17 4.96 2.98
C SER A 49 -1.76 5.90 4.10
N GLU A 50 -1.68 5.36 5.32
CA GLU A 50 -1.29 6.18 6.47
C GLU A 50 0.06 6.85 6.24
N ALA A 51 1.05 6.08 5.81
CA ALA A 51 2.36 6.66 5.56
C ALA A 51 2.31 7.67 4.43
N TYR A 52 1.70 7.27 3.31
CA TYR A 52 1.59 8.16 2.17
C TYR A 52 0.79 9.40 2.56
N LEU A 53 -0.19 9.21 3.42
CA LEU A 53 -1.01 10.33 3.85
C LEU A 53 -0.17 11.38 4.56
N VAL A 54 0.74 10.93 5.42
CA VAL A 54 1.61 11.86 6.14
C VAL A 54 2.51 12.60 5.15
N GLY A 55 3.09 11.85 4.22
CA GLY A 55 3.97 12.45 3.22
C GLY A 55 3.19 13.41 2.34
N LEU A 56 2.02 12.97 1.90
CA LEU A 56 1.17 13.79 1.05
C LEU A 56 0.71 15.02 1.83
N LEU A 57 0.34 14.80 3.08
CA LEU A 57 -0.12 15.89 3.94
C LEU A 57 1.03 16.81 4.32
N GLU A 58 2.17 16.21 4.66
CA GLU A 58 3.35 16.98 5.04
C GLU A 58 3.76 17.89 3.91
N HIS A 59 3.53 17.40 2.69
CA HIS A 59 3.86 18.14 1.49
C HIS A 59 2.66 18.95 0.99
N THR A 60 1.52 18.75 1.67
CA THR A 60 0.26 19.44 1.37
C THR A 60 -0.26 19.13 -0.05
N ASN A 61 -0.09 17.90 -0.49
CA ASN A 61 -0.56 17.48 -1.81
C ASN A 61 -2.07 17.38 -1.84
N LEU A 62 -2.61 16.90 -0.74
CA LEU A 62 -4.06 16.74 -0.63
C LEU A 62 -4.74 18.08 -0.92
N LEU A 63 -4.26 19.13 -0.29
CA LEU A 63 -4.82 20.45 -0.51
C LEU A 63 -4.57 20.88 -1.95
N ALA A 64 -3.40 20.53 -2.45
CA ALA A 64 -3.05 20.86 -3.83
C ALA A 64 -4.12 20.32 -4.77
N LEU A 65 -4.67 19.15 -4.43
CA LEU A 65 -5.71 18.55 -5.26
C LEU A 65 -6.99 19.37 -5.19
N HIS A 66 -7.48 19.56 -3.98
CA HIS A 66 -8.72 20.33 -3.78
C HIS A 66 -8.43 21.82 -3.68
N ALA A 67 -7.22 22.21 -4.08
CA ALA A 67 -6.82 23.61 -4.03
C ALA A 67 -7.71 24.46 -4.91
N LYS A 68 -7.94 24.00 -6.14
CA LYS A 68 -8.79 24.72 -7.09
C LYS A 68 -8.24 26.14 -7.33
N ARG A 69 -8.37 27.00 -6.33
CA ARG A 69 -7.88 28.38 -6.44
C ARG A 69 -7.32 28.85 -5.10
N ILE A 70 -6.53 28.00 -4.46
CA ILE A 70 -5.93 28.34 -3.15
C ILE A 70 -4.42 28.24 -3.22
N THR A 71 -3.92 27.02 -3.30
CA THR A 71 -2.48 26.78 -3.34
C THR A 71 -1.86 27.36 -4.61
N ILE A 72 -2.68 27.49 -5.65
CA ILE A 72 -2.19 28.03 -6.91
C ILE A 72 -1.33 29.27 -6.70
N MET A 73 -1.40 29.81 -5.49
CA MET A 73 -0.64 31.02 -5.15
C MET A 73 0.77 30.70 -4.67
N LYS A 74 1.44 29.81 -5.38
CA LYS A 74 2.81 29.46 -5.03
C LYS A 74 2.93 29.11 -3.54
N LYS A 75 2.79 27.82 -3.23
CA LYS A 75 2.89 27.37 -1.85
C LYS A 75 2.93 25.84 -1.79
N ASP A 76 1.77 25.22 -1.53
CA ASP A 76 1.71 23.77 -1.48
C ASP A 76 2.08 23.22 -2.83
N MET A 77 2.24 24.13 -3.78
CA MET A 77 2.61 23.78 -5.15
C MET A 77 4.07 23.34 -5.20
N GLN A 78 4.96 24.27 -4.87
CA GLN A 78 6.38 23.99 -4.89
C GLN A 78 6.71 22.87 -3.91
N LEU A 79 5.94 22.78 -2.82
CA LEU A 79 6.18 21.74 -1.83
C LEU A 79 5.93 20.35 -2.44
N ALA A 80 4.77 20.14 -3.04
CA ALA A 80 4.47 18.85 -3.64
C ALA A 80 5.30 18.64 -4.90
N ARG A 81 5.97 19.69 -5.35
CA ARG A 81 6.77 19.62 -6.57
C ARG A 81 8.21 19.16 -6.30
N ARG A 82 9.06 20.10 -5.89
CA ARG A 82 10.48 19.80 -5.64
C ARG A 82 10.63 18.57 -4.73
N ILE A 83 9.77 18.46 -3.74
CA ILE A 83 9.85 17.32 -2.84
C ILE A 83 9.54 16.01 -3.56
N ARG A 84 8.26 15.77 -3.83
CA ARG A 84 7.85 14.54 -4.52
C ARG A 84 7.90 14.71 -6.04
N GLY A 85 7.41 15.83 -6.56
CA GLY A 85 7.43 16.06 -8.01
C GLY A 85 8.77 15.63 -8.59
N GLN A 86 9.77 15.60 -7.73
CA GLN A 86 11.10 15.19 -8.12
C GLN A 86 11.05 13.76 -8.67
N PHE A 87 11.21 13.61 -9.99
CA PHE A 87 11.19 12.29 -10.61
C PHE A 87 12.62 11.87 -10.97
N LEU A 88 13.13 10.83 -10.30
CA LEU A 88 14.49 10.34 -10.56
C LEU A 88 14.44 8.86 -10.91
N VAL A 89 15.18 8.48 -11.94
CA VAL A 89 15.21 7.08 -12.38
C VAL A 89 16.32 6.31 -11.63
N PRO A 90 16.14 5.02 -11.41
CA PRO A 90 17.19 4.20 -10.71
C PRO A 90 18.57 4.39 -11.33
N ARG A 91 19.58 4.46 -10.47
CA ARG A 91 20.96 4.63 -10.92
C ARG A 91 21.96 3.99 -9.94
N GLY A 92 21.50 3.64 -8.75
CA GLY A 92 22.37 3.02 -7.76
C GLY A 92 23.45 3.98 -7.29
N SER A 93 23.38 5.21 -7.76
CA SER A 93 24.35 6.23 -7.39
C SER A 93 24.31 6.49 -5.89
N MET A 94 23.11 6.55 -5.33
CA MET A 94 22.94 6.79 -3.90
C MET A 94 21.66 6.15 -3.39
N GLU A 95 21.80 5.25 -2.41
CA GLU A 95 20.64 4.56 -1.84
C GLU A 95 20.27 5.15 -0.48
N ARG A 96 21.07 6.11 -0.02
CA ARG A 96 20.83 6.74 1.27
C ARG A 96 19.46 7.43 1.27
N HIS A 97 19.15 8.13 0.18
CA HIS A 97 17.89 8.83 0.07
C HIS A 97 16.72 7.85 0.05
N LYS A 98 16.96 6.66 -0.52
CA LYS A 98 15.92 5.65 -0.61
C LYS A 98 15.44 5.25 0.79
N LEU A 99 16.34 5.31 1.76
CA LEU A 99 15.99 4.94 3.13
C LEU A 99 14.89 5.86 3.66
N ALA A 100 14.85 7.09 3.18
CA ALA A 100 13.82 8.02 3.63
C ALA A 100 12.45 7.39 3.42
N ASP A 101 12.24 6.85 2.24
CA ASP A 101 11.00 6.19 1.93
C ASP A 101 10.87 4.97 2.82
N GLU A 102 12.00 4.32 3.09
CA GLU A 102 12.00 3.14 3.94
C GLU A 102 11.53 3.49 5.35
N ASN A 103 11.88 4.69 5.80
CA ASN A 103 11.48 5.14 7.12
C ASN A 103 9.96 5.28 7.17
N MET A 104 9.37 5.75 6.07
CA MET A 104 7.92 5.91 5.99
C MET A 104 7.24 4.53 6.01
N ARG A 105 7.86 3.56 5.35
CA ARG A 105 7.30 2.21 5.31
C ARG A 105 7.34 1.61 6.71
N LYS A 106 8.42 1.87 7.43
CA LYS A 106 8.55 1.38 8.78
C LYS A 106 7.52 2.04 9.67
N VAL A 107 7.21 3.30 9.38
CA VAL A 107 6.23 4.02 10.18
C VAL A 107 4.92 3.25 10.16
N TRP A 108 4.47 2.87 8.98
CA TRP A 108 3.24 2.11 8.91
C TRP A 108 3.45 0.77 9.60
N SER A 109 4.69 0.30 9.64
CA SER A 109 4.96 -1.01 10.24
C SER A 109 4.87 -0.95 11.75
N ASN A 110 5.06 0.23 12.32
CA ASN A 110 4.99 0.39 13.76
C ASN A 110 3.55 0.25 14.22
N ILE A 111 2.65 0.97 13.56
CA ILE A 111 1.25 0.90 13.90
C ILE A 111 0.73 -0.51 13.68
N ILE A 112 1.24 -1.18 12.64
CA ILE A 112 0.82 -2.54 12.36
C ILE A 112 1.27 -3.45 13.49
N SER A 113 2.31 -3.05 14.17
CA SER A 113 2.78 -3.85 15.29
C SER A 113 1.77 -3.73 16.42
N LYS A 114 1.21 -2.55 16.56
CA LYS A 114 0.21 -2.29 17.61
C LYS A 114 -1.16 -2.89 17.28
N TYR A 115 -1.60 -2.73 16.05
CA TYR A 115 -2.92 -3.21 15.65
C TYR A 115 -2.97 -4.73 15.56
N GLU A 116 -1.81 -5.39 15.61
CA GLU A 116 -1.75 -6.84 15.47
C GLU A 116 -2.81 -7.55 16.33
N SER A 117 -3.55 -6.77 17.10
CA SER A 117 -4.62 -7.27 17.95
C SER A 117 -5.99 -6.88 17.39
N ILE A 118 -6.02 -6.44 16.12
CA ILE A 118 -7.28 -6.03 15.48
C ILE A 118 -8.43 -6.94 15.92
N GLU A 119 -9.49 -6.31 16.41
CA GLU A 119 -10.66 -7.06 16.86
C GLU A 119 -11.52 -7.48 15.66
N GLU A 120 -11.35 -8.73 15.23
CA GLU A 120 -12.10 -9.25 14.09
C GLU A 120 -13.53 -8.72 14.08
N GLN A 121 -13.77 -7.68 13.28
CA GLN A 121 -15.10 -7.07 13.18
C GLN A 121 -15.72 -7.35 11.81
N GLY A 122 -15.43 -8.52 11.26
CA GLY A 122 -15.97 -8.88 9.94
C GLY A 122 -16.11 -10.40 9.81
N ASP A 123 -15.97 -10.90 8.59
CA ASP A 123 -16.07 -12.34 8.36
C ASP A 123 -15.15 -13.09 9.32
N LEU A 124 -15.14 -14.42 9.23
CA LEU A 124 -14.29 -15.22 10.12
C LEU A 124 -13.63 -16.35 9.35
N VAL A 125 -12.33 -16.23 9.14
CA VAL A 125 -11.55 -17.24 8.42
C VAL A 125 -10.34 -17.65 9.27
N ASP A 126 -9.59 -18.66 8.82
CA ASP A 126 -8.44 -19.14 9.59
C ASP A 126 -7.33 -18.05 9.63
N LEU A 127 -7.61 -16.96 10.34
CA LEU A 127 -6.63 -15.88 10.48
C LEU A 127 -5.65 -16.16 11.60
N LYS A 128 -6.17 -16.22 12.82
CA LYS A 128 -5.34 -16.47 14.00
C LYS A 128 -5.87 -17.68 14.77
N THR A 129 -7.19 -17.84 14.75
CA THR A 129 -7.82 -18.96 15.45
C THR A 129 -7.44 -20.29 14.80
N GLY A 130 -7.45 -20.31 13.46
CA GLY A 130 -7.09 -21.52 12.73
C GLY A 130 -8.18 -22.58 12.84
N GLU A 131 -9.42 -22.16 13.09
CA GLU A 131 -10.54 -23.11 13.22
C GLU A 131 -11.67 -22.78 12.22
N ILE A 132 -11.41 -21.85 11.29
CA ILE A 132 -12.43 -21.48 10.30
C ILE A 132 -11.80 -21.37 8.91
N VAL A 133 -12.53 -21.82 7.89
CA VAL A 133 -12.02 -21.76 6.52
C VAL A 133 -13.13 -21.39 5.55
N GLU A 134 -12.92 -20.31 4.79
CA GLU A 134 -13.89 -19.87 3.80
C GLU A 134 -13.23 -19.82 2.42
N ASP A 135 -12.89 -21.00 1.90
CA ASP A 135 -12.23 -21.10 0.60
C ASP A 135 -12.60 -22.43 -0.06
N ASN A 136 -13.17 -22.34 -1.26
CA ASN A 136 -13.56 -23.54 -1.99
C ASN A 136 -12.34 -24.29 -2.53
N GLY A 137 -11.44 -23.56 -3.18
CA GLY A 137 -10.24 -24.17 -3.75
C GLY A 137 -9.16 -24.35 -2.68
N HIS A 138 -8.05 -24.97 -3.08
CA HIS A 138 -6.95 -25.21 -2.16
C HIS A 138 -5.72 -25.70 -2.91
N ILE A 139 -4.63 -24.94 -2.82
CA ILE A 139 -3.37 -25.30 -3.49
C ILE A 139 -2.25 -25.44 -2.48
N LYS A 140 -1.57 -26.58 -2.50
CA LYS A 140 -0.47 -26.83 -1.56
C LYS A 140 0.69 -25.88 -1.83
N THR A 141 1.01 -25.70 -3.10
CA THR A 141 2.12 -24.82 -3.48
C THR A 141 1.75 -23.36 -3.23
N LEU A 142 2.75 -22.48 -3.33
CA LEU A 142 2.53 -21.06 -3.12
C LEU A 142 1.52 -20.52 -4.12
N THR A 143 1.00 -19.33 -3.84
CA THR A 143 0.02 -18.69 -4.72
C THR A 143 0.70 -17.89 -5.82
N ALA A 144 -0.11 -17.35 -6.72
CA ALA A 144 0.41 -16.56 -7.82
C ALA A 144 0.89 -15.21 -7.31
N ASN A 145 1.72 -15.23 -6.28
CA ASN A 145 2.26 -14.00 -5.68
C ASN A 145 2.71 -13.04 -6.78
N ASN A 146 1.79 -12.22 -7.23
CA ASN A 146 2.08 -11.24 -8.27
C ASN A 146 1.16 -10.03 -8.14
N SER A 147 1.14 -9.44 -6.95
CA SER A 147 0.30 -8.27 -6.73
C SER A 147 0.65 -7.17 -7.74
N THR A 148 1.82 -7.30 -8.36
CA THR A 148 2.23 -6.32 -9.34
C THR A 148 1.18 -6.25 -10.45
N LYS A 149 0.24 -7.19 -10.39
CA LYS A 149 -0.84 -7.26 -11.37
C LYS A 149 -1.93 -6.22 -11.06
N ASP A 150 -1.60 -5.29 -10.18
CA ASP A 150 -2.54 -4.23 -9.78
C ASP A 150 -2.93 -3.37 -10.98
N LYS A 151 -2.62 -3.87 -12.19
CA LYS A 151 -2.92 -3.15 -13.41
C LYS A 151 -4.28 -3.55 -13.95
N ARG A 152 -4.82 -4.66 -13.44
CA ARG A 152 -6.12 -5.17 -13.88
C ARG A 152 -7.14 -5.09 -12.76
N THR A 153 -7.42 -3.88 -12.29
CA THR A 153 -8.40 -3.66 -11.23
C THR A 153 -9.37 -2.56 -11.63
N LYS A 154 -9.46 -1.51 -10.83
CA LYS A 154 -10.36 -0.40 -11.12
C LYS A 154 -9.78 0.93 -10.62
N TYR A 155 -8.46 1.03 -10.68
CA TYR A 155 -7.77 2.23 -10.22
C TYR A 155 -7.89 3.34 -11.27
N THR A 156 -7.82 2.96 -12.52
CA THR A 156 -7.88 3.93 -13.61
C THR A 156 -9.02 4.92 -13.39
N SER A 157 -10.14 4.45 -12.86
CA SER A 157 -11.29 5.33 -12.65
C SER A 157 -11.02 6.38 -11.57
N VAL A 158 -10.55 5.95 -10.41
CA VAL A 158 -10.27 6.88 -9.31
C VAL A 158 -8.99 7.67 -9.54
N LEU A 159 -7.93 6.97 -9.95
CA LEU A 159 -6.67 7.63 -10.17
C LEU A 159 -6.85 8.72 -11.22
N ARG A 160 -7.68 8.46 -12.24
CA ARG A 160 -7.95 9.48 -13.24
C ARG A 160 -8.80 10.58 -12.63
N ASP A 161 -9.65 10.22 -11.66
CA ASP A 161 -10.51 11.20 -11.01
C ASP A 161 -9.67 12.31 -10.39
N ILE A 162 -8.48 11.97 -9.92
CA ILE A 162 -7.61 12.99 -9.34
C ILE A 162 -7.22 14.03 -10.40
N ILE A 163 -6.85 13.56 -11.58
CA ILE A 163 -6.44 14.46 -12.65
C ILE A 163 -7.61 15.32 -13.10
N ASP A 164 -8.82 14.86 -12.82
CA ASP A 164 -10.02 15.60 -13.22
C ASP A 164 -10.20 16.86 -12.38
N ILE A 165 -9.92 16.76 -11.07
CA ILE A 165 -10.07 17.91 -10.18
C ILE A 165 -8.89 18.85 -10.28
N SER A 166 -7.69 18.32 -10.10
CA SER A 166 -6.49 19.11 -10.16
C SER A 166 -5.33 18.35 -9.55
N ASP A 167 -4.26 18.26 -10.31
CA ASP A 167 -3.06 17.55 -9.86
C ASP A 167 -1.82 18.14 -10.53
N GLU A 168 -2.04 19.10 -11.43
CA GLU A 168 -0.95 19.75 -12.16
C GLU A 168 -0.44 20.94 -11.37
N GLU A 169 -0.99 21.13 -10.17
CA GLU A 169 -0.60 22.26 -9.34
C GLU A 169 0.91 22.26 -9.06
N ASP A 170 1.49 21.07 -8.97
CA ASP A 170 2.93 20.94 -8.71
C ASP A 170 3.74 21.84 -9.62
N GLY A 171 3.77 23.13 -9.28
CA GLY A 171 4.50 24.13 -10.06
C GLY A 171 3.57 25.24 -10.54
N ASP A 172 4.05 26.48 -10.47
CA ASP A 172 3.26 27.62 -10.90
C ASP A 172 2.91 27.50 -12.38
N LYS A 173 3.88 27.00 -13.14
CA LYS A 173 3.68 26.79 -14.57
C LYS A 173 2.55 25.81 -14.81
N GLY A 174 2.50 24.79 -13.96
CA GLY A 174 1.46 23.77 -14.06
C GLY A 174 1.28 23.32 -15.50
N GLY A 175 2.31 23.54 -16.32
CA GLY A 175 2.26 23.15 -17.73
C GLY A 175 3.63 22.69 -18.20
N VAL A 176 4.54 22.48 -17.26
CA VAL A 176 5.89 22.04 -17.60
C VAL A 176 5.85 20.88 -18.58
N LYS A 177 5.10 19.84 -18.24
CA LYS A 177 4.96 18.68 -19.10
C LYS A 177 3.56 18.11 -18.94
N ARG A 178 3.44 16.81 -18.74
CA ARG A 178 2.15 16.19 -18.56
C ARG A 178 1.78 16.20 -17.09
N ILE A 179 2.73 16.68 -16.25
CA ILE A 179 2.56 16.73 -14.77
C ILE A 179 1.23 16.12 -14.33
N SER A 180 1.05 14.86 -14.69
CA SER A 180 -0.18 14.15 -14.38
C SER A 180 -0.07 13.49 -13.01
N GLY A 181 -0.80 12.40 -12.83
CA GLY A 181 -0.75 11.67 -11.58
C GLY A 181 0.56 10.93 -11.46
N LEU A 182 1.66 11.64 -11.74
CA LEU A 182 2.98 11.01 -11.68
C LEU A 182 3.24 10.45 -10.30
N ILE A 183 2.94 11.24 -9.28
CA ILE A 183 3.14 10.80 -7.90
C ILE A 183 2.16 9.68 -7.55
N TYR A 184 0.90 9.87 -7.92
CA TYR A 184 -0.13 8.87 -7.63
C TYR A 184 0.23 7.55 -8.31
N GLU A 185 0.85 7.64 -9.48
CA GLU A 185 1.27 6.45 -10.19
C GLU A 185 2.36 5.74 -9.39
N GLU A 186 3.28 6.54 -8.83
CA GLU A 186 4.37 6.00 -8.03
C GLU A 186 3.82 5.44 -6.72
N VAL A 187 2.74 6.03 -6.21
CA VAL A 187 2.14 5.55 -4.97
C VAL A 187 1.72 4.10 -5.18
N ARG A 188 1.10 3.83 -6.32
CA ARG A 188 0.69 2.46 -6.61
C ARG A 188 1.91 1.56 -6.76
N ALA A 189 2.99 2.10 -7.30
CA ALA A 189 4.21 1.33 -7.49
C ALA A 189 4.68 0.72 -6.17
N VAL A 190 4.75 1.54 -5.13
CA VAL A 190 5.17 1.07 -3.82
C VAL A 190 4.17 0.06 -3.29
N LEU A 191 2.89 0.30 -3.54
CA LEU A 191 1.86 -0.64 -3.08
C LEU A 191 2.01 -1.98 -3.79
N LYS A 192 2.37 -1.95 -5.06
CA LYS A 192 2.55 -3.20 -5.81
C LYS A 192 3.64 -4.04 -5.18
N SER A 193 4.76 -3.42 -4.85
CA SER A 193 5.87 -4.16 -4.23
C SER A 193 5.55 -4.46 -2.77
N PHE A 194 4.88 -3.54 -2.10
CA PHE A 194 4.51 -3.74 -0.71
C PHE A 194 3.68 -5.02 -0.57
N LEU A 195 2.63 -5.13 -1.38
CA LEU A 195 1.78 -6.31 -1.34
C LEU A 195 2.55 -7.57 -1.75
N GLU A 196 3.24 -7.47 -2.87
CA GLU A 196 3.98 -8.60 -3.38
C GLU A 196 4.81 -9.25 -2.28
N SER A 197 5.51 -8.41 -1.51
CA SER A 197 6.32 -8.88 -0.41
C SER A 197 5.46 -9.44 0.71
N VAL A 198 4.34 -8.78 1.00
CA VAL A 198 3.45 -9.20 2.07
C VAL A 198 2.75 -10.52 1.75
N ILE A 199 2.03 -10.55 0.64
CA ILE A 199 1.30 -11.76 0.26
C ILE A 199 2.24 -12.96 0.12
N ARG A 200 3.36 -12.73 -0.55
CA ARG A 200 4.33 -13.81 -0.74
C ARG A 200 4.75 -14.35 0.61
N ASP A 201 5.08 -13.43 1.50
CA ASP A 201 5.50 -13.82 2.84
C ASP A 201 4.30 -14.35 3.63
N SER A 202 3.12 -13.85 3.29
CA SER A 202 1.90 -14.27 3.98
C SER A 202 1.61 -15.73 3.69
N VAL A 203 1.58 -16.08 2.42
CA VAL A 203 1.30 -17.46 2.05
C VAL A 203 2.37 -18.36 2.64
N THR A 204 3.60 -17.87 2.70
CA THR A 204 4.70 -18.66 3.26
C THR A 204 4.54 -18.87 4.77
N TYR A 205 4.41 -17.76 5.52
CA TYR A 205 4.27 -17.84 6.98
C TYR A 205 2.86 -18.29 7.39
N THR A 206 1.85 -17.77 6.71
CA THR A 206 0.47 -18.15 7.03
C THR A 206 0.31 -19.65 6.86
N GLU A 207 0.92 -20.19 5.82
CA GLU A 207 0.85 -21.61 5.56
C GLU A 207 1.52 -22.39 6.69
N HIS A 208 2.71 -21.95 7.10
CA HIS A 208 3.43 -22.61 8.17
C HIS A 208 2.70 -22.40 9.49
N ALA A 209 1.71 -21.52 9.46
CA ALA A 209 0.90 -21.24 10.65
C ALA A 209 -0.39 -22.03 10.57
N LYS A 210 -0.32 -23.18 9.92
CA LYS A 210 -1.49 -24.05 9.76
C LYS A 210 -2.73 -23.22 9.45
N ARG A 211 -2.50 -22.11 8.73
CA ARG A 211 -3.57 -21.20 8.34
C ARG A 211 -3.43 -20.85 6.86
N LYS A 212 -4.54 -20.58 6.19
CA LYS A 212 -4.52 -20.26 4.77
C LYS A 212 -5.29 -18.97 4.50
N THR A 213 -4.85 -17.89 5.15
CA THR A 213 -5.51 -16.58 4.99
C THR A 213 -4.48 -15.45 5.06
N VAL A 214 -4.79 -14.39 5.82
CA VAL A 214 -3.87 -13.26 5.96
C VAL A 214 -3.54 -13.01 7.43
N THR A 215 -2.40 -13.51 7.88
CA THR A 215 -2.00 -13.31 9.27
C THR A 215 -1.31 -11.96 9.44
N SER A 216 -1.78 -11.17 10.42
CA SER A 216 -1.19 -9.86 10.67
C SER A 216 0.30 -10.00 10.95
N LEU A 217 0.70 -11.20 11.37
CA LEU A 217 2.11 -11.46 11.65
C LEU A 217 2.91 -11.27 10.37
N ASP A 218 2.28 -11.54 9.24
CA ASP A 218 2.95 -11.40 7.95
C ASP A 218 3.26 -9.95 7.65
N VAL A 219 2.27 -9.08 7.79
CA VAL A 219 2.46 -7.69 7.50
C VAL A 219 3.59 -7.15 8.41
N VAL A 220 3.60 -7.56 9.67
CA VAL A 220 4.65 -7.10 10.58
C VAL A 220 6.01 -7.71 10.22
N TYR A 221 6.05 -9.03 10.14
CA TYR A 221 7.29 -9.74 9.81
C TYR A 221 7.77 -9.43 8.40
N ALA A 222 6.83 -9.39 7.46
CA ALA A 222 7.19 -9.12 6.07
C ALA A 222 7.83 -7.75 5.92
N LEU A 223 7.22 -6.75 6.53
CA LEU A 223 7.77 -5.40 6.44
C LEU A 223 9.16 -5.34 7.05
N LYS A 224 9.35 -6.03 8.17
CA LYS A 224 10.66 -6.04 8.81
C LYS A 224 11.70 -6.64 7.87
N ARG A 225 11.31 -7.70 7.17
CA ARG A 225 12.23 -8.36 6.24
C ARG A 225 12.61 -7.45 5.08
N GLN A 226 11.62 -6.73 4.54
CA GLN A 226 11.88 -5.84 3.42
C GLN A 226 12.84 -4.73 3.83
N GLY A 227 12.65 -4.23 5.04
CA GLY A 227 13.50 -3.17 5.55
C GLY A 227 14.95 -3.64 5.65
N ARG A 228 15.13 -4.90 6.01
CA ARG A 228 16.46 -5.47 6.15
C ARG A 228 17.16 -5.59 4.79
N THR A 229 16.40 -5.99 3.77
CA THR A 229 16.96 -6.16 2.44
C THR A 229 17.40 -4.82 1.84
N LEU A 230 16.67 -3.76 2.16
CA LEU A 230 16.99 -2.43 1.63
C LEU A 230 18.37 -1.99 2.11
N TYR A 231 18.69 -2.32 3.36
CA TYR A 231 19.99 -1.96 3.91
C TYR A 231 21.11 -2.67 3.15
N GLY A 232 20.77 -3.79 2.51
CA GLY A 232 21.76 -4.53 1.72
C GLY A 232 22.75 -5.25 2.64
N PHE A 233 22.35 -5.47 3.88
CA PHE A 233 23.22 -6.15 4.85
C PHE A 233 22.41 -7.19 5.63
N GLY A 234 23.09 -8.02 6.41
CA GLY A 234 22.44 -9.05 7.20
C GLY A 234 23.08 -9.16 8.58
N GLY A 235 23.66 -8.06 9.06
CA GLY A 235 24.30 -8.06 10.36
C GLY A 235 25.24 -9.26 10.51
N LEU A 11 -19.57 -4.84 4.54
CA LEU A 11 -18.82 -3.72 3.92
C LEU A 11 -19.72 -2.48 3.89
N ILE A 12 -19.50 -1.59 4.85
CA ILE A 12 -20.30 -0.37 4.95
C ILE A 12 -20.08 0.51 3.71
N SER A 13 -18.82 0.63 3.29
CA SER A 13 -18.47 1.45 2.14
C SER A 13 -17.62 0.65 1.15
N LYS A 14 -17.72 0.99 -0.12
CA LYS A 14 -16.96 0.29 -1.16
C LYS A 14 -15.47 0.49 -0.96
N ILE A 15 -15.07 1.72 -0.65
CA ILE A 15 -13.66 2.02 -0.46
C ILE A 15 -12.84 1.49 -1.63
N PRO A 16 -12.56 2.30 -2.62
CA PRO A 16 -11.77 1.87 -3.82
C PRO A 16 -10.48 1.15 -3.44
N PHE A 17 -9.77 1.69 -2.47
CA PHE A 17 -8.51 1.10 -2.04
C PHE A 17 -8.70 -0.31 -1.48
N ALA A 18 -9.62 -0.45 -0.53
CA ALA A 18 -9.88 -1.76 0.08
C ALA A 18 -10.08 -2.80 -1.00
N ARG A 19 -10.76 -2.41 -2.06
CA ARG A 19 -11.02 -3.32 -3.16
C ARG A 19 -9.72 -3.69 -3.87
N LEU A 20 -8.82 -2.73 -4.04
CA LEU A 20 -7.56 -2.99 -4.73
C LEU A 20 -6.78 -4.12 -4.06
N VAL A 21 -6.45 -3.95 -2.80
CA VAL A 21 -5.68 -4.96 -2.08
C VAL A 21 -6.47 -6.26 -1.92
N LYS A 22 -7.72 -6.16 -1.51
CA LYS A 22 -8.52 -7.35 -1.32
C LYS A 22 -8.69 -8.09 -2.63
N GLU A 23 -9.02 -7.36 -3.68
CA GLU A 23 -9.20 -7.98 -4.97
C GLU A 23 -7.87 -8.52 -5.49
N VAL A 24 -6.82 -7.70 -5.40
CA VAL A 24 -5.49 -8.09 -5.87
C VAL A 24 -5.10 -9.45 -5.31
N THR A 25 -5.27 -9.61 -4.01
CA THR A 25 -4.93 -10.87 -3.38
C THR A 25 -5.85 -11.96 -3.92
N ASP A 26 -7.07 -11.58 -4.30
CA ASP A 26 -8.03 -12.55 -4.82
C ASP A 26 -7.79 -12.84 -6.30
N GLU A 27 -6.91 -12.06 -6.95
CA GLU A 27 -6.63 -12.27 -8.37
C GLU A 27 -5.84 -13.56 -8.56
N PHE A 28 -5.57 -14.23 -7.44
CA PHE A 28 -4.81 -15.47 -7.46
C PHE A 28 -5.69 -16.67 -7.77
N THR A 29 -5.08 -17.86 -7.69
CA THR A 29 -5.78 -19.12 -8.00
C THR A 29 -7.14 -19.20 -7.34
N THR A 30 -7.90 -20.22 -7.73
CA THR A 30 -9.24 -20.46 -7.21
C THR A 30 -9.20 -20.52 -5.69
N LYS A 31 -8.01 -20.56 -5.14
CA LYS A 31 -7.86 -20.64 -3.70
C LYS A 31 -8.36 -19.34 -3.03
N ASP A 32 -8.23 -18.22 -3.74
CA ASP A 32 -8.66 -16.91 -3.20
C ASP A 32 -9.69 -16.24 -4.10
N GLN A 33 -10.49 -17.04 -4.80
CA GLN A 33 -11.52 -16.50 -5.69
C GLN A 33 -12.61 -15.75 -4.92
N ASP A 34 -13.02 -16.31 -3.78
CA ASP A 34 -14.06 -15.67 -2.97
C ASP A 34 -13.74 -15.84 -1.48
N LEU A 35 -12.64 -15.23 -1.06
CA LEU A 35 -12.20 -15.31 0.34
C LEU A 35 -12.32 -13.93 0.99
N ARG A 36 -13.10 -13.83 2.06
CA ARG A 36 -13.29 -12.56 2.75
C ARG A 36 -12.63 -12.59 4.13
N TRP A 37 -11.35 -12.26 4.18
CA TRP A 37 -10.61 -12.25 5.44
C TRP A 37 -11.00 -11.01 6.23
N GLN A 38 -10.65 -11.00 7.52
CA GLN A 38 -10.98 -9.86 8.36
C GLN A 38 -10.36 -8.58 7.81
N SER A 39 -10.62 -7.47 8.47
CA SER A 39 -10.07 -6.20 8.02
C SER A 39 -8.57 -6.14 8.24
N MET A 40 -7.98 -7.27 8.63
CA MET A 40 -6.54 -7.31 8.87
C MET A 40 -5.77 -6.98 7.61
N ALA A 41 -6.15 -7.60 6.50
CA ALA A 41 -5.51 -7.35 5.23
C ALA A 41 -5.77 -5.91 4.79
N ILE A 42 -6.97 -5.44 5.10
CA ILE A 42 -7.38 -4.09 4.76
C ILE A 42 -6.58 -3.09 5.59
N MET A 43 -6.37 -3.40 6.84
CA MET A 43 -5.61 -2.54 7.72
C MET A 43 -4.22 -2.38 7.13
N ALA A 44 -3.73 -3.47 6.54
CA ALA A 44 -2.42 -3.43 5.90
C ALA A 44 -2.43 -2.42 4.76
N LEU A 45 -3.51 -2.39 4.01
CA LEU A 45 -3.59 -1.44 2.92
C LEU A 45 -3.49 -0.04 3.50
N GLN A 46 -4.22 0.20 4.57
CA GLN A 46 -4.18 1.51 5.22
C GLN A 46 -2.77 1.81 5.67
N GLU A 47 -1.96 0.78 5.83
CA GLU A 47 -0.58 0.99 6.23
C GLU A 47 0.12 1.77 5.14
N ALA A 48 -0.03 1.28 3.92
CA ALA A 48 0.58 1.94 2.78
C ALA A 48 0.03 3.34 2.61
N SER A 49 -1.27 3.49 2.86
CA SER A 49 -1.91 4.78 2.73
C SER A 49 -1.50 5.72 3.86
N GLU A 50 -1.40 5.18 5.06
CA GLU A 50 -1.03 5.98 6.22
C GLU A 50 0.32 6.68 5.99
N ALA A 51 1.33 5.93 5.55
CA ALA A 51 2.63 6.53 5.30
C ALA A 51 2.53 7.55 4.17
N TYR A 52 1.93 7.12 3.07
CA TYR A 52 1.79 8.01 1.93
C TYR A 52 0.97 9.23 2.31
N LEU A 53 0.00 9.02 3.18
CA LEU A 53 -0.85 10.12 3.61
C LEU A 53 -0.02 11.20 4.28
N VAL A 54 0.93 10.77 5.12
CA VAL A 54 1.80 11.73 5.80
C VAL A 54 2.65 12.47 4.78
N GLY A 55 3.23 11.73 3.83
CA GLY A 55 4.08 12.34 2.81
C GLY A 55 3.29 13.34 1.98
N LEU A 56 2.15 12.91 1.47
CA LEU A 56 1.30 13.78 0.67
C LEU A 56 0.79 14.93 1.54
N LEU A 57 0.38 14.61 2.76
CA LEU A 57 -0.10 15.62 3.67
C LEU A 57 1.02 16.60 4.03
N GLU A 58 2.24 16.07 4.17
CA GLU A 58 3.38 16.89 4.51
C GLU A 58 3.65 17.91 3.40
N HIS A 59 3.32 17.53 2.17
CA HIS A 59 3.51 18.39 1.02
C HIS A 59 2.37 19.40 0.91
N THR A 60 1.40 19.26 1.81
CA THR A 60 0.24 20.16 1.90
C THR A 60 -0.64 20.18 0.63
N ASN A 61 -0.74 19.03 -0.05
CA ASN A 61 -1.59 18.96 -1.25
C ASN A 61 -3.07 19.05 -0.89
N LEU A 62 -3.42 18.38 0.20
CA LEU A 62 -4.81 18.35 0.66
C LEU A 62 -5.28 19.76 0.94
N LEU A 63 -4.43 20.54 1.59
CA LEU A 63 -4.76 21.91 1.89
C LEU A 63 -4.90 22.69 0.59
N ALA A 64 -4.07 22.36 -0.39
CA ALA A 64 -4.10 23.03 -1.70
C ALA A 64 -5.52 23.04 -2.27
N LEU A 65 -6.21 21.89 -2.20
CA LEU A 65 -7.57 21.84 -2.69
C LEU A 65 -8.47 22.66 -1.79
N HIS A 66 -8.56 22.21 -0.54
CA HIS A 66 -9.39 22.88 0.45
C HIS A 66 -8.95 24.32 0.65
N ALA A 67 -7.79 24.68 0.10
CA ALA A 67 -7.28 26.04 0.25
C ALA A 67 -8.06 27.02 -0.62
N LYS A 68 -8.24 26.66 -1.89
CA LYS A 68 -8.95 27.50 -2.86
C LYS A 68 -8.21 28.81 -3.09
N ARG A 69 -7.88 29.52 -2.01
CA ARG A 69 -7.16 30.78 -2.10
C ARG A 69 -6.34 31.01 -0.83
N ILE A 70 -5.52 30.03 -0.46
CA ILE A 70 -4.67 30.12 0.73
C ILE A 70 -3.23 29.76 0.42
N THR A 71 -2.98 28.47 0.24
CA THR A 71 -1.62 27.99 -0.05
C THR A 71 -1.33 27.98 -1.55
N ILE A 72 -2.38 28.05 -2.35
CA ILE A 72 -2.18 28.03 -3.80
C ILE A 72 -1.37 29.25 -4.26
N MET A 73 -0.89 30.02 -3.30
CA MET A 73 -0.11 31.23 -3.60
C MET A 73 1.39 30.98 -3.46
N LYS A 74 1.94 30.15 -4.34
CA LYS A 74 3.36 29.85 -4.33
C LYS A 74 3.83 29.31 -2.98
N LYS A 75 3.12 28.30 -2.47
CA LYS A 75 3.49 27.68 -1.19
C LYS A 75 3.40 26.16 -1.30
N ASP A 76 2.26 25.61 -0.90
CA ASP A 76 2.07 24.17 -0.98
C ASP A 76 2.40 23.72 -2.39
N MET A 77 2.20 24.63 -3.33
CA MET A 77 2.48 24.33 -4.74
C MET A 77 3.96 24.04 -4.94
N GLN A 78 4.81 24.83 -4.30
CA GLN A 78 6.26 24.64 -4.43
C GLN A 78 6.70 23.37 -3.70
N LEU A 79 5.95 22.99 -2.66
CA LEU A 79 6.26 21.80 -1.89
C LEU A 79 6.10 20.55 -2.77
N ALA A 80 4.89 20.29 -3.21
CA ALA A 80 4.63 19.12 -4.06
C ALA A 80 5.54 19.15 -5.28
N ARG A 81 5.79 20.35 -5.79
CA ARG A 81 6.66 20.52 -6.95
C ARG A 81 8.04 19.94 -6.67
N ARG A 82 8.53 20.12 -5.44
CA ARG A 82 9.85 19.60 -5.06
C ARG A 82 10.08 18.24 -5.72
N ILE A 83 9.00 17.52 -5.93
CA ILE A 83 9.07 16.22 -6.57
C ILE A 83 9.29 16.42 -8.07
N ARG A 84 10.29 15.74 -8.62
CA ARG A 84 10.58 15.88 -10.04
C ARG A 84 9.47 15.27 -10.89
N GLY A 85 8.25 15.26 -10.33
CA GLY A 85 7.09 14.71 -11.02
C GLY A 85 7.47 13.46 -11.82
N GLN A 86 8.54 12.78 -11.37
CA GLN A 86 9.02 11.59 -12.05
C GLN A 86 8.55 10.33 -11.34
N PHE A 87 8.31 9.27 -12.12
CA PHE A 87 7.84 8.00 -11.57
C PHE A 87 8.97 6.96 -11.53
N LEU A 88 10.19 7.44 -11.37
CA LEU A 88 11.35 6.55 -11.31
C LEU A 88 11.57 6.08 -9.87
N VAL A 89 11.94 4.81 -9.72
CA VAL A 89 12.19 4.23 -8.38
C VAL A 89 13.68 3.89 -8.23
N PRO A 90 14.49 4.79 -7.70
CA PRO A 90 15.94 4.53 -7.53
C PRO A 90 16.20 3.24 -6.75
N ARG A 91 17.01 2.37 -7.34
CA ARG A 91 17.34 1.09 -6.70
C ARG A 91 18.61 0.52 -7.30
N GLY A 92 19.40 1.36 -7.95
CA GLY A 92 20.64 0.90 -8.55
C GLY A 92 21.48 0.17 -7.52
N SER A 93 21.52 0.72 -6.31
CA SER A 93 22.29 0.12 -5.23
C SER A 93 21.79 0.63 -3.89
N MET A 94 22.27 0.00 -2.81
CA MET A 94 21.85 0.40 -1.47
C MET A 94 22.25 1.85 -1.20
N GLU A 95 21.42 2.78 -1.65
CA GLU A 95 21.70 4.20 -1.45
C GLU A 95 21.38 4.62 -0.03
N ARG A 96 22.06 5.66 0.43
CA ARG A 96 21.88 6.16 1.79
C ARG A 96 20.48 6.77 1.97
N HIS A 97 20.02 7.49 0.97
CA HIS A 97 18.71 8.13 1.02
C HIS A 97 17.59 7.09 1.00
N LYS A 98 17.83 5.96 0.32
CA LYS A 98 16.82 4.91 0.22
C LYS A 98 16.15 4.71 1.58
N LEU A 99 16.88 5.05 2.64
CA LEU A 99 16.40 4.94 4.00
C LEU A 99 15.16 5.82 4.22
N ALA A 100 15.19 7.03 3.67
CA ALA A 100 14.08 7.96 3.83
C ALA A 100 12.76 7.38 3.33
N ASP A 101 12.76 6.86 2.12
CA ASP A 101 11.55 6.27 1.57
C ASP A 101 11.19 5.03 2.37
N GLU A 102 12.23 4.30 2.79
CA GLU A 102 12.02 3.11 3.57
C GLU A 102 11.57 3.47 4.98
N ASN A 103 12.00 4.64 5.45
CA ASN A 103 11.60 5.09 6.79
C ASN A 103 10.10 5.26 6.81
N MET A 104 9.56 5.73 5.69
CA MET A 104 8.12 5.91 5.56
C MET A 104 7.44 4.52 5.61
N ARG A 105 8.08 3.54 4.97
CA ARG A 105 7.53 2.19 4.97
C ARG A 105 7.61 1.62 6.38
N LYS A 106 8.71 1.92 7.07
CA LYS A 106 8.89 1.46 8.43
C LYS A 106 7.86 2.12 9.34
N VAL A 107 7.49 3.36 9.01
CA VAL A 107 6.50 4.08 9.81
C VAL A 107 5.20 3.29 9.83
N TRP A 108 4.75 2.84 8.67
CA TRP A 108 3.52 2.06 8.63
C TRP A 108 3.73 0.74 9.34
N SER A 109 4.98 0.27 9.39
CA SER A 109 5.27 -1.00 10.03
C SER A 109 5.14 -0.89 11.54
N ASN A 110 5.32 0.31 12.06
CA ASN A 110 5.22 0.53 13.49
C ASN A 110 3.76 0.46 13.93
N ILE A 111 2.91 1.21 13.26
CA ILE A 111 1.51 1.20 13.61
C ILE A 111 0.95 -0.20 13.38
N ILE A 112 1.44 -0.88 12.35
CA ILE A 112 0.97 -2.23 12.06
C ILE A 112 1.35 -3.16 13.19
N SER A 113 2.41 -2.80 13.88
CA SER A 113 2.86 -3.61 15.00
C SER A 113 1.83 -3.50 16.12
N LYS A 114 1.31 -2.29 16.28
CA LYS A 114 0.30 -2.04 17.30
C LYS A 114 -1.04 -2.65 16.90
N TYR A 115 -1.33 -2.59 15.61
CA TYR A 115 -2.60 -3.12 15.10
C TYR A 115 -2.53 -4.65 15.03
N GLU A 116 -1.33 -5.18 15.19
CA GLU A 116 -1.13 -6.63 15.12
C GLU A 116 -2.15 -7.37 16.01
N SER A 117 -2.94 -6.59 16.75
CA SER A 117 -3.97 -7.13 17.65
C SER A 117 -5.36 -6.85 17.10
N ILE A 118 -5.45 -6.57 15.80
CA ILE A 118 -6.74 -6.26 15.16
C ILE A 118 -7.86 -7.11 15.76
N GLU A 119 -8.97 -6.44 16.07
CA GLU A 119 -10.12 -7.12 16.63
C GLU A 119 -11.04 -7.62 15.51
N GLU A 120 -10.95 -8.90 15.19
CA GLU A 120 -11.75 -9.49 14.12
C GLU A 120 -13.18 -8.93 14.13
N GLN A 121 -13.42 -7.88 13.36
CA GLN A 121 -14.77 -7.27 13.28
C GLN A 121 -15.33 -7.40 11.86
N GLY A 122 -15.34 -8.62 11.34
CA GLY A 122 -15.86 -8.88 10.00
C GLY A 122 -15.97 -10.37 9.74
N ASP A 123 -15.95 -10.76 8.47
CA ASP A 123 -16.04 -12.16 8.10
C ASP A 123 -15.05 -12.98 8.92
N LEU A 124 -15.37 -14.26 9.15
CA LEU A 124 -14.50 -15.14 9.94
C LEU A 124 -13.89 -16.23 9.07
N VAL A 125 -12.56 -16.23 8.97
CA VAL A 125 -11.82 -17.23 8.21
C VAL A 125 -10.65 -17.73 9.04
N ASP A 126 -9.95 -18.76 8.56
CA ASP A 126 -8.83 -19.32 9.33
C ASP A 126 -7.65 -18.34 9.41
N LEU A 127 -7.90 -17.18 10.05
CA LEU A 127 -6.85 -16.17 10.19
C LEU A 127 -5.76 -16.66 11.11
N LYS A 128 -6.06 -16.64 12.40
CA LYS A 128 -5.10 -17.04 13.42
C LYS A 128 -5.71 -18.14 14.30
N THR A 129 -7.03 -18.28 14.22
CA THR A 129 -7.73 -19.30 14.99
C THR A 129 -7.53 -20.67 14.35
N GLY A 130 -7.63 -20.72 13.02
CA GLY A 130 -7.46 -21.97 12.28
C GLY A 130 -8.65 -22.89 12.46
N GLU A 131 -9.80 -22.33 12.82
CA GLU A 131 -11.02 -23.14 13.04
C GLU A 131 -12.16 -22.69 12.12
N ILE A 132 -11.84 -21.87 11.11
CA ILE A 132 -12.87 -21.39 10.17
C ILE A 132 -12.33 -21.43 8.74
N VAL A 133 -13.20 -21.74 7.79
CA VAL A 133 -12.80 -21.79 6.39
C VAL A 133 -13.94 -21.29 5.50
N GLU A 134 -13.65 -20.26 4.70
CA GLU A 134 -14.66 -19.69 3.80
C GLU A 134 -14.04 -19.49 2.43
N ASP A 135 -13.75 -20.59 1.75
CA ASP A 135 -13.16 -20.55 0.43
C ASP A 135 -13.59 -21.77 -0.39
N ASN A 136 -13.29 -21.73 -1.69
CA ASN A 136 -13.66 -22.83 -2.57
C ASN A 136 -12.93 -24.11 -2.16
N GLY A 137 -11.64 -23.96 -1.81
CA GLY A 137 -10.84 -25.10 -1.40
C GLY A 137 -9.36 -24.72 -1.32
N HIS A 138 -8.49 -25.72 -1.40
CA HIS A 138 -7.05 -25.49 -1.35
C HIS A 138 -6.34 -26.24 -2.48
N ILE A 139 -5.36 -25.59 -3.09
CA ILE A 139 -4.60 -26.20 -4.19
C ILE A 139 -3.21 -25.58 -4.27
N LYS A 140 -2.23 -26.39 -4.68
CA LYS A 140 -0.86 -25.91 -4.82
C LYS A 140 -0.33 -25.37 -3.49
N THR A 141 0.96 -25.57 -3.24
CA THR A 141 1.58 -25.09 -2.01
C THR A 141 1.48 -23.58 -1.90
N LEU A 142 2.05 -22.88 -2.88
CA LEU A 142 2.01 -21.41 -2.89
C LEU A 142 1.05 -20.93 -3.96
N THR A 143 0.47 -19.76 -3.75
CA THR A 143 -0.49 -19.19 -4.69
C THR A 143 0.25 -18.42 -5.79
N ALA A 144 -0.53 -17.77 -6.66
CA ALA A 144 0.03 -16.98 -7.73
C ALA A 144 0.63 -15.70 -7.18
N ASN A 145 1.45 -15.86 -6.16
CA ASN A 145 2.10 -14.72 -5.52
C ASN A 145 2.70 -13.80 -6.58
N ASN A 146 1.90 -12.86 -7.04
CA ASN A 146 2.35 -11.91 -8.05
C ASN A 146 1.46 -10.68 -8.04
N SER A 147 1.36 -10.04 -6.88
CA SER A 147 0.56 -8.83 -6.74
C SER A 147 0.97 -7.83 -7.81
N THR A 148 2.06 -8.13 -8.50
CA THR A 148 2.55 -7.26 -9.57
C THR A 148 1.56 -7.30 -10.73
N LYS A 149 0.46 -8.00 -10.51
CA LYS A 149 -0.60 -8.14 -11.50
C LYS A 149 -1.75 -7.19 -11.18
N ASP A 150 -1.49 -6.25 -10.27
CA ASP A 150 -2.50 -5.28 -9.85
C ASP A 150 -2.91 -4.39 -11.01
N LYS A 151 -3.51 -4.99 -12.04
CA LYS A 151 -3.96 -4.26 -13.23
C LYS A 151 -5.38 -4.70 -13.61
N ARG A 152 -5.92 -5.66 -12.85
CA ARG A 152 -7.27 -6.17 -13.11
C ARG A 152 -8.19 -5.89 -11.92
N THR A 153 -8.59 -4.62 -11.79
CA THR A 153 -9.47 -4.20 -10.71
C THR A 153 -10.48 -3.17 -11.23
N LYS A 154 -10.47 -1.98 -10.65
CA LYS A 154 -11.38 -0.91 -11.07
C LYS A 154 -10.66 0.43 -11.04
N TYR A 155 -10.79 1.19 -12.12
CA TYR A 155 -10.15 2.51 -12.22
C TYR A 155 -11.19 3.61 -12.15
N THR A 156 -12.44 3.25 -11.92
CA THR A 156 -13.51 4.23 -11.83
C THR A 156 -13.53 4.86 -10.43
N SER A 157 -13.84 4.02 -9.44
CA SER A 157 -13.96 4.47 -8.05
C SER A 157 -12.63 5.02 -7.48
N VAL A 158 -11.53 4.33 -7.77
CA VAL A 158 -10.23 4.76 -7.27
C VAL A 158 -9.89 6.15 -7.81
N LEU A 159 -10.20 6.35 -9.08
CA LEU A 159 -9.92 7.61 -9.74
C LEU A 159 -10.86 8.71 -9.27
N ARG A 160 -12.13 8.37 -9.05
CA ARG A 160 -13.08 9.36 -8.57
C ARG A 160 -12.60 9.93 -7.24
N ASP A 161 -12.00 9.08 -6.42
CA ASP A 161 -11.49 9.51 -5.12
C ASP A 161 -10.25 10.38 -5.31
N ILE A 162 -9.36 9.97 -6.20
CA ILE A 162 -8.14 10.73 -6.47
C ILE A 162 -8.51 12.14 -6.94
N ILE A 163 -9.54 12.23 -7.75
CA ILE A 163 -9.98 13.52 -8.26
C ILE A 163 -10.65 14.35 -7.16
N ASP A 164 -11.28 13.68 -6.19
CA ASP A 164 -11.97 14.38 -5.11
C ASP A 164 -10.97 15.21 -4.29
N ILE A 165 -9.81 14.63 -4.02
CA ILE A 165 -8.77 15.32 -3.26
C ILE A 165 -8.14 16.43 -4.10
N SER A 166 -8.16 16.25 -5.42
CA SER A 166 -7.60 17.24 -6.34
C SER A 166 -6.26 17.76 -5.83
N ASP A 167 -5.16 17.18 -6.34
CA ASP A 167 -3.83 17.62 -5.95
C ASP A 167 -3.33 18.66 -6.94
N GLU A 168 -3.45 19.93 -6.58
CA GLU A 168 -3.02 21.01 -7.45
C GLU A 168 -1.56 20.81 -7.85
N GLU A 169 -0.78 20.27 -6.93
CA GLU A 169 0.63 20.01 -7.19
C GLU A 169 1.35 21.31 -7.56
N ASP A 170 2.20 21.25 -8.59
CA ASP A 170 2.94 22.42 -9.02
C ASP A 170 2.02 23.36 -9.80
N GLY A 171 0.89 23.66 -9.18
CA GLY A 171 -0.09 24.55 -9.80
C GLY A 171 0.53 25.88 -10.21
N ASP A 172 1.81 26.07 -9.89
CA ASP A 172 2.50 27.30 -10.24
C ASP A 172 2.40 27.56 -11.74
N LYS A 173 2.72 26.52 -12.51
CA LYS A 173 2.69 26.59 -13.97
C LYS A 173 1.30 26.28 -14.50
N GLY A 174 0.46 25.75 -13.62
CA GLY A 174 -0.91 25.38 -14.00
C GLY A 174 -0.97 23.93 -14.48
N GLY A 175 0.20 23.32 -14.68
CA GLY A 175 0.28 21.93 -15.12
C GLY A 175 0.74 21.84 -16.57
N VAL A 176 1.90 22.41 -16.86
CA VAL A 176 2.46 22.39 -18.21
C VAL A 176 3.26 21.12 -18.46
N LYS A 177 3.95 20.66 -17.42
CA LYS A 177 4.79 19.45 -17.53
C LYS A 177 4.50 18.50 -16.37
N ARG A 178 5.01 18.83 -15.18
CA ARG A 178 4.79 17.97 -14.03
C ARG A 178 3.34 18.07 -13.58
N ILE A 179 2.44 17.56 -14.42
CA ILE A 179 1.02 17.58 -14.09
C ILE A 179 0.72 16.52 -13.03
N SER A 180 -0.16 16.87 -12.10
CA SER A 180 -0.51 15.94 -11.04
C SER A 180 -1.05 14.64 -11.62
N GLY A 181 -1.45 13.72 -10.75
CA GLY A 181 -1.96 12.42 -11.17
C GLY A 181 -0.83 11.40 -11.22
N LEU A 182 0.38 11.89 -11.46
CA LEU A 182 1.56 11.03 -11.54
C LEU A 182 1.92 10.44 -10.17
N ILE A 183 1.78 11.25 -9.13
CA ILE A 183 2.11 10.79 -7.77
C ILE A 183 1.23 9.62 -7.36
N TYR A 184 -0.06 9.70 -7.63
CA TYR A 184 -0.97 8.62 -7.28
C TYR A 184 -0.55 7.33 -7.98
N GLU A 185 -0.01 7.47 -9.18
CA GLU A 185 0.46 6.30 -9.92
C GLU A 185 1.64 5.68 -9.19
N GLU A 186 2.50 6.53 -8.64
CA GLU A 186 3.67 6.07 -7.89
C GLU A 186 3.23 5.40 -6.60
N VAL A 187 2.13 5.89 -6.03
CA VAL A 187 1.61 5.31 -4.80
C VAL A 187 1.27 3.85 -5.04
N ARG A 188 0.63 3.59 -6.18
CA ARG A 188 0.26 2.23 -6.52
C ARG A 188 1.50 1.37 -6.76
N ALA A 189 2.54 1.98 -7.35
CA ALA A 189 3.79 1.27 -7.63
C ALA A 189 4.38 0.67 -6.36
N VAL A 190 4.48 1.48 -5.32
CA VAL A 190 5.02 1.00 -4.06
C VAL A 190 4.08 -0.07 -3.50
N LEU A 191 2.78 0.15 -3.68
CA LEU A 191 1.81 -0.82 -3.20
C LEU A 191 2.02 -2.14 -3.94
N LYS A 192 2.36 -2.01 -5.22
CA LYS A 192 2.60 -3.17 -6.08
C LYS A 192 3.68 -4.08 -5.49
N SER A 193 4.83 -3.52 -5.15
CA SER A 193 5.91 -4.31 -4.58
C SER A 193 5.67 -4.61 -3.11
N PHE A 194 5.04 -3.68 -2.41
CA PHE A 194 4.77 -3.89 -0.99
C PHE A 194 3.93 -5.16 -0.82
N LEU A 195 2.82 -5.26 -1.57
CA LEU A 195 1.99 -6.46 -1.47
C LEU A 195 2.75 -7.69 -1.92
N GLU A 196 3.34 -7.61 -3.09
CA GLU A 196 4.05 -8.76 -3.63
C GLU A 196 4.94 -9.39 -2.56
N SER A 197 5.74 -8.57 -1.90
CA SER A 197 6.64 -9.06 -0.86
C SER A 197 5.87 -9.59 0.36
N VAL A 198 4.85 -8.83 0.78
CA VAL A 198 4.07 -9.19 1.95
C VAL A 198 3.23 -10.45 1.77
N ILE A 199 2.41 -10.48 0.73
CA ILE A 199 1.55 -11.63 0.53
C ILE A 199 2.35 -12.86 0.19
N ARG A 200 3.36 -12.70 -0.65
CA ARG A 200 4.17 -13.84 -1.02
C ARG A 200 4.71 -14.47 0.26
N ASP A 201 5.16 -13.61 1.16
CA ASP A 201 5.66 -14.09 2.43
C ASP A 201 4.51 -14.60 3.28
N SER A 202 3.36 -13.96 3.17
CA SER A 202 2.20 -14.37 3.96
C SER A 202 1.78 -15.77 3.58
N VAL A 203 1.70 -16.05 2.29
CA VAL A 203 1.31 -17.37 1.86
C VAL A 203 2.32 -18.36 2.40
N THR A 204 3.60 -17.96 2.40
CA THR A 204 4.66 -18.82 2.91
C THR A 204 4.53 -19.05 4.42
N TYR A 205 4.46 -17.98 5.20
CA TYR A 205 4.36 -18.10 6.66
C TYR A 205 2.95 -18.47 7.11
N THR A 206 1.93 -17.90 6.47
CA THR A 206 0.56 -18.22 6.85
C THR A 206 0.33 -19.71 6.65
N GLU A 207 0.86 -20.24 5.56
CA GLU A 207 0.72 -21.65 5.30
C GLU A 207 1.43 -22.47 6.38
N HIS A 208 2.63 -22.05 6.75
CA HIS A 208 3.39 -22.76 7.77
C HIS A 208 2.70 -22.58 9.12
N ALA A 209 1.76 -21.66 9.17
CA ALA A 209 1.01 -21.40 10.39
C ALA A 209 -0.29 -22.19 10.33
N LYS A 210 -0.27 -23.32 9.64
CA LYS A 210 -1.45 -24.16 9.50
C LYS A 210 -2.68 -23.30 9.22
N ARG A 211 -2.46 -22.19 8.53
CA ARG A 211 -3.52 -21.26 8.17
C ARG A 211 -3.39 -20.88 6.69
N LYS A 212 -4.52 -20.72 6.00
CA LYS A 212 -4.49 -20.39 4.57
C LYS A 212 -5.27 -19.11 4.31
N THR A 213 -4.87 -18.03 4.99
CA THR A 213 -5.54 -16.74 4.86
C THR A 213 -4.51 -15.60 5.01
N VAL A 214 -4.84 -14.59 5.82
CA VAL A 214 -3.95 -13.46 6.05
C VAL A 214 -3.67 -13.28 7.54
N THR A 215 -2.51 -13.72 7.99
CA THR A 215 -2.15 -13.56 9.39
C THR A 215 -1.35 -12.26 9.58
N SER A 216 -1.79 -11.40 10.49
CA SER A 216 -1.08 -10.15 10.75
C SER A 216 0.40 -10.40 10.91
N LEU A 217 0.73 -11.65 11.25
CA LEU A 217 2.12 -12.02 11.46
C LEU A 217 2.93 -11.77 10.19
N ASP A 218 2.30 -11.86 9.02
CA ASP A 218 3.01 -11.66 7.76
C ASP A 218 3.36 -10.19 7.52
N VAL A 219 2.38 -9.31 7.69
CA VAL A 219 2.61 -7.91 7.45
C VAL A 219 3.66 -7.36 8.40
N VAL A 220 3.58 -7.74 9.68
CA VAL A 220 4.57 -7.26 10.64
C VAL A 220 5.94 -7.88 10.42
N TYR A 221 5.98 -9.21 10.34
CA TYR A 221 7.24 -9.93 10.15
C TYR A 221 7.89 -9.62 8.81
N ALA A 222 7.08 -9.57 7.75
CA ALA A 222 7.60 -9.30 6.42
C ALA A 222 8.23 -7.91 6.32
N LEU A 223 7.53 -6.91 6.84
CA LEU A 223 8.04 -5.55 6.80
C LEU A 223 9.35 -5.43 7.58
N LYS A 224 9.43 -6.10 8.72
CA LYS A 224 10.65 -6.04 9.53
C LYS A 224 11.84 -6.62 8.77
N ARG A 225 11.62 -7.75 8.10
CA ARG A 225 12.70 -8.37 7.34
C ARG A 225 13.25 -7.39 6.34
N GLN A 226 12.36 -6.67 5.68
CA GLN A 226 12.80 -5.71 4.68
C GLN A 226 13.70 -4.67 5.36
N GLY A 227 13.28 -4.23 6.54
CA GLY A 227 14.04 -3.24 7.30
C GLY A 227 15.45 -3.75 7.64
N ARG A 228 15.52 -5.03 8.01
CA ARG A 228 16.80 -5.64 8.38
C ARG A 228 17.77 -5.67 7.21
N THR A 229 17.25 -6.08 6.07
CA THR A 229 18.05 -6.19 4.86
C THR A 229 18.66 -4.83 4.50
N LEU A 230 17.91 -3.76 4.72
CA LEU A 230 18.42 -2.44 4.39
C LEU A 230 19.69 -2.17 5.18
N TYR A 231 19.70 -2.59 6.44
CA TYR A 231 20.86 -2.40 7.29
C TYR A 231 21.99 -3.33 6.82
N GLY A 232 21.65 -4.27 5.94
CA GLY A 232 22.64 -5.20 5.40
C GLY A 232 23.12 -6.19 6.45
N PHE A 233 22.35 -6.34 7.53
CA PHE A 233 22.70 -7.27 8.61
C PHE A 233 21.46 -8.05 9.04
N GLY A 234 21.64 -9.07 9.88
CA GLY A 234 20.53 -9.88 10.36
C GLY A 234 20.72 -10.21 11.85
N GLY A 235 21.43 -9.34 12.55
CA GLY A 235 21.69 -9.54 13.98
C GLY A 235 23.11 -9.12 14.35
#